data_6RUR
#
_entry.id   6RUR
#
_cell.length_a   634.870
_cell.length_b   121.980
_cell.length_c   264.420
_cell.angle_alpha   90.00
_cell.angle_beta   112.91
_cell.angle_gamma   90.00
#
_symmetry.space_group_name_H-M   'C 1 2 1'
#
loop_
_entity.id
_entity.type
_entity.pdbx_description
1 polymer Properdin
2 polymer Properdin
3 polymer 'Complement C3'
4 polymer 'Complement C3'
5 polymer 'Complement factor B'
6 polymer Inhibitor
7 branched beta-D-glucopyranose-(1-3)-alpha-L-fucopyranose
8 branched 2-acetamido-2-deoxy-beta-D-glucopyranose-(1-4)-[alpha-L-fucopyranose-(1-6)]2-acetamido-2-deoxy-beta-D-glucopyranose
9 branched 2-acetamido-2-deoxy-beta-D-glucopyranose-(1-4)-2-acetamido-2-deoxy-beta-D-glucopyranose
10 non-polymer alpha-D-mannopyranose
11 non-polymer 'MAGNESIUM ION'
#
loop_
_entity_poly.entity_id
_entity_poly.type
_entity_poly.pdbx_seq_one_letter_code
_entity_poly.pdbx_strand_id
1 'polypeptide(L)'
;DPVLCFTQYEESSGKCKGLLGGGVSVEDCCLNTAFAYQKRSGGLCQPCRSPRWSLWSTWAPCSVTCSEGSQLRYRRCVGW
NGQCSGKVAPGTLEWQLQACEDQQCCPEMGGWSGWGPWEPCSVTCSKGTRTRRRACNHPAPKCGGHCPGQAQESEACDTQ
QVCPTHGAWATWGPWTPCSASCHGGPHEPKETRSRKCSAPEPSQKPPGKPCPGLAYEQRRCTGLPPCPENLYFQ
;
U,X
2 'polypeptide(L)'
;GVAGGWGPWGPVSPCPVTCGLGQTMEQRTCNHPVPQHGGPFCAGDATRTHICNTAVPCPVDGEWDSWGEWSPCIRRNMKS
ISCQEIPGQQSRGRTCRGRKFDGHRCAGQQQDIRHCYSIQHCPLKGSWSEWSTWGLCMPPCGPNPTRARQRLCTPLLPKY
PPTVSMVEGQGEKNVTFWGRPLPRCEELQGQKLVVEEKRPCLHVPACKDPEEEEL
;
V,Y
3 'polypeptide(L)'
;SPMYSIITPNILRLESEETMVLEAHDAQGDVPVTVTVHDFPGKKLVLSSEKTVLTPATNHMGNVTFTIPANREFKSEKGR
NKFVTVQATFGTQVVEKVVLVSLQSGYLFIQTDKTIYTPGSTVLYRIFTVNHKLLPVGRTVMVNIENPEGIPVKQDSLSS
QNQLGVLPLSWDIPELVNMGQWKIRAYYENSPQQVFSTEFEVKEYVLPSFEVIVEPTEKFYYIYNEKGLEVTITARFLYG
KKVEGTAFVIFGIQDGEQRISLPESLKRIPIEDGSGEVVLSRKVLLDGVQNPRAEDLVGKSLYVSATVILHSGSDMVQAE
RSGIPIVTSPYQIHFTKTPKYFKPGMPFDLMVFVTNPDGSPAYRVPVAVQGEDTVQSLTQGDGVAKLSINTHPSQKPLSI
TVRTKKQELSEAEQATRTMQALPYSTVGNSNNYLHLSVLRTELRPGETLNVNFLLRMDRAHEAKIRYYTYLIMNKGRLLK
AGRQVREPGQDLVVLPLSITTDFIPSFRLVAYYTLIGASGQREVVADSVWVDVKDSCVGSLVVKSGQSEDRQPVPGQQMT
LKIEGDHGARVVLVAVDKGVFVLNKKNKLTQSKIWDVVEKADIGCTPGSGKDYAGVFSDAGLTFTSSSGQQTAQRAELQC
PQPAA
;
A,G
4 'polypeptide(L)'
;SNLDEDIIAEENIVSRSEFPESWLWNVEDLKEPPKNGISTKLMNIFLKDSITTWEILAVSMSDKKGICVADPFEVTVMQD
FFIDLRLPYSVVRNEQVEIRAVLYNYRQNQELKVRVELLHNPAFCSLATTKRRHQQTVTIPPKSSLSVPYVIVPLKTGLQ
EVEVKAAVYHHFISDGVRKSLKVVPEGIRMNKTVAVRTLDPERLGREGVQKEDIPPADLSDQVPDTESETRILLQGTPVA
QMTEDAVDAERLKHLIVTPSGCGEQNMIGMTPTVIAVHYLDETEQWEKFGLEKRQGALELIKKGYTQQLAFRQPSSAFAA
FVKRAPSTWLTAYVVKVFSLAVNLIAIDSQVLCGAVKWLILEKQKPDGVFQEDAPVIHQEMIGGLRNNNEKDMALTAFVL
ISLQEAKDICEEQVNSLPGSITKAGDFLEANYMNLQRSYTVAIAGYALAQMGRLKGPLLNKFLTTAKDKNRWEDPGKQLY
NVEATSYALLALLQLKDFDFVPPVVRWLNEQRYYGGGYGSTQATFMVFQALAQYQKDAPDHQELNLDVSLQLPSRSSKIT
HRIHWESASLLRSEETKENEGFTVTAEGKGQGTLSVVTMYHAKAKDQLTCNKFDLKVTIKPAPETEKRPQDAKNTMILEI
CTRYRGDQDATMSILDISMMTGFAPDTDDLKQLANGVDRYISKYELDKAFSDRNTLIIYLDKVSHSEDDCLAFKVHQYFN
VELIQPGAVKVYAYYNLEESCTRFYHPEKEDGKLNKLCRDELCRCAEENCFIQKSDDKVTLEERLDKACEPGVDYVYKTR
LVKVQLSNDFDEYIMAIEQTIKSGSDEVQVGQQRTFISPIKCREALKLEEKKHYLMWGLSSDFWGEKPNLSYIIGKDTWV
EHWPEEDECQDEENQKQCQDLGAFTESMVVFGCPN
;
B,H
5 'polypeptide(L)'
;KIVLDPSGSMNIYLVLDGSGSIGASNFTGAKKCLVNLIEKVASYGVKPRYGLVTYATYPKIWVKVSEADSSNADWVTKQL
NEINYEDHKLKSGTNTKKALQAVYSMMSWPDDVPPEGWNRTRHVIILMTDGLHNMGGDPITVIDEIRDLLYIGKDRKNPR
EDYLDVYVFGVGPLVNQVNINALASKKDNEQHVFKVKDMENLEDVFYQMIDESQSLSLCGMVWEHRKGTDYHKQPWQAKI
SVIRPSKGHESCMGAVVSEYFVLTAAHCFTVDDKEHSIKVSVGGEKRDLEIEVVLFHPNYNINGKKEAGIPEFYDYDVAL
IKLKNKLKYGQTIRPICLPCTEGTTRALRLPPTTTCQQQKEELLPAQDIKALFVSEEEKKLTRKEVYIKNGDKKGSCERD
AQYAPGYDKVKDISEVVTPRFLCTGGVSPYADPNTCRGDAGGPLIVHKRSRFIQVGVISWGVVDVCKNQKRQKQVPAHAR
DFHINLFQVLPWLKEKLQDEDLGFL
;
J,L
6 'polypeptide(L)'
;STSLPTSNEYQNEKLANELKSLLDELNVNELATGSLNTYYKRTIKISGQKAMYALKSKDFKKMSEAKYQLQKIYNEIDEA
LKSKY
;
N,Q
#
# COMPACT_ATOMS: atom_id res chain seq x y z
N ASP A 1 -28.83 111.63 7.57
CA ASP A 1 -29.21 112.78 8.36
C ASP A 1 -28.17 113.06 9.44
N PRO A 2 -27.63 114.28 9.46
CA PRO A 2 -26.64 114.65 10.47
C PRO A 2 -27.21 114.56 11.88
N VAL A 3 -26.31 114.50 12.85
CA VAL A 3 -26.69 114.33 14.25
C VAL A 3 -25.57 114.88 15.12
N LEU A 4 -25.87 115.14 16.39
CA LEU A 4 -24.86 115.57 17.34
C LEU A 4 -24.06 114.36 17.80
N CYS A 5 -22.73 114.44 17.67
CA CYS A 5 -21.86 113.33 18.01
C CYS A 5 -21.17 113.61 19.34
N PHE A 6 -21.40 112.74 20.32
CA PHE A 6 -20.79 112.84 21.64
C PHE A 6 -19.71 111.77 21.78
N THR A 7 -18.72 112.05 22.62
CA THR A 7 -17.57 111.18 22.75
C THR A 7 -17.76 110.04 23.76
N GLN A 8 -18.74 110.16 24.65
CA GLN A 8 -18.92 109.17 25.70
C GLN A 8 -20.40 108.98 25.99
N TYR A 9 -20.77 107.76 26.38
CA TYR A 9 -22.11 107.44 26.85
C TYR A 9 -22.01 107.05 28.31
N GLU A 10 -22.80 107.73 29.16
CA GLU A 10 -22.64 107.55 30.60
C GLU A 10 -23.21 106.21 31.06
N GLU A 11 -24.28 105.73 30.43
CA GLU A 11 -24.92 104.45 30.76
C GLU A 11 -25.54 104.47 32.15
N SER A 12 -24.85 105.06 33.13
CA SER A 12 -25.42 105.18 34.46
C SER A 12 -26.65 106.07 34.48
N SER A 13 -26.71 107.06 33.58
CA SER A 13 -27.86 107.94 33.48
C SER A 13 -28.42 108.06 32.07
N GLY A 14 -27.78 107.45 31.07
CA GLY A 14 -28.27 107.56 29.71
C GLY A 14 -28.06 108.92 29.08
N LYS A 15 -27.13 109.71 29.59
CA LYS A 15 -26.87 111.05 29.08
C LYS A 15 -25.74 111.04 28.08
N CYS A 16 -25.76 112.03 27.19
CA CYS A 16 -24.69 112.24 26.21
C CYS A 16 -23.66 113.18 26.80
N LYS A 17 -22.49 112.66 27.11
CA LYS A 17 -21.42 113.42 27.77
C LYS A 17 -20.27 113.64 26.82
N GLY A 18 -19.65 114.83 26.90
CA GLY A 18 -18.53 115.16 26.06
C GLY A 18 -18.92 115.38 24.61
N LEU A 19 -19.45 116.56 24.30
CA LEU A 19 -19.89 116.84 22.94
C LEU A 19 -18.69 117.08 22.04
N LEU A 20 -18.55 116.25 21.01
CA LEU A 20 -17.48 116.42 20.04
C LEU A 20 -17.84 117.41 18.95
N GLY A 21 -19.12 117.54 18.64
CA GLY A 21 -19.56 118.44 17.59
C GLY A 21 -20.75 117.91 16.81
N GLY A 22 -21.23 118.70 15.85
CA GLY A 22 -22.39 118.31 15.07
C GLY A 22 -22.16 118.41 13.57
N GLY A 23 -23.23 118.24 12.80
CA GLY A 23 -23.13 118.31 11.35
C GLY A 23 -22.38 117.15 10.73
N VAL A 24 -22.57 115.94 11.24
CA VAL A 24 -21.90 114.76 10.73
C VAL A 24 -22.88 113.60 10.75
N SER A 25 -22.68 112.66 9.81
CA SER A 25 -23.60 111.53 9.68
C SER A 25 -23.43 110.55 10.85
N VAL A 26 -24.43 109.70 11.01
CA VAL A 26 -24.42 108.73 12.11
C VAL A 26 -23.39 107.65 11.84
N GLU A 27 -23.22 107.25 10.58
CA GLU A 27 -22.26 106.20 10.26
C GLU A 27 -20.84 106.62 10.60
N ASP A 28 -20.50 107.90 10.40
CA ASP A 28 -19.17 108.37 10.74
C ASP A 28 -18.99 108.52 12.25
N CYS A 29 -20.04 108.99 12.94
CA CYS A 29 -19.94 109.16 14.39
C CYS A 29 -19.79 107.83 15.10
N CYS A 30 -20.53 106.80 14.67
CA CYS A 30 -20.48 105.48 15.28
C CYS A 30 -19.40 104.59 14.70
N LEU A 31 -18.45 105.14 13.95
CA LEU A 31 -17.26 104.37 13.61
C LEU A 31 -16.52 103.93 14.87
N ASN A 32 -16.50 104.79 15.88
CA ASN A 32 -16.03 104.43 17.22
C ASN A 32 -17.26 104.03 18.03
N THR A 33 -17.42 102.72 18.27
CA THR A 33 -18.61 102.23 18.95
C THR A 33 -18.72 102.70 20.39
N ALA A 34 -17.69 103.35 20.92
CA ALA A 34 -17.74 103.90 22.27
C ALA A 34 -18.41 105.28 22.33
N PHE A 35 -18.77 105.86 21.18
CA PHE A 35 -19.36 107.19 21.15
C PHE A 35 -20.86 107.09 21.36
N ALA A 36 -21.55 108.23 21.21
CA ALA A 36 -23.00 108.30 21.37
C ALA A 36 -23.51 109.49 20.58
N TYR A 37 -24.80 109.47 20.28
CA TYR A 37 -25.41 110.52 19.47
C TYR A 37 -26.83 110.81 19.96
N GLN A 38 -27.25 112.06 19.77
CA GLN A 38 -28.62 112.47 20.03
C GLN A 38 -28.97 113.60 19.08
N LYS A 39 -30.27 113.74 18.79
CA LYS A 39 -30.75 114.75 17.86
C LYS A 39 -31.07 116.05 18.60
N ARG A 40 -30.31 117.10 18.29
CA ARG A 40 -30.49 118.42 18.89
C ARG A 40 -30.38 118.29 20.42
N SER A 41 -31.23 119.00 21.17
CA SER A 41 -31.22 118.99 22.63
C SER A 41 -32.51 118.42 23.20
N GLY A 42 -33.22 117.59 22.44
CA GLY A 42 -34.42 116.98 22.94
C GLY A 42 -34.19 115.84 23.91
N GLY A 43 -33.14 115.04 23.70
CA GLY A 43 -32.84 113.95 24.60
C GLY A 43 -32.61 112.65 23.85
N LEU A 44 -32.83 111.51 24.51
CA LEU A 44 -32.67 110.19 23.91
C LEU A 44 -31.26 110.00 23.35
N CYS A 45 -30.31 109.90 24.29
CA CYS A 45 -28.91 109.68 23.94
C CYS A 45 -28.69 108.19 23.70
N GLN A 46 -28.26 107.84 22.48
CA GLN A 46 -28.07 106.46 22.08
C GLN A 46 -26.60 106.14 21.91
N PRO A 47 -26.07 105.15 22.60
CA PRO A 47 -24.69 104.72 22.35
C PRO A 47 -24.55 104.04 21.01
N CYS A 48 -23.31 103.92 20.56
CA CYS A 48 -22.98 103.30 19.28
C CYS A 48 -22.75 101.80 19.39
N ARG A 49 -23.09 101.20 20.53
CA ARG A 49 -22.86 99.79 20.77
C ARG A 49 -24.08 98.96 20.35
N SER A 50 -24.00 97.66 20.59
CA SER A 50 -25.11 96.78 20.27
C SER A 50 -26.33 97.12 21.14
N PRO A 51 -27.53 97.15 20.57
CA PRO A 51 -28.71 97.51 21.37
C PRO A 51 -28.95 96.51 22.48
N ARG A 52 -29.00 97.02 23.71
CA ARG A 52 -29.25 96.20 24.89
C ARG A 52 -30.07 97.01 25.88
N TRP A 53 -30.91 96.32 26.63
CA TRP A 53 -31.74 96.99 27.62
C TRP A 53 -30.88 97.60 28.71
N SER A 54 -31.23 98.80 29.14
CA SER A 54 -30.55 99.45 30.25
C SER A 54 -31.01 98.85 31.57
N LEU A 55 -30.66 99.50 32.67
CA LEU A 55 -31.08 99.03 33.98
C LEU A 55 -32.44 99.61 34.34
N TRP A 56 -33.21 98.84 35.10
CA TRP A 56 -34.50 99.33 35.57
C TRP A 56 -34.30 100.56 36.46
N SER A 57 -35.04 101.62 36.16
CA SER A 57 -34.95 102.82 36.96
C SER A 57 -35.54 102.57 38.35
N THR A 58 -35.26 103.48 39.27
CA THR A 58 -35.81 103.37 40.61
C THR A 58 -37.32 103.50 40.58
N TRP A 59 -37.98 102.88 41.55
CA TRP A 59 -39.43 102.93 41.61
C TRP A 59 -39.90 104.36 41.84
N ALA A 60 -40.87 104.80 41.04
CA ALA A 60 -41.46 106.10 41.23
C ALA A 60 -42.20 106.15 42.57
N PRO A 61 -42.32 107.34 43.16
CA PRO A 61 -43.07 107.44 44.42
C PRO A 61 -44.49 106.94 44.26
N CYS A 62 -45.00 106.32 45.33
CA CYS A 62 -46.35 105.76 45.29
C CYS A 62 -47.36 106.85 44.98
N SER A 63 -48.32 106.52 44.11
CA SER A 63 -49.26 107.52 43.61
C SER A 63 -50.12 108.11 44.73
N VAL A 64 -50.22 107.43 45.86
CA VAL A 64 -50.99 107.92 47.00
C VAL A 64 -50.23 107.62 48.27
N THR A 65 -50.32 108.53 49.25
CA THR A 65 -49.74 108.33 50.56
C THR A 65 -50.66 107.53 51.48
N CYS A 66 -51.77 107.02 50.97
CA CYS A 66 -52.77 106.33 51.78
C CYS A 66 -53.15 105.01 51.13
N SER A 67 -53.14 103.94 51.91
CA SER A 67 -53.64 102.62 51.51
C SER A 67 -52.83 102.11 50.31
N GLU A 68 -53.43 101.25 49.51
CA GLU A 68 -52.73 100.63 48.38
C GLU A 68 -52.65 101.60 47.21
N GLY A 69 -51.49 101.62 46.57
CA GLY A 69 -51.27 102.46 45.40
C GLY A 69 -50.66 101.69 44.25
N SER A 70 -49.96 102.40 43.37
CA SER A 70 -49.28 101.79 42.24
C SER A 70 -48.08 102.63 41.87
N GLN A 71 -46.97 101.96 41.57
CA GLN A 71 -45.71 102.63 41.26
C GLN A 71 -45.10 102.02 40.00
N LEU A 72 -44.40 102.87 39.24
CA LEU A 72 -43.82 102.50 37.97
C LEU A 72 -42.31 102.60 38.01
N ARG A 73 -41.67 101.84 37.11
CA ARG A 73 -40.25 101.98 36.83
C ARG A 73 -40.05 101.64 35.37
N TYR A 74 -39.14 102.35 34.71
CA TYR A 74 -38.96 102.24 33.28
C TYR A 74 -37.63 101.59 32.95
N ARG A 75 -37.49 101.24 31.67
CA ARG A 75 -36.25 100.69 31.13
C ARG A 75 -36.21 101.03 29.64
N ARG A 76 -35.14 101.67 29.21
CA ARG A 76 -35.01 102.17 27.85
C ARG A 76 -34.02 101.31 27.07
N CYS A 77 -34.42 100.89 25.87
CA CYS A 77 -33.53 100.14 25.00
C CYS A 77 -32.53 101.11 24.37
N VAL A 78 -31.25 100.91 24.67
CA VAL A 78 -30.19 101.82 24.24
C VAL A 78 -29.19 101.06 23.41
N GLY A 79 -28.77 101.66 22.30
CA GLY A 79 -27.82 101.02 21.41
C GLY A 79 -27.90 101.65 20.03
N TRP A 80 -27.38 100.91 19.06
CA TRP A 80 -27.37 101.37 17.67
C TRP A 80 -27.28 100.17 16.75
N ASN A 81 -28.00 100.24 15.62
CA ASN A 81 -27.99 99.21 14.60
C ASN A 81 -28.39 97.85 15.17
N GLY A 82 -29.68 97.60 15.31
CA GLY A 82 -30.19 96.35 15.82
C GLY A 82 -31.43 96.59 16.66
N GLN A 83 -31.77 95.59 17.48
CA GLN A 83 -32.94 95.65 18.34
C GLN A 83 -32.64 94.96 19.65
N CYS A 84 -33.38 95.37 20.69
CA CYS A 84 -33.31 94.70 21.98
C CYS A 84 -34.16 93.44 21.97
N SER A 85 -34.18 92.74 23.10
CA SER A 85 -34.96 91.52 23.22
C SER A 85 -36.45 91.84 23.20
N GLY A 86 -37.14 91.35 22.17
CA GLY A 86 -38.57 91.57 22.06
C GLY A 86 -38.96 92.46 20.88
N LYS A 87 -38.15 92.44 19.83
CA LYS A 87 -38.40 93.23 18.62
C LYS A 87 -38.54 94.71 18.94
N VAL A 88 -37.70 95.19 19.85
CA VAL A 88 -37.79 96.56 20.37
C VAL A 88 -36.76 97.43 19.66
N ALA A 89 -37.22 98.56 19.12
CA ALA A 89 -36.33 99.50 18.46
C ALA A 89 -35.59 100.34 19.50
N PRO A 90 -34.38 100.78 19.20
CA PRO A 90 -33.63 101.61 20.16
C PRO A 90 -34.38 102.90 20.47
N GLY A 91 -34.62 103.14 21.76
CA GLY A 91 -35.32 104.31 22.24
C GLY A 91 -36.65 104.01 22.89
N THR A 92 -37.24 102.85 22.61
CA THR A 92 -38.52 102.50 23.20
C THR A 92 -38.37 102.28 24.71
N LEU A 93 -39.49 102.32 25.40
CA LEU A 93 -39.53 102.16 26.85
C LEU A 93 -40.32 100.91 27.23
N GLU A 94 -39.96 100.35 28.38
CA GLU A 94 -40.67 99.21 28.95
C GLU A 94 -40.92 99.49 30.42
N TRP A 95 -42.13 99.21 30.89
CA TRP A 95 -42.57 99.61 32.21
C TRP A 95 -42.98 98.40 33.02
N GLN A 96 -42.76 98.50 34.34
CA GLN A 96 -43.23 97.53 35.32
C GLN A 96 -44.07 98.27 36.35
N LEU A 97 -45.30 97.82 36.55
CA LEU A 97 -46.23 98.43 37.48
C LEU A 97 -46.41 97.52 38.69
N GLN A 98 -46.19 98.07 39.88
CA GLN A 98 -46.23 97.30 41.12
C GLN A 98 -47.10 98.03 42.13
N ALA A 99 -47.84 97.27 42.92
CA ALA A 99 -48.69 97.83 43.96
C ALA A 99 -47.83 98.24 45.15
N CYS A 100 -47.92 99.51 45.54
CA CYS A 100 -47.17 100.05 46.66
C CYS A 100 -48.12 100.43 47.80
N GLU A 101 -47.54 100.68 48.97
CA GLU A 101 -48.33 101.00 50.15
C GLU A 101 -47.45 101.81 51.10
N ASP A 102 -47.55 103.14 51.01
CA ASP A 102 -46.82 104.01 51.93
C ASP A 102 -47.33 103.85 53.34
N GLN A 103 -48.65 103.94 53.53
CA GLN A 103 -49.28 103.75 54.82
C GLN A 103 -50.44 102.78 54.66
N GLN A 104 -50.46 101.75 55.51
CA GLN A 104 -51.43 100.66 55.36
C GLN A 104 -52.85 101.06 55.75
N CYS A 105 -53.05 102.25 56.33
CA CYS A 105 -54.36 102.66 56.79
C CYS A 105 -54.50 104.16 56.61
N CYS A 106 -55.69 104.60 56.18
CA CYS A 106 -55.95 106.01 55.98
C CYS A 106 -56.86 106.55 57.08
N GLY B 1 -1.65 152.20 26.21
CA GLY B 1 -2.75 151.99 25.28
C GLY B 1 -2.29 151.46 23.93
N VAL B 2 -1.90 150.19 23.89
CA VAL B 2 -1.43 149.54 22.68
C VAL B 2 -2.35 148.37 22.39
N ALA B 3 -2.82 148.27 21.14
CA ALA B 3 -3.77 147.26 20.73
C ALA B 3 -3.01 146.02 20.25
N GLY B 4 -3.22 144.90 20.94
CA GLY B 4 -2.59 143.65 20.56
C GLY B 4 -3.41 142.88 19.54
N GLY B 5 -2.72 141.99 18.83
CA GLY B 5 -3.35 141.20 17.79
C GLY B 5 -2.72 139.83 17.68
N TRP B 6 -3.37 138.96 16.91
CA TRP B 6 -2.93 137.58 16.78
C TRP B 6 -1.79 137.47 15.78
N GLY B 7 -0.95 136.46 15.99
CA GLY B 7 0.13 136.15 15.07
C GLY B 7 -0.23 135.03 14.13
N PRO B 8 0.76 134.48 13.44
CA PRO B 8 0.47 133.39 12.50
C PRO B 8 0.11 132.10 13.24
N TRP B 9 -0.81 131.34 12.65
CA TRP B 9 -1.17 130.04 13.20
C TRP B 9 -0.04 129.05 12.97
N GLY B 10 0.28 128.28 14.01
CA GLY B 10 1.35 127.31 13.93
C GLY B 10 0.95 126.07 13.16
N PRO B 11 1.78 125.04 13.22
CA PRO B 11 1.46 123.80 12.49
C PRO B 11 0.31 123.06 13.15
N VAL B 12 -0.55 122.47 12.31
CA VAL B 12 -1.70 121.71 12.80
C VAL B 12 -1.22 120.36 13.31
N SER B 13 -1.85 119.88 14.38
CA SER B 13 -1.47 118.60 14.96
C SER B 13 -2.07 117.45 14.15
N PRO B 14 -1.35 116.34 14.05
CA PRO B 14 -1.91 115.16 13.38
C PRO B 14 -3.07 114.56 14.17
N CYS B 15 -3.84 113.73 13.51
CA CYS B 15 -4.98 113.10 14.17
C CYS B 15 -4.50 112.17 15.27
N PRO B 16 -4.77 112.46 16.55
CA PRO B 16 -4.16 111.66 17.63
C PRO B 16 -4.72 110.25 17.78
N VAL B 17 -5.76 109.89 17.05
CA VAL B 17 -6.38 108.57 17.19
C VAL B 17 -6.29 107.83 15.87
N THR B 18 -6.18 106.51 15.96
CA THR B 18 -6.12 105.64 14.79
C THR B 18 -7.49 105.10 14.38
N CYS B 19 -8.54 105.38 15.16
CA CYS B 19 -9.86 104.86 14.88
C CYS B 19 -10.89 105.97 15.05
N GLY B 20 -12.00 105.85 14.32
CA GLY B 20 -13.13 106.73 14.54
C GLY B 20 -12.79 108.20 14.32
N LEU B 21 -13.20 109.03 15.27
CA LEU B 21 -13.03 110.47 15.21
C LEU B 21 -12.01 110.92 16.26
N GLY B 22 -11.29 111.99 15.92
CA GLY B 22 -10.34 112.59 16.85
C GLY B 22 -10.44 114.10 16.86
N GLN B 23 -9.49 114.75 17.51
CA GLN B 23 -9.48 116.21 17.60
C GLN B 23 -8.05 116.71 17.40
N THR B 24 -7.85 117.53 16.38
CA THR B 24 -6.60 118.25 16.17
C THR B 24 -6.78 119.70 16.58
N MET B 25 -5.68 120.34 16.97
CA MET B 25 -5.73 121.71 17.46
C MET B 25 -4.57 122.52 16.89
N GLU B 26 -4.86 123.77 16.55
CA GLU B 26 -3.84 124.73 16.12
C GLU B 26 -3.67 125.78 17.20
N GLN B 27 -2.44 126.30 17.30
CA GLN B 27 -2.06 127.21 18.37
C GLN B 27 -1.38 128.43 17.77
N ARG B 28 -1.83 129.61 18.18
CA ARG B 28 -1.23 130.87 17.76
C ARG B 28 -0.88 131.68 18.99
N THR B 29 -0.07 132.72 18.79
CA THR B 29 0.40 133.56 19.87
C THR B 29 0.07 135.02 19.56
N CYS B 30 0.02 135.83 20.62
CA CYS B 30 -0.19 137.27 20.52
C CYS B 30 1.13 138.02 20.70
N ASN B 31 2.16 137.56 19.99
CA ASN B 31 3.52 138.00 20.24
C ASN B 31 4.00 139.14 19.33
N HIS B 32 3.38 139.34 18.17
CA HIS B 32 3.87 140.40 17.29
C HIS B 32 3.42 141.77 17.75
N PRO B 33 2.11 142.04 17.96
CA PRO B 33 1.71 143.37 18.45
C PRO B 33 1.92 143.52 19.94
N VAL B 34 1.33 142.61 20.73
CA VAL B 34 1.45 142.56 22.19
C VAL B 34 0.76 143.77 22.81
N PRO B 35 -0.31 143.59 23.59
CA PRO B 35 -0.91 144.72 24.30
C PRO B 35 0.03 145.22 25.40
N GLN B 36 0.38 146.50 25.33
CA GLN B 36 1.31 147.11 26.27
C GLN B 36 0.63 148.26 26.98
N HIS B 37 0.88 148.36 28.28
CA HIS B 37 0.32 149.41 29.15
C HIS B 37 -1.21 149.42 29.11
N GLY B 38 -1.81 148.26 28.81
CA GLY B 38 -3.25 148.17 28.75
C GLY B 38 -3.78 147.64 27.44
N GLY B 39 -4.67 148.40 26.80
CA GLY B 39 -5.24 148.01 25.54
C GLY B 39 -6.32 146.97 25.69
N PRO B 40 -6.35 146.00 24.77
CA PRO B 40 -7.36 144.94 24.85
C PRO B 40 -6.77 143.62 25.31
N PHE B 41 -7.08 142.55 24.56
CA PHE B 41 -6.43 141.26 24.77
C PHE B 41 -6.51 140.44 23.50
N CYS B 42 -5.99 140.98 22.39
CA CYS B 42 -5.80 140.26 21.13
C CYS B 42 -7.12 139.90 20.45
N ALA B 43 -8.22 139.91 21.21
CA ALA B 43 -9.58 139.74 20.68
C ALA B 43 -9.79 138.39 20.01
N GLY B 44 -10.29 137.42 20.77
CA GLY B 44 -10.63 136.12 20.21
C GLY B 44 -10.12 134.94 21.02
N ASP B 45 -9.73 133.88 20.33
CA ASP B 45 -9.19 132.68 20.97
C ASP B 45 -7.87 132.32 20.31
N ALA B 46 -6.90 131.93 21.15
CA ALA B 46 -5.57 131.54 20.67
C ALA B 46 -5.47 130.05 20.39
N THR B 47 -6.59 129.35 20.24
CA THR B 47 -6.57 127.92 19.99
C THR B 47 -7.80 127.53 19.19
N ARG B 48 -7.58 126.98 18.00
CA ARG B 48 -8.65 126.43 17.17
C ARG B 48 -8.63 124.91 17.26
N THR B 49 -9.81 124.31 17.35
CA THR B 49 -9.96 122.87 17.40
C THR B 49 -10.73 122.39 16.18
N HIS B 50 -10.35 121.20 15.69
CA HIS B 50 -10.98 120.62 14.51
C HIS B 50 -11.04 119.11 14.66
N ILE B 51 -12.11 118.53 14.13
CA ILE B 51 -12.34 117.09 14.17
C ILE B 51 -11.69 116.44 12.96
N CYS B 52 -10.98 115.34 13.21
CA CYS B 52 -10.42 114.51 12.15
C CYS B 52 -11.05 113.13 12.18
N ASN B 53 -11.31 112.58 11.01
CA ASN B 53 -12.01 111.30 10.86
C ASN B 53 -11.12 110.34 10.09
N THR B 54 -10.72 109.25 10.76
CA THR B 54 -9.87 108.23 10.15
C THR B 54 -10.66 107.21 9.33
N ALA B 55 -11.99 107.18 9.47
CA ALA B 55 -12.87 106.33 8.67
C ALA B 55 -12.62 104.84 8.84
N VAL B 56 -12.03 104.43 9.97
CA VAL B 56 -11.79 103.03 10.29
C VAL B 56 -12.53 102.70 11.58
N PRO B 57 -13.28 101.61 11.64
CA PRO B 57 -14.06 101.30 12.84
C PRO B 57 -13.18 101.02 14.05
N CYS B 58 -13.81 101.09 15.22
CA CYS B 58 -13.17 100.90 16.51
C CYS B 58 -13.90 99.79 17.27
N PRO B 59 -13.21 99.02 18.11
CA PRO B 59 -13.74 97.71 18.50
C PRO B 59 -14.77 97.76 19.62
N VAL B 60 -15.35 96.59 19.88
CA VAL B 60 -16.28 96.35 20.97
C VAL B 60 -16.21 94.87 21.34
N ASP B 61 -16.20 94.58 22.63
CA ASP B 61 -16.04 93.22 23.12
C ASP B 61 -17.38 92.50 23.21
N GLY B 62 -17.39 91.25 22.75
CA GLY B 62 -18.61 90.46 22.78
C GLY B 62 -19.04 90.10 24.19
N GLU B 63 -20.34 89.90 24.37
CA GLU B 63 -20.93 89.57 25.65
C GLU B 63 -21.65 88.22 25.57
N TRP B 64 -21.70 87.53 26.71
CA TRP B 64 -22.39 86.25 26.81
C TRP B 64 -23.90 86.43 26.83
N ASP B 65 -24.60 85.65 26.00
CA ASP B 65 -26.04 85.56 26.10
C ASP B 65 -26.43 84.70 27.29
N SER B 66 -27.72 84.73 27.63
CA SER B 66 -28.22 83.92 28.74
C SER B 66 -28.10 82.44 28.42
N TRP B 67 -27.97 81.63 29.48
CA TRP B 67 -27.88 80.19 29.30
C TRP B 67 -29.15 79.64 28.67
N GLY B 68 -28.99 78.66 27.79
CA GLY B 68 -30.12 78.04 27.12
C GLY B 68 -30.93 77.15 28.04
N GLU B 69 -31.64 76.17 27.45
CA GLU B 69 -32.44 75.23 28.21
C GLU B 69 -31.64 73.95 28.46
N TRP B 70 -31.81 73.39 29.66
CA TRP B 70 -31.13 72.14 29.98
C TRP B 70 -31.58 71.02 29.06
N SER B 71 -30.63 70.21 28.62
CA SER B 71 -30.93 69.06 27.79
C SER B 71 -31.64 68.00 28.63
N PRO B 72 -32.28 67.01 27.99
CA PRO B 72 -32.91 65.94 28.76
C PRO B 72 -31.90 65.19 29.61
N CYS B 73 -32.33 64.85 30.84
CA CYS B 73 -31.49 64.12 31.77
C CYS B 73 -31.45 62.64 31.35
N ILE B 74 -30.33 62.22 30.78
CA ILE B 74 -30.20 60.88 30.22
C ILE B 74 -28.96 60.20 30.80
N ARG B 75 -28.86 58.90 30.55
CA ARG B 75 -27.72 58.08 30.91
C ARG B 75 -27.16 57.44 29.66
N ARG B 76 -25.84 57.45 29.53
CA ARG B 76 -25.20 56.94 28.31
C ARG B 76 -25.52 55.47 28.11
N ASN B 77 -25.91 55.12 26.88
CA ASN B 77 -26.22 53.75 26.47
C ASN B 77 -27.29 53.11 27.34
N MET B 78 -28.19 53.93 27.88
CA MET B 78 -29.35 53.45 28.62
C MET B 78 -30.58 54.22 28.16
N LYS B 79 -31.75 53.63 28.42
CA LYS B 79 -33.00 54.27 28.01
C LYS B 79 -33.42 55.32 29.03
N SER B 80 -34.72 55.59 29.14
CA SER B 80 -35.22 56.62 30.04
C SER B 80 -34.97 56.23 31.48
N ILE B 81 -34.28 57.10 32.23
CA ILE B 81 -33.99 56.87 33.63
C ILE B 81 -35.05 57.59 34.46
N SER B 82 -36.22 57.78 33.89
CA SER B 82 -37.28 58.52 34.56
C SER B 82 -37.91 57.68 35.67
N CYS B 83 -38.24 58.35 36.78
CA CYS B 83 -38.86 57.72 37.96
C CYS B 83 -38.03 56.52 38.44
N GLN B 84 -36.71 56.70 38.45
CA GLN B 84 -35.79 55.65 38.88
C GLN B 84 -34.63 56.29 39.63
N GLU B 85 -33.96 55.47 40.43
CA GLU B 85 -32.78 55.92 41.18
C GLU B 85 -31.52 55.81 40.31
N ILE B 86 -31.54 56.53 39.20
CA ILE B 86 -30.41 56.55 38.26
C ILE B 86 -30.01 57.99 38.00
N PRO B 87 -28.93 58.48 38.61
CA PRO B 87 -28.48 59.85 38.33
C PRO B 87 -27.87 59.96 36.94
N GLY B 88 -28.28 60.98 36.21
CA GLY B 88 -27.77 61.21 34.86
C GLY B 88 -27.11 62.56 34.72
N GLN B 89 -26.92 63.01 33.47
CA GLN B 89 -26.33 64.30 33.19
C GLN B 89 -27.17 65.04 32.15
N GLN B 90 -26.91 66.32 32.03
CA GLN B 90 -27.54 67.15 31.01
C GLN B 90 -26.67 68.38 30.77
N SER B 91 -26.72 68.88 29.55
CA SER B 91 -25.87 69.98 29.12
C SER B 91 -26.69 71.23 28.85
N ARG B 92 -25.99 72.37 28.75
CA ARG B 92 -26.60 73.66 28.49
C ARG B 92 -25.59 74.50 27.73
N GLY B 93 -26.10 75.39 26.87
CA GLY B 93 -25.25 76.13 25.97
C GLY B 93 -25.51 77.62 26.01
N ARG B 94 -24.45 78.39 25.78
CA ARG B 94 -24.49 79.84 25.66
C ARG B 94 -24.07 80.25 24.26
N THR B 95 -24.30 81.52 23.94
CA THR B 95 -23.96 82.07 22.63
C THR B 95 -23.28 83.42 22.82
N CYS B 96 -22.12 83.58 22.19
CA CYS B 96 -21.40 84.85 22.23
C CYS B 96 -21.97 85.78 21.17
N ARG B 97 -22.48 86.94 21.60
CA ARG B 97 -23.12 87.88 20.70
C ARG B 97 -22.59 89.28 20.97
N GLY B 98 -22.48 90.07 19.89
CA GLY B 98 -22.09 91.46 19.99
C GLY B 98 -20.63 91.74 19.67
N ARG B 99 -19.81 90.71 19.43
CA ARG B 99 -18.41 90.94 19.13
C ARG B 99 -18.26 91.49 17.71
N LYS B 100 -17.73 92.71 17.62
CA LYS B 100 -17.52 93.35 16.32
C LYS B 100 -16.18 94.07 16.32
N PHE B 101 -15.59 94.18 15.13
CA PHE B 101 -14.39 95.00 14.90
C PHE B 101 -13.21 94.50 15.73
N ASP B 102 -12.89 93.22 15.58
CA ASP B 102 -11.75 92.58 16.25
C ASP B 102 -11.82 92.72 17.77
N GLY B 103 -13.03 92.82 18.30
CA GLY B 103 -13.20 92.94 19.74
C GLY B 103 -12.79 91.68 20.48
N HIS B 104 -12.65 91.82 21.79
CA HIS B 104 -12.27 90.68 22.61
C HIS B 104 -13.37 89.62 22.59
N ARG B 105 -12.95 88.37 22.45
CA ARG B 105 -13.88 87.26 22.37
C ARG B 105 -14.38 86.89 23.77
N CYS B 106 -15.55 86.26 23.81
CA CYS B 106 -16.18 85.93 25.08
C CYS B 106 -15.29 85.02 25.92
N ALA B 107 -15.19 85.34 27.21
CA ALA B 107 -14.35 84.61 28.14
C ALA B 107 -15.25 83.76 29.04
N GLY B 108 -14.98 82.46 29.09
CA GLY B 108 -15.74 81.53 29.90
C GLY B 108 -16.20 80.33 29.11
N GLN B 109 -16.68 79.33 29.85
CA GLN B 109 -17.12 78.08 29.25
C GLN B 109 -18.48 78.27 28.60
N GLN B 110 -18.58 77.99 27.30
CA GLN B 110 -19.83 78.13 26.58
C GLN B 110 -20.76 76.95 26.77
N GLN B 111 -20.30 75.90 27.46
CA GLN B 111 -21.12 74.75 27.80
C GLN B 111 -21.13 74.54 29.31
N ASP B 112 -22.20 73.94 29.80
CA ASP B 112 -22.35 73.68 31.23
C ASP B 112 -23.10 72.38 31.42
N ILE B 113 -22.54 71.50 32.25
CA ILE B 113 -23.11 70.18 32.49
C ILE B 113 -23.25 69.99 34.00
N ARG B 114 -24.34 69.35 34.41
CA ARG B 114 -24.57 69.06 35.82
C ARG B 114 -25.31 67.72 35.93
N HIS B 115 -25.17 67.09 37.09
CA HIS B 115 -25.78 65.81 37.33
C HIS B 115 -27.25 65.99 37.73
N CYS B 116 -28.06 64.96 37.48
CA CYS B 116 -29.50 65.13 37.58
C CYS B 116 -30.18 63.79 37.74
N TYR B 117 -31.34 63.82 38.39
CA TYR B 117 -32.34 62.76 38.30
C TYR B 117 -33.40 63.19 37.29
N SER B 118 -34.22 62.24 36.88
CA SER B 118 -35.24 62.48 35.86
C SER B 118 -36.61 62.17 36.46
N ILE B 119 -37.43 63.20 36.64
CA ILE B 119 -38.80 63.02 37.11
C ILE B 119 -39.75 63.57 36.05
N GLN B 120 -39.36 63.48 34.78
CA GLN B 120 -40.19 63.93 33.68
C GLN B 120 -41.43 63.04 33.57
N HIS B 121 -42.60 63.65 33.80
CA HIS B 121 -43.89 62.95 33.71
C HIS B 121 -44.00 61.79 34.69
N CYS B 122 -43.36 61.92 35.86
CA CYS B 122 -43.49 60.86 36.86
C CYS B 122 -44.64 61.19 37.82
N PRO B 123 -45.59 60.26 38.01
CA PRO B 123 -46.72 60.52 38.90
C PRO B 123 -46.29 60.54 40.36
N LEU B 124 -46.54 61.65 41.04
CA LEU B 124 -46.17 61.82 42.44
C LEU B 124 -47.30 62.52 43.19
N LYS B 125 -47.21 62.50 44.51
CA LYS B 125 -48.17 63.20 45.36
C LYS B 125 -47.83 64.69 45.41
N GLY B 126 -48.64 65.45 46.13
CA GLY B 126 -48.40 66.87 46.22
C GLY B 126 -49.11 67.50 47.40
N SER B 127 -48.77 68.77 47.64
CA SER B 127 -49.38 69.57 48.69
C SER B 127 -49.50 71.01 48.21
N TRP B 128 -50.60 71.66 48.56
CA TRP B 128 -50.81 73.03 48.14
C TRP B 128 -49.79 73.97 48.79
N SER B 129 -49.10 74.75 47.97
CA SER B 129 -48.22 75.78 48.49
C SER B 129 -49.04 76.94 49.05
N GLU B 130 -48.38 77.76 49.86
CA GLU B 130 -49.04 78.94 50.40
C GLU B 130 -49.22 79.99 49.29
N TRP B 131 -49.92 81.07 49.64
CA TRP B 131 -50.15 82.14 48.68
C TRP B 131 -48.83 82.75 48.24
N SER B 132 -48.57 82.72 46.94
CA SER B 132 -47.37 83.33 46.39
C SER B 132 -47.44 84.84 46.52
N THR B 133 -46.28 85.48 46.36
CA THR B 133 -46.21 86.93 46.46
C THR B 133 -46.97 87.57 45.30
N TRP B 134 -47.67 88.68 45.60
CA TRP B 134 -48.45 89.37 44.60
C TRP B 134 -47.58 89.80 43.42
N GLY B 135 -48.00 89.43 42.22
CA GLY B 135 -47.27 89.76 41.01
C GLY B 135 -47.36 91.23 40.62
N LEU B 136 -47.01 91.53 39.37
CA LEU B 136 -47.05 92.90 38.88
C LEU B 136 -48.45 93.26 38.41
N CYS B 137 -48.74 94.56 38.47
CA CYS B 137 -50.01 95.06 37.94
C CYS B 137 -49.96 95.07 36.43
N MET B 138 -50.67 94.12 35.81
CA MET B 138 -50.66 94.01 34.36
C MET B 138 -52.06 94.17 33.80
N PRO B 139 -52.23 94.88 32.67
CA PRO B 139 -51.12 95.52 31.97
C PRO B 139 -50.79 96.92 32.49
N PRO B 140 -49.49 97.23 32.62
CA PRO B 140 -49.11 98.60 32.97
C PRO B 140 -49.47 99.55 31.85
N CYS B 141 -49.86 100.78 32.23
CA CYS B 141 -50.28 101.83 31.31
C CYS B 141 -51.59 101.48 30.61
N GLY B 142 -52.08 100.25 30.79
CA GLY B 142 -53.29 99.79 30.17
C GLY B 142 -54.52 100.05 31.02
N PRO B 143 -55.69 99.71 30.49
CA PRO B 143 -56.94 99.94 31.23
C PRO B 143 -57.09 98.97 32.39
N ASN B 144 -57.24 99.53 33.60
CA ASN B 144 -57.51 98.78 34.83
C ASN B 144 -56.46 97.69 35.07
N PRO B 145 -55.29 98.05 35.60
CA PRO B 145 -54.30 97.01 35.92
C PRO B 145 -54.74 96.18 37.12
N THR B 146 -54.37 94.91 37.10
CA THR B 146 -54.74 93.96 38.15
C THR B 146 -53.55 93.08 38.50
N ARG B 147 -53.37 92.83 39.79
CA ARG B 147 -52.37 91.89 40.26
C ARG B 147 -52.91 90.47 40.21
N ALA B 148 -52.07 89.51 40.61
CA ALA B 148 -52.47 88.11 40.63
C ALA B 148 -51.49 87.33 41.50
N ARG B 149 -52.01 86.63 42.51
CA ARG B 149 -51.25 85.67 43.28
C ARG B 149 -51.93 84.31 43.17
N GLN B 150 -51.20 83.26 43.51
CA GLN B 150 -51.70 81.92 43.23
C GLN B 150 -51.11 80.91 44.20
N ARG B 151 -51.89 79.86 44.47
CA ARG B 151 -51.44 78.66 45.14
C ARG B 151 -51.46 77.51 44.15
N LEU B 152 -50.45 76.66 44.21
CA LEU B 152 -50.30 75.57 43.25
C LEU B 152 -49.96 74.27 43.97
N CYS B 153 -50.30 73.17 43.31
CA CYS B 153 -50.07 71.83 43.82
C CYS B 153 -48.59 71.48 43.76
N THR B 154 -47.87 71.72 44.84
CA THR B 154 -46.43 71.52 44.84
C THR B 154 -46.10 70.04 45.06
N PRO B 155 -45.34 69.41 44.17
CA PRO B 155 -45.04 67.99 44.34
C PRO B 155 -44.11 67.75 45.51
N LEU B 156 -44.32 66.60 46.17
CA LEU B 156 -43.45 66.17 47.27
C LEU B 156 -42.27 65.44 46.66
N LEU B 157 -41.15 66.15 46.52
CA LEU B 157 -39.97 65.58 45.88
C LEU B 157 -39.47 64.38 46.67
N PRO B 158 -39.10 63.29 46.01
CA PRO B 158 -38.66 62.10 46.74
C PRO B 158 -37.29 62.32 47.38
N LYS B 159 -37.10 61.73 48.56
CA LYS B 159 -35.87 61.89 49.33
C LYS B 159 -34.80 60.96 48.77
N TYR B 160 -34.13 61.44 47.73
CA TYR B 160 -32.98 60.80 47.10
C TYR B 160 -31.70 61.45 47.59
N PRO B 161 -30.56 60.78 47.45
CA PRO B 161 -29.28 61.39 47.85
C PRO B 161 -29.02 62.65 47.07
N PRO B 162 -28.91 63.80 47.75
CA PRO B 162 -28.72 65.07 47.01
C PRO B 162 -27.37 65.18 46.34
N THR B 163 -26.38 64.39 46.77
CA THR B 163 -25.04 64.47 46.21
C THR B 163 -24.53 63.07 45.97
N VAL B 164 -23.99 62.83 44.77
CA VAL B 164 -23.42 61.54 44.40
C VAL B 164 -21.92 61.72 44.23
N SER B 165 -21.15 60.90 44.95
CA SER B 165 -19.69 61.00 44.96
C SER B 165 -19.10 59.92 44.08
N MET B 166 -18.34 60.34 43.07
CA MET B 166 -17.62 59.41 42.21
C MET B 166 -16.14 59.41 42.56
N VAL B 167 -15.44 58.38 42.10
CA VAL B 167 -14.03 58.19 42.45
C VAL B 167 -13.14 58.82 41.38
N GLU B 168 -12.28 58.01 40.75
CA GLU B 168 -11.24 58.49 39.85
C GLU B 168 -10.42 59.60 40.49
N GLY B 169 -10.93 60.83 40.45
CA GLY B 169 -10.28 61.94 41.12
C GLY B 169 -11.05 62.38 42.35
N GLN B 170 -11.92 61.50 42.83
CA GLN B 170 -12.76 61.77 44.01
C GLN B 170 -13.63 63.00 43.79
N GLY B 171 -14.49 62.91 42.78
CA GLY B 171 -15.34 64.02 42.38
C GLY B 171 -16.76 63.83 42.88
N GLU B 172 -17.26 64.84 43.58
CA GLU B 172 -18.62 64.87 44.10
C GLU B 172 -19.43 65.93 43.36
N LYS B 173 -20.56 65.52 42.80
CA LYS B 173 -21.36 66.39 41.94
C LYS B 173 -22.76 66.58 42.51
N ASN B 174 -23.24 67.81 42.51
CA ASN B 174 -24.61 68.09 42.92
C ASN B 174 -25.61 67.49 41.94
N VAL B 175 -26.71 66.95 42.47
CA VAL B 175 -27.77 66.35 41.67
C VAL B 175 -29.03 67.17 41.84
N THR B 176 -29.64 67.55 40.72
CA THR B 176 -30.83 68.40 40.71
C THR B 176 -31.95 67.70 39.94
N PHE B 177 -33.14 67.69 40.50
CA PHE B 177 -34.29 67.08 39.85
C PHE B 177 -34.62 67.81 38.55
N TRP B 178 -34.98 67.05 37.52
CA TRP B 178 -35.40 67.60 36.24
C TRP B 178 -36.67 66.91 35.77
N GLY B 179 -37.54 67.68 35.12
CA GLY B 179 -38.76 67.13 34.57
C GLY B 179 -40.02 67.77 35.08
N ARG B 180 -41.14 67.55 34.38
CA ARG B 180 -42.44 68.06 34.78
C ARG B 180 -43.26 66.93 35.38
N PRO B 181 -43.33 66.80 36.70
CA PRO B 181 -44.07 65.70 37.31
C PRO B 181 -45.58 65.93 37.24
N LEU B 182 -46.33 64.96 37.76
CA LEU B 182 -47.78 65.02 37.82
C LEU B 182 -48.20 65.08 39.29
N PRO B 183 -48.22 66.27 39.90
CA PRO B 183 -48.51 66.35 41.34
C PRO B 183 -49.97 65.99 41.64
N ARG B 184 -50.17 65.05 42.55
CA ARG B 184 -51.49 64.62 42.98
C ARG B 184 -51.84 65.28 44.31
N CYS B 185 -53.04 65.84 44.38
CA CYS B 185 -53.48 66.58 45.56
C CYS B 185 -55.00 66.64 45.55
N GLU B 186 -55.56 66.89 46.73
CA GLU B 186 -57.01 67.05 46.85
C GLU B 186 -57.44 68.39 46.26
N GLU B 187 -58.63 68.41 45.67
CA GLU B 187 -59.15 69.64 45.08
C GLU B 187 -59.33 70.71 46.15
N LEU B 188 -59.04 71.95 45.77
CA LEU B 188 -59.21 73.08 46.68
C LEU B 188 -60.49 73.84 46.34
N GLN B 189 -60.47 74.57 45.22
CA GLN B 189 -61.64 75.29 44.76
C GLN B 189 -62.04 74.84 43.36
N GLY B 190 -62.40 73.56 43.23
CA GLY B 190 -62.72 72.99 41.93
C GLY B 190 -61.54 72.86 41.00
N GLN B 191 -60.33 73.09 41.47
CA GLN B 191 -59.12 73.02 40.64
C GLN B 191 -58.13 72.08 41.28
N LYS B 192 -57.38 71.36 40.44
CA LYS B 192 -56.39 70.40 40.90
C LYS B 192 -54.96 70.91 40.82
N LEU B 193 -54.67 71.83 39.91
CA LEU B 193 -53.30 72.25 39.64
C LEU B 193 -52.95 73.59 40.27
N VAL B 194 -53.67 74.65 39.91
CA VAL B 194 -53.35 75.99 40.38
C VAL B 194 -54.64 76.77 40.56
N VAL B 195 -54.77 77.45 41.69
CA VAL B 195 -55.90 78.33 41.98
C VAL B 195 -55.35 79.70 42.32
N GLU B 196 -55.76 80.71 41.56
CA GLU B 196 -55.27 82.07 41.71
C GLU B 196 -56.43 83.03 42.00
N GLU B 197 -56.07 84.29 42.24
CA GLU B 197 -57.06 85.33 42.48
C GLU B 197 -56.44 86.67 42.08
N LYS B 198 -57.26 87.55 41.53
CA LYS B 198 -56.82 88.86 41.07
C LYS B 198 -57.49 89.96 41.89
N ARG B 199 -56.78 91.08 42.04
CA ARG B 199 -57.30 92.26 42.70
C ARG B 199 -56.83 93.48 41.90
N PRO B 200 -57.72 94.42 41.61
CA PRO B 200 -57.29 95.61 40.86
C PRO B 200 -56.34 96.46 41.67
N CYS B 201 -55.38 97.07 40.97
CA CYS B 201 -54.40 97.94 41.61
C CYS B 201 -54.97 99.35 41.70
N LEU B 202 -54.83 99.96 42.88
CA LEU B 202 -55.52 101.21 43.20
C LEU B 202 -54.65 102.41 42.84
N HIS B 203 -55.30 103.46 42.35
CA HIS B 203 -54.65 104.74 42.06
C HIS B 203 -53.46 104.55 41.12
N VAL B 204 -53.79 104.17 39.90
CA VAL B 204 -52.76 103.85 38.89
C VAL B 204 -52.23 105.15 38.29
N PRO B 205 -50.92 105.37 38.31
CA PRO B 205 -50.37 106.58 37.67
C PRO B 205 -50.25 106.41 36.17
N ALA B 206 -50.39 107.54 35.47
CA ALA B 206 -50.30 107.55 34.02
C ALA B 206 -48.85 107.41 33.57
N CYS B 207 -48.65 106.71 32.46
CA CYS B 207 -47.32 106.51 31.89
C CYS B 207 -47.02 107.66 30.95
N LYS B 208 -46.04 108.48 31.32
CA LYS B 208 -45.63 109.64 30.55
C LYS B 208 -44.15 109.54 30.19
N ASP B 209 -43.70 110.48 29.37
CA ASP B 209 -42.29 110.55 29.02
C ASP B 209 -41.48 110.87 30.27
N PRO B 210 -40.34 110.20 30.49
CA PRO B 210 -39.48 110.38 31.67
C PRO B 210 -39.06 111.83 31.89
N ASP C 1 -111.85 15.27 -33.32
CA ASP C 1 -112.77 15.21 -34.45
C ASP C 1 -112.42 14.04 -35.35
N PRO C 2 -113.40 13.16 -35.60
CA PRO C 2 -113.15 12.01 -36.48
C PRO C 2 -112.78 12.44 -37.89
N VAL C 3 -112.21 11.50 -38.65
CA VAL C 3 -111.69 11.79 -39.97
C VAL C 3 -111.68 10.49 -40.76
N LEU C 4 -111.63 10.60 -42.09
CA LEU C 4 -111.49 9.44 -42.95
C LEU C 4 -110.04 8.97 -42.96
N CYS C 5 -109.83 7.69 -42.67
CA CYS C 5 -108.50 7.11 -42.56
C CYS C 5 -108.21 6.28 -43.81
N PHE C 6 -107.18 6.66 -44.55
CA PHE C 6 -106.74 5.94 -45.73
C PHE C 6 -105.47 5.17 -45.44
N THR C 7 -105.27 4.07 -46.16
CA THR C 7 -104.16 3.18 -45.90
C THR C 7 -102.88 3.56 -46.63
N GLN C 8 -102.96 4.38 -47.68
CA GLN C 8 -101.80 4.69 -48.50
C GLN C 8 -101.87 6.14 -48.96
N TYR C 9 -100.70 6.76 -49.09
CA TYR C 9 -100.57 8.09 -49.66
C TYR C 9 -99.74 7.99 -50.94
N GLU C 10 -100.30 8.51 -52.04
CA GLU C 10 -99.65 8.33 -53.34
C GLU C 10 -98.41 9.20 -53.49
N GLU C 11 -98.40 10.40 -52.91
CA GLU C 11 -97.29 11.33 -52.96
C GLU C 11 -97.01 11.84 -54.37
N SER C 12 -97.09 10.95 -55.37
CA SER C 12 -96.90 11.37 -56.76
C SER C 12 -98.00 12.32 -57.22
N SER C 13 -99.21 12.18 -56.67
CA SER C 13 -100.32 13.05 -57.01
C SER C 13 -100.99 13.69 -55.81
N GLY C 14 -100.59 13.34 -54.59
CA GLY C 14 -101.22 13.90 -53.42
C GLY C 14 -102.61 13.39 -53.14
N LYS C 15 -102.97 12.22 -53.67
CA LYS C 15 -104.30 11.65 -53.48
C LYS C 15 -104.30 10.66 -52.33
N CYS C 16 -105.49 10.48 -51.74
CA CYS C 16 -105.70 9.50 -50.68
C CYS C 16 -106.14 8.19 -51.31
N LYS C 17 -105.27 7.17 -51.23
CA LYS C 17 -105.52 5.87 -51.85
C LYS C 17 -105.74 4.82 -50.78
N GLY C 18 -106.65 3.89 -51.06
CA GLY C 18 -106.94 2.82 -50.13
C GLY C 18 -107.69 3.27 -48.90
N LEU C 19 -109.00 3.43 -49.01
CA LEU C 19 -109.81 3.90 -47.88
C LEU C 19 -109.98 2.77 -46.86
N LEU C 20 -109.52 3.02 -45.63
CA LEU C 20 -109.68 2.03 -44.57
C LEU C 20 -111.04 2.15 -43.90
N GLY C 21 -111.62 3.35 -43.87
CA GLY C 21 -112.89 3.56 -43.22
C GLY C 21 -112.95 4.90 -42.52
N GLY C 22 -114.08 5.21 -41.89
CA GLY C 22 -114.24 6.49 -41.22
C GLY C 22 -114.69 6.36 -39.78
N GLY C 23 -115.02 7.49 -39.16
CA GLY C 23 -115.45 7.48 -37.77
C GLY C 23 -114.38 7.12 -36.77
N VAL C 24 -113.16 7.63 -36.97
CA VAL C 24 -112.04 7.36 -36.08
C VAL C 24 -111.22 8.63 -35.93
N SER C 25 -110.58 8.77 -34.76
CA SER C 25 -109.82 9.97 -34.47
C SER C 25 -108.55 10.03 -35.29
N VAL C 26 -107.98 11.23 -35.38
CA VAL C 26 -106.77 11.45 -36.17
C VAL C 26 -105.57 10.83 -35.47
N GLU C 27 -105.53 10.89 -34.14
CA GLU C 27 -104.40 10.34 -33.40
C GLU C 27 -104.31 8.83 -33.59
N ASP C 28 -105.46 8.15 -33.66
CA ASP C 28 -105.46 6.70 -33.85
C ASP C 28 -105.10 6.33 -35.27
N CYS C 29 -105.58 7.10 -36.25
CA CYS C 29 -105.29 6.79 -37.66
C CYS C 29 -103.80 6.93 -37.96
N CYS C 30 -103.16 7.96 -37.42
CA CYS C 30 -101.75 8.20 -37.68
C CYS C 30 -100.83 7.49 -36.69
N LEU C 31 -101.35 6.53 -35.91
CA LEU C 31 -100.47 5.66 -35.15
C LEU C 31 -99.54 4.89 -36.08
N ASN C 32 -100.05 4.48 -37.24
CA ASN C 32 -99.23 3.95 -38.31
C ASN C 32 -98.92 5.12 -39.25
N THR C 33 -97.68 5.61 -39.17
CA THR C 33 -97.29 6.81 -39.90
C THR C 33 -97.32 6.64 -41.42
N ALA C 34 -97.51 5.42 -41.92
CA ALA C 34 -97.63 5.21 -43.36
C ALA C 34 -99.03 5.49 -43.89
N PHE C 35 -99.98 5.77 -43.01
CA PHE C 35 -101.37 5.98 -43.41
C PHE C 35 -101.58 7.43 -43.83
N ALA C 36 -102.84 7.80 -44.07
CA ALA C 36 -103.18 9.16 -44.48
C ALA C 36 -104.63 9.43 -44.09
N TYR C 37 -104.97 10.71 -44.00
CA TYR C 37 -106.31 11.11 -43.59
C TYR C 37 -106.73 12.36 -44.36
N GLN C 38 -108.04 12.46 -44.58
CA GLN C 38 -108.64 13.66 -45.15
C GLN C 38 -110.06 13.79 -44.62
N LYS C 39 -110.57 15.03 -44.63
CA LYS C 39 -111.92 15.29 -44.14
C LYS C 39 -112.89 15.10 -45.30
N ARG C 40 -113.74 14.08 -45.18
CA ARG C 40 -114.74 13.73 -46.20
C ARG C 40 -113.98 13.47 -47.50
N SER C 41 -114.52 13.83 -48.66
CA SER C 41 -113.84 13.64 -49.93
C SER C 41 -113.61 14.97 -50.64
N GLY C 42 -113.50 16.06 -49.86
CA GLY C 42 -113.27 17.37 -50.46
C GLY C 42 -111.88 17.54 -51.03
N GLY C 43 -110.89 16.89 -50.40
CA GLY C 43 -109.52 16.92 -50.86
C GLY C 43 -108.57 17.18 -49.71
N LEU C 44 -107.39 17.70 -50.07
CA LEU C 44 -106.32 17.98 -49.12
C LEU C 44 -105.97 16.73 -48.31
N CYS C 45 -105.39 15.76 -49.02
CA CYS C 45 -104.98 14.50 -48.44
C CYS C 45 -103.62 14.64 -47.76
N GLN C 46 -103.57 14.39 -46.46
CA GLN C 46 -102.34 14.53 -45.69
C GLN C 46 -101.87 13.15 -45.26
N PRO C 47 -100.65 12.74 -45.62
CA PRO C 47 -100.12 11.47 -45.09
C PRO C 47 -99.75 11.61 -43.62
N CYS C 48 -99.58 10.46 -42.97
CA CYS C 48 -99.25 10.44 -41.55
C CYS C 48 -97.75 10.39 -41.28
N ARG C 49 -96.91 10.50 -42.30
CA ARG C 49 -95.47 10.40 -42.08
C ARG C 49 -94.86 11.81 -41.95
N SER C 50 -93.54 11.86 -41.88
CA SER C 50 -92.86 13.13 -41.74
C SER C 50 -93.11 14.02 -42.96
N PRO C 51 -93.37 15.32 -42.76
CA PRO C 51 -93.65 16.21 -43.89
C PRO C 51 -92.47 16.33 -44.83
N ARG C 52 -92.73 16.12 -46.12
CA ARG C 52 -91.71 16.24 -47.15
C ARG C 52 -92.34 16.85 -48.39
N TRP C 53 -91.55 17.63 -49.12
CA TRP C 53 -92.03 18.28 -50.34
C TRP C 53 -92.35 17.26 -51.40
N SER C 54 -93.44 17.51 -52.13
CA SER C 54 -93.82 16.68 -53.26
C SER C 54 -92.97 17.03 -54.48
N LEU C 55 -93.36 16.53 -55.64
CA LEU C 55 -92.64 16.83 -56.88
C LEU C 55 -93.18 18.10 -57.52
N TRP C 56 -92.29 18.83 -58.18
CA TRP C 56 -92.70 20.02 -58.92
C TRP C 56 -93.67 19.64 -60.02
N SER C 57 -94.83 20.31 -60.05
CA SER C 57 -95.84 20.05 -61.07
C SER C 57 -95.35 20.53 -62.43
N THR C 58 -96.06 20.09 -63.47
CA THR C 58 -95.75 20.53 -64.82
C THR C 58 -96.02 22.03 -64.97
N TRP C 59 -95.27 22.65 -65.88
CA TRP C 59 -95.43 24.08 -66.11
C TRP C 59 -96.81 24.39 -66.64
N ALA C 60 -97.46 25.40 -66.07
CA ALA C 60 -98.72 25.86 -66.60
C ALA C 60 -98.52 26.43 -68.01
N PRO C 61 -99.55 26.40 -68.85
CA PRO C 61 -99.41 26.98 -70.18
C PRO C 61 -99.02 28.46 -70.10
N CYS C 62 -98.22 28.88 -71.08
CA CYS C 62 -97.74 30.26 -71.10
C CYS C 62 -98.93 31.23 -71.15
N SER C 63 -98.84 32.30 -70.36
CA SER C 63 -99.96 33.21 -70.20
C SER C 63 -100.35 33.90 -71.51
N VAL C 64 -99.46 33.93 -72.49
CA VAL C 64 -99.76 34.53 -73.79
C VAL C 64 -99.16 33.65 -74.88
N THR C 65 -99.87 33.57 -76.01
CA THR C 65 -99.38 32.88 -77.19
C THR C 65 -98.48 33.75 -78.05
N CYS C 66 -98.15 34.96 -77.57
CA CYS C 66 -97.38 35.92 -78.35
C CYS C 66 -96.26 36.47 -77.47
N SER C 67 -95.04 36.47 -78.01
CA SER C 67 -93.88 37.08 -77.37
C SER C 67 -93.58 36.43 -76.03
N GLU C 68 -92.93 37.18 -75.14
CA GLU C 68 -92.53 36.64 -73.84
C GLU C 68 -93.72 36.62 -72.88
N GLY C 69 -93.83 35.54 -72.12
CA GLY C 69 -94.89 35.39 -71.15
C GLY C 69 -94.37 34.95 -69.79
N SER C 70 -95.22 34.31 -69.01
CA SER C 70 -94.84 33.80 -67.70
C SER C 70 -95.68 32.58 -67.38
N GLN C 71 -95.03 31.56 -66.80
CA GLN C 71 -95.68 30.30 -66.47
C GLN C 71 -95.30 29.88 -65.06
N LEU C 72 -96.23 29.19 -64.40
CA LEU C 72 -96.07 28.78 -63.01
C LEU C 72 -96.04 27.26 -62.89
N ARG C 73 -95.44 26.79 -61.80
CA ARG C 73 -95.52 25.40 -61.39
C ARG C 73 -95.47 25.36 -59.87
N TYR C 74 -96.21 24.44 -59.27
CA TYR C 74 -96.39 24.40 -57.83
C TYR C 74 -95.73 23.19 -57.21
N ARG C 75 -95.64 23.22 -55.88
CA ARG C 75 -95.13 22.10 -55.09
C ARG C 75 -95.74 22.21 -53.70
N ARG C 76 -96.37 21.14 -53.24
CA ARG C 76 -97.12 21.15 -51.99
C ARG C 76 -96.40 20.36 -50.91
N CYS C 77 -96.27 20.95 -49.73
CA CYS C 77 -95.70 20.27 -48.57
C CYS C 77 -96.73 19.32 -47.98
N VAL C 78 -96.43 18.04 -47.96
CA VAL C 78 -97.36 17.01 -47.54
C VAL C 78 -96.74 16.19 -46.42
N GLY C 79 -97.53 15.91 -45.38
CA GLY C 79 -97.05 15.13 -44.26
C GLY C 79 -97.93 15.34 -43.04
N TRP C 80 -97.37 14.98 -41.88
CA TRP C 80 -98.09 15.09 -40.61
C TRP C 80 -97.07 15.16 -39.49
N ASN C 81 -97.37 15.98 -38.48
CA ASN C 81 -96.52 16.13 -37.30
C ASN C 81 -95.10 16.52 -37.69
N GLY C 82 -94.89 17.80 -37.96
CA GLY C 82 -93.59 18.31 -38.34
C GLY C 82 -93.74 19.41 -39.37
N GLN C 83 -92.65 19.71 -40.06
CA GLN C 83 -92.63 20.76 -41.07
C GLN C 83 -91.69 20.36 -42.20
N CYS C 84 -91.95 20.93 -43.37
CA CYS C 84 -91.05 20.76 -44.50
C CYS C 84 -89.86 21.70 -44.36
N SER C 85 -88.97 21.68 -45.35
CA SER C 85 -87.80 22.53 -45.35
C SER C 85 -88.23 23.99 -45.53
N GLY C 86 -88.00 24.81 -44.51
CA GLY C 86 -88.35 26.21 -44.58
C GLY C 86 -89.49 26.61 -43.66
N LYS C 87 -89.64 25.88 -42.56
CA LYS C 87 -90.69 26.14 -41.56
C LYS C 87 -92.08 26.13 -42.21
N VAL C 88 -92.29 25.18 -43.13
CA VAL C 88 -93.51 25.11 -43.92
C VAL C 88 -94.44 24.07 -43.31
N ALA C 89 -95.68 24.46 -43.06
CA ALA C 89 -96.69 23.56 -42.53
C ALA C 89 -97.24 22.66 -43.64
N PRO C 90 -97.65 21.44 -43.31
CA PRO C 90 -98.22 20.55 -44.33
C PRO C 90 -99.47 21.15 -44.95
N GLY C 91 -99.45 21.24 -46.29
CA GLY C 91 -100.55 21.80 -47.05
C GLY C 91 -100.23 23.09 -47.77
N THR C 92 -99.19 23.80 -47.35
CA THR C 92 -98.80 25.04 -48.00
C THR C 92 -98.27 24.76 -49.40
N LEU C 93 -98.23 25.82 -50.21
CA LEU C 93 -97.79 25.73 -51.60
C LEU C 93 -96.53 26.55 -51.81
N GLU C 94 -95.73 26.12 -52.79
CA GLU C 94 -94.53 26.83 -53.20
C GLU C 94 -94.51 26.91 -54.73
N TRP C 95 -94.20 28.08 -55.25
CA TRP C 95 -94.32 28.36 -56.67
C TRP C 95 -92.98 28.76 -57.28
N GLN C 96 -92.79 28.41 -58.55
CA GLN C 96 -91.66 28.86 -59.35
C GLN C 96 -92.21 29.52 -60.60
N LEU C 97 -91.83 30.77 -60.83
CA LEU C 97 -92.29 31.53 -61.99
C LEU C 97 -91.13 31.68 -62.97
N GLN C 98 -91.37 31.28 -64.22
CA GLN C 98 -90.34 31.29 -65.25
C GLN C 98 -90.90 31.96 -66.50
N ALA C 99 -90.03 32.70 -67.20
CA ALA C 99 -90.43 33.38 -68.42
C ALA C 99 -90.52 32.38 -69.57
N CYS C 100 -91.67 32.32 -70.22
CA CYS C 100 -91.93 31.43 -71.33
C CYS C 100 -92.12 32.23 -72.62
N GLU C 101 -92.09 31.52 -73.75
CA GLU C 101 -92.22 32.16 -75.04
C GLU C 101 -92.73 31.11 -76.04
N ASP C 102 -94.06 31.08 -76.22
CA ASP C 102 -94.64 30.18 -77.21
C ASP C 102 -94.26 30.59 -78.62
N GLN C 103 -94.41 31.87 -78.95
CA GLN C 103 -94.03 32.41 -80.24
C GLN C 103 -93.18 33.66 -80.02
N GLN C 104 -92.00 33.70 -80.63
CA GLN C 104 -91.03 34.77 -80.37
C GLN C 104 -91.43 36.10 -81.00
N CYS C 105 -92.47 36.13 -81.84
CA CYS C 105 -92.83 37.36 -82.53
C CYS C 105 -94.34 37.40 -82.71
N CYS C 106 -94.93 38.58 -82.51
CA CYS C 106 -96.37 38.74 -82.66
C CYS C 106 -96.71 39.49 -83.94
N GLY D 1 -138.16 -16.61 -61.76
CA GLY D 1 -138.43 -15.40 -61.02
C GLY D 1 -138.50 -15.61 -59.52
N VAL D 2 -137.34 -15.85 -58.90
CA VAL D 2 -137.23 -16.08 -57.47
C VAL D 2 -136.36 -14.98 -56.87
N ALA D 3 -136.83 -14.38 -55.79
CA ALA D 3 -136.13 -13.27 -55.15
C ALA D 3 -135.15 -13.80 -54.11
N GLY D 4 -133.86 -13.53 -54.33
CA GLY D 4 -132.84 -13.95 -53.39
C GLY D 4 -132.60 -12.95 -52.28
N GLY D 5 -132.04 -13.45 -51.17
CA GLY D 5 -131.78 -12.62 -50.01
C GLY D 5 -130.54 -13.08 -49.28
N TRP D 6 -130.12 -12.26 -48.33
CA TRP D 6 -128.88 -12.51 -47.62
C TRP D 6 -129.07 -13.53 -46.50
N GLY D 7 -128.00 -14.24 -46.19
CA GLY D 7 -127.99 -15.18 -45.09
C GLY D 7 -127.41 -14.59 -43.82
N PRO D 8 -127.11 -15.44 -42.84
CA PRO D 8 -126.55 -14.94 -41.59
C PRO D 8 -125.11 -14.46 -41.76
N TRP D 9 -124.76 -13.41 -41.02
CA TRP D 9 -123.39 -12.93 -41.01
C TRP D 9 -122.51 -13.89 -40.22
N GLY D 10 -121.34 -14.20 -40.78
CA GLY D 10 -120.42 -15.12 -40.15
C GLY D 10 -119.67 -14.50 -39.00
N PRO D 11 -118.64 -15.21 -38.51
CA PRO D 11 -117.85 -14.68 -37.40
C PRO D 11 -116.97 -13.53 -37.84
N VAL D 12 -116.82 -12.54 -36.98
CA VAL D 12 -115.99 -11.37 -37.28
C VAL D 12 -114.53 -11.75 -37.16
N SER D 13 -113.70 -11.18 -38.03
CA SER D 13 -112.28 -11.47 -38.02
C SER D 13 -111.57 -10.68 -36.92
N PRO D 14 -110.54 -11.26 -36.31
CA PRO D 14 -109.76 -10.51 -35.32
C PRO D 14 -108.96 -9.40 -35.98
N CYS D 15 -108.53 -8.46 -35.15
CA CYS D 15 -107.74 -7.34 -35.64
C CYS D 15 -106.40 -7.84 -36.17
N PRO D 16 -106.15 -7.77 -37.48
CA PRO D 16 -104.95 -8.42 -38.04
C PRO D 16 -103.65 -7.72 -37.67
N VAL D 17 -103.69 -6.56 -37.03
CA VAL D 17 -102.49 -5.81 -36.70
C VAL D 17 -102.40 -5.66 -35.19
N THR D 18 -101.16 -5.62 -34.70
CA THR D 18 -100.90 -5.45 -33.27
C THR D 18 -100.67 -4.00 -32.89
N CYS D 19 -100.62 -3.09 -33.86
CA CYS D 19 -100.35 -1.68 -33.59
C CYS D 19 -101.29 -0.82 -34.41
N GLY D 20 -101.56 0.39 -33.90
CA GLY D 20 -102.29 1.37 -34.68
C GLY D 20 -103.68 0.89 -35.06
N LEU D 21 -104.03 1.10 -36.32
CA LEU D 21 -105.33 0.74 -36.85
C LEU D 21 -105.23 -0.42 -37.84
N GLY D 22 -106.28 -1.23 -37.87
CA GLY D 22 -106.40 -2.32 -38.81
C GLY D 22 -107.79 -2.38 -39.38
N GLN D 23 -108.10 -3.46 -40.09
CA GLN D 23 -109.43 -3.63 -40.70
C GLN D 23 -109.92 -5.04 -40.45
N THR D 24 -111.06 -5.16 -39.78
CA THR D 24 -111.75 -6.43 -39.65
C THR D 24 -112.93 -6.45 -40.59
N MET D 25 -113.33 -7.66 -41.01
CA MET D 25 -114.39 -7.79 -42.00
C MET D 25 -115.33 -8.92 -41.61
N GLU D 26 -116.62 -8.70 -41.84
CA GLU D 26 -117.63 -9.73 -41.70
C GLU D 26 -118.14 -10.12 -43.07
N GLN D 27 -118.52 -11.38 -43.21
CA GLN D 27 -118.84 -11.97 -44.49
C GLN D 27 -120.16 -12.74 -44.40
N ARG D 28 -121.06 -12.48 -45.35
CA ARG D 28 -122.33 -13.19 -45.42
C ARG D 28 -122.49 -13.78 -46.83
N THR D 29 -123.46 -14.70 -46.95
CA THR D 29 -123.73 -15.38 -48.19
C THR D 29 -125.21 -15.23 -48.55
N CYS D 30 -125.51 -15.40 -49.83
CA CYS D 30 -126.88 -15.37 -50.35
C CYS D 30 -127.37 -16.79 -50.62
N ASN D 31 -127.18 -17.68 -49.64
CA ASN D 31 -127.36 -19.12 -49.83
C ASN D 31 -128.74 -19.64 -49.44
N HIS D 32 -129.48 -18.95 -48.58
CA HIS D 32 -130.75 -19.50 -48.14
C HIS D 32 -131.83 -19.32 -49.21
N PRO D 33 -132.10 -18.10 -49.70
CA PRO D 33 -133.12 -17.96 -50.75
C PRO D 33 -132.60 -18.34 -52.13
N VAL D 34 -131.50 -17.70 -52.55
CA VAL D 34 -130.82 -17.93 -53.83
C VAL D 34 -131.70 -17.50 -55.00
N PRO D 35 -131.23 -16.58 -55.84
CA PRO D 35 -131.99 -16.20 -57.05
C PRO D 35 -132.02 -17.34 -58.05
N GLN D 36 -133.23 -17.75 -58.43
CA GLN D 36 -133.42 -18.85 -59.36
C GLN D 36 -134.17 -18.37 -60.59
N HIS D 37 -133.70 -18.82 -61.75
CA HIS D 37 -134.29 -18.49 -63.05
C HIS D 37 -134.37 -16.98 -63.28
N GLY D 38 -133.50 -16.22 -62.63
CA GLY D 38 -133.51 -14.78 -62.75
C GLY D 38 -133.64 -14.08 -61.41
N GLY D 39 -134.66 -13.24 -61.28
CA GLY D 39 -134.90 -12.52 -60.05
C GLY D 39 -133.99 -11.33 -59.89
N PRO D 40 -133.51 -11.10 -58.67
CA PRO D 40 -132.62 -9.97 -58.42
C PRO D 40 -131.19 -10.39 -58.19
N PHE D 41 -130.56 -9.83 -57.16
CA PHE D 41 -129.26 -10.30 -56.70
C PHE D 41 -129.04 -9.92 -55.24
N CYS D 42 -129.95 -10.36 -54.38
CA CYS D 42 -129.81 -10.30 -52.92
C CYS D 42 -129.82 -8.87 -52.38
N ALA D 43 -129.57 -7.89 -53.26
CA ALA D 43 -129.70 -6.46 -52.95
C ALA D 43 -128.78 -6.00 -51.83
N GLY D 44 -127.61 -5.49 -52.18
CA GLY D 44 -126.70 -4.91 -51.20
C GLY D 44 -125.27 -5.39 -51.35
N ASP D 45 -124.57 -5.54 -50.23
CA ASP D 45 -123.20 -6.03 -50.21
C ASP D 45 -123.09 -7.19 -49.23
N ALA D 46 -122.38 -8.23 -49.62
CA ALA D 46 -122.19 -9.42 -48.80
C ALA D 46 -120.91 -9.36 -47.97
N THR D 47 -120.35 -8.17 -47.76
CA THR D 47 -119.10 -8.04 -47.01
C THR D 47 -119.11 -6.70 -46.30
N ARG D 48 -119.04 -6.73 -44.97
CA ARG D 48 -118.93 -5.54 -44.15
C ARG D 48 -117.50 -5.39 -43.67
N THR D 49 -116.99 -4.15 -43.68
CA THR D 49 -115.66 -3.85 -43.19
C THR D 49 -115.77 -2.92 -41.98
N HIS D 50 -114.85 -3.10 -41.03
CA HIS D 50 -114.85 -2.32 -39.81
C HIS D 50 -113.42 -2.07 -39.36
N ILE D 51 -113.20 -0.90 -38.79
CA ILE D 51 -111.88 -0.52 -38.29
C ILE D 51 -111.76 -1.00 -36.85
N CYS D 52 -110.61 -1.58 -36.52
CA CYS D 52 -110.27 -1.96 -35.16
C CYS D 52 -109.07 -1.15 -34.71
N ASN D 53 -109.08 -0.73 -33.45
CA ASN D 53 -108.06 0.15 -32.89
C ASN D 53 -107.42 -0.54 -31.70
N THR D 54 -106.12 -0.82 -31.82
CA THR D 54 -105.37 -1.45 -30.74
C THR D 54 -104.88 -0.44 -29.71
N ALA D 55 -104.91 0.85 -30.02
CA ALA D 55 -104.59 1.93 -29.10
C ALA D 55 -103.16 1.87 -28.58
N VAL D 56 -102.27 1.20 -29.30
CA VAL D 56 -100.86 1.09 -28.94
C VAL D 56 -100.05 1.70 -30.08
N PRO D 57 -99.08 2.57 -29.80
CA PRO D 57 -98.31 3.19 -30.87
C PRO D 57 -97.49 2.18 -31.65
N CYS D 58 -97.02 2.61 -32.81
CA CYS D 58 -96.28 1.73 -33.70
C CYS D 58 -94.91 2.32 -34.00
N PRO D 59 -93.73 1.93 -37.00
CA PRO D 59 -92.39 2.51 -36.96
C PRO D 59 -92.15 3.49 -38.10
N VAL D 60 -90.99 4.13 -38.08
CA VAL D 60 -90.56 5.01 -39.17
C VAL D 60 -89.04 4.99 -39.21
N ASP D 61 -88.50 4.85 -40.42
CA ASP D 61 -87.06 4.72 -40.61
C ASP D 61 -86.43 6.09 -40.74
N GLY D 62 -85.29 6.28 -40.08
CA GLY D 62 -84.60 7.55 -40.16
C GLY D 62 -84.06 7.80 -41.55
N GLU D 63 -83.97 9.07 -41.90
CA GLU D 63 -83.49 9.50 -43.21
C GLU D 63 -82.24 10.35 -43.05
N TRP D 64 -81.38 10.32 -44.07
CA TRP D 64 -80.16 11.11 -44.02
C TRP D 64 -80.49 12.58 -44.27
N ASP D 65 -79.96 13.45 -43.42
CA ASP D 65 -80.01 14.87 -43.69
C ASP D 65 -78.98 15.22 -44.76
N SER D 66 -79.08 16.44 -45.29
CA SER D 66 -78.13 16.87 -46.29
C SER D 66 -76.72 16.93 -45.71
N TRP D 67 -75.73 16.75 -46.57
CA TRP D 67 -74.34 16.79 -46.13
C TRP D 67 -74.00 18.18 -45.60
N GLY D 68 -73.20 18.22 -44.53
CA GLY D 68 -72.81 19.47 -43.93
C GLY D 68 -71.81 20.26 -44.76
N GLU D 69 -71.05 21.12 -44.10
CA GLU D 69 -70.03 21.92 -44.78
C GLU D 69 -68.67 21.24 -44.67
N TRP D 70 -67.90 21.31 -45.74
CA TRP D 70 -66.57 20.72 -45.76
C TRP D 70 -65.67 21.39 -44.72
N SER D 71 -64.88 20.58 -44.02
CA SER D 71 -63.94 21.09 -43.05
C SER D 71 -62.79 21.81 -43.76
N PRO D 72 -62.01 22.60 -43.02
CA PRO D 72 -60.86 23.26 -43.65
C PRO D 72 -59.88 22.25 -44.24
N CYS D 73 -59.34 22.60 -45.41
CA CYS D 73 -58.39 21.74 -46.11
C CYS D 73 -57.02 21.88 -45.47
N ILE D 74 -56.60 20.86 -44.72
CA ILE D 74 -55.35 20.89 -43.97
C ILE D 74 -54.56 19.63 -44.28
N ARG D 75 -53.30 19.64 -43.85
CA ARG D 75 -52.40 18.50 -43.95
C ARG D 75 -51.87 18.15 -42.57
N ARG D 76 -51.83 16.85 -42.27
CA ARG D 76 -51.42 16.39 -40.94
C ARG D 76 -50.00 16.85 -40.63
N ASN D 77 -49.82 17.37 -39.41
CA ASN D 77 -48.52 17.81 -38.91
C ASN D 77 -47.89 18.88 -39.80
N MET D 78 -48.73 19.67 -40.48
CA MET D 78 -48.26 20.80 -41.26
C MET D 78 -49.18 21.98 -40.99
N LYS D 79 -48.67 23.18 -41.29
CA LYS D 79 -49.44 24.40 -41.09
C LYS D 79 -50.38 24.62 -42.27
N SER D 80 -50.74 25.87 -42.54
CA SER D 80 -51.67 26.19 -43.62
C SER D 80 -51.03 25.84 -44.96
N ILE D 81 -51.71 25.00 -45.73
CA ILE D 81 -51.24 24.60 -47.06
C ILE D 81 -51.90 25.49 -48.10
N SER D 82 -52.28 26.70 -47.70
CA SER D 82 -52.97 27.61 -48.60
C SER D 82 -52.00 28.18 -49.62
N CYS D 83 -52.47 28.33 -50.85
CA CYS D 83 -51.68 28.87 -51.97
C CYS D 83 -50.37 28.11 -52.14
N GLN D 84 -50.43 26.79 -52.02
CA GLN D 84 -49.26 25.92 -52.16
C GLN D 84 -49.65 24.64 -52.87
N GLU D 85 -48.65 23.97 -53.44
CA GLU D 85 -48.85 22.68 -54.11
C GLU D 85 -48.76 21.54 -53.10
N ILE D 86 -49.65 21.57 -52.11
CA ILE D 86 -49.70 20.53 -51.09
C ILE D 86 -51.14 20.01 -51.01
N PRO D 87 -51.44 18.86 -51.59
CA PRO D 87 -52.81 18.32 -51.51
C PRO D 87 -53.12 17.84 -50.10
N GLY D 88 -54.29 18.23 -49.60
CA GLY D 88 -54.74 17.84 -48.28
C GLY D 88 -56.06 17.10 -48.31
N GLN D 89 -56.73 17.01 -47.16
CA GLN D 89 -58.03 16.37 -47.05
C GLN D 89 -58.97 17.26 -46.26
N GLN D 90 -60.25 16.90 -46.31
CA GLN D 90 -61.28 17.56 -45.52
C GLN D 90 -62.46 16.60 -45.38
N SER D 91 -63.16 16.71 -44.26
CA SER D 91 -64.24 15.80 -43.91
C SER D 91 -65.59 16.51 -43.95
N ARG D 92 -66.64 15.70 -43.96
CA ARG D 92 -68.01 16.19 -43.98
C ARG D 92 -68.89 15.18 -43.25
N GLY D 93 -69.95 15.67 -42.62
CA GLY D 93 -70.76 14.85 -41.74
C GLY D 93 -72.23 14.95 -42.07
N ARG D 94 -72.94 13.85 -41.83
CA ARG D 94 -74.38 13.75 -41.96
C ARG D 94 -75.01 13.47 -40.60
N THR D 95 -76.33 13.62 -40.53
CA THR D 95 -77.08 13.37 -39.30
C THR D 95 -78.32 12.56 -39.62
N CYS D 96 -78.52 11.46 -38.91
CA CYS D 96 -79.70 10.63 -39.06
C CYS D 96 -80.84 11.23 -38.24
N ARG D 97 -81.93 11.58 -38.91
CA ARG D 97 -83.06 12.24 -38.28
C ARG D 97 -84.36 11.56 -38.68
N GLY D 98 -85.29 11.52 -37.73
CA GLY D 98 -86.62 10.98 -37.99
C GLY D 98 -86.85 9.56 -37.55
N ARG D 99 -85.82 8.86 -37.06
CA ARG D 99 -85.99 7.48 -36.63
C ARG D 99 -86.76 7.42 -35.32
N LYS D 100 -87.93 6.79 -35.35
CA LYS D 100 -88.77 6.63 -34.17
C LYS D 100 -89.38 5.23 -34.16
N PHE D 101 -89.65 4.74 -32.96
CA PHE D 101 -90.43 3.52 -32.75
C PHE D 101 -89.73 2.29 -33.35
N ASP D 102 -88.48 2.09 -32.92
CA ASP D 102 -87.67 0.93 -33.34
C ASP D 102 -87.52 0.85 -34.85
N GLY D 103 -87.58 2.00 -35.53
CA GLY D 103 -87.44 2.01 -36.97
C GLY D 103 -86.06 1.61 -37.42
N HIS D 104 -85.96 1.31 -38.71
CA HIS D 104 -84.68 0.93 -39.29
C HIS D 104 -83.71 2.11 -39.27
N ARG D 105 -82.47 1.83 -38.90
CA ARG D 105 -81.46 2.86 -38.78
C ARG D 105 -80.93 3.28 -40.14
N CYS D 106 -80.39 4.50 -40.19
CA CYS D 106 -79.89 5.04 -41.45
C CYS D 106 -78.78 4.17 -42.03
N ALA D 107 -78.86 3.92 -43.32
CA ALA D 107 -77.91 3.08 -44.04
C ALA D 107 -76.97 3.93 -44.88
N GLY D 108 -75.68 3.78 -44.67
CA GLY D 108 -74.67 4.51 -45.42
C GLY D 108 -73.66 5.15 -44.49
N GLN D 109 -72.58 5.63 -45.11
CA GLN D 109 -71.49 6.27 -44.38
C GLN D 109 -71.91 7.68 -44.00
N GLN D 110 -71.93 7.97 -42.70
CA GLN D 110 -72.31 9.29 -42.22
C GLN D 110 -71.15 10.28 -42.26
N GLN D 111 -69.96 9.84 -42.64
CA GLN D 111 -68.81 10.71 -42.82
C GLN D 111 -68.32 10.60 -44.25
N ASP D 112 -67.69 11.67 -44.74
CA ASP D 112 -67.20 11.71 -46.11
C ASP D 112 -65.94 12.54 -46.17
N ILE D 113 -64.89 11.99 -46.79
CA ILE D 113 -63.59 12.65 -46.90
C ILE D 113 -63.19 12.68 -48.36
N ARG D 114 -62.58 13.78 -48.79
CA ARG D 114 -62.05 13.90 -50.14
C ARG D 114 -60.81 14.78 -50.09
N HIS D 115 -59.95 14.61 -51.10
CA HIS D 115 -58.71 15.36 -51.17
C HIS D 115 -58.95 16.75 -51.75
N CYS D 116 -58.05 17.68 -51.41
CA CYS D 116 -58.31 19.09 -51.69
C CYS D 116 -57.01 19.87 -51.72
N TYR D 117 -57.03 20.95 -52.50
CA TYR D 117 -56.09 22.05 -52.37
C TYR D 117 -56.76 23.18 -51.59
N SER D 118 -55.94 24.14 -51.14
CA SER D 118 -56.42 25.24 -50.31
C SER D 118 -56.17 26.56 -51.01
N ILE D 119 -57.24 27.24 -51.43
CA ILE D 119 -57.14 28.57 -52.00
C ILE D 119 -57.94 29.54 -51.15
N GLN D 120 -58.02 29.27 -49.85
CA GLN D 120 -58.71 30.16 -48.92
C GLN D 120 -57.94 31.46 -48.79
N HIS D 121 -58.55 32.55 -49.25
CA HIS D 121 -57.96 33.89 -49.17
C HIS D 121 -56.65 33.99 -49.92
N CYS D 122 -56.51 33.23 -51.02
CA CYS D 122 -55.29 33.33 -51.81
C CYS D 122 -55.48 34.35 -52.92
N PRO D 123 -54.60 35.34 -53.06
CA PRO D 123 -54.74 36.35 -54.12
C PRO D 123 -54.45 35.74 -55.48
N LEU D 124 -55.44 35.80 -56.37
CA LEU D 124 -55.33 35.25 -57.71
C LEU D 124 -55.95 36.21 -58.71
N LYS D 125 -55.68 35.97 -59.99
CA LYS D 125 -56.26 36.77 -61.05
C LYS D 125 -57.69 36.31 -61.34
N GLY D 126 -58.34 36.98 -62.29
CA GLY D 126 -59.71 36.61 -62.62
C GLY D 126 -60.12 37.16 -63.97
N SER D 127 -61.28 36.69 -64.42
CA SER D 127 -61.87 37.14 -65.68
C SER D 127 -63.38 37.14 -65.52
N TRP D 128 -64.03 38.14 -66.12
CA TRP D 128 -65.48 38.24 -66.02
C TRP D 128 -66.15 37.07 -66.73
N SER D 129 -67.03 36.37 -66.01
CA SER D 129 -67.81 35.31 -66.63
C SER D 129 -68.88 35.89 -67.54
N GLU D 130 -69.41 35.06 -68.42
CA GLU D 130 -70.49 35.48 -69.30
C GLU D 130 -71.78 35.63 -68.50
N TRP D 131 -72.81 36.16 -69.17
CA TRP D 131 -74.10 36.33 -68.54
C TRP D 131 -74.67 34.98 -68.12
N SER D 132 -74.95 34.84 -66.83
CA SER D 132 -75.55 33.61 -66.34
C SER D 132 -76.98 33.49 -66.85
N THR D 133 -77.53 32.27 -66.75
CA THR D 133 -78.89 32.03 -67.18
C THR D 133 -79.87 32.79 -66.32
N TRP D 134 -80.91 33.34 -66.95
CA TRP D 134 -81.92 34.11 -66.24
C TRP D 134 -82.55 33.28 -65.11
N GLY D 135 -82.53 33.84 -63.91
CA GLY D 135 -83.09 33.16 -62.75
C GLY D 135 -84.61 33.12 -62.75
N LEU D 136 -85.19 32.82 -61.60
CA LEU D 136 -86.63 32.75 -61.48
C LEU D 136 -87.24 34.14 -61.28
N CYS D 137 -88.49 34.28 -61.67
CA CYS D 137 -89.23 35.52 -61.45
C CYS D 137 -89.59 35.63 -59.97
N MET D 138 -88.91 36.50 -59.24
CA MET D 138 -89.14 36.65 -57.82
C MET D 138 -89.57 38.07 -57.49
N PRO D 139 -90.55 38.24 -56.58
CA PRO D 139 -91.22 37.13 -55.91
C PRO D 139 -92.41 36.58 -56.70
N PRO D 140 -92.54 35.25 -56.75
CA PRO D 140 -93.74 34.67 -57.37
C PRO D 140 -94.97 34.98 -56.54
N CYS D 141 -96.09 35.19 -57.23
CA CYS D 141 -97.38 35.53 -56.63
C CYS D 141 -97.36 36.93 -56.01
N GLY D 142 -96.19 37.54 -55.93
CA GLY D 142 -96.05 38.86 -55.36
C GLY D 142 -96.20 39.96 -56.39
N PRO D 143 -96.13 41.21 -55.94
CA PRO D 143 -96.29 42.35 -56.86
C PRO D 143 -95.07 42.51 -57.76
N ASN D 144 -95.30 42.47 -59.07
CA ASN D 144 -94.30 42.72 -60.10
C ASN D 144 -93.08 41.80 -59.95
N PRO D 145 -93.16 40.56 -60.42
CA PRO D 145 -91.99 39.68 -60.39
C PRO D 145 -90.94 40.11 -61.40
N THR D 146 -89.68 39.91 -61.04
CA THR D 146 -88.55 40.29 -61.89
C THR D 146 -87.51 39.18 -61.89
N ARG D 147 -86.92 38.93 -63.06
CA ARG D 147 -85.81 37.99 -63.19
C ARG D 147 -84.50 38.70 -62.85
N ALA D 148 -83.40 37.95 -62.90
CA ALA D 148 -82.08 38.51 -62.62
C ALA D 148 -81.00 37.58 -63.15
N ARG D 149 -80.11 38.11 -63.99
CA ARG D 149 -78.90 37.42 -64.41
C ARG D 149 -77.70 38.28 -64.01
N GLN D 150 -76.52 37.66 -64.00
CA GLN D 150 -75.36 38.34 -63.45
C GLN D 150 -74.07 37.82 -64.08
N ARG D 151 -73.08 38.71 -64.16
CA ARG D 151 -71.70 38.35 -64.48
C ARG D 151 -70.84 38.60 -63.26
N LEU D 152 -69.90 37.69 -62.99
CA LEU D 152 -69.09 37.78 -61.79
C LEU D 152 -67.62 37.53 -62.11
N CYS D 153 -66.77 38.06 -61.25
CA CYS D 153 -65.31 37.94 -61.37
C CYS D 153 -64.86 36.53 -61.02
N THR D 154 -64.73 35.67 -62.02
CA THR D 154 -64.38 34.27 -61.77
C THR D 154 -62.87 34.12 -61.60
N PRO D 155 -62.40 33.52 -60.51
CA PRO D 155 -60.95 33.39 -60.31
C PRO D 155 -60.34 32.39 -61.27
N LEU D 156 -59.10 32.66 -61.66
CA LEU D 156 -58.33 31.77 -62.52
C LEU D 156 -57.66 30.73 -61.64
N LEU D 157 -58.28 29.55 -61.53
CA LEU D 157 -57.76 28.51 -60.66
C LEU D 157 -56.37 28.07 -61.13
N PRO D 158 -55.43 27.87 -60.21
CA PRO D 158 -54.07 27.51 -60.62
C PRO D 158 -54.01 26.08 -61.15
N LYS D 159 -53.15 25.88 -62.14
CA LYS D 159 -53.00 24.58 -62.79
C LYS D 159 -52.13 23.67 -61.92
N TYR D 160 -52.78 23.05 -60.95
CA TYR D 160 -52.15 22.05 -60.10
C TYR D 160 -52.54 20.64 -60.57
N PRO D 161 -51.77 19.62 -60.21
CA PRO D 161 -52.14 18.25 -60.59
C PRO D 161 -53.47 17.87 -59.98
N PRO D 162 -54.48 17.57 -60.81
CA PRO D 162 -55.82 17.25 -60.28
C PRO D 162 -55.89 15.91 -59.56
N THR D 163 -54.93 15.01 -59.79
CA THR D 163 -54.99 13.67 -59.22
C THR D 163 -53.64 13.29 -58.64
N VAL D 164 -53.64 12.81 -57.41
CA VAL D 164 -52.45 12.35 -56.71
C VAL D 164 -52.58 10.85 -56.50
N SER D 165 -51.57 10.11 -56.93
CA SER D 165 -51.60 8.66 -56.88
C SER D 165 -50.79 8.18 -55.68
N MET D 166 -51.46 7.49 -54.76
CA MET D 166 -50.81 6.87 -53.61
C MET D 166 -50.73 5.37 -53.81
N VAL D 167 -49.87 4.72 -53.03
CA VAL D 167 -49.63 3.29 -53.17
C VAL D 167 -50.51 2.54 -52.17
N GLU D 168 -49.89 1.82 -51.24
CA GLU D 168 -50.60 0.91 -50.34
C GLU D 168 -51.52 -0.01 -51.14
N GLY D 169 -52.72 0.47 -51.44
CA GLY D 169 -53.64 -0.26 -52.28
C GLY D 169 -53.81 0.37 -53.64
N GLN D 170 -52.85 1.24 -54.01
CA GLN D 170 -52.86 1.96 -55.29
C GLN D 170 -54.13 2.79 -55.44
N GLY D 171 -54.30 3.73 -54.52
CA GLY D 171 -55.48 4.57 -54.46
C GLY D 171 -55.22 5.95 -55.00
N GLU D 172 -56.03 6.35 -55.98
CA GLU D 172 -55.98 7.68 -56.57
C GLU D 172 -57.24 8.44 -56.18
N LYS D 173 -57.06 9.64 -55.63
CA LYS D 173 -58.17 10.42 -55.08
C LYS D 173 -58.30 11.73 -55.82
N ASN D 174 -59.52 12.09 -56.17
CA ASN D 174 -59.78 13.37 -56.80
C ASN D 174 -59.50 14.51 -55.82
N VAL D 175 -58.94 15.60 -56.34
CA VAL D 175 -58.60 16.78 -55.55
C VAL D 175 -59.50 17.93 -55.99
N THR D 176 -60.15 18.57 -55.03
CA THR D 176 -61.10 19.64 -55.30
C THR D 176 -60.71 20.88 -54.52
N PHE D 177 -60.71 22.03 -55.21
CA PHE D 177 -60.40 23.29 -54.55
C PHE D 177 -61.45 23.63 -53.50
N TRP D 178 -60.99 24.17 -52.37
CA TRP D 178 -61.87 24.63 -51.30
C TRP D 178 -61.44 26.01 -50.85
N GLY D 179 -62.43 26.83 -50.50
CA GLY D 179 -62.13 28.15 -49.98
C GLY D 179 -62.73 29.29 -50.78
N ARG D 180 -62.77 30.47 -50.19
CA ARG D 180 -63.26 31.67 -50.85
C ARG D 180 -62.07 32.52 -51.26
N PRO D 181 -61.63 32.46 -52.51
CA PRO D 181 -60.45 33.23 -52.94
C PRO D 181 -60.81 34.70 -53.11
N LEU D 182 -59.80 35.50 -53.47
CA LEU D 182 -59.94 36.93 -53.74
C LEU D 182 -59.69 37.18 -55.22
N PRO D 183 -60.69 37.03 -56.08
CA PRO D 183 -60.45 37.19 -57.52
C PRO D 183 -60.19 38.65 -57.88
N ARG D 184 -59.07 38.88 -58.56
CA ARG D 184 -58.68 40.22 -59.00
C ARG D 184 -59.02 40.38 -60.47
N CYS D 185 -59.66 41.50 -60.80
CA CYS D 185 -60.11 41.75 -62.16
C CYS D 185 -60.32 43.25 -62.32
N GLU D 186 -60.32 43.70 -63.58
CA GLU D 186 -60.59 45.11 -63.87
C GLU D 186 -62.07 45.41 -63.67
N GLU D 187 -62.35 46.64 -63.24
CA GLU D 187 -63.73 47.05 -63.03
C GLU D 187 -64.51 47.02 -64.34
N LEU D 188 -65.76 46.62 -64.25
CA LEU D 188 -66.64 46.58 -65.42
C LEU D 188 -67.57 47.78 -65.43
N GLN D 189 -68.55 47.78 -64.53
CA GLN D 189 -69.48 48.90 -64.41
C GLN D 189 -69.43 49.47 -63.00
N GLY D 190 -68.27 50.00 -62.61
CA GLY D 190 -68.08 50.49 -61.26
C GLY D 190 -68.08 49.43 -60.19
N GLN D 191 -68.08 48.15 -60.56
CA GLN D 191 -68.11 47.05 -59.62
C GLN D 191 -66.95 46.11 -59.88
N LYS D 192 -66.42 45.53 -58.81
CA LYS D 192 -65.27 44.64 -58.90
C LYS D 192 -65.63 43.16 -58.82
N LEU D 193 -66.72 42.82 -58.13
CA LEU D 193 -67.03 41.42 -57.84
C LEU D 193 -68.14 40.88 -58.75
N VAL D 194 -69.33 41.48 -58.72
CA VAL D 194 -70.47 40.96 -59.46
C VAL D 194 -71.32 42.12 -59.95
N VAL D 195 -71.70 42.08 -61.21
CA VAL D 195 -72.59 43.06 -61.83
C VAL D 195 -73.77 42.31 -62.42
N GLU D 196 -74.98 42.65 -61.99
CA GLU D 196 -76.20 41.97 -62.40
C GLU D 196 -77.15 42.94 -63.08
N GLU D 197 -78.26 42.40 -63.57
CA GLU D 197 -79.31 43.20 -64.20
C GLU D 197 -80.63 42.45 -64.09
N LYS D 198 -81.70 43.21 -63.88
CA LYS D 198 -83.03 42.64 -63.71
C LYS D 198 -83.95 43.08 -64.84
N ARG D 199 -84.93 42.22 -65.15
CA ARG D 199 -85.96 42.53 -66.15
C ARG D 199 -87.28 41.99 -65.61
N PRO D 200 -88.34 42.79 -65.65
CA PRO D 200 -89.66 42.31 -65.18
C PRO D 200 -90.18 41.21 -66.07
N CYS D 201 -90.88 40.26 -65.45
CA CYS D 201 -91.49 39.15 -66.17
C CYS D 201 -92.86 39.55 -66.67
N LEU D 202 -93.15 39.24 -67.93
CA LEU D 202 -94.32 39.76 -68.62
C LEU D 202 -95.51 38.82 -68.47
N HIS D 203 -96.69 39.41 -68.32
CA HIS D 203 -97.95 38.67 -68.27
C HIS D 203 -97.92 37.59 -67.17
N VAL D 204 -97.88 38.08 -65.94
CA VAL D 204 -97.73 37.19 -64.78
C VAL D 204 -99.08 36.56 -64.45
N PRO D 205 -99.16 35.24 -64.37
CA PRO D 205 -100.42 34.60 -63.98
C PRO D 205 -100.61 34.62 -62.46
N ALA D 206 -101.87 34.67 -62.06
CA ALA D 206 -102.22 34.70 -60.65
C ALA D 206 -102.05 33.32 -60.03
N CYS D 207 -101.62 33.29 -58.78
CA CYS D 207 -101.44 32.03 -58.04
C CYS D 207 -102.76 31.66 -57.38
N LYS D 208 -103.36 30.56 -57.82
CA LYS D 208 -104.63 30.10 -57.30
C LYS D 208 -104.48 28.68 -56.76
N ASP D 209 -105.54 28.20 -56.13
CA ASP D 209 -105.55 26.83 -55.64
C ASP D 209 -105.51 25.86 -56.82
N PRO D 210 -104.69 24.79 -56.74
CA PRO D 210 -104.54 23.80 -57.82
C PRO D 210 -105.87 23.18 -58.25
N SER E 1 58.13 -43.47 34.40
CA SER E 1 57.13 -42.85 35.28
C SER E 1 56.19 -41.93 34.49
N PRO E 2 54.95 -41.80 34.98
CA PRO E 2 53.99 -40.91 34.32
C PRO E 2 54.48 -39.48 34.26
N MET E 3 53.92 -38.74 33.31
CA MET E 3 54.26 -37.34 33.08
C MET E 3 53.06 -36.46 33.39
N TYR E 4 53.27 -35.47 34.24
CA TYR E 4 52.24 -34.51 34.61
C TYR E 4 52.29 -33.30 33.68
N SER E 5 51.14 -32.69 33.45
CA SER E 5 51.04 -31.58 32.50
C SER E 5 50.06 -30.54 33.00
N ILE E 6 50.42 -29.27 32.78
CA ILE E 6 49.57 -28.13 33.09
C ILE E 6 49.38 -27.31 31.81
N ILE E 7 48.14 -26.92 31.54
CA ILE E 7 47.81 -26.16 30.34
C ILE E 7 47.09 -24.88 30.76
N THR E 8 47.61 -23.73 30.33
CA THR E 8 47.06 -22.43 30.64
C THR E 8 47.26 -21.52 29.43
N PRO E 9 46.46 -20.46 29.31
CA PRO E 9 46.65 -19.53 28.19
C PRO E 9 48.00 -18.83 28.24
N ASN E 10 48.37 -18.25 27.10
CA ASN E 10 49.62 -17.48 27.03
C ASN E 10 49.60 -16.31 28.00
N ILE E 11 48.49 -15.58 28.06
CA ILE E 11 48.39 -14.33 28.80
C ILE E 11 47.20 -14.42 29.75
N LEU E 12 47.40 -14.04 31.00
CA LEU E 12 46.34 -14.02 32.00
C LEU E 12 45.86 -12.59 32.21
N ARG E 13 44.58 -12.46 32.51
CA ARG E 13 43.94 -11.15 32.64
C ARG E 13 43.49 -10.91 34.08
N LEU E 14 43.58 -9.65 34.51
CA LEU E 14 43.11 -9.27 35.82
C LEU E 14 41.59 -9.21 35.84
N GLU E 15 41.01 -9.56 37.00
CA GLU E 15 39.57 -9.39 37.24
C GLU E 15 38.73 -10.18 36.25
N SER E 16 39.17 -11.40 35.95
CA SER E 16 38.42 -12.27 35.03
C SER E 16 38.73 -13.72 35.35
N GLU E 17 37.78 -14.60 35.03
CA GLU E 17 37.94 -16.02 35.26
C GLU E 17 38.98 -16.60 34.31
N GLU E 18 39.90 -17.40 34.85
CA GLU E 18 40.97 -18.00 34.06
C GLU E 18 40.92 -19.52 34.23
N THR E 19 40.76 -20.22 33.12
CA THR E 19 40.67 -21.67 33.13
C THR E 19 42.05 -22.30 33.36
N MET E 20 42.11 -23.31 34.21
CA MET E 20 43.34 -24.03 34.48
C MET E 20 43.11 -25.51 34.26
N VAL E 21 43.83 -26.09 33.30
CA VAL E 21 43.66 -27.48 32.90
C VAL E 21 44.85 -28.29 33.40
N LEU E 22 44.58 -29.34 34.16
CA LEU E 22 45.59 -30.22 34.72
C LEU E 22 45.40 -31.64 34.21
N GLU E 23 46.48 -32.25 33.74
CA GLU E 23 46.42 -33.61 33.22
C GLU E 23 47.70 -34.36 33.55
N ALA E 24 47.56 -35.68 33.67
CA ALA E 24 48.67 -36.61 33.83
C ALA E 24 48.59 -37.64 32.71
N HIS E 25 49.73 -37.94 32.10
CA HIS E 25 49.78 -38.87 30.98
C HIS E 25 50.38 -40.21 31.40
N ASP E 26 49.75 -41.29 30.94
CA ASP E 26 50.18 -42.66 31.24
C ASP E 26 50.24 -42.93 32.75
N ALA E 27 49.37 -42.27 33.50
CA ALA E 27 49.41 -42.37 34.95
C ALA E 27 48.75 -43.65 35.46
N GLN E 28 49.12 -44.03 36.67
CA GLN E 28 48.58 -45.21 37.35
C GLN E 28 48.10 -44.80 38.73
N GLY E 29 46.85 -45.10 39.02
CA GLY E 29 46.25 -44.74 40.30
C GLY E 29 45.97 -43.25 40.42
N ASP E 30 45.42 -42.89 41.58
CA ASP E 30 45.08 -41.51 41.87
C ASP E 30 46.34 -40.70 42.21
N VAL E 31 46.28 -39.40 41.93
CA VAL E 31 47.36 -38.49 42.27
C VAL E 31 46.76 -37.16 42.73
N PRO E 32 46.92 -36.80 44.00
CA PRO E 32 46.40 -35.50 44.46
C PRO E 32 47.22 -34.35 43.89
N VAL E 33 46.53 -33.27 43.54
CA VAL E 33 47.14 -32.09 42.95
C VAL E 33 46.67 -30.85 43.71
N THR E 34 47.62 -30.08 44.26
CA THR E 34 47.32 -28.84 44.94
C THR E 34 47.76 -27.67 44.06
N VAL E 35 47.01 -26.58 44.10
CA VAL E 35 47.20 -25.44 43.22
C VAL E 35 47.63 -24.24 44.05
N THR E 36 48.57 -23.47 43.51
CA THR E 36 49.07 -22.27 44.18
C THR E 36 49.55 -21.28 43.11
N VAL E 37 49.24 -20.00 43.32
CA VAL E 37 49.63 -18.93 42.42
C VAL E 37 50.51 -17.95 43.19
N HIS E 38 51.70 -17.69 42.65
CA HIS E 38 52.66 -16.78 43.24
C HIS E 38 52.87 -15.55 42.36
N ASP E 39 53.43 -14.51 42.97
CA ASP E 39 53.82 -13.31 42.25
C ASP E 39 55.18 -13.51 41.59
N PHE E 40 55.53 -12.58 40.72
CA PHE E 40 56.78 -12.69 39.96
C PHE E 40 57.28 -11.30 39.57
N PRO E 41 58.53 -10.94 39.95
CA PRO E 41 59.41 -11.76 40.78
C PRO E 41 59.05 -11.73 42.27
N GLY E 42 59.87 -12.37 43.10
CA GLY E 42 59.63 -12.38 44.53
C GLY E 42 58.53 -13.34 44.94
N LYS E 43 58.31 -13.39 46.24
CA LYS E 43 57.29 -14.27 46.85
C LYS E 43 56.51 -13.46 47.87
N LYS E 44 55.30 -13.08 47.51
CA LYS E 44 54.34 -12.47 48.43
C LYS E 44 53.06 -13.29 48.54
N LEU E 45 52.78 -14.16 47.57
CA LEU E 45 51.62 -15.05 47.52
C LEU E 45 50.34 -14.29 47.24
N VAL E 46 49.75 -14.55 46.07
CA VAL E 46 48.54 -13.87 45.65
C VAL E 46 47.31 -14.79 45.72
N LEU E 47 47.50 -16.10 45.62
CA LEU E 47 46.39 -17.04 45.72
C LEU E 47 46.92 -18.39 46.14
N SER E 48 46.24 -19.03 47.10
CA SER E 48 46.63 -20.35 47.59
C SER E 48 45.48 -21.34 47.54
N SER E 49 44.38 -21.01 46.87
CA SER E 49 43.18 -21.84 46.87
C SER E 49 43.29 -22.97 45.85
N GLU E 50 42.28 -23.84 45.88
CA GLU E 50 42.01 -24.86 44.87
C GLU E 50 42.96 -26.05 44.92
N LYS E 51 42.40 -27.24 44.84
CA LYS E 51 43.14 -28.48 44.67
C LYS E 51 42.21 -29.49 44.02
N THR E 52 42.80 -30.56 43.47
CA THR E 52 42.02 -31.60 42.82
C THR E 52 42.84 -32.87 42.77
N VAL E 53 42.19 -33.96 42.38
CA VAL E 53 42.82 -35.27 42.26
C VAL E 53 42.60 -35.77 40.83
N LEU E 54 43.70 -36.04 40.14
CA LEU E 54 43.64 -36.64 38.80
C LEU E 54 43.35 -38.13 38.94
N THR E 55 42.26 -38.59 38.32
CA THR E 55 41.79 -39.94 38.54
C THR E 55 41.86 -40.76 37.26
N PRO E 56 42.32 -42.00 37.33
CA PRO E 56 42.24 -42.88 36.16
C PRO E 56 40.83 -43.06 35.63
N ALA E 57 39.81 -42.90 36.49
CA ALA E 57 38.43 -42.93 36.03
C ALA E 57 38.14 -41.73 35.12
N THR E 58 38.74 -40.59 35.42
CA THR E 58 38.62 -39.39 34.60
C THR E 58 39.72 -39.28 33.56
N ASN E 59 40.45 -40.38 33.30
CA ASN E 59 41.58 -40.39 32.38
C ASN E 59 42.64 -39.36 32.79
N HIS E 60 42.82 -39.23 34.11
CA HIS E 60 43.80 -38.31 34.70
C HIS E 60 43.55 -36.87 34.25
N MET E 61 42.29 -36.45 34.28
CA MET E 61 41.89 -35.10 33.92
C MET E 61 41.37 -34.35 35.13
N GLY E 62 41.46 -33.02 35.04
CA GLY E 62 40.90 -32.15 36.05
C GLY E 62 41.03 -30.69 35.68
N ASN E 63 39.90 -30.00 35.53
CA ASN E 63 39.90 -28.57 35.22
C ASN E 63 39.51 -27.80 36.48
N VAL E 64 40.31 -26.79 36.81
CA VAL E 64 40.06 -25.93 37.96
C VAL E 64 40.11 -24.49 37.49
N THR E 65 39.57 -23.60 38.31
CA THR E 65 39.47 -22.20 37.95
C THR E 65 40.02 -21.31 39.05
N PHE E 66 40.38 -20.10 38.66
CA PHE E 66 40.84 -19.09 39.59
C PHE E 66 40.58 -17.73 38.99
N THR E 67 40.73 -16.70 39.82
CA THR E 67 40.50 -15.35 39.35
C THR E 67 41.60 -14.48 39.87
N ILE E 68 42.18 -13.66 39.00
CA ILE E 68 43.27 -12.77 39.39
C ILE E 68 42.68 -11.45 39.88
N PRO E 69 42.88 -11.09 41.13
CA PRO E 69 42.39 -9.83 41.71
C PRO E 69 43.23 -8.64 41.25
N ALA E 70 42.76 -7.46 41.65
CA ALA E 70 43.40 -6.18 41.35
C ALA E 70 43.30 -5.31 42.58
N ASN E 71 44.46 -4.85 43.05
CA ASN E 71 44.54 -3.95 44.19
C ASN E 71 45.57 -2.89 43.83
N ARG E 72 45.93 -2.07 44.82
CA ARG E 72 46.95 -1.04 44.64
C ARG E 72 48.32 -1.66 44.37
N GLU E 73 48.55 -2.88 44.85
CA GLU E 73 49.84 -3.52 44.64
C GLU E 73 49.94 -4.08 43.21
N PHE E 74 48.84 -4.62 42.69
CA PHE E 74 48.85 -5.11 41.32
C PHE E 74 48.88 -3.96 40.32
N LYS E 75 48.08 -2.92 40.58
CA LYS E 75 47.92 -1.79 39.67
C LYS E 75 49.08 -0.80 39.75
N SER E 76 50.15 -1.12 40.47
CA SER E 76 51.27 -0.20 40.63
C SER E 76 51.93 0.10 39.29
N GLU E 77 52.47 -0.94 38.64
CA GLU E 77 53.15 -0.77 37.37
C GLU E 77 52.13 -0.72 36.24
N LYS E 78 52.14 0.35 35.46
CA LYS E 78 51.16 0.57 34.41
C LYS E 78 51.73 0.55 33.01
N GLY E 79 53.03 0.81 32.84
CA GLY E 79 53.58 1.01 31.51
C GLY E 79 54.43 -0.13 30.96
N ARG E 80 54.94 -0.99 31.84
CA ARG E 80 55.83 -2.06 31.44
C ARG E 80 55.26 -3.41 31.83
N ASN E 81 55.87 -4.47 31.31
CA ASN E 81 55.35 -5.82 31.48
C ASN E 81 55.70 -6.38 32.86
N LYS E 82 54.72 -7.04 33.46
CA LYS E 82 54.90 -7.78 34.72
C LYS E 82 54.17 -9.11 34.59
N PHE E 83 54.56 -10.05 35.42
CA PHE E 83 54.15 -11.44 35.24
C PHE E 83 53.93 -12.09 36.59
N VAL E 84 53.13 -13.16 36.59
CA VAL E 84 52.89 -14.00 37.75
C VAL E 84 53.02 -15.45 37.35
N THR E 85 53.56 -16.26 38.26
CA THR E 85 53.96 -17.64 37.99
C THR E 85 53.16 -18.59 38.87
N VAL E 86 52.38 -19.47 38.22
CA VAL E 86 51.55 -20.46 38.89
C VAL E 86 52.32 -21.77 39.00
N GLN E 87 52.30 -22.36 40.20
CA GLN E 87 53.03 -23.58 40.51
C GLN E 87 52.01 -24.68 40.82
N ALA E 88 52.21 -25.85 40.19
CA ALA E 88 51.27 -26.97 40.32
C ALA E 88 51.99 -28.16 40.92
N THR E 89 51.38 -28.73 41.96
CA THR E 89 51.95 -29.82 42.74
C THR E 89 51.22 -31.13 42.44
N PHE E 90 51.83 -31.99 41.64
CA PHE E 90 51.30 -33.32 41.34
C PHE E 90 51.89 -34.30 42.35
N GLY E 91 51.12 -34.57 43.42
CA GLY E 91 51.62 -35.41 44.50
C GLY E 91 52.82 -34.80 45.19
N THR E 92 54.02 -35.29 44.88
CA THR E 92 55.25 -34.70 45.37
C THR E 92 56.07 -34.05 44.27
N GLN E 93 55.70 -34.26 42.99
CA GLN E 93 56.44 -33.70 41.87
C GLN E 93 55.75 -32.41 41.46
N VAL E 94 56.42 -31.32 41.66
CA VAL E 94 55.84 -30.01 41.37
C VAL E 94 56.23 -29.52 39.98
N VAL E 95 55.27 -28.93 39.27
CA VAL E 95 55.50 -28.33 37.96
C VAL E 95 55.03 -26.88 38.01
N GLU E 96 55.87 -25.97 37.49
CA GLU E 96 55.56 -24.55 37.56
C GLU E 96 56.03 -23.84 36.28
N LYS E 97 55.32 -22.77 35.92
CA LYS E 97 55.60 -22.05 34.68
C LYS E 97 55.25 -20.57 34.84
N VAL E 98 56.12 -19.70 34.31
CA VAL E 98 55.88 -18.26 34.36
C VAL E 98 54.93 -17.87 33.23
N VAL E 99 53.94 -17.03 33.54
CA VAL E 99 52.89 -16.69 32.60
C VAL E 99 52.79 -15.17 32.44
N LEU E 100 52.55 -14.73 31.20
CA LEU E 100 52.31 -13.31 30.94
C LEU E 100 50.96 -12.85 31.46
N VAL E 101 50.93 -11.60 31.91
CA VAL E 101 49.74 -10.99 32.49
C VAL E 101 49.37 -9.78 31.66
N SER E 102 48.09 -9.67 31.32
CA SER E 102 47.55 -8.50 30.65
C SER E 102 46.86 -7.62 31.68
N LEU E 103 47.05 -6.31 31.56
CA LEU E 103 46.46 -5.38 32.51
C LEU E 103 45.03 -5.01 32.16
N GLN E 104 44.49 -5.57 31.07
CA GLN E 104 43.12 -5.32 30.68
C GLN E 104 42.14 -6.09 31.56
N SER E 105 40.97 -5.48 31.80
CA SER E 105 39.97 -6.04 32.70
C SER E 105 38.60 -6.25 32.07
N GLY E 106 38.38 -5.80 30.84
CA GLY E 106 37.07 -5.97 30.22
C GLY E 106 36.91 -5.08 29.00
N TYR E 107 35.67 -4.69 28.74
CA TYR E 107 35.34 -3.86 27.59
C TYR E 107 34.41 -2.73 27.99
N LEU E 108 34.47 -1.64 27.24
CA LEU E 108 33.61 -0.48 27.44
C LEU E 108 33.02 -0.05 26.10
N PHE E 109 31.69 0.07 26.05
CA PHE E 109 30.99 0.56 24.88
C PHE E 109 30.17 1.79 25.26
N ILE E 110 30.22 2.81 24.41
CA ILE E 110 29.59 4.09 24.68
C ILE E 110 28.59 4.39 23.57
N GLN E 111 27.36 4.71 23.96
CA GLN E 111 26.29 5.05 23.02
C GLN E 111 25.85 6.49 23.29
N THR E 112 25.57 7.22 22.23
CA THR E 112 25.04 8.57 22.32
C THR E 112 23.72 8.65 21.55
N ASP E 113 22.87 9.60 21.96
CA ASP E 113 21.57 9.73 21.32
C ASP E 113 21.70 10.19 19.88
N LYS E 114 22.72 11.01 19.57
CA LYS E 114 22.95 11.47 18.22
C LYS E 114 24.44 11.39 17.91
N THR E 115 24.76 11.44 16.62
CA THR E 115 26.14 11.44 16.16
C THR E 115 26.71 12.85 16.02
N ILE E 116 25.85 13.86 15.99
CA ILE E 116 26.28 15.25 15.83
C ILE E 116 25.28 16.14 16.56
N TYR E 117 25.79 17.14 17.27
CA TYR E 117 24.98 17.96 18.16
C TYR E 117 25.15 19.43 17.81
N THR E 118 24.24 20.26 18.39
CA THR E 118 24.15 21.71 18.33
C THR E 118 24.63 22.32 19.64
N PRO E 119 25.25 23.49 19.60
CA PRO E 119 25.59 24.19 20.83
C PRO E 119 24.31 24.58 21.59
N GLY E 120 24.37 24.47 22.91
CA GLY E 120 23.20 24.73 23.71
C GLY E 120 22.21 23.60 23.78
N SER E 121 22.61 22.39 23.41
CA SER E 121 21.73 21.22 23.42
C SER E 121 22.28 20.17 24.37
N THR E 122 21.42 19.19 24.68
CA THR E 122 21.74 18.16 25.66
C THR E 122 22.31 16.93 24.98
N VAL E 123 23.28 16.30 25.64
CA VAL E 123 23.90 15.06 25.17
C VAL E 123 23.53 13.96 26.15
N LEU E 124 22.85 12.93 25.66
CA LEU E 124 22.49 11.76 26.44
C LEU E 124 23.40 10.60 26.02
N TYR E 125 23.97 9.91 27.00
CA TYR E 125 24.88 8.82 26.69
C TYR E 125 24.77 7.73 27.75
N ARG E 126 24.87 6.48 27.30
CA ARG E 126 24.85 5.31 28.17
C ARG E 126 26.08 4.47 27.90
N ILE E 127 26.72 4.00 28.96
CA ILE E 127 27.92 3.18 28.87
C ILE E 127 27.59 1.78 29.35
N PHE E 128 27.88 0.79 28.51
CA PHE E 128 27.69 -0.62 28.86
C PHE E 128 29.01 -1.17 29.35
N THR E 129 29.02 -1.68 30.59
CA THR E 129 30.24 -2.17 31.23
C THR E 129 30.16 -3.70 31.25
N VAL E 130 31.02 -4.34 30.46
CA VAL E 130 31.09 -5.80 30.39
C VAL E 130 32.53 -6.23 30.57
N ASN E 131 32.70 -7.45 31.07
CA ASN E 131 34.03 -8.05 31.18
C ASN E 131 34.45 -8.62 29.84
N HIS E 132 35.46 -9.50 29.85
CA HIS E 132 35.92 -10.14 28.63
C HIS E 132 34.94 -11.19 28.11
N LYS E 133 33.97 -11.60 28.91
CA LYS E 133 32.95 -12.56 28.50
C LYS E 133 31.69 -11.89 27.98
N LEU E 134 31.68 -10.56 27.85
CA LEU E 134 30.56 -9.78 27.33
C LEU E 134 29.32 -9.86 28.21
N LEU E 135 29.48 -10.26 29.48
CA LEU E 135 28.41 -10.27 30.47
C LEU E 135 28.48 -9.02 31.35
N PRO E 136 27.36 -8.58 31.92
CA PRO E 136 27.38 -7.34 32.70
C PRO E 136 28.26 -7.46 33.95
N VAL E 137 29.15 -6.50 34.10
CA VAL E 137 30.07 -6.44 35.23
C VAL E 137 29.82 -5.15 36.01
N GLY E 138 30.03 -5.22 37.32
CA GLY E 138 29.88 -4.06 38.18
C GLY E 138 31.22 -3.52 38.65
N ARG E 139 31.71 -2.48 37.99
CA ARG E 139 33.00 -1.88 38.32
C ARG E 139 32.89 -0.37 38.22
N THR E 140 33.89 0.32 38.79
CA THR E 140 33.95 1.77 38.73
C THR E 140 34.60 2.20 37.43
N VAL E 141 33.95 3.13 36.73
CA VAL E 141 34.42 3.59 35.42
C VAL E 141 34.75 5.08 35.50
N MET E 142 35.84 5.47 34.84
CA MET E 142 36.27 6.86 34.76
C MET E 142 36.04 7.36 33.34
N VAL E 143 35.18 8.36 33.19
CA VAL E 143 34.80 8.89 31.89
C VAL E 143 35.25 10.34 31.81
N ASN E 144 35.71 10.76 30.63
CA ASN E 144 36.16 12.12 30.41
C ASN E 144 35.71 12.58 29.02
N ILE E 145 35.39 13.87 28.93
CA ILE E 145 35.00 14.50 27.67
C ILE E 145 36.06 15.53 27.34
N GLU E 146 36.63 15.43 26.13
CA GLU E 146 37.74 16.27 25.72
C GLU E 146 37.31 17.15 24.54
N ASN E 147 37.95 18.31 24.45
CA ASN E 147 37.65 19.28 23.40
C ASN E 147 38.39 18.87 22.13
N PRO E 148 38.20 19.60 21.02
CA PRO E 148 38.88 19.21 19.77
C PRO E 148 40.39 19.06 19.88
N GLU E 149 41.04 19.81 20.76
CA GLU E 149 42.49 19.72 20.93
C GLU E 149 42.90 18.87 22.12
N GLY E 150 41.95 18.24 22.80
CA GLY E 150 42.24 17.29 23.84
C GLY E 150 42.24 17.82 25.25
N ILE E 151 41.38 18.79 25.57
CA ILE E 151 41.31 19.37 26.90
C ILE E 151 40.11 18.77 27.62
N PRO E 152 40.30 18.06 28.73
CA PRO E 152 39.14 17.52 29.46
C PRO E 152 38.31 18.63 30.08
N VAL E 153 37.02 18.64 29.76
CA VAL E 153 36.11 19.66 30.26
C VAL E 153 35.16 19.13 31.33
N LYS E 154 34.84 17.84 31.30
CA LYS E 154 33.91 17.25 32.26
C LYS E 154 34.29 15.79 32.45
N GLN E 155 34.28 15.35 33.70
CA GLN E 155 34.76 14.02 34.07
C GLN E 155 33.83 13.42 35.10
N ASP E 156 33.72 12.09 35.08
CA ASP E 156 32.81 11.38 35.95
C ASP E 156 33.49 10.16 36.57
N SER E 157 32.93 9.71 37.69
CA SER E 157 33.39 8.51 38.37
C SER E 157 32.19 7.90 39.08
N LEU E 158 31.83 6.69 38.70
CA LEU E 158 30.62 6.06 39.23
C LEU E 158 30.73 4.55 39.07
N SER E 159 30.05 3.83 39.95
CA SER E 159 30.02 2.37 39.92
C SER E 159 28.70 1.89 39.31
N SER E 160 28.80 0.88 38.45
CA SER E 160 27.63 0.29 37.81
C SER E 160 27.10 -0.89 38.59
N GLN E 161 27.63 -1.16 39.77
CA GLN E 161 27.18 -2.27 40.59
C GLN E 161 25.71 -2.10 40.95
N ASN E 162 24.95 -3.20 40.83
CA ASN E 162 23.52 -3.27 41.08
C ASN E 162 22.70 -2.49 40.06
N GLN E 163 23.32 -2.00 38.98
CA GLN E 163 22.63 -1.31 37.91
C GLN E 163 22.61 -2.12 36.61
N LEU E 164 23.00 -3.40 36.67
CA LEU E 164 23.01 -4.29 35.52
C LEU E 164 23.91 -3.75 34.39
N GLY E 165 25.07 -3.23 34.76
CA GLY E 165 26.08 -2.87 33.78
C GLY E 165 25.69 -1.76 32.83
N VAL E 166 24.81 -0.86 33.26
CA VAL E 166 24.38 0.27 32.45
C VAL E 166 24.55 1.53 33.27
N LEU E 167 25.24 2.53 32.72
CA LEU E 167 25.44 3.83 33.35
C LEU E 167 24.81 4.91 32.48
N PRO E 168 23.55 5.26 32.73
CA PRO E 168 22.94 6.36 31.97
C PRO E 168 23.33 7.70 32.57
N LEU E 169 23.87 8.58 31.72
CA LEU E 169 24.32 9.90 32.15
C LEU E 169 23.95 10.93 31.09
N SER E 170 24.18 12.19 31.42
CA SER E 170 23.81 13.28 30.53
C SER E 170 24.73 14.46 30.80
N TRP E 171 24.78 15.39 29.84
CA TRP E 171 25.58 16.59 29.97
C TRP E 171 25.11 17.61 28.93
N ASP E 172 25.17 18.88 29.32
CA ASP E 172 24.69 19.98 28.48
C ASP E 172 25.87 20.68 27.82
N ILE E 173 25.75 20.94 26.52
CA ILE E 173 26.74 21.70 25.76
C ILE E 173 26.45 23.19 25.95
N PRO E 174 27.42 23.98 26.41
CA PRO E 174 27.21 25.42 26.46
C PRO E 174 27.15 26.03 25.07
N GLU E 175 26.62 27.25 25.01
CA GLU E 175 26.62 27.98 23.73
C GLU E 175 28.02 28.46 23.38
N LEU E 176 28.84 28.81 24.37
CA LEU E 176 30.23 29.15 24.13
C LEU E 176 31.00 27.85 23.96
N VAL E 177 31.31 27.51 22.71
CA VAL E 177 31.93 26.22 22.41
C VAL E 177 32.63 26.35 21.06
N ASN E 178 33.70 25.57 20.89
CA ASN E 178 34.43 25.48 19.63
C ASN E 178 33.89 24.28 18.87
N MET E 179 33.23 24.55 17.74
CA MET E 179 32.68 23.47 16.92
C MET E 179 33.80 22.63 16.33
N GLY E 180 33.50 21.35 16.14
CA GLY E 180 34.47 20.43 15.60
C GLY E 180 34.24 19.03 16.16
N GLN E 181 35.33 18.26 16.23
CA GLN E 181 35.27 16.89 16.72
C GLN E 181 35.49 16.85 18.23
N TRP E 182 34.60 16.16 18.93
CA TRP E 182 34.67 15.98 20.37
C TRP E 182 34.66 14.50 20.70
N LYS E 183 35.46 14.12 21.69
CA LYS E 183 35.71 12.71 21.98
C LYS E 183 35.39 12.40 23.44
N ILE E 184 34.71 11.27 23.65
CA ILE E 184 34.48 10.72 24.99
C ILE E 184 35.47 9.58 25.20
N ARG E 185 36.23 9.64 26.29
CA ARG E 185 37.22 8.65 26.62
C ARG E 185 36.92 8.07 28.00
N ALA E 186 37.04 6.74 28.12
CA ALA E 186 36.66 6.05 29.34
C ALA E 186 37.62 4.89 29.60
N TYR E 187 37.79 4.57 30.88
CA TYR E 187 38.60 3.44 31.29
C TYR E 187 38.17 2.98 32.68
N TYR E 188 38.29 1.68 32.92
CA TYR E 188 37.96 1.13 34.23
C TYR E 188 38.95 1.61 35.29
N GLU E 189 38.52 1.54 36.55
CA GLU E 189 39.37 1.98 37.65
C GLU E 189 40.57 1.06 37.84
N ASN E 190 40.37 -0.25 37.71
CA ASN E 190 41.43 -1.22 37.92
C ASN E 190 42.26 -1.49 36.67
N SER E 191 42.01 -0.77 35.57
CA SER E 191 42.80 -0.90 34.35
C SER E 191 42.89 0.47 33.68
N PRO E 192 43.72 1.36 34.23
CA PRO E 192 43.76 2.74 33.70
C PRO E 192 44.48 2.87 32.37
N GLN E 193 45.28 1.89 31.96
CA GLN E 193 46.00 1.99 30.70
C GLN E 193 45.16 1.56 29.49
N GLN E 194 44.10 0.78 29.71
CA GLN E 194 43.22 0.33 28.64
C GLN E 194 42.11 1.36 28.48
N VAL E 195 42.24 2.23 27.48
CA VAL E 195 41.35 3.37 27.30
C VAL E 195 40.49 3.13 26.07
N PHE E 196 39.18 3.39 26.21
CA PHE E 196 38.24 3.33 25.11
C PHE E 196 37.81 4.74 24.74
N SER E 197 37.35 4.90 23.49
CA SER E 197 36.96 6.23 23.03
C SER E 197 35.95 6.13 21.89
N THR E 198 35.16 7.18 21.76
CA THR E 198 34.23 7.36 20.65
C THR E 198 34.02 8.85 20.44
N GLU E 199 33.80 9.25 19.19
CA GLU E 199 33.77 10.65 18.81
C GLU E 199 32.37 11.09 18.39
N PHE E 200 32.11 12.38 18.55
CA PHE E 200 30.90 13.02 18.02
C PHE E 200 31.27 14.41 17.55
N GLU E 201 30.35 15.03 16.80
CA GLU E 201 30.60 16.31 16.16
C GLU E 201 29.67 17.38 16.72
N VAL E 202 30.19 18.60 16.79
CA VAL E 202 29.44 19.78 17.24
C VAL E 202 29.41 20.77 16.09
N LYS E 203 28.21 21.19 15.70
CA LYS E 203 28.06 22.08 14.56
C LYS E 203 26.76 22.87 14.70
N GLU E 204 26.69 23.97 13.96
CA GLU E 204 25.47 24.79 13.89
C GLU E 204 24.75 24.37 12.61
N TYR E 205 23.74 23.52 12.75
CA TYR E 205 23.13 22.89 11.60
C TYR E 205 21.62 22.89 11.73
N VAL E 206 20.96 22.57 10.62
CA VAL E 206 19.56 22.19 10.58
C VAL E 206 19.46 20.90 9.77
N LEU E 207 18.56 20.02 10.17
CA LEU E 207 18.43 18.74 9.48
C LEU E 207 17.83 18.95 8.10
N PRO E 208 18.37 18.35 7.06
CA PRO E 208 17.72 18.38 5.74
C PRO E 208 16.50 17.47 5.74
N SER E 209 15.72 17.58 4.66
CA SER E 209 14.50 16.80 4.51
C SER E 209 14.62 15.68 3.48
N PHE E 210 15.79 15.49 2.88
CA PHE E 210 15.97 14.42 1.90
C PHE E 210 17.41 13.95 1.94
N GLU E 211 17.62 12.73 1.45
CA GLU E 211 18.92 12.10 1.42
C GLU E 211 19.43 12.00 -0.01
N VAL E 212 20.76 12.03 -0.14
CA VAL E 212 21.44 11.93 -1.42
C VAL E 212 22.37 10.73 -1.37
N ILE E 213 22.16 9.78 -2.28
CA ILE E 213 22.99 8.59 -2.37
C ILE E 213 23.76 8.64 -3.69
N VAL E 214 25.07 8.46 -3.61
CA VAL E 214 25.95 8.44 -4.76
C VAL E 214 26.43 7.00 -4.93
N GLU E 215 26.00 6.36 -6.01
CA GLU E 215 26.21 4.92 -6.20
C GLU E 215 27.10 4.67 -7.41
N PRO E 216 28.37 4.32 -7.23
CA PRO E 216 29.15 3.82 -8.36
C PRO E 216 28.64 2.47 -8.81
N THR E 217 28.69 2.23 -10.12
CA THR E 217 28.32 0.91 -10.63
C THR E 217 29.25 -0.16 -10.08
N GLU E 218 30.55 0.14 -10.01
CA GLU E 218 31.55 -0.70 -9.37
C GLU E 218 32.30 0.12 -8.35
N LYS E 219 32.52 -0.46 -7.17
CA LYS E 219 33.25 0.22 -6.10
C LYS E 219 34.76 0.26 -6.33
N PHE E 220 35.17 0.43 -7.59
CA PHE E 220 36.57 0.49 -7.98
C PHE E 220 36.61 1.07 -9.38
N TYR E 221 37.82 1.38 -9.86
CA TYR E 221 38.01 1.78 -11.23
C TYR E 221 39.11 0.93 -11.86
N TYR E 222 38.79 0.34 -13.01
CA TYR E 222 39.78 -0.34 -13.82
C TYR E 222 40.37 0.66 -14.81
N ILE E 223 41.70 0.76 -14.83
CA ILE E 223 42.37 1.86 -15.53
C ILE E 223 42.06 1.82 -17.01
N TYR E 224 42.13 0.65 -17.63
CA TYR E 224 42.00 0.53 -19.08
C TYR E 224 40.54 0.45 -19.53
N ASN E 225 39.60 0.86 -18.68
CA ASN E 225 38.21 0.96 -19.08
C ASN E 225 38.03 2.21 -19.93
N GLU E 226 37.58 2.03 -21.18
CA GLU E 226 37.43 3.15 -22.08
C GLU E 226 36.32 4.09 -21.65
N LYS E 227 35.19 3.53 -21.19
CA LYS E 227 34.05 4.34 -20.82
C LYS E 227 34.32 5.21 -19.60
N GLY E 228 35.10 4.70 -18.66
CA GLY E 228 35.35 5.44 -17.43
C GLY E 228 34.41 5.06 -16.29
N LEU E 229 34.51 5.83 -15.21
CA LEU E 229 33.76 5.55 -13.99
C LEU E 229 32.33 6.03 -14.12
N GLU E 230 31.38 5.11 -13.91
CA GLU E 230 29.96 5.42 -13.90
C GLU E 230 29.47 5.48 -12.45
N VAL E 231 28.84 6.59 -12.09
CA VAL E 231 28.31 6.80 -10.75
C VAL E 231 26.83 7.15 -10.86
N THR E 232 25.97 6.33 -10.27
CA THR E 232 24.54 6.56 -10.28
C THR E 232 24.13 7.38 -9.07
N ILE E 233 23.35 8.43 -9.30
CA ILE E 233 22.84 9.29 -8.24
C ILE E 233 21.45 8.82 -7.86
N THR E 234 21.18 8.72 -6.56
CA THR E 234 19.87 8.36 -6.05
C THR E 234 19.51 9.30 -4.91
N ALA E 235 18.35 9.94 -5.02
CA ALA E 235 17.90 10.90 -4.02
C ALA E 235 16.42 10.69 -3.71
N ARG E 236 16.07 10.80 -2.43
CA ARG E 236 14.70 10.65 -1.99
C ARG E 236 14.52 11.39 -0.68
N PHE E 237 13.29 11.81 -0.42
CA PHE E 237 12.97 12.46 0.85
C PHE E 237 13.14 11.49 2.00
N LEU E 238 13.26 12.04 3.21
CA LEU E 238 13.48 11.21 4.39
C LEU E 238 12.33 10.26 4.66
N TYR E 239 11.13 10.56 4.17
CA TYR E 239 9.98 9.69 4.36
C TYR E 239 9.79 8.69 3.22
N GLY E 240 10.68 8.67 2.23
CA GLY E 240 10.69 7.63 1.24
C GLY E 240 10.13 7.97 -0.12
N LYS E 241 9.99 9.24 -0.47
CA LYS E 241 9.43 9.63 -1.75
C LYS E 241 10.52 10.24 -2.63
N LYS E 242 10.29 10.16 -3.94
CA LYS E 242 11.31 10.55 -4.90
C LYS E 242 11.50 12.07 -4.95
N VAL E 243 12.75 12.48 -5.14
CA VAL E 243 13.16 13.88 -5.16
C VAL E 243 13.28 14.36 -6.59
N GLU E 244 12.81 15.58 -6.84
CA GLU E 244 12.98 16.25 -8.13
C GLU E 244 13.87 17.46 -7.93
N GLY E 245 14.96 17.52 -8.68
CA GLY E 245 15.90 18.63 -8.53
C GLY E 245 17.00 18.56 -9.55
N THR E 246 18.07 19.31 -9.28
CA THR E 246 19.24 19.40 -10.15
C THR E 246 20.49 19.26 -9.30
N ALA E 247 21.46 18.49 -9.79
CA ALA E 247 22.66 18.17 -9.04
C ALA E 247 23.90 18.71 -9.73
N PHE E 248 24.89 19.06 -8.93
CA PHE E 248 26.23 19.42 -9.39
C PHE E 248 27.21 18.45 -8.76
N VAL E 249 27.93 17.71 -9.59
CA VAL E 249 28.79 16.63 -9.13
C VAL E 249 30.22 16.92 -9.58
N ILE E 250 31.19 16.62 -8.70
CA ILE E 250 32.59 16.87 -8.98
C ILE E 250 33.41 15.67 -8.50
N PHE E 251 34.52 15.41 -9.20
CA PHE E 251 35.39 14.28 -8.93
C PHE E 251 36.74 14.76 -8.42
N GLY E 252 37.48 13.84 -7.81
CA GLY E 252 38.82 14.14 -7.35
C GLY E 252 39.61 12.87 -7.13
N ILE E 253 40.91 13.05 -6.89
CA ILE E 253 41.84 11.95 -6.68
C ILE E 253 42.43 12.07 -5.28
N GLN E 254 42.44 10.97 -4.55
CA GLN E 254 43.00 10.92 -3.20
C GLN E 254 44.29 10.12 -3.24
N ASP E 255 45.38 10.76 -2.80
CA ASP E 255 46.70 10.14 -2.75
C ASP E 255 47.17 10.19 -1.29
N GLY E 256 47.09 9.05 -0.61
CA GLY E 256 47.40 9.02 0.80
C GLY E 256 46.36 9.80 1.59
N GLU E 257 46.82 10.70 2.45
CA GLU E 257 45.91 11.57 3.20
C GLU E 257 45.62 12.89 2.49
N GLN E 258 46.28 13.16 1.37
CA GLN E 258 46.14 14.43 0.66
C GLN E 258 45.18 14.26 -0.51
N ARG E 259 44.24 15.19 -0.65
CA ARG E 259 43.20 15.13 -1.67
C ARG E 259 43.47 16.17 -2.75
N ILE E 260 43.42 15.73 -4.00
CA ILE E 260 43.57 16.60 -5.16
C ILE E 260 42.24 16.62 -5.92
N SER E 261 41.79 17.81 -6.31
CA SER E 261 40.52 18.00 -6.97
C SER E 261 40.69 18.22 -8.47
N LEU E 262 39.81 17.62 -9.26
CA LEU E 262 39.79 17.80 -10.71
C LEU E 262 38.75 18.86 -11.05
N PRO E 263 39.16 20.08 -11.42
CA PRO E 263 38.15 21.14 -11.62
C PRO E 263 37.27 20.93 -12.85
N GLU E 264 37.79 20.34 -13.92
CA GLU E 264 37.06 20.23 -15.17
C GLU E 264 36.19 18.99 -15.25
N SER E 265 36.24 18.10 -14.26
CA SER E 265 35.33 16.96 -14.19
C SER E 265 33.93 17.35 -13.76
N LEU E 266 33.69 18.64 -13.49
CA LEU E 266 32.38 19.10 -13.04
C LEU E 266 31.31 18.84 -14.09
N LYS E 267 30.15 18.38 -13.62
CA LYS E 267 29.00 18.13 -14.48
C LYS E 267 27.75 18.67 -13.78
N ARG E 268 26.74 18.97 -14.58
CA ARG E 268 25.46 19.45 -14.06
C ARG E 268 24.34 18.63 -14.70
N ILE E 269 23.67 17.81 -13.89
CA ILE E 269 22.64 16.91 -14.37
C ILE E 269 21.36 17.13 -13.55
N PRO E 270 20.20 17.16 -14.18
CA PRO E 270 18.95 17.19 -13.41
C PRO E 270 18.67 15.84 -12.77
N ILE E 271 18.03 15.88 -11.61
CA ILE E 271 17.63 14.68 -10.90
C ILE E 271 16.15 14.46 -11.17
N GLU E 272 15.83 13.37 -11.87
CA GLU E 272 14.47 13.07 -12.30
C GLU E 272 14.12 11.64 -11.89
N ASP E 273 12.87 11.44 -11.49
CA ASP E 273 12.38 10.16 -10.98
C ASP E 273 13.18 9.73 -9.74
N GLY E 274 13.68 10.71 -9.00
CA GLY E 274 14.46 10.43 -7.80
C GLY E 274 15.82 9.82 -8.07
N SER E 275 16.41 10.10 -9.23
CA SER E 275 17.69 9.49 -9.56
C SER E 275 18.39 10.33 -10.64
N GLY E 276 19.70 10.14 -10.74
CA GLY E 276 20.50 10.75 -11.78
C GLY E 276 21.70 9.88 -12.08
N GLU E 277 22.43 10.26 -13.13
CA GLU E 277 23.61 9.49 -13.52
C GLU E 277 24.63 10.42 -14.16
N VAL E 278 25.90 10.25 -13.77
CA VAL E 278 27.00 11.02 -14.31
C VAL E 278 28.18 10.08 -14.51
N VAL E 279 28.95 10.34 -15.56
CA VAL E 279 30.07 9.48 -15.95
C VAL E 279 31.32 10.33 -16.10
N LEU E 280 32.40 9.90 -15.44
CA LEU E 280 33.71 10.50 -15.57
C LEU E 280 34.54 9.68 -16.56
N SER E 281 34.76 10.24 -17.75
CA SER E 281 35.40 9.47 -18.81
C SER E 281 36.89 9.32 -18.54
N ARG E 282 37.48 8.31 -19.17
CA ARG E 282 38.90 8.04 -18.99
C ARG E 282 39.76 9.17 -19.54
N LYS E 283 39.36 9.75 -20.67
CA LYS E 283 40.14 10.84 -21.26
C LYS E 283 40.19 12.06 -20.35
N VAL E 284 39.05 12.40 -19.73
CA VAL E 284 39.02 13.53 -18.80
C VAL E 284 39.96 13.28 -17.62
N LEU E 285 39.98 12.05 -17.11
CA LEU E 285 40.89 11.72 -16.01
C LEU E 285 42.34 11.95 -16.40
N LEU E 286 42.76 11.37 -17.54
CA LEU E 286 44.12 11.57 -18.01
C LEU E 286 44.43 13.04 -18.27
N ASP E 287 43.42 13.82 -18.69
CA ASP E 287 43.62 15.24 -18.88
C ASP E 287 43.70 15.98 -17.54
N GLY E 288 42.96 15.51 -16.53
CA GLY E 288 43.02 16.15 -15.22
C GLY E 288 44.40 16.08 -14.61
N VAL E 289 45.00 14.89 -14.60
CA VAL E 289 46.36 14.72 -14.11
C VAL E 289 47.35 15.23 -15.15
N GLN E 290 48.53 15.63 -14.69
CA GLN E 290 49.61 16.02 -15.58
C GLN E 290 50.49 14.85 -15.98
N ASN E 291 50.22 13.65 -15.46
CA ASN E 291 51.01 12.47 -15.77
C ASN E 291 50.30 11.66 -16.84
N PRO E 292 50.86 11.52 -18.04
CA PRO E 292 50.21 10.69 -19.08
C PRO E 292 50.30 9.21 -18.82
N ARG E 293 51.12 8.76 -17.87
CA ARG E 293 51.19 7.34 -17.56
C ARG E 293 49.92 6.88 -16.85
N ALA E 294 49.37 5.76 -17.31
CA ALA E 294 48.26 5.13 -16.62
C ALA E 294 48.70 4.15 -15.55
N GLU E 295 49.95 3.70 -15.61
CA GLU E 295 50.48 2.79 -14.59
C GLU E 295 50.65 3.50 -13.25
N ASP E 296 50.99 4.78 -13.28
CA ASP E 296 51.16 5.54 -12.04
C ASP E 296 49.84 5.77 -11.32
N LEU E 297 48.71 5.68 -12.04
CA LEU E 297 47.41 5.87 -11.41
C LEU E 297 47.02 4.68 -10.54
N VAL E 298 47.62 3.52 -10.78
CA VAL E 298 47.32 2.33 -9.99
C VAL E 298 47.75 2.55 -8.55
N GLY E 299 46.91 2.10 -7.62
CA GLY E 299 47.17 2.26 -6.21
C GLY E 299 46.60 3.52 -5.59
N LYS E 300 46.28 4.52 -6.39
CA LYS E 300 45.61 5.71 -5.88
C LYS E 300 44.10 5.50 -5.83
N SER E 301 43.40 6.46 -5.24
CA SER E 301 41.97 6.34 -5.00
C SER E 301 41.25 7.60 -5.48
N LEU E 302 39.97 7.44 -5.81
CA LEU E 302 39.11 8.52 -6.27
C LEU E 302 38.07 8.86 -5.21
N TYR E 303 37.51 10.06 -5.31
CA TYR E 303 36.41 10.48 -4.47
C TYR E 303 35.45 11.34 -5.28
N VAL E 304 34.18 11.30 -4.90
CA VAL E 304 33.12 12.04 -5.58
C VAL E 304 32.40 12.92 -4.57
N SER E 305 32.16 14.18 -4.94
CA SER E 305 31.43 15.12 -4.10
C SER E 305 30.26 15.67 -4.91
N ALA E 306 29.05 15.50 -4.37
CA ALA E 306 27.82 15.88 -5.06
C ALA E 306 27.09 16.96 -4.27
N THR E 307 26.59 17.98 -4.98
CA THR E 307 25.79 19.05 -4.40
C THR E 307 24.44 19.06 -5.10
N VAL E 308 23.38 18.71 -4.35
CA VAL E 308 22.04 18.55 -4.90
C VAL E 308 21.12 19.58 -4.26
N ILE E 309 20.29 20.22 -5.09
CA ILE E 309 19.31 21.20 -4.65
C ILE E 309 17.96 20.85 -5.28
N LEU E 310 16.90 20.92 -4.47
CA LEU E 310 15.56 20.67 -4.97
C LEU E 310 15.17 21.72 -6.01
N HIS E 311 14.19 21.37 -6.84
CA HIS E 311 13.64 22.34 -7.79
C HIS E 311 12.74 23.36 -7.13
N SER E 312 12.46 23.22 -5.83
CA SER E 312 11.82 24.28 -5.07
C SER E 312 12.84 25.30 -4.56
N GLY E 313 14.13 24.93 -4.53
CA GLY E 313 15.18 25.85 -4.11
C GLY E 313 15.22 26.14 -2.63
N SER E 314 14.60 25.32 -1.80
CA SER E 314 14.50 25.58 -0.37
C SER E 314 15.40 24.70 0.47
N ASP E 315 16.10 23.74 -0.12
CA ASP E 315 16.95 22.83 0.65
C ASP E 315 18.10 22.36 -0.22
N MET E 316 19.12 21.84 0.44
CA MET E 316 20.34 21.42 -0.24
C MET E 316 21.07 20.39 0.63
N VAL E 317 21.54 19.32 -0.01
CA VAL E 317 22.28 18.26 0.66
C VAL E 317 23.57 18.00 -0.10
N GLN E 318 24.66 17.85 0.65
CA GLN E 318 25.96 17.47 0.09
C GLN E 318 26.29 16.05 0.51
N ALA E 319 26.52 15.17 -0.47
CA ALA E 319 26.88 13.79 -0.21
C ALA E 319 28.24 13.50 -0.84
N GLU E 320 28.91 12.49 -0.31
CA GLU E 320 30.26 12.15 -0.76
C GLU E 320 30.45 10.65 -0.79
N ARG E 321 31.01 10.15 -1.89
CA ARG E 321 31.56 8.81 -1.98
C ARG E 321 33.06 8.94 -2.22
N SER E 322 33.85 8.22 -1.43
CA SER E 322 35.30 8.38 -1.47
C SER E 322 35.97 7.01 -1.34
N GLY E 323 37.27 6.99 -1.63
CA GLY E 323 38.06 5.78 -1.48
C GLY E 323 37.89 4.77 -2.58
N ILE E 324 37.41 5.17 -3.75
CA ILE E 324 37.22 4.25 -4.87
C ILE E 324 38.57 3.93 -5.49
N PRO E 325 39.06 2.70 -5.37
CA PRO E 325 40.44 2.41 -5.76
C PRO E 325 40.63 2.39 -7.28
N ILE E 326 41.85 2.72 -7.69
CA ILE E 326 42.29 2.60 -9.08
C ILE E 326 43.25 1.42 -9.11
N VAL E 327 42.79 0.28 -9.62
CA VAL E 327 43.55 -0.97 -9.56
C VAL E 327 43.47 -1.67 -10.91
N THR E 328 44.36 -2.65 -11.10
CA THR E 328 44.36 -3.48 -12.29
C THR E 328 43.48 -4.70 -12.16
N SER E 329 43.04 -5.04 -10.94
CA SER E 329 42.33 -6.28 -10.70
C SER E 329 41.07 -6.02 -9.87
N PRO E 330 39.91 -6.52 -10.31
CA PRO E 330 38.68 -6.32 -9.53
C PRO E 330 38.60 -7.16 -8.26
N TYR E 331 39.70 -7.83 -7.90
CA TYR E 331 39.70 -8.71 -6.74
C TYR E 331 41.05 -8.63 -6.03
N GLN E 332 41.07 -9.10 -4.78
CA GLN E 332 42.28 -9.12 -3.97
C GLN E 332 42.33 -10.44 -3.21
N ILE E 333 43.36 -11.23 -3.46
CA ILE E 333 43.50 -12.58 -2.92
C ILE E 333 44.41 -12.52 -1.69
N HIS E 334 44.04 -13.27 -0.64
CA HIS E 334 44.79 -13.30 0.60
C HIS E 334 44.87 -14.71 1.14
N PHE E 335 46.05 -15.06 1.65
CA PHE E 335 46.28 -16.30 2.38
C PHE E 335 46.13 -16.12 3.89
N THR E 336 45.40 -15.10 4.32
CA THR E 336 45.32 -14.76 5.74
C THR E 336 44.67 -15.86 6.56
N LYS E 337 43.72 -16.59 5.97
CA LYS E 337 43.08 -17.71 6.67
C LYS E 337 43.76 -19.04 6.37
N THR E 338 44.89 -19.03 5.69
CA THR E 338 45.61 -20.25 5.35
C THR E 338 46.77 -20.44 6.30
N PRO E 339 46.93 -21.62 6.89
CA PRO E 339 48.10 -21.88 7.73
C PRO E 339 49.39 -21.78 6.93
N LYS E 340 50.45 -21.33 7.60
CA LYS E 340 51.75 -21.12 6.97
C LYS E 340 52.69 -22.30 7.19
N TYR E 341 52.22 -23.37 7.80
CA TYR E 341 53.04 -24.52 8.12
C TYR E 341 52.33 -25.78 7.63
N PHE E 342 52.99 -26.53 6.77
CA PHE E 342 52.42 -27.75 6.19
C PHE E 342 53.05 -28.97 6.83
N LYS E 343 52.37 -30.11 6.66
CA LYS E 343 52.86 -31.38 7.17
C LYS E 343 53.50 -32.14 6.02
N PRO E 344 54.81 -32.39 6.05
CA PRO E 344 55.46 -33.13 4.96
C PRO E 344 54.86 -34.53 4.79
N GLY E 345 54.57 -34.87 3.55
CA GLY E 345 53.99 -36.17 3.24
C GLY E 345 52.52 -36.32 3.57
N MET E 346 51.80 -35.23 3.83
CA MET E 346 50.40 -35.29 4.21
C MET E 346 49.64 -34.20 3.48
N PRO E 347 48.40 -34.47 3.06
CA PRO E 347 47.61 -33.43 2.39
C PRO E 347 47.44 -32.21 3.29
N PHE E 348 47.41 -31.04 2.65
CA PHE E 348 47.34 -29.76 3.36
C PHE E 348 46.20 -28.93 2.78
N ASP E 349 45.43 -28.30 3.66
CA ASP E 349 44.27 -27.51 3.25
C ASP E 349 44.64 -26.05 3.08
N LEU E 350 44.03 -25.40 2.09
CA LEU E 350 44.27 -24.00 1.77
C LEU E 350 42.96 -23.25 1.89
N MET E 351 42.92 -22.26 2.79
CA MET E 351 41.76 -21.40 2.99
C MET E 351 42.10 -20.01 2.46
N VAL E 352 41.66 -19.74 1.23
CA VAL E 352 42.02 -18.51 0.52
C VAL E 352 40.92 -17.47 0.74
N PHE E 353 41.31 -16.28 1.15
CA PHE E 353 40.38 -15.17 1.42
C PHE E 353 40.49 -14.18 0.27
N VAL E 354 39.47 -14.15 -0.59
CA VAL E 354 39.41 -13.26 -1.73
C VAL E 354 38.42 -12.14 -1.42
N THR E 355 38.82 -10.90 -1.70
CA THR E 355 38.02 -9.73 -1.37
C THR E 355 37.92 -8.81 -2.58
N ASN E 356 36.92 -7.94 -2.54
CA ASN E 356 36.82 -6.85 -3.48
C ASN E 356 37.90 -5.81 -3.17
N PRO E 357 38.22 -4.92 -4.13
CA PRO E 357 39.27 -3.93 -3.87
C PRO E 357 39.04 -3.05 -2.66
N ASP E 358 37.78 -2.76 -2.32
CA ASP E 358 37.50 -1.91 -1.16
C ASP E 358 37.80 -2.63 0.15
N GLY E 359 37.59 -3.95 0.20
CA GLY E 359 37.79 -4.70 1.41
C GLY E 359 36.63 -5.62 1.71
N SER E 360 35.57 -5.51 0.93
CA SER E 360 34.39 -6.35 1.10
C SER E 360 34.64 -7.74 0.49
N PRO E 361 34.09 -8.79 1.08
CA PRO E 361 34.32 -10.13 0.54
C PRO E 361 33.66 -10.31 -0.81
N ALA E 362 34.39 -10.98 -1.71
CA ALA E 362 33.88 -11.29 -3.05
C ALA E 362 33.09 -12.59 -3.00
N TYR E 363 32.08 -12.67 -3.86
CA TYR E 363 31.13 -13.78 -3.83
C TYR E 363 31.22 -14.58 -5.12
N ARG E 364 31.51 -15.88 -4.98
CA ARG E 364 31.45 -16.85 -6.07
C ARG E 364 32.40 -16.50 -7.22
N VAL E 365 33.63 -16.18 -6.86
CA VAL E 365 34.71 -16.00 -7.83
C VAL E 365 35.55 -17.28 -7.85
N PRO E 366 35.77 -17.89 -9.01
CA PRO E 366 36.51 -19.17 -9.06
C PRO E 366 38.02 -18.93 -9.06
N VAL E 367 38.68 -19.40 -8.01
CA VAL E 367 40.13 -19.32 -7.91
C VAL E 367 40.72 -20.72 -8.08
N ALA E 368 41.97 -20.75 -8.50
CA ALA E 368 42.67 -22.00 -8.77
C ALA E 368 44.12 -21.86 -8.30
N VAL E 369 44.75 -23.00 -8.08
CA VAL E 369 46.18 -23.02 -7.78
C VAL E 369 46.95 -22.78 -9.08
N GLN E 370 48.03 -22.00 -8.98
CA GLN E 370 48.89 -21.79 -10.15
C GLN E 370 49.40 -23.11 -10.71
N GLY E 371 49.84 -24.01 -9.83
CA GLY E 371 50.26 -25.33 -10.25
C GLY E 371 49.04 -26.18 -10.57
N GLU E 372 48.95 -26.67 -11.82
CA GLU E 372 47.86 -27.53 -12.30
C GLU E 372 46.54 -26.77 -12.35
N ASP E 373 45.97 -26.65 -13.55
CA ASP E 373 44.73 -25.94 -13.77
C ASP E 373 43.49 -26.72 -13.33
N THR E 374 43.63 -28.00 -13.01
CA THR E 374 42.44 -28.81 -12.72
C THR E 374 41.84 -28.48 -11.35
N VAL E 375 42.64 -27.96 -10.42
CA VAL E 375 42.18 -27.69 -9.06
C VAL E 375 41.64 -26.27 -9.01
N GLN E 376 40.31 -26.14 -9.00
CA GLN E 376 39.65 -24.85 -8.89
C GLN E 376 38.53 -24.95 -7.85
N SER E 377 38.10 -23.79 -7.35
CA SER E 377 37.00 -23.74 -6.40
C SER E 377 36.43 -22.32 -6.36
N LEU E 378 35.12 -22.24 -6.17
CA LEU E 378 34.44 -20.95 -6.06
C LEU E 378 34.35 -20.54 -4.59
N THR E 379 34.52 -19.23 -4.35
CA THR E 379 34.50 -18.71 -2.99
C THR E 379 33.10 -18.85 -2.37
N GLN E 380 33.09 -19.08 -1.06
CA GLN E 380 31.86 -19.22 -0.31
C GLN E 380 31.30 -17.83 0.01
N GLY E 381 30.26 -17.78 0.85
CA GLY E 381 29.59 -16.52 1.11
C GLY E 381 30.45 -15.53 1.87
N ASP E 382 31.35 -16.01 2.71
CA ASP E 382 32.21 -15.14 3.51
C ASP E 382 33.52 -14.80 2.81
N GLY E 383 33.64 -15.09 1.52
CA GLY E 383 34.84 -14.78 0.79
C GLY E 383 35.98 -15.76 0.96
N VAL E 384 35.70 -16.99 1.37
CA VAL E 384 36.71 -18.00 1.59
C VAL E 384 36.53 -19.12 0.56
N ALA E 385 37.63 -19.53 -0.06
CA ALA E 385 37.66 -20.63 -1.01
C ALA E 385 38.49 -21.77 -0.44
N LYS E 386 38.05 -23.00 -0.70
CA LYS E 386 38.72 -24.19 -0.19
C LYS E 386 39.56 -24.82 -1.31
N LEU E 387 40.87 -24.91 -1.08
CA LEU E 387 41.78 -25.61 -1.98
C LEU E 387 42.64 -26.55 -1.14
N SER E 388 43.20 -27.56 -1.82
CA SER E 388 44.01 -28.55 -1.13
C SER E 388 45.03 -29.13 -2.08
N ILE E 389 46.19 -29.51 -1.53
CA ILE E 389 47.27 -30.11 -2.29
C ILE E 389 47.66 -31.44 -1.64
N ASN E 390 48.34 -32.26 -2.41
CA ASN E 390 48.84 -33.55 -1.95
C ASN E 390 50.36 -33.40 -1.78
N THR E 391 50.78 -33.09 -0.56
CA THR E 391 52.17 -32.73 -0.30
C THR E 391 53.08 -33.94 -0.41
N HIS E 392 54.29 -33.70 -0.91
CA HIS E 392 55.38 -34.67 -0.89
C HIS E 392 56.17 -34.53 0.42
N PRO E 393 56.90 -35.57 0.82
CA PRO E 393 57.70 -35.48 2.06
C PRO E 393 58.87 -34.51 1.98
N SER E 394 58.71 -33.40 1.25
CA SER E 394 59.79 -32.45 1.09
C SER E 394 59.99 -31.63 2.36
N GLN E 395 61.22 -31.65 2.88
CA GLN E 395 61.56 -30.79 4.00
C GLN E 395 61.89 -29.37 3.57
N LYS E 396 61.91 -29.11 2.27
CA LYS E 396 62.13 -27.78 1.72
C LYS E 396 60.80 -27.02 1.69
N PRO E 397 60.82 -25.73 2.02
CA PRO E 397 59.58 -24.94 1.94
C PRO E 397 58.92 -25.05 0.57
N LEU E 398 57.59 -24.99 0.58
CA LEU E 398 56.79 -25.23 -0.62
C LEU E 398 56.08 -23.93 -1.00
N SER E 399 56.33 -23.46 -2.23
CA SER E 399 55.71 -22.23 -2.70
C SER E 399 54.30 -22.49 -3.19
N ILE E 400 53.36 -21.65 -2.75
CA ILE E 400 51.94 -21.80 -3.06
C ILE E 400 51.46 -20.50 -3.71
N THR E 401 50.86 -20.62 -4.89
CA THR E 401 50.37 -19.47 -5.63
C THR E 401 48.96 -19.74 -6.14
N VAL E 402 48.05 -18.81 -5.88
CA VAL E 402 46.63 -18.93 -6.25
C VAL E 402 46.25 -17.76 -7.14
N ARG E 403 45.44 -18.05 -8.16
CA ARG E 403 45.11 -17.10 -9.21
C ARG E 403 43.66 -17.34 -9.62
N THR E 404 42.87 -16.28 -9.72
CA THR E 404 41.45 -16.42 -10.04
C THR E 404 41.26 -16.78 -11.50
N LYS E 405 40.18 -17.49 -11.78
CA LYS E 405 39.84 -17.98 -13.11
C LYS E 405 38.46 -17.48 -13.53
N LYS E 406 38.13 -16.24 -13.17
CA LYS E 406 36.83 -15.69 -13.52
C LYS E 406 36.74 -15.45 -15.03
N GLN E 407 35.62 -15.85 -15.62
CA GLN E 407 35.48 -15.79 -17.07
C GLN E 407 35.46 -14.35 -17.57
N GLU E 408 35.69 -14.20 -18.88
CA GLU E 408 35.57 -12.92 -19.58
C GLU E 408 36.65 -11.92 -19.17
N LEU E 409 36.99 -11.88 -17.89
CA LEU E 409 38.07 -11.01 -17.43
C LEU E 409 39.41 -11.45 -17.99
N SER E 410 40.23 -10.48 -18.37
CA SER E 410 41.54 -10.76 -18.94
C SER E 410 42.51 -11.22 -17.84
N GLU E 411 43.66 -11.74 -18.28
CA GLU E 411 44.67 -12.19 -17.33
C GLU E 411 45.22 -11.04 -16.51
N ALA E 412 45.32 -9.85 -17.09
CA ALA E 412 45.77 -8.69 -16.32
C ALA E 412 44.79 -8.33 -15.22
N GLU E 413 43.49 -8.62 -15.42
CA GLU E 413 42.49 -8.35 -14.41
C GLU E 413 42.42 -9.41 -13.33
N GLN E 414 43.03 -10.58 -13.55
CA GLN E 414 42.95 -11.67 -12.58
C GLN E 414 43.89 -11.37 -11.41
N ALA E 415 43.33 -11.35 -10.20
CA ALA E 415 44.14 -11.22 -9.00
C ALA E 415 44.97 -12.48 -8.76
N THR E 416 46.05 -12.31 -8.01
CA THR E 416 46.90 -13.44 -7.65
C THR E 416 47.66 -13.09 -6.38
N ARG E 417 48.11 -14.13 -5.70
CA ARG E 417 48.90 -13.97 -4.49
C ARG E 417 49.89 -15.12 -4.38
N THR E 418 51.06 -14.83 -3.85
CA THR E 418 52.15 -15.80 -3.74
C THR E 418 52.67 -15.82 -2.32
N MET E 419 52.84 -17.02 -1.77
CA MET E 419 53.44 -17.20 -0.46
C MET E 419 54.32 -18.44 -0.50
N GLN E 420 54.95 -18.73 0.64
CA GLN E 420 55.80 -19.91 0.77
C GLN E 420 55.57 -20.51 2.15
N ALA E 421 55.16 -21.77 2.19
CA ALA E 421 54.85 -22.43 3.45
C ALA E 421 56.11 -23.06 4.05
N LEU E 422 56.02 -23.43 5.33
CA LEU E 422 57.15 -23.97 6.05
C LEU E 422 56.85 -25.38 6.54
N PRO E 423 57.85 -26.25 6.60
CA PRO E 423 57.60 -27.64 7.00
C PRO E 423 57.48 -27.80 8.50
N TYR E 424 56.61 -28.72 8.91
CA TYR E 424 56.51 -29.08 10.31
C TYR E 424 57.74 -29.88 10.71
N SER E 425 58.33 -29.55 11.85
CA SER E 425 59.52 -30.22 12.35
C SER E 425 59.12 -31.14 13.50
N THR E 426 59.33 -32.44 13.32
CA THR E 426 59.02 -33.40 14.38
C THR E 426 60.20 -33.56 15.33
N VAL E 427 59.94 -34.26 16.43
CA VAL E 427 60.97 -34.49 17.45
C VAL E 427 62.01 -35.44 16.88
N GLY E 428 63.24 -34.94 16.70
CA GLY E 428 64.31 -35.75 16.17
C GLY E 428 64.08 -36.26 14.76
N ASN E 429 63.24 -35.58 13.98
CA ASN E 429 62.87 -36.01 12.63
C ASN E 429 62.32 -37.44 12.64
N SER E 430 61.39 -37.70 13.55
CA SER E 430 60.77 -39.02 13.64
C SER E 430 59.69 -39.24 12.58
N ASN E 431 59.24 -38.18 11.90
CA ASN E 431 58.21 -38.28 10.87
C ASN E 431 56.93 -38.89 11.42
N ASN E 432 56.57 -38.49 12.64
CA ASN E 432 55.31 -38.89 13.28
C ASN E 432 54.48 -37.63 13.47
N TYR E 433 53.37 -37.55 12.75
CA TYR E 433 52.58 -36.34 12.65
C TYR E 433 51.17 -36.55 13.18
N LEU E 434 50.47 -35.43 13.37
CA LEU E 434 49.04 -35.40 13.64
C LEU E 434 48.39 -34.46 12.63
N HIS E 435 47.31 -34.91 12.00
CA HIS E 435 46.62 -34.15 10.97
C HIS E 435 45.19 -33.89 11.41
N LEU E 436 44.80 -32.62 11.40
CA LEU E 436 43.43 -32.21 11.67
C LEU E 436 42.77 -31.76 10.37
N SER E 437 41.53 -32.21 10.17
CA SER E 437 40.75 -31.80 9.02
C SER E 437 39.32 -31.57 9.48
N VAL E 438 38.73 -30.45 9.03
CA VAL E 438 37.43 -30.00 9.53
C VAL E 438 36.65 -29.36 8.38
N LEU E 439 35.34 -29.52 8.43
CA LEU E 439 34.47 -28.92 7.42
C LEU E 439 34.62 -27.40 7.42
N ARG E 440 34.42 -26.81 6.24
CA ARG E 440 34.55 -25.36 6.05
C ARG E 440 33.20 -24.82 5.59
N THR E 441 32.42 -24.30 6.54
CA THR E 441 31.11 -23.73 6.25
C THR E 441 30.85 -22.59 7.22
N GLU E 442 29.81 -21.81 6.91
CA GLU E 442 29.31 -20.80 7.84
C GLU E 442 28.62 -21.50 9.00
N LEU E 443 29.25 -21.49 10.17
CA LEU E 443 28.78 -22.29 11.30
C LEU E 443 27.83 -21.46 12.15
N ARG E 444 26.60 -21.96 12.31
CA ARG E 444 25.55 -21.37 13.12
C ARG E 444 25.31 -22.21 14.37
N PRO E 445 25.07 -21.59 15.52
CA PRO E 445 24.72 -22.35 16.72
C PRO E 445 23.50 -23.22 16.48
N GLY E 446 23.56 -24.45 17.00
CA GLY E 446 22.54 -25.44 16.76
C GLY E 446 22.96 -26.55 15.81
N GLU E 447 24.14 -26.44 15.22
CA GLU E 447 24.67 -27.45 14.31
C GLU E 447 25.83 -28.19 14.97
N THR E 448 26.11 -29.37 14.45
CA THR E 448 27.20 -30.20 14.93
C THR E 448 28.35 -30.17 13.92
N LEU E 449 29.58 -30.23 14.41
CA LEU E 449 30.77 -30.16 13.58
C LEU E 449 31.63 -31.39 13.84
N ASN E 450 31.96 -32.11 12.77
CA ASN E 450 32.75 -33.33 12.87
C ASN E 450 34.23 -32.98 12.74
N VAL E 451 34.98 -33.19 13.81
CA VAL E 451 36.43 -32.97 13.80
C VAL E 451 37.09 -34.32 13.50
N ASN E 452 38.02 -34.31 12.55
CA ASN E 452 38.67 -35.53 12.08
C ASN E 452 40.13 -35.53 12.56
N PHE E 453 40.52 -36.59 13.26
CA PHE E 453 41.87 -36.74 13.78
C PHE E 453 42.55 -37.88 13.05
N LEU E 454 43.66 -37.57 12.37
CA LEU E 454 44.41 -38.56 11.62
C LEU E 454 45.77 -38.76 12.28
N LEU E 455 46.09 -40.01 12.61
CA LEU E 455 47.35 -40.36 13.24
C LEU E 455 48.34 -40.87 12.20
N ARG E 456 49.59 -40.41 12.32
CA ARG E 456 50.68 -40.82 11.43
C ARG E 456 51.89 -41.20 12.27
N MET E 457 52.24 -42.49 12.23
CA MET E 457 53.45 -43.01 12.86
C MET E 457 53.62 -44.46 12.43
N ASP E 458 54.84 -44.98 12.65
CA ASP E 458 55.10 -46.39 12.42
C ASP E 458 54.27 -47.24 13.37
N ARG E 459 53.75 -48.37 12.86
CA ARG E 459 52.81 -49.15 13.64
C ARG E 459 53.47 -49.85 14.84
N ALA E 460 54.78 -49.71 15.03
CA ALA E 460 55.39 -50.20 16.26
C ALA E 460 54.97 -49.36 17.46
N HIS E 461 54.64 -48.08 17.25
CA HIS E 461 54.21 -47.19 18.31
C HIS E 461 52.73 -46.85 18.24
N GLU E 462 52.00 -47.36 17.23
CA GLU E 462 50.59 -46.98 17.10
C GLU E 462 49.76 -47.54 18.24
N ALA E 463 50.15 -48.69 18.80
CA ALA E 463 49.44 -49.26 19.93
C ALA E 463 49.66 -48.46 21.21
N LYS E 464 50.70 -47.64 21.24
CA LYS E 464 51.00 -46.83 22.42
C LYS E 464 50.16 -45.56 22.48
N ILE E 465 49.54 -45.16 21.37
CA ILE E 465 48.68 -43.99 21.32
C ILE E 465 47.26 -44.48 21.60
N ARG E 466 46.82 -44.33 22.85
CA ARG E 466 45.51 -44.79 23.27
C ARG E 466 44.51 -43.66 23.44
N TYR E 467 44.93 -42.42 23.25
CA TYR E 467 44.03 -41.27 23.45
C TYR E 467 44.62 -40.04 22.77
N TYR E 468 43.73 -39.09 22.47
CA TYR E 468 44.10 -37.75 22.07
C TYR E 468 43.67 -36.77 23.16
N THR E 469 44.38 -35.64 23.23
CA THR E 469 44.08 -34.59 24.19
C THR E 469 43.78 -33.32 23.42
N TYR E 470 42.55 -32.80 23.56
CA TYR E 470 42.09 -31.65 22.79
C TYR E 470 41.58 -30.56 23.70
N LEU E 471 41.65 -29.32 23.20
CA LEU E 471 41.19 -28.15 23.93
C LEU E 471 40.63 -27.15 22.93
N ILE E 472 39.74 -26.29 23.43
CA ILE E 472 39.08 -25.27 22.62
C ILE E 472 39.41 -23.90 23.20
N MET E 473 40.03 -23.04 22.39
CA MET E 473 40.31 -21.66 22.76
C MET E 473 39.30 -20.73 22.11
N ASN E 474 38.70 -19.85 22.93
CA ASN E 474 37.71 -18.91 22.43
C ASN E 474 37.77 -17.63 23.26
N LYS E 475 37.96 -16.50 22.58
CA LYS E 475 37.95 -15.18 23.22
C LYS E 475 38.99 -15.06 24.32
N GLY E 476 40.15 -15.67 24.09
CA GLY E 476 41.27 -15.54 25.01
C GLY E 476 41.18 -16.36 26.28
N ARG E 477 40.39 -17.43 26.28
CA ARG E 477 40.32 -18.32 27.43
C ARG E 477 39.90 -19.71 26.96
N LEU E 478 40.17 -20.70 27.80
CA LEU E 478 39.83 -22.09 27.49
C LEU E 478 38.35 -22.33 27.77
N LEU E 479 37.60 -22.72 26.73
CA LEU E 479 36.18 -22.96 26.85
C LEU E 479 35.85 -24.41 27.15
N LYS E 480 36.57 -25.35 26.52
CA LYS E 480 36.27 -26.76 26.67
C LYS E 480 37.53 -27.56 26.36
N ALA E 481 37.68 -28.69 27.04
CA ALA E 481 38.83 -29.56 26.86
C ALA E 481 38.48 -30.97 27.31
N GLY E 482 39.20 -31.94 26.77
CA GLY E 482 38.92 -33.32 27.12
C GLY E 482 39.81 -34.27 26.36
N ARG E 483 39.53 -35.57 26.54
CA ARG E 483 40.24 -36.64 25.87
C ARG E 483 39.32 -37.37 24.89
N GLN E 484 39.91 -37.89 23.82
CA GLN E 484 39.22 -38.75 22.87
C GLN E 484 40.00 -40.06 22.80
N VAL E 485 39.41 -41.13 23.33
CA VAL E 485 40.12 -42.41 23.41
C VAL E 485 40.28 -43.01 22.02
N ARG E 486 41.30 -43.85 21.86
CA ARG E 486 41.58 -44.50 20.59
C ARG E 486 42.04 -45.92 20.84
N GLU E 487 41.49 -46.86 20.08
CA GLU E 487 41.85 -48.26 20.10
C GLU E 487 42.85 -48.57 19.00
N PRO E 488 43.63 -49.65 19.14
CA PRO E 488 44.63 -49.97 18.11
C PRO E 488 43.99 -50.19 16.75
N GLY E 489 44.66 -49.70 15.71
CA GLY E 489 44.21 -49.82 14.35
C GLY E 489 43.27 -48.72 13.89
N GLN E 490 42.89 -47.80 14.76
CA GLN E 490 41.96 -46.71 14.44
C GLN E 490 42.76 -45.42 14.34
N ASP E 491 43.49 -45.27 13.22
CA ASP E 491 44.29 -44.07 13.03
C ASP E 491 43.42 -42.83 12.86
N LEU E 492 42.25 -42.97 12.24
CA LEU E 492 41.32 -41.87 12.03
C LEU E 492 40.15 -42.01 13.00
N VAL E 493 39.88 -40.95 13.75
CA VAL E 493 38.72 -40.90 14.63
C VAL E 493 37.96 -39.60 14.36
N VAL E 494 36.67 -39.62 14.61
CA VAL E 494 35.78 -38.49 14.35
C VAL E 494 35.12 -38.09 15.67
N LEU E 495 35.14 -36.80 15.98
CA LEU E 495 34.49 -36.28 17.17
C LEU E 495 33.48 -35.22 16.79
N PRO E 496 32.17 -35.49 16.91
CA PRO E 496 31.17 -34.47 16.65
C PRO E 496 31.23 -33.38 17.71
N LEU E 497 31.31 -32.13 17.27
CA LEU E 497 31.37 -30.98 18.16
C LEU E 497 30.17 -30.09 17.92
N SER E 498 29.39 -29.84 18.97
CA SER E 498 28.19 -29.03 18.87
C SER E 498 28.54 -27.56 19.06
N ILE E 499 28.08 -26.72 18.15
CA ILE E 499 28.37 -25.29 18.19
C ILE E 499 27.27 -24.58 18.97
N THR E 500 27.65 -23.84 20.00
CA THR E 500 26.74 -23.05 20.81
C THR E 500 27.06 -21.57 20.63
N THR E 501 26.30 -20.72 21.32
CA THR E 501 26.51 -19.28 21.23
C THR E 501 27.84 -18.85 21.83
N ASP E 502 28.46 -19.69 22.65
CA ASP E 502 29.73 -19.34 23.27
C ASP E 502 30.90 -19.36 22.29
N PHE E 503 30.78 -20.12 21.21
CA PHE E 503 31.85 -20.23 20.23
C PHE E 503 31.96 -19.01 19.32
N ILE E 504 30.97 -18.13 19.34
CA ILE E 504 31.02 -16.88 18.57
C ILE E 504 32.12 -16.00 19.13
N PRO E 505 32.90 -15.29 18.29
CA PRO E 505 32.87 -15.21 16.83
C PRO E 505 33.78 -16.20 16.12
N SER E 506 34.77 -16.74 16.85
CA SER E 506 35.70 -17.68 16.27
C SER E 506 36.42 -18.42 17.40
N PHE E 507 36.90 -19.61 17.10
CA PHE E 507 37.56 -20.44 18.11
C PHE E 507 38.65 -21.26 17.44
N ARG E 508 39.63 -21.68 18.24
CA ARG E 508 40.72 -22.51 17.78
C ARG E 508 40.66 -23.87 18.47
N LEU E 509 40.83 -24.94 17.70
CA LEU E 509 40.84 -26.30 18.23
C LEU E 509 42.27 -26.82 18.16
N VAL E 510 42.85 -27.08 19.33
CA VAL E 510 44.17 -27.69 19.43
C VAL E 510 44.01 -29.12 19.93
N ALA E 511 44.92 -29.99 19.51
CA ALA E 511 44.90 -31.38 19.91
C ALA E 511 46.32 -31.92 19.90
N TYR E 512 46.58 -32.90 20.75
CA TYR E 512 47.91 -33.48 20.80
C TYR E 512 47.83 -34.87 21.42
N TYR E 513 48.84 -35.68 21.10
CA TYR E 513 49.08 -36.98 21.72
C TYR E 513 50.51 -37.03 22.20
N THR E 514 50.82 -38.05 22.99
CA THR E 514 52.16 -38.17 23.57
C THR E 514 52.45 -39.64 23.84
N LEU E 515 53.74 -39.97 23.82
CA LEU E 515 54.22 -41.32 24.06
C LEU E 515 55.74 -41.26 24.20
N ILE E 516 56.34 -42.40 24.52
CA ILE E 516 57.79 -42.53 24.60
C ILE E 516 58.23 -43.37 23.40
N GLY E 517 58.86 -42.71 22.42
CA GLY E 517 59.27 -43.38 21.20
C GLY E 517 60.74 -43.21 20.91
N ALA E 518 61.12 -43.44 19.64
CA ALA E 518 62.52 -43.37 19.18
C ALA E 518 63.32 -44.38 20.01
N SER E 519 64.40 -43.97 20.68
CA SER E 519 65.19 -44.88 21.50
C SER E 519 64.88 -44.73 22.99
N GLY E 520 63.64 -44.37 23.33
CA GLY E 520 63.26 -44.14 24.70
C GLY E 520 63.21 -42.67 25.03
N GLN E 521 62.47 -41.91 24.24
CA GLN E 521 62.43 -40.46 24.36
C GLN E 521 60.98 -39.98 24.32
N ARG E 522 60.65 -39.05 25.21
CA ARG E 522 59.30 -38.51 25.26
C ARG E 522 59.05 -37.64 24.02
N GLU E 523 57.91 -37.88 23.36
CA GLU E 523 57.55 -37.17 22.15
C GLU E 523 56.15 -36.58 22.30
N VAL E 524 56.01 -35.32 21.88
CA VAL E 524 54.72 -34.62 21.91
C VAL E 524 54.51 -34.05 20.52
N VAL E 525 53.42 -34.46 19.87
CA VAL E 525 53.06 -33.96 18.54
C VAL E 525 51.72 -33.26 18.65
N ALA E 526 51.62 -32.08 18.03
CA ALA E 526 50.43 -31.26 18.15
C ALA E 526 50.00 -30.75 16.78
N ASP E 527 48.76 -30.27 16.72
CA ASP E 527 48.19 -29.67 15.53
C ASP E 527 47.05 -28.78 15.97
N SER E 528 46.76 -27.77 15.15
CA SER E 528 45.69 -26.83 15.48
C SER E 528 45.10 -26.28 14.19
N VAL E 529 43.91 -25.69 14.34
CA VAL E 529 43.21 -25.08 13.22
C VAL E 529 42.26 -24.04 13.80
N TRP E 530 42.11 -22.93 13.08
CA TRP E 530 41.25 -21.84 13.52
C TRP E 530 39.98 -21.85 12.69
N VAL E 531 38.84 -21.70 13.38
CA VAL E 531 37.52 -21.83 12.78
C VAL E 531 36.76 -20.54 13.01
N ASP E 532 35.95 -20.15 12.03
CA ASP E 532 35.15 -18.94 12.10
C ASP E 532 33.69 -19.30 12.35
N VAL E 533 33.01 -18.42 13.09
CA VAL E 533 31.60 -18.59 13.40
C VAL E 533 30.86 -17.36 12.87
N LYS E 534 29.61 -17.57 12.45
CA LYS E 534 28.85 -16.49 11.84
C LYS E 534 28.51 -15.42 12.86
N ASP E 535 28.66 -14.16 12.46
CA ASP E 535 28.38 -13.05 13.35
C ASP E 535 26.89 -12.98 13.68
N SER E 536 26.58 -12.96 14.96
CA SER E 536 25.20 -12.83 15.44
C SER E 536 25.25 -12.54 16.93
N CYS E 537 24.09 -12.20 17.49
CA CYS E 537 24.00 -12.00 18.92
C CYS E 537 24.02 -13.34 19.65
N VAL E 538 24.48 -13.31 20.90
CA VAL E 538 24.37 -14.48 21.75
C VAL E 538 22.91 -14.83 21.99
N GLY E 539 22.11 -13.83 22.35
CA GLY E 539 20.68 -14.00 22.43
C GLY E 539 20.00 -13.66 21.12
N SER E 540 18.86 -12.97 21.20
CA SER E 540 18.15 -12.53 20.00
C SER E 540 17.17 -11.45 20.41
N LEU E 541 17.44 -10.22 19.98
CA LEU E 541 16.58 -9.07 20.24
C LEU E 541 16.02 -8.57 18.92
N VAL E 542 14.70 -8.44 18.85
CA VAL E 542 14.01 -8.03 17.64
C VAL E 542 13.02 -6.93 17.98
N VAL E 543 13.01 -5.88 17.17
CA VAL E 543 12.10 -4.75 17.35
C VAL E 543 11.22 -4.68 16.09
N LYS E 544 9.91 -4.65 16.28
CA LYS E 544 8.98 -4.60 15.17
C LYS E 544 7.73 -3.84 15.60
N SER E 545 6.83 -3.64 14.65
CA SER E 545 5.58 -2.93 14.92
C SER E 545 4.53 -3.87 15.49
N GLY E 546 3.75 -3.35 16.43
CA GLY E 546 2.65 -4.11 16.98
C GLY E 546 1.46 -4.14 16.05
N GLN E 547 1.15 -3.00 15.45
CA GLN E 547 0.08 -2.94 14.46
C GLN E 547 0.46 -3.71 13.20
N SER E 548 -0.56 -4.25 12.54
CA SER E 548 -0.39 -4.97 11.28
C SER E 548 -1.00 -4.23 10.10
N GLU E 549 -1.53 -3.03 10.31
CA GLU E 549 -2.11 -2.25 9.24
C GLU E 549 -1.94 -0.77 9.59
N ASP E 550 -2.65 0.11 8.88
CA ASP E 550 -2.53 1.55 9.03
C ASP E 550 -1.09 1.99 8.74
N ARG E 551 -0.69 1.75 7.49
CA ARG E 551 0.67 2.07 7.07
C ARG E 551 0.92 3.57 7.18
N GLN E 552 2.19 3.92 7.42
CA GLN E 552 2.65 5.29 7.61
C GLN E 552 1.79 6.01 8.65
N PRO E 553 2.07 5.84 9.94
CA PRO E 553 1.26 6.46 10.98
C PRO E 553 1.31 7.99 10.89
N VAL E 554 0.40 8.62 11.62
CA VAL E 554 0.24 10.07 11.62
C VAL E 554 1.12 10.64 12.73
N PRO E 555 1.70 11.83 12.56
CA PRO E 555 2.47 12.42 13.66
C PRO E 555 1.65 12.55 14.93
N GLY E 556 2.28 12.18 16.05
CA GLY E 556 1.63 12.19 17.34
C GLY E 556 0.74 10.99 17.61
N GLN E 557 0.46 10.16 16.61
CA GLN E 557 -0.42 9.02 16.78
C GLN E 557 0.19 8.00 17.73
N GLN E 558 -0.67 7.32 18.49
CA GLN E 558 -0.23 6.21 19.32
C GLN E 558 -0.03 4.98 18.46
N MET E 559 1.12 4.34 18.62
CA MET E 559 1.39 3.07 17.98
C MET E 559 2.04 2.15 19.00
N THR E 560 2.02 0.85 18.71
CA THR E 560 2.55 -0.15 19.62
C THR E 560 3.89 -0.63 19.09
N LEU E 561 4.93 -0.51 19.91
CA LEU E 561 6.24 -1.03 19.57
C LEU E 561 6.37 -2.40 20.21
N LYS E 562 6.69 -3.41 19.39
CA LYS E 562 6.80 -4.78 19.85
C LYS E 562 8.26 -5.17 19.92
N ILE E 563 8.67 -5.71 21.06
CA ILE E 563 10.06 -6.09 21.30
C ILE E 563 10.08 -7.54 21.75
N GLU E 564 10.69 -8.40 20.95
CA GLU E 564 10.86 -9.81 21.29
C GLU E 564 12.31 -10.04 21.67
N GLY E 565 12.53 -10.70 22.80
CA GLY E 565 13.89 -10.90 23.28
C GLY E 565 13.90 -11.94 24.39
N ASP E 566 15.13 -12.34 24.74
CA ASP E 566 15.32 -13.35 25.77
C ASP E 566 14.76 -12.87 27.10
N HIS E 567 14.24 -13.82 27.87
CA HIS E 567 13.65 -13.52 29.17
C HIS E 567 14.73 -13.08 30.16
N GLY E 568 14.46 -12.00 30.89
CA GLY E 568 15.35 -11.52 31.92
C GLY E 568 16.33 -10.44 31.52
N ALA E 569 16.34 -10.04 30.25
CA ALA E 569 17.30 -9.05 29.76
C ALA E 569 16.74 -7.63 29.91
N ARG E 570 17.65 -6.68 30.10
CA ARG E 570 17.32 -5.26 30.16
C ARG E 570 17.58 -4.61 28.81
N VAL E 571 16.60 -3.85 28.32
CA VAL E 571 16.65 -3.24 27.00
C VAL E 571 16.70 -1.74 27.14
N VAL E 572 17.55 -1.10 26.34
CA VAL E 572 17.63 0.36 26.26
C VAL E 572 17.24 0.78 24.85
N LEU E 573 16.55 1.91 24.75
CA LEU E 573 15.97 2.37 23.48
C LEU E 573 16.47 3.76 23.13
N VAL E 574 16.51 4.03 21.83
CA VAL E 574 16.73 5.38 21.31
C VAL E 574 16.16 5.45 19.90
N ALA E 575 15.36 6.47 19.63
CA ALA E 575 14.75 6.68 18.33
C ALA E 575 15.22 8.02 17.80
N VAL E 576 15.84 8.00 16.61
CA VAL E 576 16.47 9.19 16.04
C VAL E 576 15.94 9.38 14.63
N ASP E 577 15.87 10.65 14.22
CA ASP E 577 15.54 10.98 12.83
C ASP E 577 16.69 10.55 11.93
N LYS E 578 16.37 9.90 10.82
CA LYS E 578 17.40 9.44 9.89
C LYS E 578 18.16 10.59 9.26
N GLY E 579 17.62 11.81 9.31
CA GLY E 579 18.34 12.95 8.77
C GLY E 579 19.64 13.23 9.49
N VAL E 580 19.72 12.90 10.78
CA VAL E 580 20.97 13.08 11.53
C VAL E 580 22.04 12.16 10.97
N PHE E 581 21.66 10.95 10.56
CA PHE E 581 22.61 10.00 10.00
C PHE E 581 22.98 10.36 8.56
N VAL E 582 22.08 11.02 7.83
CA VAL E 582 22.44 11.53 6.52
C VAL E 582 23.49 12.63 6.65
N LEU E 583 23.45 13.39 7.74
CA LEU E 583 24.51 14.36 8.01
C LEU E 583 25.77 13.68 8.49
N ASN E 584 25.64 12.67 9.35
CA ASN E 584 26.80 11.97 9.89
C ASN E 584 26.36 10.58 10.35
N LYS E 585 26.78 9.55 9.61
CA LYS E 585 26.51 8.17 9.99
C LYS E 585 27.73 7.47 10.56
N LYS E 586 28.79 8.21 10.87
CA LYS E 586 29.99 7.61 11.42
C LYS E 586 29.81 7.30 12.89
N ASN E 587 30.61 6.36 13.39
CA ASN E 587 30.66 5.94 14.78
C ASN E 587 29.40 5.21 15.23
N LYS E 588 28.55 4.78 14.29
CA LYS E 588 27.36 4.02 14.63
C LYS E 588 27.76 2.64 15.14
N LEU E 589 27.36 2.33 16.38
CA LEU E 589 27.71 1.06 16.99
C LEU E 589 26.78 -0.04 16.50
N THR E 590 27.34 -1.23 16.30
CA THR E 590 26.57 -2.38 15.87
C THR E 590 27.19 -3.64 16.46
N GLN E 591 26.46 -4.76 16.31
CA GLN E 591 26.93 -6.03 16.86
C GLN E 591 28.18 -6.51 16.14
N SER E 592 28.27 -6.27 14.82
CA SER E 592 29.43 -6.70 14.06
C SER E 592 30.70 -6.00 14.53
N LYS E 593 30.61 -4.69 14.76
CA LYS E 593 31.77 -3.96 15.27
C LYS E 593 32.14 -4.39 16.69
N ILE E 594 31.18 -4.92 17.45
CA ILE E 594 31.50 -5.47 18.76
C ILE E 594 32.37 -6.72 18.62
N TRP E 595 31.95 -7.64 17.74
CA TRP E 595 32.78 -8.82 17.48
C TRP E 595 34.10 -8.44 16.82
N ASP E 596 34.15 -7.30 16.13
CA ASP E 596 35.40 -6.84 15.55
C ASP E 596 36.40 -6.45 16.64
N VAL E 597 35.93 -5.81 17.70
CA VAL E 597 36.82 -5.43 18.80
C VAL E 597 37.28 -6.67 19.57
N VAL E 598 36.41 -7.69 19.68
CA VAL E 598 36.80 -8.91 20.37
C VAL E 598 37.92 -9.62 19.62
N GLU E 599 37.78 -9.74 18.30
CA GLU E 599 38.81 -10.37 17.49
C GLU E 599 40.13 -9.59 17.55
N LYS E 600 40.05 -8.26 17.67
CA LYS E 600 41.26 -7.45 17.80
C LYS E 600 41.95 -7.61 19.14
N ALA E 601 41.27 -8.20 20.13
CA ALA E 601 41.86 -8.47 21.43
C ALA E 601 42.32 -9.91 21.57
N ASP E 602 42.21 -10.71 20.52
CA ASP E 602 42.61 -12.11 20.58
C ASP E 602 44.12 -12.23 20.76
N ILE E 603 44.53 -13.22 21.58
CA ILE E 603 45.95 -13.48 21.79
C ILE E 603 46.50 -14.51 20.81
N GLY E 604 45.66 -15.17 20.02
CA GLY E 604 46.14 -16.08 19.00
C GLY E 604 46.56 -15.31 17.76
N CYS E 605 47.62 -15.81 17.12
CA CYS E 605 48.23 -15.10 16.00
C CYS E 605 48.34 -15.92 14.72
N THR E 606 47.84 -17.15 14.69
CA THR E 606 48.01 -18.02 13.54
C THR E 606 46.76 -18.85 13.31
N PRO E 607 46.34 -19.03 12.05
CA PRO E 607 45.16 -19.87 11.77
C PRO E 607 45.39 -21.35 11.98
N GLY E 608 46.23 -21.71 12.94
CA GLY E 608 46.50 -23.09 13.28
C GLY E 608 47.89 -23.54 12.87
N SER E 609 48.12 -24.85 13.06
CA SER E 609 49.39 -25.50 12.76
C SER E 609 50.56 -24.84 13.48
N GLY E 610 51.77 -25.02 12.96
CA GLY E 610 52.94 -24.43 13.57
C GLY E 610 54.20 -25.16 13.13
N LYS E 611 55.33 -24.62 13.57
CA LYS E 611 56.61 -25.23 13.24
C LYS E 611 56.83 -26.54 13.98
N ASP E 612 56.22 -26.68 15.16
CA ASP E 612 56.34 -27.87 15.99
C ASP E 612 55.19 -27.86 16.99
N TYR E 613 55.19 -28.83 17.91
CA TYR E 613 54.13 -28.88 18.92
C TYR E 613 54.15 -27.64 19.79
N ALA E 614 55.34 -27.10 20.08
CA ALA E 614 55.43 -25.89 20.88
C ALA E 614 54.90 -24.68 20.12
N GLY E 615 55.18 -24.62 18.82
CA GLY E 615 54.67 -23.51 18.03
C GLY E 615 53.18 -23.58 17.81
N VAL E 616 52.61 -24.80 17.86
CA VAL E 616 51.17 -24.96 17.71
C VAL E 616 50.45 -24.27 18.87
N PHE E 617 50.87 -24.57 20.09
CA PHE E 617 50.24 -23.98 21.26
C PHE E 617 50.58 -22.50 21.38
N SER E 618 51.84 -22.14 21.14
CA SER E 618 52.27 -20.75 21.27
C SER E 618 51.58 -19.85 20.25
N ASP E 619 51.35 -20.36 19.03
CA ASP E 619 50.61 -19.58 18.04
C ASP E 619 49.13 -19.51 18.37
N ALA E 620 48.56 -20.58 18.93
CA ALA E 620 47.16 -20.57 19.30
C ALA E 620 46.90 -19.64 20.48
N GLY E 621 47.86 -19.51 21.39
CA GLY E 621 47.69 -18.67 22.55
C GLY E 621 47.74 -19.43 23.86
N LEU E 622 48.40 -20.59 23.88
CA LEU E 622 48.46 -21.46 25.03
C LEU E 622 49.89 -21.62 25.52
N THR E 623 50.00 -21.94 26.81
CA THR E 623 51.25 -22.32 27.45
C THR E 623 51.15 -23.75 27.92
N PHE E 624 52.18 -24.55 27.65
CA PHE E 624 52.22 -25.94 28.05
C PHE E 624 53.51 -26.20 28.80
N THR E 625 53.45 -27.05 29.83
CA THR E 625 54.61 -27.37 30.64
C THR E 625 54.37 -28.72 31.31
N SER E 626 55.38 -29.58 31.28
CA SER E 626 55.25 -30.94 31.78
C SER E 626 56.34 -31.21 32.82
N SER E 627 56.17 -32.32 33.54
CA SER E 627 57.19 -32.74 34.48
C SER E 627 58.44 -33.26 33.77
N SER E 628 58.28 -33.75 32.55
CA SER E 628 59.43 -34.28 31.81
C SER E 628 60.38 -33.16 31.41
N GLY E 629 59.85 -32.06 30.90
CA GLY E 629 60.69 -30.94 30.51
C GLY E 629 60.20 -30.20 29.27
N GLN E 630 59.41 -30.88 28.45
CA GLN E 630 58.85 -30.24 27.26
C GLN E 630 57.90 -29.12 27.67
N GLN E 631 58.07 -27.95 27.06
CA GLN E 631 57.27 -26.79 27.42
C GLN E 631 57.17 -25.85 26.21
N THR E 632 56.22 -24.94 26.29
CA THR E 632 55.99 -24.00 25.19
C THR E 632 57.10 -22.95 25.13
N ALA E 633 57.19 -22.31 23.96
CA ALA E 633 58.15 -21.24 23.78
C ALA E 633 57.78 -20.02 24.61
N GLN E 634 58.79 -19.33 25.12
CA GLN E 634 58.58 -18.15 25.95
C GLN E 634 58.08 -16.98 25.12
N ARG E 635 57.05 -16.29 25.64
CA ARG E 635 56.47 -15.13 24.99
C ARG E 635 56.30 -14.02 26.01
N ALA E 636 56.82 -12.84 25.70
CA ALA E 636 56.80 -11.71 26.62
C ALA E 636 56.11 -10.48 26.05
N GLU E 637 55.40 -10.61 24.93
CA GLU E 637 54.72 -9.50 24.29
C GLU E 637 53.23 -9.79 24.19
N LEU E 638 52.40 -8.81 24.52
CA LEU E 638 50.96 -8.97 24.40
C LEU E 638 50.54 -9.04 22.94
N GLN E 639 51.09 -8.17 22.10
CA GLN E 639 50.71 -8.12 20.69
C GLN E 639 51.22 -9.36 19.94
N CYS E 640 50.69 -9.55 18.75
CA CYS E 640 51.08 -10.54 17.75
C CYS E 640 52.18 -10.00 16.86
N PRO E 641 53.18 -10.83 16.56
CA PRO E 641 54.25 -10.39 15.65
C PRO E 641 53.68 -9.97 14.32
N GLN E 642 54.20 -8.88 13.79
CA GLN E 642 53.63 -8.26 12.60
C GLN E 642 54.10 -8.99 11.35
N PRO E 643 53.19 -9.31 10.42
CA PRO E 643 53.61 -9.92 9.15
C PRO E 643 54.48 -8.96 8.35
N ALA E 644 55.25 -9.52 7.42
CA ALA E 644 56.15 -8.69 6.61
C ALA E 644 55.36 -7.84 5.62
N ALA E 645 54.30 -8.41 5.05
CA ALA E 645 53.45 -7.70 4.09
C ALA E 645 54.25 -7.14 2.92
N LEU F 3 -17.07 31.09 10.34
CA LEU F 3 -17.20 31.33 8.91
C LEU F 3 -17.91 30.15 8.24
N ASP F 4 -18.61 30.45 7.14
CA ASP F 4 -19.47 29.50 6.46
C ASP F 4 -18.82 28.85 5.25
N GLU F 5 -17.56 29.18 4.95
CA GLU F 5 -16.93 28.68 3.74
C GLU F 5 -16.39 27.28 3.96
N ASP F 6 -16.01 26.63 2.85
CA ASP F 6 -15.63 25.21 2.87
C ASP F 6 -14.13 25.07 3.17
N ILE F 7 -13.73 25.57 4.34
CA ILE F 7 -12.34 25.48 4.77
C ILE F 7 -12.29 25.55 6.28
N ILE F 8 -11.26 24.93 6.86
CA ILE F 8 -11.05 24.97 8.29
C ILE F 8 -10.69 26.39 8.71
N ALA F 9 -11.32 26.88 9.76
CA ALA F 9 -10.98 28.19 10.30
C ALA F 9 -9.58 28.16 10.92
N GLU F 10 -8.96 29.33 10.97
CA GLU F 10 -7.58 29.42 11.43
C GLU F 10 -7.46 29.05 12.90
N GLU F 11 -8.39 29.51 13.74
CA GLU F 11 -8.24 29.34 15.19
C GLU F 11 -8.20 27.87 15.58
N ASN F 12 -8.99 27.03 14.93
CA ASN F 12 -9.03 25.61 15.26
C ASN F 12 -7.90 24.82 14.61
N ILE F 13 -7.10 25.44 13.74
CA ILE F 13 -5.90 24.78 13.25
C ILE F 13 -4.89 24.73 14.38
N VAL F 14 -4.52 23.51 14.79
CA VAL F 14 -3.58 23.30 15.88
C VAL F 14 -2.22 22.99 15.28
N SER F 15 -1.18 23.67 15.76
CA SER F 15 0.14 23.60 15.16
C SER F 15 0.93 22.43 15.73
N ARG F 16 1.67 21.76 14.85
CA ARG F 16 2.70 20.83 15.27
C ARG F 16 3.92 21.62 15.75
N SER F 17 4.49 21.20 16.88
CA SER F 17 5.55 21.99 17.49
C SER F 17 6.61 21.10 18.14
N GLU F 18 6.29 19.84 18.40
CA GLU F 18 7.26 18.91 18.98
C GLU F 18 8.16 18.40 17.86
N PHE F 19 9.33 19.04 17.70
CA PHE F 19 10.26 18.57 16.69
C PHE F 19 11.64 18.24 17.24
N PRO F 20 11.78 17.41 18.28
CA PRO F 20 13.11 16.97 18.68
C PRO F 20 13.65 15.93 17.72
N GLU F 21 14.98 15.96 17.53
CA GLU F 21 15.61 15.00 16.64
C GLU F 21 15.63 13.61 17.25
N SER F 22 15.96 13.50 18.53
CA SER F 22 16.07 12.22 19.21
C SER F 22 15.16 12.19 20.44
N TRP F 23 14.53 11.04 20.66
CA TRP F 23 13.63 10.83 21.78
C TRP F 23 13.58 9.33 22.06
N LEU F 24 12.62 8.92 22.89
CA LEU F 24 12.45 7.51 23.28
C LEU F 24 13.71 7.00 23.99
N TRP F 25 14.24 7.81 24.90
CA TRP F 25 15.38 7.45 25.73
C TRP F 25 14.85 6.71 26.97
N ASN F 26 14.51 5.44 26.77
CA ASN F 26 13.82 4.67 27.78
C ASN F 26 14.55 3.36 28.05
N VAL F 27 14.20 2.75 29.19
CA VAL F 27 14.75 1.46 29.61
C VAL F 27 13.58 0.57 30.01
N GLU F 28 13.66 -0.72 29.65
CA GLU F 28 12.61 -1.67 29.99
C GLU F 28 13.22 -3.05 30.18
N ASP F 29 12.61 -3.83 31.06
CA ASP F 29 13.07 -5.18 31.37
C ASP F 29 12.09 -6.20 30.80
N LEU F 30 12.62 -7.23 30.14
CA LEU F 30 11.81 -8.32 29.60
C LEU F 30 11.49 -9.30 30.70
N LYS F 31 10.32 -9.17 31.31
CA LYS F 31 9.85 -10.11 32.32
C LYS F 31 8.54 -10.78 31.93
N GLU F 32 8.03 -10.50 30.72
CA GLU F 32 6.80 -11.11 30.23
C GLU F 32 6.94 -12.63 30.13
N PRO F 33 5.83 -13.36 30.10
CA PRO F 33 5.89 -14.83 30.00
C PRO F 33 6.72 -15.27 28.80
N PRO F 34 7.75 -16.08 29.03
CA PRO F 34 8.63 -16.54 27.94
C PRO F 34 7.97 -17.61 27.10
N LYS F 35 7.74 -17.30 25.82
CA LYS F 35 7.27 -18.27 24.84
C LYS F 35 8.49 -18.73 24.05
N ASN F 36 8.87 -19.99 24.22
CA ASN F 36 10.11 -20.54 23.68
C ASN F 36 11.32 -19.74 24.18
N GLY F 37 11.24 -19.28 25.43
CA GLY F 37 12.30 -18.49 26.02
C GLY F 37 12.37 -17.05 25.59
N ILE F 38 11.45 -16.61 24.73
CA ILE F 38 11.46 -15.26 24.19
C ILE F 38 10.30 -14.50 24.81
N SER F 39 10.60 -13.40 25.48
CA SER F 39 9.58 -12.58 26.11
C SER F 39 8.97 -11.63 25.08
N THR F 40 7.64 -11.51 25.11
CA THR F 40 6.89 -10.67 24.18
C THR F 40 6.39 -9.45 24.95
N LYS F 41 7.01 -8.30 24.70
CA LYS F 41 6.67 -7.05 25.37
C LYS F 41 5.96 -6.13 24.39
N LEU F 42 4.93 -5.44 24.88
CA LEU F 42 4.16 -4.48 24.08
C LEU F 42 4.24 -3.13 24.75
N MET F 43 4.74 -2.13 24.02
CA MET F 43 4.87 -0.77 24.52
C MET F 43 4.07 0.15 23.60
N ASN F 44 2.98 0.71 24.11
CA ASN F 44 2.22 1.70 23.37
C ASN F 44 2.88 3.07 23.57
N ILE F 45 3.35 3.67 22.48
CA ILE F 45 4.18 4.87 22.55
C ILE F 45 3.56 5.97 21.71
N PHE F 46 3.67 7.21 22.19
CA PHE F 46 3.25 8.38 21.42
C PHE F 46 4.31 8.74 20.40
N LEU F 47 3.88 8.94 19.16
CA LEU F 47 4.77 9.50 18.16
C LEU F 47 4.90 11.00 18.38
N LYS F 48 5.86 11.61 17.69
CA LYS F 48 6.06 13.04 17.72
C LYS F 48 5.57 13.66 16.41
N ASP F 49 5.72 14.98 16.30
CA ASP F 49 5.12 15.72 15.20
C ASP F 49 5.99 15.79 13.96
N SER F 50 7.29 15.52 14.08
CA SER F 50 8.16 15.58 12.91
C SER F 50 7.78 14.51 11.90
N ILE F 51 7.70 14.90 10.63
CA ILE F 51 7.39 13.97 9.56
C ILE F 51 8.71 13.50 8.94
N THR F 52 9.08 12.26 9.24
CA THR F 52 10.33 11.67 8.78
C THR F 52 10.28 10.18 9.10
N THR F 53 11.32 9.47 8.68
CA THR F 53 11.50 8.07 9.02
C THR F 53 12.41 7.97 10.23
N TRP F 54 11.89 7.46 11.34
CA TRP F 54 12.69 7.31 12.55
C TRP F 54 13.47 5.99 12.50
N GLU F 55 14.74 6.05 12.88
CA GLU F 55 15.55 4.87 13.03
C GLU F 55 15.69 4.60 14.53
N ILE F 56 15.14 3.47 14.98
CA ILE F 56 15.09 3.12 16.39
C ILE F 56 16.21 2.11 16.65
N LEU F 57 17.19 2.52 17.44
CA LEU F 57 18.30 1.66 17.81
C LEU F 57 18.05 1.11 19.21
N ALA F 58 18.15 -0.21 19.35
CA ALA F 58 17.91 -0.88 20.62
C ALA F 58 19.07 -1.83 20.92
N VAL F 59 19.54 -1.79 22.17
CA VAL F 59 20.59 -2.67 22.66
C VAL F 59 20.07 -3.37 23.92
N SER F 60 20.28 -4.67 24.01
CA SER F 60 19.81 -5.47 25.13
C SER F 60 20.98 -5.90 25.99
N MET F 61 20.73 -6.05 27.29
CA MET F 61 21.74 -6.44 28.26
C MET F 61 21.21 -7.62 29.07
N SER F 62 21.77 -8.80 28.82
CA SER F 62 21.37 -10.02 29.51
C SER F 62 22.52 -10.52 30.36
N ASP F 63 22.21 -10.91 31.61
CA ASP F 63 23.23 -11.47 32.49
C ASP F 63 23.67 -12.86 32.07
N LYS F 64 22.88 -13.55 31.25
CA LYS F 64 23.24 -14.87 30.74
C LYS F 64 23.60 -14.87 29.26
N LYS F 65 22.99 -14.00 28.45
CA LYS F 65 23.23 -13.96 27.03
C LYS F 65 24.00 -12.72 26.60
N GLY F 66 24.59 -11.99 27.54
CA GLY F 66 25.44 -10.86 27.22
C GLY F 66 24.71 -9.71 26.54
N ILE F 67 25.52 -8.82 25.98
CA ILE F 67 25.02 -7.65 25.28
C ILE F 67 24.63 -8.03 23.86
N CYS F 68 23.63 -7.33 23.33
CA CYS F 68 23.18 -7.55 21.97
C CYS F 68 22.69 -6.24 21.38
N VAL F 69 23.24 -5.87 20.22
CA VAL F 69 22.79 -4.70 19.48
C VAL F 69 21.85 -5.18 18.39
N ALA F 70 20.58 -4.76 18.47
CA ALA F 70 19.58 -5.22 17.53
C ALA F 70 19.69 -4.46 16.22
N ASP F 71 19.09 -5.01 15.19
CA ASP F 71 19.01 -4.33 13.91
C ASP F 71 18.16 -3.07 14.06
N PRO F 72 18.58 -1.94 13.48
CA PRO F 72 17.80 -0.72 13.62
C PRO F 72 16.40 -0.88 13.03
N PHE F 73 15.42 -0.35 13.74
CA PHE F 73 14.02 -0.44 13.34
C PHE F 73 13.55 0.91 12.83
N GLU F 74 12.83 0.89 11.72
CA GLU F 74 12.44 2.10 11.01
C GLU F 74 10.93 2.30 11.08
N VAL F 75 10.53 3.50 11.49
CA VAL F 75 9.13 3.90 11.57
C VAL F 75 8.96 5.16 10.73
N THR F 76 8.18 5.06 9.65
CA THR F 76 7.99 6.16 8.72
C THR F 76 6.69 6.90 9.09
N VAL F 77 6.83 8.08 9.67
CA VAL F 77 5.70 8.92 10.03
C VAL F 77 5.48 9.93 8.91
N MET F 78 4.24 10.09 8.49
CA MET F 78 3.94 10.90 7.32
C MET F 78 2.51 11.40 7.39
N GLN F 79 2.27 12.52 6.71
CA GLN F 79 0.93 13.05 6.48
C GLN F 79 0.80 13.40 5.01
N ASP F 80 -0.39 13.18 4.44
CA ASP F 80 -0.58 13.38 3.01
C ASP F 80 -0.34 14.83 2.60
N PHE F 81 -0.81 15.78 3.40
CA PHE F 81 -0.56 17.19 3.15
C PHE F 81 -0.02 17.81 4.43
N PHE F 82 1.07 18.57 4.31
CA PHE F 82 1.70 19.20 5.46
C PHE F 82 2.62 20.31 4.97
N ILE F 83 3.18 21.05 5.92
CA ILE F 83 4.10 22.15 5.65
C ILE F 83 5.43 21.84 6.29
N ASP F 84 6.49 22.41 5.73
CA ASP F 84 7.83 22.35 6.31
C ASP F 84 8.43 23.74 6.27
N LEU F 85 8.52 24.37 7.44
CA LEU F 85 9.15 25.69 7.56
C LEU F 85 10.63 25.47 7.86
N ARG F 86 11.49 25.84 6.91
CA ARG F 86 12.92 25.56 6.98
C ARG F 86 13.64 26.85 7.38
N LEU F 87 13.88 27.01 8.66
CA LEU F 87 14.56 28.18 9.19
C LEU F 87 16.07 28.01 9.14
N PRO F 88 16.82 29.09 9.05
CA PRO F 88 18.25 29.02 9.34
C PRO F 88 18.45 28.74 10.82
N TYR F 89 19.64 28.22 11.14
CA TYR F 89 19.94 27.93 12.55
C TYR F 89 19.85 29.20 13.39
N SER F 90 20.35 30.31 12.86
CA SER F 90 20.33 31.57 13.57
C SER F 90 20.13 32.69 12.56
N VAL F 91 19.68 33.84 13.06
CA VAL F 91 19.43 35.02 12.24
C VAL F 91 19.92 36.24 12.98
N VAL F 92 20.41 37.22 12.22
CA VAL F 92 20.94 38.45 12.82
C VAL F 92 19.78 39.36 13.18
N ARG F 93 19.91 40.05 14.31
CA ARG F 93 18.86 40.93 14.80
C ARG F 93 18.67 42.14 13.89
N ASN F 94 17.41 42.45 13.58
CA ASN F 94 17.02 43.67 12.87
C ASN F 94 17.60 43.70 11.45
N GLU F 95 17.44 42.59 10.74
CA GLU F 95 17.78 42.51 9.33
C GLU F 95 16.74 41.66 8.63
N GLN F 96 16.19 42.17 7.53
CA GLN F 96 15.15 41.46 6.83
C GLN F 96 15.72 40.19 6.20
N VAL F 97 15.00 39.08 6.37
CA VAL F 97 15.42 37.78 5.85
C VAL F 97 14.21 37.08 5.26
N GLU F 98 14.49 36.12 4.39
CA GLU F 98 13.46 35.33 3.72
C GLU F 98 13.36 33.97 4.40
N ILE F 99 12.15 33.54 4.69
CA ILE F 99 11.88 32.21 5.21
C ILE F 99 11.20 31.40 4.12
N ARG F 100 11.40 30.09 4.16
CA ARG F 100 10.92 29.20 3.10
C ARG F 100 10.03 28.15 3.74
N ALA F 101 8.73 28.23 3.46
CA ALA F 101 7.77 27.22 3.88
C ALA F 101 7.43 26.34 2.70
N VAL F 102 7.58 25.03 2.87
CA VAL F 102 7.36 24.06 1.80
C VAL F 102 6.09 23.29 2.12
N LEU F 103 5.17 23.24 1.16
CA LEU F 103 3.88 22.59 1.33
C LEU F 103 3.81 21.41 0.37
N TYR F 104 3.54 20.23 0.89
CA TYR F 104 3.59 18.99 0.14
C TYR F 104 2.18 18.47 -0.12
N ASN F 105 1.95 18.03 -1.36
CA ASN F 105 0.71 17.37 -1.76
C ASN F 105 1.07 16.09 -2.50
N TYR F 106 0.66 14.95 -1.96
CA TYR F 106 0.99 13.65 -2.53
C TYR F 106 -0.23 12.90 -3.05
N ARG F 107 -1.24 13.64 -3.51
CA ARG F 107 -2.34 13.02 -4.24
C ARG F 107 -1.87 12.63 -5.64
N GLN F 108 -2.39 11.51 -6.15
CA GLN F 108 -1.95 10.98 -7.42
C GLN F 108 -2.74 11.55 -8.60
N ASN F 109 -3.86 12.22 -8.35
CA ASN F 109 -4.68 12.78 -9.42
C ASN F 109 -5.52 13.94 -8.94
N GLN F 110 -5.04 14.69 -7.95
CA GLN F 110 -5.80 15.77 -7.34
C GLN F 110 -4.88 16.91 -6.97
N GLU F 111 -5.05 18.07 -7.61
CA GLU F 111 -4.38 19.29 -7.19
C GLU F 111 -5.27 20.03 -6.19
N LEU F 112 -4.62 20.71 -5.24
CA LEU F 112 -5.29 21.24 -4.07
C LEU F 112 -5.18 22.76 -4.02
N LYS F 113 -6.32 23.41 -3.78
CA LYS F 113 -6.36 24.85 -3.50
C LYS F 113 -6.17 25.06 -2.00
N VAL F 114 -5.10 25.76 -1.64
CA VAL F 114 -4.67 25.87 -0.25
C VAL F 114 -4.69 27.34 0.16
N ARG F 115 -5.28 27.62 1.32
CA ARG F 115 -5.12 28.91 1.99
C ARG F 115 -3.99 28.80 3.00
N VAL F 116 -2.90 29.53 2.76
CA VAL F 116 -1.74 29.51 3.62
C VAL F 116 -1.60 30.88 4.26
N GLU F 117 -1.27 30.90 5.55
CA GLU F 117 -1.27 32.14 6.32
C GLU F 117 -0.09 32.17 7.27
N LEU F 118 0.61 33.30 7.28
CA LEU F 118 1.61 33.60 8.30
C LEU F 118 0.94 34.40 9.42
N LEU F 119 1.06 33.92 10.64
CA LEU F 119 0.36 34.51 11.76
C LEU F 119 1.14 35.67 12.35
N HIS F 120 0.43 36.51 13.10
CA HIS F 120 1.05 37.69 13.69
C HIS F 120 2.10 37.29 14.73
N ASN F 121 3.09 38.16 14.90
CA ASN F 121 4.15 37.90 15.87
C ASN F 121 4.64 39.21 16.45
N PRO F 122 4.59 39.38 17.77
CA PRO F 122 5.15 40.60 18.38
C PRO F 122 6.66 40.67 18.36
N ALA F 123 7.35 39.57 18.07
CA ALA F 123 8.81 39.55 17.99
C ALA F 123 9.34 39.70 16.58
N PHE F 124 8.48 39.65 15.56
CA PHE F 124 8.90 39.79 14.17
C PHE F 124 7.93 40.74 13.45
N CYS F 125 8.47 41.46 12.48
CA CYS F 125 7.71 42.45 11.73
C CYS F 125 7.46 41.94 10.32
N SER F 126 6.21 42.05 9.87
CA SER F 126 5.80 41.66 8.54
C SER F 126 4.45 42.30 8.25
N LEU F 127 3.83 41.88 7.16
CA LEU F 127 2.50 42.37 6.81
C LEU F 127 1.42 41.87 7.78
N ALA F 128 1.71 40.81 8.52
CA ALA F 128 0.74 40.21 9.43
C ALA F 128 0.56 41.08 10.67
N THR F 129 -0.61 41.67 10.83
CA THR F 129 -1.02 42.34 12.06
C THR F 129 -2.32 41.72 12.56
N THR F 130 -2.71 42.11 13.78
CA THR F 130 -3.93 41.55 14.36
C THR F 130 -5.14 41.88 13.52
N LYS F 131 -5.22 43.10 12.99
CA LYS F 131 -6.31 43.46 12.09
C LYS F 131 -6.10 42.87 10.70
N ARG F 132 -4.88 42.96 10.17
CA ARG F 132 -4.58 42.61 8.79
C ARG F 132 -3.72 41.36 8.79
N ARG F 133 -4.28 40.26 8.28
CA ARG F 133 -3.53 39.01 8.16
C ARG F 133 -2.83 38.92 6.82
N HIS F 134 -1.67 38.26 6.82
CA HIS F 134 -0.84 38.13 5.63
C HIS F 134 -1.06 36.73 5.05
N GLN F 135 -2.11 36.62 4.23
CA GLN F 135 -2.58 35.34 3.72
C GLN F 135 -2.48 35.29 2.20
N GLN F 136 -2.18 34.10 1.68
CA GLN F 136 -2.11 33.87 0.24
C GLN F 136 -2.91 32.63 -0.11
N THR F 137 -3.34 32.57 -1.37
CA THR F 137 -4.08 31.42 -1.90
C THR F 137 -3.28 30.84 -3.07
N VAL F 138 -2.81 29.60 -2.90
CA VAL F 138 -1.94 28.95 -3.87
C VAL F 138 -2.55 27.61 -4.27
N THR F 139 -2.01 27.05 -5.35
CA THR F 139 -2.45 25.76 -5.89
C THR F 139 -1.22 24.87 -6.05
N ILE F 140 -1.32 23.64 -5.56
CA ILE F 140 -0.23 22.68 -5.60
C ILE F 140 -0.62 21.53 -6.53
N PRO F 141 0.12 21.29 -7.60
CA PRO F 141 -0.20 20.15 -8.49
C PRO F 141 -0.02 18.83 -7.77
N PRO F 142 -0.68 17.77 -8.25
CA PRO F 142 -0.54 16.45 -7.60
C PRO F 142 0.88 15.91 -7.75
N LYS F 143 1.29 15.16 -6.73
CA LYS F 143 2.64 14.56 -6.66
C LYS F 143 3.71 15.62 -6.87
N SER F 144 3.57 16.74 -6.16
CA SER F 144 4.53 17.84 -6.28
C SER F 144 4.55 18.60 -4.96
N SER F 145 5.51 19.52 -4.87
CA SER F 145 5.69 20.35 -3.69
C SER F 145 5.71 21.80 -4.11
N LEU F 146 5.28 22.68 -3.20
CA LEU F 146 5.26 24.11 -3.47
C LEU F 146 5.81 24.86 -2.28
N SER F 147 6.65 25.85 -2.54
CA SER F 147 7.27 26.67 -1.52
C SER F 147 6.67 28.06 -1.57
N VAL F 148 6.30 28.59 -0.41
CA VAL F 148 5.75 29.94 -0.31
C VAL F 148 6.69 30.77 0.54
N PRO F 149 7.46 31.69 -0.04
CA PRO F 149 8.36 32.52 0.76
C PRO F 149 7.62 33.62 1.50
N TYR F 150 8.20 34.02 2.63
CA TYR F 150 7.74 35.17 3.40
C TYR F 150 8.96 35.98 3.82
N VAL F 151 8.73 37.27 4.06
CA VAL F 151 9.77 38.18 4.51
C VAL F 151 9.41 38.69 5.89
N ILE F 152 10.38 38.68 6.80
CA ILE F 152 10.19 39.07 8.19
C ILE F 152 11.46 39.79 8.67
N VAL F 153 11.34 40.43 9.83
CA VAL F 153 12.47 41.11 10.45
C VAL F 153 12.49 40.75 11.93
N PRO F 154 13.60 40.21 12.45
CA PRO F 154 13.69 39.98 13.89
C PRO F 154 13.78 41.29 14.66
N LEU F 155 13.07 41.35 15.79
CA LEU F 155 13.00 42.56 16.58
C LEU F 155 13.65 42.46 17.95
N LYS F 156 13.81 41.25 18.50
CA LYS F 156 14.37 41.09 19.82
C LYS F 156 15.18 39.79 19.87
N THR F 157 16.26 39.82 20.65
CA THR F 157 17.16 38.68 20.75
C THR F 157 16.53 37.53 21.51
N GLY F 158 17.10 36.35 21.33
CA GLY F 158 16.66 35.15 22.02
C GLY F 158 16.06 34.15 21.05
N LEU F 159 15.74 32.97 21.61
CA LEU F 159 15.12 31.89 20.86
C LEU F 159 13.64 32.24 20.72
N GLN F 160 13.31 32.99 19.67
CA GLN F 160 11.98 33.53 19.47
C GLN F 160 11.15 32.63 18.57
N GLU F 161 9.84 32.83 18.62
CA GLU F 161 8.87 31.87 18.11
C GLU F 161 8.27 32.34 16.79
N VAL F 162 8.10 31.40 15.86
CA VAL F 162 7.50 31.66 14.56
C VAL F 162 6.45 30.58 14.30
N GLU F 163 5.26 31.00 13.86
CA GLU F 163 4.15 30.08 13.64
C GLU F 163 3.50 30.37 12.30
N VAL F 164 3.19 29.31 11.56
CA VAL F 164 2.50 29.41 10.27
C VAL F 164 1.42 28.35 10.21
N LYS F 165 0.35 28.65 9.47
CA LYS F 165 -0.78 27.75 9.32
C LYS F 165 -1.24 27.75 7.87
N ALA F 166 -1.87 26.65 7.46
CA ALA F 166 -2.40 26.52 6.11
C ALA F 166 -3.57 25.56 6.11
N ALA F 167 -4.58 25.85 5.28
CA ALA F 167 -5.76 25.01 5.15
C ALA F 167 -6.22 24.99 3.69
N VAL F 168 -6.67 23.82 3.24
CA VAL F 168 -7.11 23.63 1.86
C VAL F 168 -8.62 23.83 1.78
N TYR F 169 -9.09 24.24 0.60
CA TYR F 169 -10.51 24.36 0.35
C TYR F 169 -11.10 23.01 -0.07
N HIS F 170 -12.40 22.84 0.22
CA HIS F 170 -13.19 21.69 -0.20
C HIS F 170 -12.75 20.38 0.44
N HIS F 171 -11.65 20.39 1.18
CA HIS F 171 -11.29 19.29 2.07
C HIS F 171 -10.90 19.87 3.42
N PHE F 172 -11.26 19.16 4.48
CA PHE F 172 -10.93 19.60 5.83
C PHE F 172 -9.65 18.93 6.32
N ILE F 173 -8.58 19.21 5.56
CA ILE F 173 -7.23 18.76 5.88
C ILE F 173 -6.38 20.00 6.03
N SER F 174 -5.74 20.16 7.19
CA SER F 174 -4.96 21.35 7.49
C SER F 174 -3.70 20.97 8.24
N ASP F 175 -2.77 21.91 8.29
CA ASP F 175 -1.51 21.70 8.98
C ASP F 175 -0.98 23.04 9.49
N GLY F 176 -0.23 22.98 10.58
CA GLY F 176 0.39 24.16 11.15
C GLY F 176 1.77 23.86 11.72
N VAL F 177 2.70 24.80 11.56
CA VAL F 177 4.08 24.61 11.97
C VAL F 177 4.48 25.75 12.89
N ARG F 178 4.90 25.42 14.11
CA ARG F 178 5.37 26.39 15.09
C ARG F 178 6.78 26.01 15.50
N LYS F 179 7.76 26.78 15.04
CA LYS F 179 9.16 26.53 15.35
C LYS F 179 9.79 27.80 15.91
N SER F 180 10.96 27.62 16.53
CA SER F 180 11.72 28.72 17.11
C SER F 180 13.14 28.70 16.56
N LEU F 181 13.70 29.88 16.34
CA LEU F 181 15.08 30.02 15.90
C LEU F 181 15.75 31.15 16.67
N LYS F 182 17.08 31.10 16.71
CA LYS F 182 17.85 32.01 17.53
C LYS F 182 18.02 33.36 16.84
N VAL F 183 17.66 34.43 17.53
CA VAL F 183 17.91 35.79 17.07
C VAL F 183 19.22 36.26 17.69
N VAL F 184 20.26 36.39 16.87
CA VAL F 184 21.62 36.65 17.33
C VAL F 184 21.97 38.10 17.04
N PRO F 185 22.45 38.86 18.02
CA PRO F 185 22.97 40.20 17.73
C PRO F 185 24.27 40.14 16.94
N GLU F 186 24.55 41.23 16.22
CA GLU F 186 25.74 41.30 15.39
C GLU F 186 27.00 41.18 16.24
N GLY F 187 28.04 40.61 15.63
CA GLY F 187 29.31 40.34 16.28
C GLY F 187 29.82 38.97 15.86
N ILE F 188 30.87 38.51 16.56
CA ILE F 188 31.48 37.22 16.24
C ILE F 188 32.30 36.76 17.43
N ARG F 189 32.60 35.47 17.49
CA ARG F 189 33.38 34.91 18.58
C ARG F 189 34.85 35.31 18.49
N MET F 190 35.42 35.63 19.66
CA MET F 190 36.85 35.86 19.81
C MET F 190 37.35 35.02 20.97
N ASN F 191 38.43 34.28 20.75
CA ASN F 191 39.08 33.51 21.82
C ASN F 191 40.48 34.08 22.00
N LYS F 192 40.57 35.22 22.67
CA LYS F 192 41.86 35.81 22.96
C LYS F 192 42.42 35.22 24.25
N THR F 193 43.74 35.30 24.39
CA THR F 193 44.44 34.74 25.53
C THR F 193 44.80 35.86 26.50
N VAL F 194 44.55 35.64 27.79
CA VAL F 194 44.86 36.64 28.79
C VAL F 194 46.35 36.63 29.12
N ALA F 195 46.84 35.49 29.60
CA ALA F 195 48.24 35.38 29.98
C ALA F 195 48.64 33.91 30.01
N VAL F 196 49.91 33.66 29.71
CA VAL F 196 50.51 32.34 29.86
C VAL F 196 51.85 32.55 30.56
N ARG F 197 52.02 31.90 31.71
CA ARG F 197 53.19 32.10 32.55
C ARG F 197 53.59 30.79 33.20
N THR F 198 54.83 30.73 33.66
CA THR F 198 55.39 29.56 34.31
C THR F 198 55.29 29.68 35.82
N LEU F 199 54.90 28.59 36.47
CA LEU F 199 54.83 28.52 37.93
C LEU F 199 56.03 27.75 38.45
N ASP F 200 56.70 28.32 39.45
CA ASP F 200 57.88 27.70 40.05
C ASP F 200 58.09 28.29 41.44
N PRO F 201 57.40 27.76 42.46
CA PRO F 201 57.49 28.38 43.79
C PRO F 201 58.90 28.39 44.36
N GLU F 202 59.73 27.41 44.00
CA GLU F 202 61.12 27.41 44.45
C GLU F 202 61.89 28.57 43.82
N ARG F 203 61.58 28.89 42.56
CA ARG F 203 62.28 29.91 41.80
C ARG F 203 61.59 31.28 41.89
N LEU F 204 60.26 31.30 41.88
CA LEU F 204 59.50 32.54 41.91
C LEU F 204 58.84 32.68 43.28
N GLY F 205 58.95 33.88 43.87
CA GLY F 205 58.48 34.12 45.20
C GLY F 205 59.48 33.77 46.29
N ARG F 206 60.37 32.80 46.01
CA ARG F 206 61.49 32.43 46.87
C ARG F 206 61.03 31.69 48.13
N GLU F 207 61.82 30.70 48.56
CA GLU F 207 61.55 29.92 49.78
C GLU F 207 60.26 29.11 49.67
N GLY F 208 60.01 28.54 48.49
CA GLY F 208 58.95 27.58 48.35
C GLY F 208 57.54 28.12 48.26
N VAL F 209 57.37 29.43 48.23
CA VAL F 209 56.04 30.05 48.18
C VAL F 209 55.98 30.95 46.96
N GLN F 210 54.87 30.87 46.22
CA GLN F 210 54.65 31.70 45.03
C GLN F 210 53.21 32.18 44.99
N LYS F 211 53.05 33.47 44.74
CA LYS F 211 51.73 34.09 44.59
C LYS F 211 51.73 34.94 43.33
N GLU F 212 50.60 34.94 42.61
CA GLU F 212 50.51 35.68 41.37
C GLU F 212 49.03 35.92 41.04
N ASP F 213 48.77 37.07 40.43
CA ASP F 213 47.43 37.48 40.06
C ASP F 213 47.20 37.30 38.56
N ILE F 214 45.92 37.24 38.19
CA ILE F 214 45.51 37.23 36.80
C ILE F 214 44.54 38.39 36.61
N PRO F 215 44.94 39.48 35.94
CA PRO F 215 44.01 40.59 35.75
C PRO F 215 42.91 40.21 34.81
N PRO F 216 41.71 40.79 34.96
CA PRO F 216 40.64 40.50 34.02
C PRO F 216 40.91 41.11 32.66
N ALA F 217 40.36 40.49 31.62
CA ALA F 217 40.55 40.97 30.27
C ALA F 217 39.80 42.29 30.08
N ASP F 218 40.44 43.24 29.39
CA ASP F 218 39.81 44.54 29.21
C ASP F 218 38.69 44.47 28.18
N LEU F 219 38.90 43.71 27.09
CA LEU F 219 37.94 43.45 26.02
C LEU F 219 36.90 44.56 25.82
N SER F 220 37.34 45.71 25.31
CA SER F 220 36.42 46.83 25.09
C SER F 220 35.45 46.58 23.95
N ASP F 221 35.71 45.57 23.12
CA ASP F 221 34.86 45.26 21.98
C ASP F 221 33.77 44.23 22.31
N GLN F 222 33.56 43.93 23.58
CA GLN F 222 32.57 42.92 23.95
C GLN F 222 31.16 43.41 23.64
N VAL F 223 30.35 42.51 23.11
CA VAL F 223 28.94 42.84 22.83
C VAL F 223 28.20 43.00 24.16
N PRO F 224 27.40 44.05 24.33
CA PRO F 224 26.72 44.26 25.61
C PRO F 224 25.79 43.11 25.98
N ASP F 225 25.88 42.68 27.24
CA ASP F 225 25.01 41.65 27.80
C ASP F 225 25.14 40.33 27.04
N THR F 226 26.38 39.88 26.88
CA THR F 226 26.65 38.59 26.27
C THR F 226 27.58 37.80 27.18
N GLU F 227 27.48 36.48 27.11
CA GLU F 227 28.29 35.63 27.96
C GLU F 227 29.76 35.76 27.60
N SER F 228 30.62 35.51 28.58
CA SER F 228 32.06 35.59 28.40
C SER F 228 32.69 34.66 29.43
N GLU F 229 33.44 33.67 28.96
CA GLU F 229 34.02 32.68 29.85
C GLU F 229 35.52 32.90 29.97
N THR F 230 36.04 32.61 31.15
CA THR F 230 37.48 32.64 31.42
C THR F 230 37.89 31.19 31.63
N ARG F 231 38.69 30.67 30.70
CA ARG F 231 39.08 29.26 30.71
C ARG F 231 40.48 29.14 31.29
N ILE F 232 40.60 28.44 32.40
CA ILE F 232 41.85 28.30 33.14
C ILE F 232 42.35 26.87 32.94
N LEU F 233 43.62 26.74 32.57
CA LEU F 233 44.22 25.44 32.32
C LEU F 233 45.57 25.37 33.03
N LEU F 234 45.81 24.22 33.67
CA LEU F 234 47.07 23.96 34.34
C LEU F 234 47.64 22.65 33.82
N GLN F 235 48.96 22.64 33.62
CA GLN F 235 49.66 21.44 33.18
C GLN F 235 51.06 21.44 33.77
N GLY F 236 51.44 20.31 34.37
CA GLY F 236 52.74 20.20 34.98
C GLY F 236 53.82 19.96 33.94
N THR F 237 55.07 20.06 34.38
CA THR F 237 56.19 19.87 33.47
C THR F 237 56.81 18.51 33.70
N PRO F 238 56.65 17.56 32.76
CA PRO F 238 57.27 16.24 32.91
C PRO F 238 58.78 16.31 32.74
N VAL F 239 59.50 15.94 33.79
CA VAL F 239 60.97 15.92 33.80
C VAL F 239 61.41 14.47 33.95
N ALA F 240 62.20 13.99 33.00
CA ALA F 240 62.68 12.63 33.05
C ALA F 240 64.21 12.57 33.02
N GLN F 241 64.72 11.43 32.57
CA GLN F 241 66.15 11.15 32.40
C GLN F 241 66.85 11.14 33.79
N MET F 242 68.15 11.45 33.83
CA MET F 242 69.03 11.27 34.99
C MET F 242 69.33 9.79 35.29
N THR F 243 69.15 8.92 34.29
CA THR F 243 69.44 7.50 34.41
C THR F 243 70.47 7.09 33.37
N GLU F 244 71.49 6.37 33.82
CA GLU F 244 72.50 5.80 32.95
C GLU F 244 72.05 4.42 32.48
N ASP F 245 72.63 3.98 31.36
CA ASP F 245 72.29 2.69 30.79
C ASP F 245 72.77 1.57 31.69
N ALA F 246 72.01 0.48 31.70
CA ALA F 246 72.36 -0.74 32.42
C ALA F 246 73.00 -1.74 31.47
N VAL F 247 73.68 -2.72 32.04
CA VAL F 247 74.32 -3.75 31.24
C VAL F 247 73.25 -4.59 30.56
N ASP F 248 73.40 -4.81 29.25
CA ASP F 248 72.35 -5.38 28.41
C ASP F 248 72.11 -6.86 28.66
N ALA F 249 72.82 -7.48 29.60
CA ALA F 249 72.64 -8.87 29.99
C ALA F 249 72.93 -9.83 28.84
N GLU F 250 73.68 -9.38 27.83
CA GLU F 250 74.10 -10.28 26.76
C GLU F 250 75.14 -11.27 27.26
N ARG F 251 76.23 -10.74 27.83
CA ARG F 251 77.35 -11.52 28.32
C ARG F 251 77.21 -11.88 29.80
N LEU F 252 76.05 -11.62 30.41
CA LEU F 252 75.80 -11.98 31.80
C LEU F 252 75.15 -13.34 31.95
N LYS F 253 74.87 -14.04 30.86
CA LYS F 253 74.25 -15.35 30.92
C LYS F 253 75.16 -16.44 31.49
N HIS F 254 76.45 -16.13 31.64
CA HIS F 254 77.44 -17.09 32.12
C HIS F 254 77.55 -17.14 33.64
N LEU F 255 76.90 -16.23 34.37
CA LEU F 255 77.03 -16.18 35.82
C LEU F 255 76.14 -17.17 36.55
N ILE F 256 75.40 -18.02 35.83
CA ILE F 256 74.60 -19.07 36.46
C ILE F 256 75.53 -20.24 36.75
N VAL F 257 75.95 -20.36 38.00
CA VAL F 257 76.93 -21.36 38.43
C VAL F 257 76.31 -22.24 39.49
N THR F 258 76.57 -23.54 39.39
CA THR F 258 76.07 -24.49 40.37
C THR F 258 77.00 -24.54 41.57
N PRO F 259 76.51 -24.32 42.80
CA PRO F 259 77.39 -24.39 43.96
C PRO F 259 77.86 -25.82 44.20
N SER F 260 79.12 -25.94 44.63
CA SER F 260 79.72 -27.25 44.87
C SER F 260 80.96 -27.07 45.73
N GLY F 261 81.46 -28.19 46.25
CA GLY F 261 82.68 -28.20 47.02
C GLY F 261 82.47 -27.94 48.49
N CYS F 262 83.53 -27.46 49.13
CA CYS F 262 83.52 -27.18 50.56
C CYS F 262 82.65 -25.96 50.86
N GLY F 263 82.62 -25.57 52.14
CA GLY F 263 81.79 -24.45 52.56
C GLY F 263 82.13 -23.16 51.84
N GLU F 264 83.41 -22.79 51.86
CA GLU F 264 83.85 -21.61 51.10
C GLU F 264 83.72 -21.84 49.60
N GLN F 265 84.00 -23.06 49.13
CA GLN F 265 83.81 -23.37 47.72
C GLN F 265 82.34 -23.31 47.34
N ASN F 266 81.45 -23.74 48.24
CA ASN F 266 80.02 -23.63 47.99
C ASN F 266 79.61 -22.17 47.87
N MET F 267 80.18 -21.29 48.70
CA MET F 267 79.88 -19.87 48.62
C MET F 267 80.45 -19.26 47.34
N ILE F 268 81.58 -19.78 46.85
CA ILE F 268 82.15 -19.30 45.59
C ILE F 268 81.21 -19.60 44.43
N GLY F 269 80.67 -20.82 44.39
CA GLY F 269 79.72 -21.15 43.33
C GLY F 269 78.39 -20.45 43.47
N MET F 270 77.99 -20.16 44.71
CA MET F 270 76.71 -19.49 44.95
C MET F 270 76.80 -17.98 44.75
N THR F 271 77.99 -17.39 44.88
CA THR F 271 78.21 -15.95 44.82
C THR F 271 77.62 -15.30 43.56
N PRO F 272 77.98 -15.73 42.35
CA PRO F 272 77.51 -14.99 41.17
C PRO F 272 76.04 -15.22 40.87
N THR F 273 75.52 -16.42 41.15
CA THR F 273 74.13 -16.73 40.84
C THR F 273 73.16 -15.93 41.72
N VAL F 274 73.55 -15.65 42.97
CA VAL F 274 72.64 -14.96 43.89
C VAL F 274 72.46 -13.50 43.47
N ILE F 275 73.56 -12.80 43.19
CA ILE F 275 73.47 -11.38 42.89
C ILE F 275 72.88 -11.16 41.49
N ALA F 276 73.05 -12.12 40.59
CA ALA F 276 72.59 -11.93 39.21
C ALA F 276 71.07 -11.84 39.13
N VAL F 277 70.36 -12.70 39.85
CA VAL F 277 68.89 -12.66 39.83
C VAL F 277 68.40 -11.35 40.41
N HIS F 278 69.05 -10.87 41.47
CA HIS F 278 68.65 -9.60 42.06
C HIS F 278 68.92 -8.44 41.09
N TYR F 279 70.03 -8.51 40.35
CA TYR F 279 70.34 -7.47 39.38
C TYR F 279 69.34 -7.49 38.22
N LEU F 280 69.01 -8.68 37.71
CA LEU F 280 68.06 -8.78 36.61
C LEU F 280 66.65 -8.39 37.05
N ASP F 281 66.32 -8.58 38.32
CA ASP F 281 65.00 -8.18 38.81
C ASP F 281 64.84 -6.66 38.77
N GLU F 282 65.81 -5.93 39.31
CA GLU F 282 65.71 -4.48 39.36
C GLU F 282 65.89 -3.85 37.99
N THR F 283 66.67 -4.49 37.11
CA THR F 283 66.81 -4.04 35.74
C THR F 283 65.72 -4.60 34.83
N GLU F 284 64.85 -5.46 35.36
CA GLU F 284 63.76 -6.12 34.63
C GLU F 284 64.17 -6.51 33.22
N GLN F 285 65.33 -7.17 33.12
CA GLN F 285 65.85 -7.64 31.85
C GLN F 285 65.61 -9.14 31.64
N TRP F 286 64.62 -9.71 32.34
CA TRP F 286 64.29 -11.11 32.17
C TRP F 286 63.66 -11.38 30.81
N GLU F 287 63.17 -10.32 30.13
CA GLU F 287 62.63 -10.51 28.79
C GLU F 287 63.71 -10.97 27.82
N LYS F 288 64.87 -10.30 27.83
CA LYS F 288 65.99 -10.72 26.99
C LYS F 288 66.69 -11.93 27.57
N PHE F 289 66.86 -11.97 28.90
CA PHE F 289 67.62 -13.04 29.52
C PHE F 289 66.88 -14.38 29.44
N GLY F 290 65.58 -14.37 29.72
CA GLY F 290 64.81 -15.59 29.74
C GLY F 290 64.04 -15.78 31.02
N LEU F 291 62.72 -15.82 30.93
CA LEU F 291 61.89 -15.96 32.14
C LEU F 291 62.09 -17.32 32.78
N GLU F 292 62.29 -18.36 31.98
CA GLU F 292 62.47 -19.71 32.50
C GLU F 292 63.73 -19.85 33.33
N LYS F 293 64.71 -18.96 33.17
CA LYS F 293 65.99 -19.11 33.84
C LYS F 293 65.97 -18.62 35.28
N ARG F 294 64.98 -17.81 35.68
CA ARG F 294 64.87 -17.42 37.08
C ARG F 294 64.40 -18.60 37.93
N GLN F 295 63.49 -19.42 37.40
CA GLN F 295 63.05 -20.60 38.13
C GLN F 295 64.19 -21.61 38.28
N GLY F 296 65.01 -21.74 37.23
CA GLY F 296 66.18 -22.60 37.34
C GLY F 296 67.21 -22.08 38.33
N ALA F 297 67.41 -20.77 38.35
CA ALA F 297 68.34 -20.18 39.31
C ALA F 297 67.82 -20.27 40.74
N LEU F 298 66.49 -20.24 40.92
CA LEU F 298 65.93 -20.40 42.26
C LEU F 298 66.27 -21.78 42.81
N GLU F 299 66.27 -22.80 41.96
CA GLU F 299 66.66 -24.14 42.40
C GLU F 299 68.12 -24.18 42.83
N LEU F 300 68.99 -23.52 42.06
CA LEU F 300 70.42 -23.53 42.39
C LEU F 300 70.71 -22.71 43.64
N ILE F 301 70.07 -21.54 43.76
CA ILE F 301 70.25 -20.73 44.97
C ILE F 301 69.69 -21.46 46.18
N LYS F 302 68.52 -22.07 46.04
CA LYS F 302 67.97 -22.88 47.13
C LYS F 302 68.86 -24.08 47.42
N LYS F 303 69.47 -24.66 46.39
CA LYS F 303 70.39 -25.77 46.59
C LYS F 303 71.66 -25.30 47.31
N GLY F 304 72.16 -24.12 46.96
CA GLY F 304 73.33 -23.60 47.64
C GLY F 304 73.07 -23.29 49.10
N TYR F 305 71.88 -22.76 49.42
CA TYR F 305 71.52 -22.55 50.81
C TYR F 305 71.42 -23.87 51.57
N THR F 306 71.01 -24.94 50.89
CA THR F 306 70.92 -26.24 51.54
C THR F 306 72.31 -26.80 51.84
N GLN F 307 73.23 -26.71 50.88
CA GLN F 307 74.57 -27.25 51.09
C GLN F 307 75.38 -26.40 52.05
N GLN F 308 75.07 -25.10 52.15
CA GLN F 308 75.84 -24.22 53.02
C GLN F 308 75.60 -24.54 54.48
N LEU F 309 74.37 -24.93 54.83
CA LEU F 309 74.05 -25.28 56.21
C LEU F 309 74.72 -26.57 56.67
N ALA F 310 75.27 -27.36 55.75
CA ALA F 310 75.97 -28.58 56.15
C ALA F 310 77.33 -28.30 56.78
N PHE F 311 77.92 -27.13 56.50
CA PHE F 311 79.20 -26.74 57.07
C PHE F 311 79.04 -25.78 58.24
N ARG F 312 77.82 -25.61 58.74
CA ARG F 312 77.56 -24.75 59.88
C ARG F 312 78.10 -25.37 61.16
N GLN F 313 78.82 -24.57 61.94
CA GLN F 313 79.30 -25.03 63.23
C GLN F 313 78.15 -25.01 64.25
N PRO F 314 78.22 -25.86 65.28
CA PRO F 314 77.12 -25.89 66.27
C PRO F 314 76.94 -24.57 67.01
N SER F 315 77.93 -23.69 66.97
CA SER F 315 77.81 -22.35 67.52
C SER F 315 77.38 -21.32 66.47
N SER F 316 76.81 -21.79 65.35
CA SER F 316 76.35 -20.92 64.26
C SER F 316 77.53 -20.20 63.59
N ALA F 317 78.61 -20.94 63.34
CA ALA F 317 79.79 -20.43 62.67
C ALA F 317 80.05 -21.22 61.40
N PHE F 318 80.88 -20.66 60.52
CA PHE F 318 81.15 -21.25 59.22
C PHE F 318 82.65 -21.41 58.99
N ALA F 319 83.00 -22.48 58.28
CA ALA F 319 84.37 -22.75 57.87
C ALA F 319 84.32 -23.63 56.62
N ALA F 320 85.49 -23.93 56.06
CA ALA F 320 85.55 -24.82 54.90
C ALA F 320 85.07 -26.22 55.27
N PHE F 321 85.46 -26.70 56.45
CA PHE F 321 85.00 -27.96 56.99
C PHE F 321 84.51 -27.75 58.42
N VAL F 322 83.74 -28.71 58.92
CA VAL F 322 83.35 -28.68 60.32
C VAL F 322 84.55 -28.95 61.23
N LYS F 323 85.57 -29.62 60.70
CA LYS F 323 86.80 -29.83 61.47
C LYS F 323 87.64 -28.57 61.54
N ARG F 324 87.64 -27.76 60.48
CA ARG F 324 88.44 -26.55 60.45
C ARG F 324 87.91 -25.52 61.44
N ALA F 325 88.81 -24.71 61.98
CA ALA F 325 88.42 -23.64 62.88
C ALA F 325 87.48 -22.67 62.17
N PRO F 326 86.50 -22.10 62.87
CA PRO F 326 85.54 -21.21 62.19
C PRO F 326 86.20 -19.96 61.68
N SER F 327 85.77 -19.52 60.50
CA SER F 327 86.30 -18.34 59.84
C SER F 327 85.38 -17.15 60.14
N THR F 328 85.94 -16.12 60.79
CA THR F 328 85.16 -14.92 61.07
C THR F 328 84.80 -14.18 59.79
N TRP F 329 85.73 -14.11 58.84
CA TRP F 329 85.44 -13.45 57.57
C TRP F 329 84.36 -14.19 56.80
N LEU F 330 84.49 -15.51 56.69
CA LEU F 330 83.50 -16.30 55.97
C LEU F 330 82.13 -16.24 56.65
N THR F 331 82.11 -16.17 57.98
CA THR F 331 80.84 -16.03 58.69
C THR F 331 80.18 -14.71 58.35
N ALA F 332 80.97 -13.64 58.23
CA ALA F 332 80.41 -12.34 57.85
C ALA F 332 80.00 -12.31 56.39
N TYR F 333 80.74 -13.02 55.52
CA TYR F 333 80.41 -13.06 54.10
C TYR F 333 79.05 -13.71 53.87
N VAL F 334 78.77 -14.80 54.58
CA VAL F 334 77.48 -15.49 54.43
C VAL F 334 76.35 -14.58 54.88
N VAL F 335 76.56 -13.85 55.98
CA VAL F 335 75.54 -12.91 56.46
C VAL F 335 75.28 -11.84 55.41
N LYS F 336 76.35 -11.34 54.77
CA LYS F 336 76.18 -10.40 53.67
C LYS F 336 75.43 -11.04 52.51
N VAL F 337 75.74 -12.31 52.22
CA VAL F 337 75.06 -13.01 51.12
C VAL F 337 73.62 -13.32 51.50
N PHE F 338 73.39 -13.80 52.73
CA PHE F 338 72.04 -14.17 53.14
C PHE F 338 71.15 -12.96 53.35
N SER F 339 71.72 -11.79 53.64
CA SER F 339 70.90 -10.60 53.82
C SER F 339 70.20 -10.22 52.53
N LEU F 340 70.81 -10.54 51.39
CA LEU F 340 70.18 -10.30 50.10
C LEU F 340 69.22 -11.41 49.73
N ALA F 341 69.49 -12.64 50.18
CA ALA F 341 68.68 -13.79 49.78
C ALA F 341 67.44 -13.99 50.63
N VAL F 342 67.19 -13.13 51.61
CA VAL F 342 65.93 -13.21 52.35
C VAL F 342 64.76 -12.82 51.47
N ASN F 343 65.02 -12.10 50.39
CA ASN F 343 64.01 -11.75 49.40
C ASN F 343 63.83 -12.82 48.34
N LEU F 344 64.64 -13.89 48.38
CA LEU F 344 64.58 -14.94 47.39
C LEU F 344 64.23 -16.30 47.98
N ILE F 345 64.95 -16.72 49.02
CA ILE F 345 64.73 -18.01 49.67
C ILE F 345 64.52 -17.79 51.16
N ALA F 346 64.09 -18.84 51.85
CA ALA F 346 63.76 -18.76 53.27
C ALA F 346 65.02 -19.04 54.08
N ILE F 347 65.76 -17.97 54.37
CA ILE F 347 66.92 -18.04 55.26
C ILE F 347 66.45 -18.11 56.69
N ASP F 348 67.00 -19.04 57.47
CA ASP F 348 66.58 -19.19 58.86
C ASP F 348 67.06 -17.99 59.67
N SER F 349 66.11 -17.31 60.32
CA SER F 349 66.46 -16.13 61.11
C SER F 349 67.23 -16.49 62.37
N GLN F 350 66.91 -17.62 62.98
CA GLN F 350 67.60 -18.03 64.20
C GLN F 350 69.07 -18.34 63.93
N VAL F 351 69.35 -18.99 62.80
CA VAL F 351 70.73 -19.32 62.45
C VAL F 351 71.47 -18.06 62.02
N LEU F 352 70.80 -17.20 61.24
CA LEU F 352 71.46 -15.98 60.76
C LEU F 352 71.83 -15.07 61.92
N CYS F 353 70.87 -14.83 62.83
CA CYS F 353 71.17 -14.02 64.01
C CYS F 353 72.04 -14.76 65.00
N GLY F 354 72.02 -16.10 64.98
CA GLY F 354 72.97 -16.85 65.79
C GLY F 354 74.39 -16.64 65.32
N ALA F 355 74.60 -16.56 64.00
CA ALA F 355 75.90 -16.18 63.48
C ALA F 355 76.26 -14.75 63.82
N VAL F 356 75.27 -13.86 63.86
CA VAL F 356 75.53 -12.47 64.25
C VAL F 356 75.91 -12.39 65.72
N LYS F 357 75.16 -13.09 66.58
CA LYS F 357 75.49 -13.11 68.00
C LYS F 357 76.85 -13.75 68.25
N TRP F 358 77.21 -14.77 67.45
CA TRP F 358 78.52 -15.40 67.59
C TRP F 358 79.63 -14.44 67.17
N LEU F 359 79.40 -13.62 66.15
CA LEU F 359 80.41 -12.66 65.72
C LEU F 359 80.56 -11.54 66.73
N ILE F 360 79.47 -11.12 67.37
CA ILE F 360 79.52 -10.02 68.33
C ILE F 360 80.23 -10.46 69.60
N LEU F 361 79.85 -11.62 70.14
CA LEU F 361 80.37 -12.05 71.43
C LEU F 361 81.75 -12.68 71.31
N GLU F 362 81.94 -13.57 70.34
CA GLU F 362 83.16 -14.34 70.24
C GLU F 362 84.26 -13.63 69.44
N LYS F 363 83.90 -12.97 68.34
CA LYS F 363 84.88 -12.49 67.37
C LYS F 363 84.92 -10.97 67.27
N GLN F 364 84.64 -10.27 68.37
CA GLN F 364 84.82 -8.82 68.41
C GLN F 364 85.57 -8.42 69.66
N LYS F 365 86.66 -7.68 69.49
CA LYS F 365 87.40 -7.15 70.63
C LYS F 365 86.59 -6.05 71.30
N PRO F 366 86.84 -5.82 72.61
CA PRO F 366 86.05 -4.81 73.33
C PRO F 366 86.18 -3.40 72.78
N ASP F 367 87.23 -3.09 72.02
CA ASP F 367 87.39 -1.75 71.46
C ASP F 367 86.77 -1.61 70.08
N GLY F 368 86.20 -2.67 69.52
CA GLY F 368 85.49 -2.60 68.26
C GLY F 368 86.14 -3.33 67.11
N VAL F 369 87.40 -3.73 67.25
CA VAL F 369 88.12 -4.36 66.15
C VAL F 369 87.66 -5.81 66.02
N PHE F 370 87.30 -6.20 64.79
CA PHE F 370 87.01 -7.59 64.50
C PHE F 370 88.28 -8.32 64.11
N GLN F 371 88.45 -9.53 64.64
CA GLN F 371 89.67 -10.32 64.45
C GLN F 371 89.31 -11.65 63.79
N GLU F 372 90.05 -11.99 62.75
CA GLU F 372 89.89 -13.28 62.09
C GLU F 372 90.92 -14.26 62.63
N ASP F 373 90.45 -15.44 63.03
CA ASP F 373 91.28 -16.47 63.63
C ASP F 373 91.57 -17.63 62.69
N ALA F 374 91.00 -17.63 61.49
CA ALA F 374 91.20 -18.69 60.52
C ALA F 374 90.86 -18.17 59.13
N PRO F 375 91.83 -17.59 58.43
CA PRO F 375 91.57 -17.13 57.05
C PRO F 375 91.15 -18.30 56.16
N VAL F 376 90.38 -17.98 55.12
CA VAL F 376 89.88 -19.00 54.22
C VAL F 376 91.02 -19.68 53.48
N ILE F 377 90.77 -20.90 53.02
CA ILE F 377 91.79 -21.66 52.30
C ILE F 377 92.09 -20.99 50.97
N HIS F 378 91.05 -20.69 50.19
CA HIS F 378 91.21 -19.99 48.91
C HIS F 378 91.47 -18.53 49.22
N GLN F 379 92.73 -18.11 49.13
CA GLN F 379 93.11 -16.74 49.41
C GLN F 379 92.83 -15.80 48.25
N GLU F 380 92.39 -16.31 47.10
CA GLU F 380 92.06 -15.46 45.97
C GLU F 380 90.64 -14.93 46.00
N MET F 381 89.76 -15.53 46.80
CA MET F 381 88.37 -15.09 46.83
C MET F 381 88.14 -13.86 47.71
N ILE F 382 89.14 -13.43 48.49
CA ILE F 382 88.97 -12.26 49.35
C ILE F 382 89.35 -10.95 48.66
N GLY F 383 89.92 -11.01 47.47
CA GLY F 383 90.17 -9.79 46.72
C GLY F 383 91.22 -8.91 47.37
N GLY F 384 90.90 -7.61 47.46
CA GLY F 384 91.81 -6.62 48.01
C GLY F 384 92.13 -6.77 49.48
N LEU F 385 91.35 -7.59 50.21
CA LEU F 385 91.65 -7.83 51.62
C LEU F 385 92.82 -8.76 51.82
N ARG F 386 93.33 -9.37 50.75
CA ARG F 386 94.56 -10.17 50.83
C ARG F 386 95.77 -9.32 51.18
N ASN F 387 95.76 -8.05 50.77
CA ASN F 387 96.84 -7.12 51.10
C ASN F 387 96.85 -6.85 52.60
N ASN F 388 97.99 -7.12 53.24
CA ASN F 388 98.11 -7.00 54.68
C ASN F 388 98.35 -5.58 55.17
N ASN F 389 98.58 -4.63 54.28
CA ASN F 389 98.74 -3.25 54.70
C ASN F 389 97.37 -2.68 55.08
N GLU F 390 97.28 -2.11 56.29
CA GLU F 390 96.03 -1.58 56.81
C GLU F 390 94.94 -2.65 56.83
N LYS F 391 95.32 -3.88 57.20
CA LYS F 391 94.39 -5.00 57.14
C LYS F 391 93.36 -4.92 58.26
N ASP F 392 93.76 -4.47 59.44
CA ASP F 392 92.84 -4.45 60.59
C ASP F 392 91.70 -3.46 60.37
N MET F 393 91.99 -2.31 59.76
CA MET F 393 90.94 -1.35 59.48
C MET F 393 89.98 -1.86 58.40
N ALA F 394 90.52 -2.48 57.35
CA ALA F 394 89.68 -2.95 56.25
C ALA F 394 88.79 -4.11 56.67
N LEU F 395 89.34 -5.06 57.44
CA LEU F 395 88.53 -6.19 57.89
C LEU F 395 87.41 -5.73 58.83
N THR F 396 87.69 -4.73 59.67
CA THR F 396 86.67 -4.21 60.55
C THR F 396 85.52 -3.57 59.78
N ALA F 397 85.84 -2.81 58.74
CA ALA F 397 84.81 -2.15 57.95
C ALA F 397 83.97 -3.16 57.17
N PHE F 398 84.61 -4.23 56.67
CA PHE F 398 83.88 -5.24 55.91
C PHE F 398 82.81 -5.90 56.76
N VAL F 399 83.15 -6.30 57.99
CA VAL F 399 82.18 -6.95 58.86
C VAL F 399 81.14 -5.95 59.34
N LEU F 400 81.55 -4.71 59.60
CA LEU F 400 80.60 -3.69 60.05
C LEU F 400 79.53 -3.43 58.98
N ILE F 401 79.94 -3.42 57.71
CA ILE F 401 78.97 -3.28 56.62
C ILE F 401 78.03 -4.48 56.58
N SER F 402 78.58 -5.69 56.78
CA SER F 402 77.75 -6.89 56.74
C SER F 402 76.74 -6.90 57.87
N LEU F 403 77.14 -6.46 59.07
CA LEU F 403 76.22 -6.46 60.19
C LEU F 403 75.16 -5.37 60.05
N GLN F 404 75.54 -4.21 59.51
CA GLN F 404 74.57 -3.14 59.30
C GLN F 404 73.55 -3.50 58.23
N GLU F 405 73.94 -4.31 57.25
CA GLU F 405 72.99 -4.74 56.23
C GLU F 405 72.01 -5.77 56.79
N ALA F 406 72.42 -6.52 57.81
CA ALA F 406 71.54 -7.47 58.48
C ALA F 406 70.99 -6.92 59.79
N LYS F 407 71.00 -5.61 59.96
CA LYS F 407 70.55 -5.03 61.23
C LYS F 407 69.05 -5.18 61.41
N ASP F 408 68.29 -5.02 60.32
CA ASP F 408 66.83 -5.02 60.44
C ASP F 408 66.30 -6.38 60.90
N ILE F 409 66.96 -7.47 60.51
CA ILE F 409 66.46 -8.79 60.85
C ILE F 409 66.82 -9.15 62.29
N CYS F 410 68.04 -8.84 62.72
CA CYS F 410 68.52 -9.25 64.04
C CYS F 410 68.57 -8.10 65.03
N GLU F 411 67.88 -6.99 64.75
CA GLU F 411 67.79 -5.93 65.75
C GLU F 411 67.01 -6.41 66.95
N GLU F 412 65.89 -7.09 66.71
CA GLU F 412 65.05 -7.62 67.78
C GLU F 412 65.67 -8.86 68.41
N GLN F 413 66.43 -9.64 67.63
CA GLN F 413 67.01 -10.87 68.15
C GLN F 413 68.21 -10.61 69.06
N VAL F 414 69.04 -9.63 68.72
CA VAL F 414 70.22 -9.27 69.50
C VAL F 414 70.12 -7.79 69.86
N ASN F 415 69.97 -7.51 71.15
CA ASN F 415 69.82 -6.13 71.61
C ASN F 415 71.15 -5.40 71.74
N SER F 416 72.28 -6.11 71.68
CA SER F 416 73.59 -5.50 71.76
C SER F 416 74.18 -5.18 70.39
N LEU F 417 73.36 -5.28 69.33
CA LEU F 417 73.87 -4.98 67.99
C LEU F 417 74.18 -3.50 67.80
N PRO F 418 73.32 -2.55 68.20
CA PRO F 418 73.68 -1.14 68.02
C PRO F 418 74.92 -0.73 68.81
N GLY F 419 75.06 -1.23 70.03
CA GLY F 419 76.24 -0.92 70.82
C GLY F 419 77.52 -1.47 70.20
N SER F 420 77.43 -2.64 69.57
CA SER F 420 78.59 -3.20 68.88
C SER F 420 78.99 -2.35 67.69
N ILE F 421 78.00 -1.84 66.93
CA ILE F 421 78.29 -0.99 65.79
C ILE F 421 78.91 0.33 66.24
N THR F 422 78.47 0.86 67.39
CA THR F 422 79.00 2.12 67.88
C THR F 422 80.49 2.00 68.22
N LYS F 423 80.89 0.90 68.85
CA LYS F 423 82.30 0.70 69.18
C LYS F 423 83.15 0.58 67.91
N ALA F 424 82.65 -0.14 66.91
CA ALA F 424 83.40 -0.28 65.67
C ALA F 424 83.47 1.03 64.91
N GLY F 425 82.43 1.86 64.99
CA GLY F 425 82.46 3.15 64.31
C GLY F 425 83.46 4.12 64.91
N ASP F 426 83.54 4.15 66.25
CA ASP F 426 84.49 5.04 66.91
C ASP F 426 85.93 4.67 66.57
N PHE F 427 86.22 3.37 66.45
CA PHE F 427 87.57 2.95 66.11
C PHE F 427 87.93 3.35 64.68
N LEU F 428 87.00 3.19 63.74
CA LEU F 428 87.27 3.56 62.36
C LEU F 428 87.35 5.08 62.21
N GLU F 429 86.51 5.82 62.94
CA GLU F 429 86.50 7.28 62.81
C GLU F 429 87.80 7.88 63.34
N ALA F 430 88.33 7.33 64.44
CA ALA F 430 89.52 7.92 65.07
C ALA F 430 90.76 7.72 64.21
N ASN F 431 90.87 6.58 63.52
CA ASN F 431 92.04 6.26 62.70
C ASN F 431 91.75 6.38 61.22
N TYR F 432 90.73 7.16 60.83
CA TYR F 432 90.37 7.26 59.42
C TYR F 432 91.36 8.11 58.65
N MET F 433 91.84 9.20 59.26
CA MET F 433 92.72 10.13 58.56
C MET F 433 94.11 9.57 58.31
N ASN F 434 94.48 8.46 58.94
CA ASN F 434 95.79 7.86 58.74
C ASN F 434 95.82 6.88 57.56
N LEU F 435 94.68 6.62 56.93
CA LEU F 435 94.63 5.66 55.84
C LEU F 435 95.33 6.21 54.59
N GLN F 436 95.90 5.30 53.82
CA GLN F 436 96.61 5.63 52.59
C GLN F 436 96.05 4.96 51.36
N ARG F 437 95.66 3.69 51.47
CA ARG F 437 95.13 2.97 50.32
C ARG F 437 93.78 3.53 49.91
N SER F 438 93.55 3.64 48.60
CA SER F 438 92.24 4.04 48.11
C SER F 438 91.20 2.95 48.36
N TYR F 439 91.63 1.69 48.36
CA TYR F 439 90.71 0.60 48.67
C TYR F 439 90.22 0.67 50.12
N THR F 440 91.12 0.97 51.05
CA THR F 440 90.73 1.03 52.46
C THR F 440 89.82 2.23 52.73
N VAL F 441 90.11 3.36 52.10
CA VAL F 441 89.28 4.56 52.29
C VAL F 441 87.89 4.34 51.72
N ALA F 442 87.79 3.64 50.59
CA ALA F 442 86.50 3.45 49.93
C ALA F 442 85.58 2.56 50.77
N ILE F 443 86.11 1.43 51.27
CA ILE F 443 85.28 0.51 52.04
C ILE F 443 84.93 1.13 53.39
N ALA F 444 85.82 1.94 53.96
CA ALA F 444 85.52 2.61 55.21
C ALA F 444 84.52 3.74 55.01
N GLY F 445 84.53 4.38 53.84
CA GLY F 445 83.58 5.45 53.57
C GLY F 445 82.14 4.96 53.57
N TYR F 446 81.88 3.80 52.94
CA TYR F 446 80.53 3.26 52.94
C TYR F 446 80.08 2.84 54.33
N ALA F 447 81.01 2.34 55.16
CA ALA F 447 80.66 2.00 56.53
C ALA F 447 80.31 3.24 57.35
N LEU F 448 81.08 4.31 57.18
CA LEU F 448 80.80 5.54 57.92
C LEU F 448 79.57 6.26 57.37
N ALA F 449 79.30 6.14 56.07
CA ALA F 449 78.16 6.84 55.49
C ALA F 449 76.83 6.28 55.99
N GLN F 450 76.77 4.98 56.26
CA GLN F 450 75.54 4.40 56.79
C GLN F 450 75.24 4.94 58.19
N MET F 451 76.28 5.13 59.00
CA MET F 451 76.09 5.72 60.32
C MET F 451 75.94 7.23 60.28
N GLY F 452 76.39 7.87 59.20
CA GLY F 452 76.33 9.31 59.09
C GLY F 452 77.55 10.05 59.59
N ARG F 453 78.69 9.38 59.69
CA ARG F 453 79.91 9.97 60.23
C ARG F 453 80.89 10.39 59.15
N LEU F 454 80.56 10.17 57.87
CA LEU F 454 81.42 10.59 56.76
C LEU F 454 81.04 12.03 56.39
N LYS F 455 81.62 12.97 57.15
CA LYS F 455 81.37 14.38 56.95
C LYS F 455 82.66 15.16 57.14
N GLY F 456 82.64 16.42 56.72
CA GLY F 456 83.74 17.34 56.92
C GLY F 456 85.04 16.85 56.30
N PRO F 457 86.09 16.77 57.13
CA PRO F 457 87.40 16.34 56.58
C PRO F 457 87.41 14.89 56.15
N LEU F 458 86.62 14.03 56.80
CA LEU F 458 86.53 12.64 56.36
C LEU F 458 85.85 12.55 55.00
N LEU F 459 84.84 13.39 54.77
CA LEU F 459 84.19 13.43 53.46
C LEU F 459 85.10 14.05 52.41
N ASN F 460 85.88 15.07 52.80
CA ASN F 460 86.81 15.69 51.87
C ASN F 460 87.91 14.72 51.46
N LYS F 461 88.40 13.92 52.41
CA LYS F 461 89.39 12.90 52.08
C LYS F 461 88.79 11.82 51.17
N PHE F 462 87.52 11.48 51.39
CA PHE F 462 86.87 10.48 50.54
C PHE F 462 86.73 10.98 49.11
N LEU F 463 86.40 12.26 48.93
CA LEU F 463 86.23 12.81 47.58
C LEU F 463 87.58 12.94 46.89
N THR F 464 88.58 13.51 47.58
CA THR F 464 89.88 13.74 46.96
C THR F 464 90.63 12.44 46.70
N THR F 465 90.21 11.32 47.30
CA THR F 465 90.86 10.05 47.00
C THR F 465 90.58 9.62 45.56
N ALA F 466 89.40 9.96 45.04
CA ALA F 466 89.07 9.64 43.66
C ALA F 466 89.97 10.39 42.69
N LYS F 467 90.21 9.78 41.54
CA LYS F 467 91.04 10.37 40.49
C LYS F 467 90.23 10.43 39.21
N ASP F 468 90.42 11.52 38.45
CA ASP F 468 89.69 11.79 37.21
C ASP F 468 88.19 11.89 37.45
N LYS F 469 87.77 12.05 38.70
CA LYS F 469 86.37 12.26 39.07
C LYS F 469 85.46 11.13 38.58
N ASN F 470 85.97 9.90 38.58
CA ASN F 470 85.13 8.77 38.16
C ASN F 470 85.63 7.43 38.65
N ARG F 471 86.66 7.41 39.52
CA ARG F 471 87.16 6.14 40.01
C ARG F 471 88.03 6.35 41.24
N TRP F 472 88.10 5.31 42.07
CA TRP F 472 89.02 5.21 43.21
C TRP F 472 90.01 4.11 42.87
N GLU F 473 91.21 4.49 42.44
CA GLU F 473 92.19 3.55 41.93
C GLU F 473 93.41 3.48 42.84
N ASP F 474 93.99 2.28 42.91
CA ASP F 474 95.26 2.01 43.57
C ASP F 474 96.25 1.44 42.56
N PRO F 475 97.55 1.57 42.80
CA PRO F 475 98.54 0.97 41.89
C PRO F 475 98.44 -0.54 41.92
N GLY F 476 98.39 -1.15 40.73
CA GLY F 476 98.24 -2.58 40.65
C GLY F 476 97.21 -3.03 39.63
N LYS F 477 96.62 -4.20 39.86
CA LYS F 477 95.66 -4.75 38.92
C LYS F 477 94.37 -3.92 38.91
N GLN F 478 93.70 -3.93 37.76
CA GLN F 478 92.40 -3.26 37.66
C GLN F 478 91.35 -3.95 38.51
N LEU F 479 91.54 -5.23 38.84
CA LEU F 479 90.55 -5.97 39.59
C LEU F 479 90.31 -5.35 40.96
N TYR F 480 91.37 -4.90 41.63
CA TYR F 480 91.22 -4.25 42.92
C TYR F 480 90.60 -2.86 42.81
N ASN F 481 90.91 -2.13 41.73
CA ASN F 481 90.37 -0.78 41.59
C ASN F 481 88.87 -0.80 41.35
N VAL F 482 88.39 -1.73 40.53
CA VAL F 482 86.93 -1.87 40.34
C VAL F 482 86.28 -2.31 41.65
N GLU F 483 86.95 -3.19 42.39
CA GLU F 483 86.45 -3.62 43.69
C GLU F 483 86.32 -2.44 44.65
N ALA F 484 87.33 -1.57 44.68
CA ALA F 484 87.28 -0.39 45.55
C ALA F 484 86.22 0.61 45.08
N THR F 485 86.11 0.81 43.77
CA THR F 485 85.13 1.76 43.23
C THR F 485 83.71 1.34 43.54
N SER F 486 83.44 0.03 43.63
CA SER F 486 82.10 -0.45 43.93
C SER F 486 81.64 0.02 45.30
N TYR F 487 82.53 -0.02 46.30
CA TYR F 487 82.19 0.46 47.62
C TYR F 487 81.90 1.95 47.62
N ALA F 488 82.70 2.73 46.87
CA ALA F 488 82.51 4.18 46.86
C ALA F 488 81.22 4.57 46.14
N LEU F 489 80.85 3.85 45.08
CA LEU F 489 79.58 4.14 44.42
C LEU F 489 78.41 3.90 45.35
N LEU F 490 78.48 2.85 46.17
CA LEU F 490 77.45 2.64 47.19
C LEU F 490 77.48 3.73 48.25
N ALA F 491 78.67 4.29 48.51
CA ALA F 491 78.77 5.38 49.48
C ALA F 491 78.07 6.63 48.98
N LEU F 492 78.20 6.94 47.68
CA LEU F 492 77.53 8.11 47.13
C LEU F 492 76.02 7.93 47.16
N LEU F 493 75.53 6.73 46.85
CA LEU F 493 74.10 6.46 46.95
C LEU F 493 73.60 6.55 48.38
N GLN F 494 74.43 6.15 49.35
CA GLN F 494 74.05 6.30 50.75
C GLN F 494 74.01 7.76 51.16
N LEU F 495 75.03 8.54 50.76
CA LEU F 495 75.06 9.96 51.06
C LEU F 495 74.00 10.76 50.31
N LYS F 496 73.39 10.17 49.27
CA LYS F 496 72.38 10.84 48.45
C LYS F 496 72.95 12.08 47.76
N ASP F 497 74.17 11.96 47.25
CA ASP F 497 74.82 13.01 46.46
C ASP F 497 74.99 12.45 45.05
N PHE F 498 74.12 12.85 44.14
CA PHE F 498 74.08 12.26 42.81
C PHE F 498 74.74 13.11 41.74
N ASP F 499 75.36 14.24 42.10
CA ASP F 499 76.07 15.03 41.11
C ASP F 499 77.33 14.31 40.63
N PHE F 500 77.92 13.48 41.48
CA PHE F 500 79.17 12.80 41.20
C PHE F 500 78.97 11.36 40.74
N VAL F 501 77.74 10.86 40.75
CA VAL F 501 77.43 9.46 40.44
C VAL F 501 77.51 9.15 38.95
N PRO F 502 76.91 9.93 38.06
CA PRO F 502 76.88 9.54 36.63
C PRO F 502 78.26 9.29 36.04
N PRO F 503 79.26 10.15 36.31
CA PRO F 503 80.61 9.82 35.79
C PRO F 503 81.16 8.52 36.33
N VAL F 504 80.80 8.16 37.56
CA VAL F 504 81.27 6.89 38.14
C VAL F 504 80.61 5.72 37.42
N VAL F 505 79.29 5.77 37.24
CA VAL F 505 78.59 4.68 36.56
C VAL F 505 79.00 4.60 35.10
N ARG F 506 79.22 5.75 34.46
CA ARG F 506 79.65 5.76 33.07
C ARG F 506 81.04 5.15 32.93
N TRP F 507 81.92 5.37 33.91
CA TRP F 507 83.25 4.77 33.87
C TRP F 507 83.19 3.27 34.06
N LEU F 508 82.26 2.78 34.87
CA LEU F 508 82.15 1.34 35.10
C LEU F 508 81.72 0.61 33.84
N ASN F 509 80.77 1.17 33.09
CA ASN F 509 80.36 0.55 31.84
C ASN F 509 81.47 0.58 30.80
N GLU F 510 82.30 1.63 30.81
CA GLU F 510 83.43 1.69 29.89
C GLU F 510 84.49 0.64 30.18
N GLN F 511 84.57 0.15 31.42
CA GLN F 511 85.51 -0.91 31.74
C GLN F 511 85.12 -2.23 31.09
N ARG F 512 83.82 -2.45 30.88
CA ARG F 512 83.28 -3.68 30.31
C ARG F 512 83.75 -4.91 31.10
N TYR F 513 83.50 -4.88 32.40
CA TYR F 513 83.84 -5.98 33.29
C TYR F 513 82.62 -6.86 33.46
N TYR F 514 82.78 -8.16 33.20
CA TYR F 514 81.66 -9.10 33.23
C TYR F 514 81.80 -10.14 34.33
N GLY F 515 82.65 -9.89 35.31
CA GLY F 515 82.77 -10.79 36.44
C GLY F 515 83.42 -12.11 36.07
N GLY F 516 83.53 -12.97 37.08
CA GLY F 516 84.17 -14.25 36.88
C GLY F 516 85.67 -14.17 36.71
N GLY F 517 86.36 -15.28 36.87
CA GLY F 517 87.79 -15.34 36.73
C GLY F 517 88.47 -15.69 38.05
N TYR F 518 89.72 -16.13 37.94
CA TYR F 518 90.51 -16.50 39.11
C TYR F 518 90.67 -15.29 40.02
N GLY F 519 90.18 -15.43 41.26
CA GLY F 519 90.24 -14.35 42.22
C GLY F 519 89.30 -13.20 41.90
N SER F 520 88.05 -13.53 41.57
CA SER F 520 87.05 -12.54 41.19
C SER F 520 85.83 -12.53 42.11
N THR F 521 85.89 -13.23 43.25
CA THR F 521 84.71 -13.39 44.09
C THR F 521 84.20 -12.05 44.60
N GLN F 522 85.08 -11.25 45.21
CA GLN F 522 84.63 -9.99 45.80
C GLN F 522 84.36 -8.95 44.71
N ALA F 523 85.18 -8.93 43.66
CA ALA F 523 85.00 -7.95 42.60
C ALA F 523 83.69 -8.15 41.85
N THR F 524 83.34 -9.41 41.54
CA THR F 524 82.11 -9.68 40.80
C THR F 524 80.87 -9.41 41.64
N PHE F 525 80.93 -9.74 42.94
CA PHE F 525 79.72 -9.63 43.76
C PHE F 525 79.36 -8.19 44.04
N MET F 526 80.35 -7.35 44.33
CA MET F 526 80.06 -5.99 44.77
C MET F 526 79.72 -5.07 43.61
N VAL F 527 80.24 -5.34 42.41
CA VAL F 527 80.03 -4.42 41.29
C VAL F 527 78.57 -4.45 40.83
N PHE F 528 77.96 -5.63 40.82
CA PHE F 528 76.55 -5.72 40.41
C PHE F 528 75.60 -5.30 41.52
N GLN F 529 76.04 -5.35 42.78
CA GLN F 529 75.24 -4.77 43.86
C GLN F 529 75.18 -3.26 43.74
N ALA F 530 76.28 -2.64 43.29
CA ALA F 530 76.29 -1.18 43.14
C ALA F 530 75.41 -0.75 41.97
N LEU F 531 75.51 -1.44 40.83
CA LEU F 531 74.64 -1.11 39.71
C LEU F 531 73.17 -1.39 40.03
N ALA F 532 72.90 -2.43 40.83
CA ALA F 532 71.53 -2.69 41.25
C ALA F 532 71.02 -1.60 42.17
N GLN F 533 71.85 -1.18 43.14
CA GLN F 533 71.46 -0.07 44.01
C GLN F 533 71.36 1.23 43.23
N TYR F 534 72.13 1.38 42.16
CA TYR F 534 71.96 2.54 41.30
C TYR F 534 70.55 2.56 40.72
N GLN F 535 70.17 1.46 40.06
CA GLN F 535 68.77 1.22 39.70
C GLN F 535 67.93 1.03 40.96
N LYS F 536 67.10 -0.01 40.99
CA LYS F 536 66.18 -0.26 42.10
C LYS F 536 65.41 1.00 42.45
N ASP F 537 66.07 1.90 43.18
CA ASP F 537 65.54 3.22 43.50
C ASP F 537 66.26 4.25 42.64
N ALA F 538 66.24 3.96 41.34
CA ALA F 538 66.99 4.72 40.35
C ALA F 538 66.66 6.21 40.46
N PRO F 539 67.67 7.08 40.51
CA PRO F 539 67.38 8.51 40.58
C PRO F 539 66.66 8.98 39.33
N ASP F 540 65.77 9.96 39.52
CA ASP F 540 64.99 10.49 38.42
C ASP F 540 64.83 11.98 38.64
N HIS F 541 64.47 12.70 37.57
CA HIS F 541 64.37 14.14 37.64
C HIS F 541 63.09 14.64 38.30
N GLN F 542 62.06 13.81 38.42
CA GLN F 542 60.80 14.30 38.97
C GLN F 542 60.89 14.43 40.49
N GLU F 543 60.44 15.59 40.99
CA GLU F 543 60.30 15.87 42.41
C GLU F 543 59.00 16.63 42.66
N LEU F 544 58.00 16.43 41.80
CA LEU F 544 56.77 17.21 41.86
C LEU F 544 56.05 17.03 43.20
N ASN F 545 55.72 18.18 43.80
CA ASN F 545 55.00 18.24 45.06
C ASN F 545 54.18 19.52 45.15
N LEU F 546 53.65 19.98 44.03
CA LEU F 546 53.01 21.29 43.93
C LEU F 546 51.61 21.27 44.51
N ASP F 547 51.34 22.21 45.41
CA ASP F 547 50.00 22.46 45.92
C ASP F 547 49.55 23.81 45.38
N VAL F 548 48.58 23.79 44.47
CA VAL F 548 48.13 24.99 43.77
C VAL F 548 46.69 25.25 44.16
N SER F 549 46.39 26.49 44.53
CA SER F 549 45.05 26.88 44.93
C SER F 549 44.69 28.20 44.28
N LEU F 550 43.39 28.37 44.02
CA LEU F 550 42.86 29.57 43.38
C LEU F 550 41.86 30.25 44.30
N GLN F 551 41.84 31.58 44.25
CA GLN F 551 40.88 32.39 44.99
C GLN F 551 39.92 32.98 43.96
N LEU F 552 38.68 32.51 43.97
CA LEU F 552 37.73 32.85 42.94
C LEU F 552 37.05 34.19 43.23
N PRO F 553 36.52 34.84 42.19
CA PRO F 553 35.74 36.07 42.45
C PRO F 553 34.47 35.81 43.23
N SER F 554 33.85 34.65 43.03
CA SER F 554 32.72 34.27 43.88
C SER F 554 33.20 34.00 45.31
N ARG F 555 34.32 33.30 45.45
CA ARG F 555 35.00 33.06 46.71
C ARG F 555 34.14 32.28 47.70
N SER F 556 33.17 31.51 47.19
CA SER F 556 32.46 30.56 48.03
C SER F 556 33.38 29.43 48.48
N SER F 557 34.39 29.11 47.68
CA SER F 557 35.39 28.12 48.03
C SER F 557 36.64 28.37 47.20
N LYS F 558 37.76 27.79 47.65
CA LYS F 558 39.05 27.92 46.98
C LYS F 558 39.37 26.64 46.22
N ILE F 559 39.40 26.73 44.88
CA ILE F 559 39.76 25.59 44.05
C ILE F 559 41.22 25.24 44.29
N THR F 560 41.47 24.01 44.76
CA THR F 560 42.81 23.57 45.14
C THR F 560 43.08 22.20 44.52
N HIS F 561 44.25 22.04 43.91
CA HIS F 561 44.64 20.78 43.29
C HIS F 561 46.08 20.46 43.65
N ARG F 562 46.49 19.21 43.35
CA ARG F 562 47.83 18.71 43.62
C ARG F 562 48.46 18.21 42.33
N ILE F 563 49.74 18.51 42.16
CA ILE F 563 50.52 18.06 40.99
C ILE F 563 51.65 17.17 41.48
N HIS F 564 51.50 15.86 41.28
CA HIS F 564 52.50 14.86 41.63
C HIS F 564 53.06 14.25 40.35
N TRP F 565 53.66 13.06 40.47
CA TRP F 565 54.24 12.43 39.29
C TRP F 565 53.17 11.77 38.40
N GLU F 566 52.20 11.08 39.00
CA GLU F 566 51.16 10.43 38.21
C GLU F 566 50.31 11.44 37.47
N SER F 567 50.29 12.70 37.90
CA SER F 567 49.58 13.78 37.23
C SER F 567 50.55 14.77 36.57
N ALA F 568 51.81 14.38 36.39
CA ALA F 568 52.82 15.25 35.79
C ALA F 568 52.30 15.93 34.53
N SER F 569 51.83 15.16 33.56
CA SER F 569 51.30 15.74 32.32
C SER F 569 49.77 15.66 32.27
N LEU F 570 49.11 15.71 33.44
CA LEU F 570 47.66 15.71 33.47
C LEU F 570 47.13 17.11 33.24
N LEU F 571 46.05 17.21 32.47
CA LEU F 571 45.43 18.50 32.19
C LEU F 571 44.35 18.80 33.23
N ARG F 572 44.36 20.02 33.76
CA ARG F 572 43.34 20.50 34.68
C ARG F 572 42.71 21.75 34.07
N SER F 573 41.39 21.73 33.91
CA SER F 573 40.66 22.81 33.25
C SER F 573 39.45 23.21 34.08
N GLU F 574 39.18 24.52 34.13
CA GLU F 574 38.04 25.06 34.85
C GLU F 574 37.41 26.18 34.05
N GLU F 575 36.09 26.33 34.20
CA GLU F 575 35.31 27.30 33.44
C GLU F 575 34.52 28.19 34.38
N THR F 576 34.60 29.50 34.16
CA THR F 576 33.73 30.48 34.80
C THR F 576 32.85 31.12 33.73
N LYS F 577 31.65 31.54 34.14
CA LYS F 577 30.71 32.16 33.22
C LYS F 577 30.79 33.68 33.22
N GLU F 578 31.93 34.24 33.59
CA GLU F 578 32.10 35.68 33.63
C GLU F 578 33.59 35.99 33.62
N ASN F 579 33.97 37.07 32.94
CA ASN F 579 35.38 37.46 32.85
C ASN F 579 35.73 38.28 34.09
N GLU F 580 36.53 37.69 34.97
CA GLU F 580 36.95 38.36 36.20
C GLU F 580 38.35 37.89 36.56
N GLY F 581 39.05 38.72 37.35
CA GLY F 581 40.36 38.38 37.81
C GLY F 581 40.37 37.55 39.09
N PHE F 582 41.46 36.83 39.28
CA PHE F 582 41.60 35.92 40.41
C PHE F 582 43.06 35.84 40.80
N THR F 583 43.32 35.19 41.93
CA THR F 583 44.66 35.08 42.49
C THR F 583 45.10 33.63 42.45
N VAL F 584 46.35 33.39 42.02
CA VAL F 584 46.95 32.06 41.96
C VAL F 584 48.03 31.97 43.02
N THR F 585 47.99 30.89 43.79
CA THR F 585 49.00 30.64 44.83
C THR F 585 49.49 29.21 44.68
N ALA F 586 50.79 29.04 44.46
CA ALA F 586 51.40 27.73 44.30
C ALA F 586 52.50 27.55 45.32
N GLU F 587 52.56 26.36 45.91
CA GLU F 587 53.54 26.04 46.95
C GLU F 587 54.08 24.64 46.72
N GLY F 588 55.38 24.48 46.95
CA GLY F 588 56.02 23.17 46.91
C GLY F 588 57.03 23.07 45.78
N LYS F 589 57.80 21.99 45.85
CA LYS F 589 58.77 21.70 44.80
C LYS F 589 58.07 21.29 43.51
N GLY F 590 58.73 21.54 42.39
CA GLY F 590 58.20 21.23 41.08
C GLY F 590 58.10 22.46 40.21
N GLN F 591 57.51 22.27 39.03
CA GLN F 591 57.38 23.33 38.06
C GLN F 591 56.18 23.03 37.15
N GLY F 592 55.47 24.08 36.75
CA GLY F 592 54.30 23.93 35.91
C GLY F 592 54.05 25.11 34.99
N THR F 593 52.89 25.12 34.33
CA THR F 593 52.55 26.15 33.37
C THR F 593 51.10 26.57 33.57
N LEU F 594 50.87 27.89 33.59
CA LEU F 594 49.54 28.46 33.72
C LEU F 594 49.12 29.08 32.39
N SER F 595 47.87 28.86 32.01
CA SER F 595 47.33 29.39 30.77
C SER F 595 45.87 29.77 31.00
N VAL F 596 45.51 30.98 30.59
CA VAL F 596 44.16 31.51 30.75
C VAL F 596 43.69 32.07 29.43
N VAL F 597 42.52 31.63 28.97
CA VAL F 597 41.95 32.07 27.71
C VAL F 597 40.52 32.54 27.98
N THR F 598 40.16 33.70 27.44
CA THR F 598 38.80 34.21 27.53
C THR F 598 38.12 34.08 26.17
N MET F 599 36.88 33.61 26.19
CA MET F 599 36.06 33.46 24.99
C MET F 599 34.77 34.25 25.17
N TYR F 600 34.50 35.14 24.23
CA TYR F 600 33.35 36.03 24.35
C TYR F 600 32.90 36.47 22.97
N HIS F 601 31.76 37.15 22.93
CA HIS F 601 31.24 37.75 21.72
C HIS F 601 31.80 39.17 21.59
N ALA F 602 32.53 39.41 20.52
CA ALA F 602 33.12 40.72 20.26
C ALA F 602 32.34 41.40 19.15
N LYS F 603 32.14 42.71 19.30
CA LYS F 603 31.39 43.47 18.32
C LYS F 603 32.04 43.37 16.94
N ALA F 604 31.19 43.27 15.92
CA ALA F 604 31.66 43.12 14.55
C ALA F 604 32.48 44.34 14.14
N LYS F 605 33.51 44.09 13.33
CA LYS F 605 34.40 45.16 12.88
C LYS F 605 33.99 45.56 11.47
N ASP F 606 32.80 46.17 11.41
CA ASP F 606 32.20 46.64 10.16
C ASP F 606 32.16 45.53 9.12
N GLN F 607 32.01 44.29 9.58
CA GLN F 607 31.99 43.15 8.67
C GLN F 607 30.71 43.15 7.86
N LEU F 608 30.87 42.99 6.55
CA LEU F 608 29.74 42.95 5.61
C LEU F 608 29.40 41.50 5.32
N THR F 609 28.18 41.09 5.68
CA THR F 609 27.75 39.71 5.44
C THR F 609 27.84 39.36 3.96
N CYS F 610 27.59 40.33 3.08
CA CYS F 610 27.74 40.13 1.64
C CYS F 610 29.21 40.31 1.22
N ASN F 611 30.06 39.52 1.88
CA ASN F 611 31.49 39.54 1.59
C ASN F 611 31.77 38.90 0.23
N LYS F 612 32.64 39.54 -0.54
CA LYS F 612 33.13 39.09 -1.83
C LYS F 612 32.08 39.19 -2.94
N PHE F 613 30.98 39.90 -2.72
CA PHE F 613 29.92 40.00 -3.71
C PHE F 613 29.43 41.44 -3.80
N ASP F 614 29.31 41.94 -5.04
CA ASP F 614 28.67 43.21 -5.33
C ASP F 614 27.36 42.90 -6.04
N LEU F 615 26.27 42.86 -5.27
CA LEU F 615 24.97 42.46 -5.79
C LEU F 615 24.07 43.70 -5.90
N LYS F 616 23.52 43.91 -7.09
CA LYS F 616 22.59 45.00 -7.34
C LYS F 616 21.32 44.45 -7.98
N VAL F 617 20.17 44.85 -7.44
CA VAL F 617 18.88 44.42 -7.94
C VAL F 617 18.03 45.67 -8.18
N THR F 618 17.44 45.78 -9.37
CA THR F 618 16.65 46.94 -9.74
C THR F 618 15.33 46.48 -10.35
N ILE F 619 14.24 47.01 -9.82
CA ILE F 619 12.90 46.79 -10.36
C ILE F 619 12.36 48.13 -10.82
N LYS F 620 11.83 48.18 -12.05
CA LYS F 620 11.32 49.40 -12.62
C LYS F 620 10.16 49.06 -13.52
N PRO F 621 9.15 49.92 -13.61
CA PRO F 621 8.06 49.67 -14.57
C PRO F 621 8.53 49.93 -15.99
N ALA F 622 7.96 49.17 -16.92
CA ALA F 622 8.31 49.35 -18.32
C ALA F 622 7.77 50.69 -18.83
N PRO F 623 8.51 51.39 -19.67
CA PRO F 623 8.02 52.68 -20.16
C PRO F 623 6.88 52.53 -21.16
N GLU F 624 7.21 52.57 -22.44
CA GLU F 624 6.22 52.46 -23.50
C GLU F 624 6.55 51.43 -24.57
N THR F 625 7.69 50.75 -24.49
CA THR F 625 8.08 49.81 -25.53
C THR F 625 7.09 48.64 -25.64
N GLU F 626 6.51 48.20 -24.51
CA GLU F 626 5.50 47.16 -24.59
C GLU F 626 4.15 47.73 -25.00
N LYS F 627 3.79 48.89 -24.47
CA LYS F 627 2.47 49.47 -24.71
C LYS F 627 2.33 50.12 -26.08
N ARG F 628 3.43 50.41 -26.78
CA ARG F 628 3.32 51.08 -28.08
C ARG F 628 2.76 50.15 -29.15
N PRO F 629 3.23 48.88 -29.31
CA PRO F 629 2.61 47.99 -30.30
C PRO F 629 1.29 47.41 -29.81
N GLN F 630 0.67 48.11 -28.86
CA GLN F 630 -0.66 47.82 -28.33
C GLN F 630 -0.70 46.48 -27.58
N ASP F 631 0.37 46.16 -26.86
CA ASP F 631 0.33 45.04 -25.94
C ASP F 631 -0.18 45.44 -24.56
N ALA F 632 -0.08 46.74 -24.23
CA ALA F 632 -0.70 47.41 -23.08
C ALA F 632 -1.09 46.52 -21.91
N LYS F 633 -0.26 46.48 -20.87
CA LYS F 633 -0.60 45.75 -19.65
C LYS F 633 0.28 46.28 -18.52
N ASN F 634 -0.11 45.98 -17.29
CA ASN F 634 0.75 46.31 -16.16
C ASN F 634 2.04 45.52 -16.27
N THR F 635 3.16 46.22 -16.39
CA THR F 635 4.44 45.59 -16.70
C THR F 635 5.56 46.24 -15.92
N MET F 636 6.45 45.40 -15.40
CA MET F 636 7.66 45.86 -14.73
C MET F 636 8.82 44.95 -15.14
N ILE F 637 10.02 45.50 -15.07
CA ILE F 637 11.23 44.78 -15.48
C ILE F 637 12.15 44.65 -14.28
N LEU F 638 12.62 43.44 -14.02
CA LEU F 638 13.56 43.17 -12.95
C LEU F 638 14.94 42.92 -13.56
N GLU F 639 15.93 43.70 -13.12
CA GLU F 639 17.31 43.55 -13.57
C GLU F 639 18.18 43.17 -12.40
N ILE F 640 19.08 42.20 -12.63
CA ILE F 640 20.00 41.72 -11.61
C ILE F 640 21.41 41.83 -12.15
N CYS F 641 22.33 42.32 -11.32
CA CYS F 641 23.73 42.45 -11.70
C CYS F 641 24.60 42.06 -10.52
N THR F 642 25.73 41.42 -10.79
CA THR F 642 26.64 41.00 -9.73
C THR F 642 28.06 40.96 -10.25
N ARG F 643 29.01 41.08 -9.32
CA ARG F 643 30.43 41.03 -9.64
C ARG F 643 31.16 40.39 -8.46
N TYR F 644 32.10 39.51 -8.77
CA TYR F 644 32.90 38.86 -7.74
C TYR F 644 34.06 39.75 -7.32
N ARG F 645 34.41 39.71 -6.04
CA ARG F 645 35.47 40.56 -5.49
C ARG F 645 36.82 39.87 -5.39
N GLY F 646 36.90 38.56 -5.63
CA GLY F 646 38.13 37.85 -5.44
C GLY F 646 39.20 38.20 -6.46
N ASP F 647 40.39 37.63 -6.23
CA ASP F 647 41.52 37.85 -7.12
C ASP F 647 41.33 37.18 -8.47
N GLN F 648 40.49 36.16 -8.56
CA GLN F 648 40.21 35.46 -9.80
C GLN F 648 38.71 35.32 -9.97
N ASP F 649 38.30 34.95 -11.18
CA ASP F 649 36.88 34.78 -11.46
C ASP F 649 36.30 33.64 -10.64
N ALA F 650 35.11 33.86 -10.09
CA ALA F 650 34.41 32.81 -9.40
C ALA F 650 33.74 31.89 -10.41
N THR F 651 33.70 30.59 -10.09
CA THR F 651 33.19 29.60 -11.04
C THR F 651 31.66 29.60 -11.07
N MET F 652 31.07 28.42 -11.16
CA MET F 652 29.63 28.31 -11.34
C MET F 652 28.89 28.79 -10.09
N SER F 653 27.83 29.57 -10.30
CA SER F 653 27.04 30.12 -9.22
C SER F 653 25.56 29.94 -9.53
N ILE F 654 24.72 30.16 -8.52
CA ILE F 654 23.29 29.91 -8.61
C ILE F 654 22.54 31.17 -8.20
N LEU F 655 21.45 31.45 -8.92
CA LEU F 655 20.60 32.61 -8.66
C LEU F 655 19.27 32.12 -8.09
N ASP F 656 19.02 32.43 -6.82
CA ASP F 656 17.74 32.13 -6.19
C ASP F 656 16.88 33.39 -6.19
N ILE F 657 15.76 33.34 -6.89
CA ILE F 657 14.91 34.50 -7.13
C ILE F 657 13.50 34.18 -6.67
N SER F 658 12.92 35.06 -5.85
CA SER F 658 11.55 34.95 -5.39
C SER F 658 10.77 36.17 -5.88
N MET F 659 9.66 35.93 -6.56
CA MET F 659 8.85 37.02 -7.10
C MET F 659 8.13 37.78 -6.00
N MET F 660 7.78 39.03 -6.30
CA MET F 660 6.80 39.73 -5.50
C MET F 660 5.46 39.02 -5.63
N THR F 661 4.69 39.01 -4.54
CA THR F 661 3.46 38.23 -4.52
C THR F 661 2.50 38.70 -5.60
N GLY F 662 1.94 37.75 -6.34
CA GLY F 662 1.02 38.06 -7.41
C GLY F 662 1.65 38.46 -8.73
N PHE F 663 2.96 38.27 -8.89
CA PHE F 663 3.65 38.61 -10.13
C PHE F 663 4.10 37.34 -10.85
N ALA F 664 3.89 37.32 -12.16
CA ALA F 664 4.32 36.21 -13.00
C ALA F 664 5.28 36.72 -14.06
N PRO F 665 6.49 36.15 -14.16
CA PRO F 665 7.44 36.63 -15.17
C PRO F 665 7.00 36.29 -16.59
N ASP F 666 7.45 37.11 -17.53
CA ASP F 666 7.23 36.81 -18.94
C ASP F 666 8.10 35.61 -19.33
N THR F 667 7.47 34.59 -19.90
CA THR F 667 8.16 33.33 -20.15
C THR F 667 9.24 33.48 -21.21
N ASP F 668 8.96 34.23 -22.28
CA ASP F 668 9.86 34.28 -23.44
C ASP F 668 11.19 34.97 -23.13
N ASP F 669 11.26 35.82 -22.11
CA ASP F 669 12.55 36.44 -21.78
C ASP F 669 13.54 35.42 -21.23
N LEU F 670 13.05 34.42 -20.50
CA LEU F 670 13.93 33.42 -19.90
C LEU F 670 14.44 32.41 -20.93
N LYS F 671 13.65 32.15 -21.97
CA LYS F 671 14.11 31.24 -23.03
C LYS F 671 15.43 31.72 -23.63
N GLN F 672 15.55 33.03 -23.88
CA GLN F 672 16.80 33.58 -24.37
C GLN F 672 17.92 33.38 -23.35
N LEU F 673 17.62 33.61 -22.07
CA LEU F 673 18.64 33.42 -21.04
C LEU F 673 18.99 31.94 -20.87
N ALA F 674 17.99 31.06 -21.01
CA ALA F 674 18.23 29.64 -20.76
C ALA F 674 19.17 29.04 -21.80
N ASN F 675 18.92 29.33 -23.08
CA ASN F 675 19.75 28.79 -24.14
C ASN F 675 21.07 29.52 -24.30
N GLY F 676 21.26 30.62 -23.58
CA GLY F 676 22.49 31.38 -23.68
C GLY F 676 23.71 30.61 -23.20
N VAL F 677 24.87 31.02 -23.70
CA VAL F 677 26.12 30.40 -23.28
C VAL F 677 26.41 30.77 -21.83
N ASP F 678 27.07 29.86 -21.12
CA ASP F 678 27.41 30.00 -19.70
C ASP F 678 26.18 30.19 -18.82
N ARG F 679 24.98 29.87 -19.33
CA ARG F 679 23.74 30.06 -18.60
C ARG F 679 22.81 28.89 -18.88
N TYR F 680 22.07 28.48 -17.86
CA TYR F 680 21.18 27.34 -17.97
C TYR F 680 20.12 27.41 -16.88
N ILE F 681 18.92 26.95 -17.20
CA ILE F 681 17.82 26.80 -16.25
C ILE F 681 17.24 25.40 -16.42
N SER F 682 17.00 24.73 -15.31
CA SER F 682 16.55 23.35 -15.35
C SER F 682 15.22 23.22 -16.10
N LYS F 683 15.06 22.09 -16.78
CA LYS F 683 13.87 21.86 -17.60
C LYS F 683 12.60 21.77 -16.75
N TYR F 684 12.65 21.00 -15.65
CA TYR F 684 11.48 20.85 -14.80
C TYR F 684 10.98 22.19 -14.29
N GLU F 685 11.91 23.10 -13.98
CA GLU F 685 11.52 24.45 -13.58
C GLU F 685 11.08 25.30 -14.77
N LEU F 686 11.67 25.06 -15.94
CA LEU F 686 11.46 25.97 -17.07
C LEU F 686 10.07 25.79 -17.68
N ASP F 687 9.66 24.55 -17.93
CA ASP F 687 8.47 24.34 -18.75
C ASP F 687 7.15 24.48 -17.98
N LYS F 688 7.17 24.76 -16.68
CA LYS F 688 5.91 25.08 -16.01
C LYS F 688 5.51 26.52 -16.26
N ALA F 689 6.40 27.46 -15.91
CA ALA F 689 6.23 28.88 -16.20
C ALA F 689 4.95 29.46 -15.63
N PHE F 690 4.49 30.56 -16.22
CA PHE F 690 3.27 31.28 -15.86
C PHE F 690 3.08 31.54 -14.37
N SER F 691 1.82 31.46 -13.91
CA SER F 691 1.43 32.00 -12.62
C SER F 691 2.07 31.25 -11.45
N ASP F 692 2.19 29.93 -11.54
CA ASP F 692 2.73 29.19 -10.39
C ASP F 692 4.23 29.38 -10.22
N ARG F 693 4.87 30.19 -11.08
CA ARG F 693 6.30 30.49 -10.96
C ARG F 693 6.48 31.57 -9.91
N ASN F 694 6.91 31.19 -8.72
CA ASN F 694 7.24 32.15 -7.67
C ASN F 694 8.70 32.12 -7.25
N THR F 695 9.28 30.94 -7.11
CA THR F 695 10.71 30.80 -6.84
C THR F 695 11.42 30.37 -8.12
N LEU F 696 12.49 31.06 -8.46
CA LEU F 696 13.21 30.84 -9.71
C LEU F 696 14.66 30.48 -9.41
N ILE F 697 15.21 29.54 -10.19
CA ILE F 697 16.58 29.07 -10.03
C ILE F 697 17.30 29.25 -11.36
N ILE F 698 18.31 30.12 -11.38
CA ILE F 698 19.11 30.39 -12.55
C ILE F 698 20.56 30.03 -12.24
N TYR F 699 21.19 29.29 -13.16
CA TYR F 699 22.56 28.84 -12.99
C TYR F 699 23.48 29.62 -13.91
N LEU F 700 24.57 30.15 -13.35
CA LEU F 700 25.60 30.85 -14.12
C LEU F 700 26.90 30.07 -14.02
N ASP F 701 27.52 29.80 -15.17
CA ASP F 701 28.76 29.03 -15.17
C ASP F 701 29.93 29.81 -14.61
N LYS F 702 29.86 31.15 -14.60
CA LYS F 702 30.91 31.97 -14.02
C LYS F 702 30.39 33.38 -13.85
N VAL F 703 31.04 34.12 -12.96
CA VAL F 703 30.76 35.54 -12.75
C VAL F 703 32.10 36.27 -12.76
N SER F 704 32.17 37.35 -13.54
CA SER F 704 33.40 38.09 -13.69
C SER F 704 33.77 38.81 -12.40
N HIS F 705 35.07 38.99 -12.17
CA HIS F 705 35.55 39.72 -11.02
C HIS F 705 35.95 41.15 -11.36
N SER F 706 36.01 41.49 -12.64
CA SER F 706 36.38 42.83 -13.09
C SER F 706 35.17 43.74 -13.26
N GLU F 707 34.08 43.21 -13.81
CA GLU F 707 32.89 44.02 -14.07
C GLU F 707 31.65 43.17 -13.85
N ASP F 708 30.50 43.85 -13.88
CA ASP F 708 29.22 43.24 -13.52
C ASP F 708 28.68 42.36 -14.62
N ASP F 709 28.13 41.20 -14.24
CA ASP F 709 27.35 40.35 -15.13
C ASP F 709 25.88 40.53 -14.81
N CYS F 710 25.06 40.71 -15.85
CA CYS F 710 23.66 41.11 -15.66
C CYS F 710 22.73 40.22 -16.48
N LEU F 711 21.46 40.29 -16.11
CA LEU F 711 20.36 39.71 -16.87
C LEU F 711 19.07 40.37 -16.41
N ALA F 712 18.02 40.24 -17.22
CA ALA F 712 16.76 40.90 -16.91
C ALA F 712 15.60 40.16 -17.58
N PHE F 713 14.40 40.38 -17.06
CA PHE F 713 13.19 39.82 -17.62
C PHE F 713 11.99 40.60 -17.11
N LYS F 714 10.88 40.47 -17.81
CA LYS F 714 9.66 41.19 -17.46
C LYS F 714 8.86 40.44 -16.41
N VAL F 715 8.06 41.18 -15.64
CA VAL F 715 7.13 40.61 -14.68
C VAL F 715 5.80 41.34 -14.79
N HIS F 716 4.71 40.61 -14.53
CA HIS F 716 3.36 41.17 -14.62
C HIS F 716 2.56 40.77 -13.39
N GLN F 717 1.83 41.72 -12.83
CA GLN F 717 0.96 41.45 -11.70
C GLN F 717 -0.41 40.96 -12.17
N TYR F 718 -0.91 39.92 -11.50
CA TYR F 718 -2.20 39.33 -11.83
C TYR F 718 -3.10 39.09 -10.62
N PHE F 719 -2.67 39.45 -9.41
CA PHE F 719 -3.40 39.13 -8.19
C PHE F 719 -4.24 40.28 -7.65
N ASN F 720 -3.85 41.53 -7.91
CA ASN F 720 -4.58 42.71 -7.44
C ASN F 720 -4.70 42.70 -5.92
N VAL F 721 -3.56 42.91 -5.28
CA VAL F 721 -3.47 43.00 -3.83
C VAL F 721 -2.53 44.15 -3.47
N GLU F 722 -2.93 44.94 -2.49
CA GLU F 722 -2.09 46.03 -2.02
C GLU F 722 -1.15 45.54 -0.93
N LEU F 723 -0.11 46.32 -0.66
CA LEU F 723 0.95 45.94 0.27
C LEU F 723 1.59 44.62 -0.17
N ILE F 724 2.23 44.67 -1.34
CA ILE F 724 2.77 43.45 -1.92
C ILE F 724 4.03 43.02 -1.17
N GLN F 725 4.31 41.73 -1.20
CA GLN F 725 5.50 41.21 -0.56
C GLN F 725 6.75 41.56 -1.37
N PRO F 726 7.81 42.02 -0.73
CA PRO F 726 9.06 42.28 -1.45
C PRO F 726 9.66 41.00 -2.00
N GLY F 727 10.32 41.13 -3.17
CA GLY F 727 11.06 40.03 -3.74
C GLY F 727 12.49 40.01 -3.25
N ALA F 728 13.19 38.93 -3.58
CA ALA F 728 14.54 38.73 -3.06
C ALA F 728 15.37 37.93 -4.06
N VAL F 729 16.67 38.21 -4.06
CA VAL F 729 17.64 37.50 -4.89
C VAL F 729 18.82 37.11 -4.02
N LYS F 730 19.16 35.83 -4.03
CA LYS F 730 20.30 35.30 -3.27
C LYS F 730 21.31 34.71 -4.24
N VAL F 731 22.59 34.86 -3.93
CA VAL F 731 23.68 34.37 -4.77
C VAL F 731 24.60 33.50 -3.92
N TYR F 732 25.02 32.36 -4.48
CA TYR F 732 25.96 31.49 -3.80
C TYR F 732 26.53 30.51 -4.83
N ALA F 733 27.50 29.73 -4.38
CA ALA F 733 28.16 28.74 -5.22
C ALA F 733 27.81 27.34 -4.72
N TYR F 734 28.05 26.34 -5.58
CA TYR F 734 27.66 24.98 -5.26
C TYR F 734 28.59 24.36 -4.21
N TYR F 735 29.83 24.84 -4.12
CA TYR F 735 30.76 24.34 -3.12
C TYR F 735 30.67 25.08 -1.80
N ASN F 736 30.01 26.23 -1.77
CA ASN F 736 29.92 27.03 -0.54
C ASN F 736 28.62 27.83 -0.59
N LEU F 737 27.65 27.45 0.25
CA LEU F 737 26.45 28.22 0.46
C LEU F 737 26.59 29.25 1.57
N GLU F 738 27.53 29.05 2.50
CA GLU F 738 27.67 29.95 3.64
C GLU F 738 28.05 31.37 3.20
N GLU F 739 29.08 31.51 2.38
CA GLU F 739 29.43 32.81 1.83
C GLU F 739 28.45 33.12 0.69
N SER F 740 27.59 34.10 0.92
CA SER F 740 26.50 34.39 0.00
C SER F 740 26.07 35.84 0.20
N CYS F 741 25.05 36.24 -0.54
CA CYS F 741 24.53 37.59 -0.46
C CYS F 741 23.07 37.60 -0.90
N THR F 742 22.27 38.44 -0.25
CA THR F 742 20.85 38.51 -0.53
C THR F 742 20.40 39.96 -0.49
N ARG F 743 19.69 40.39 -1.53
CA ARG F 743 19.13 41.73 -1.60
C ARG F 743 17.65 41.64 -1.92
N PHE F 744 16.90 42.66 -1.50
CA PHE F 744 15.48 42.73 -1.74
C PHE F 744 15.15 43.90 -2.65
N TYR F 745 13.94 43.89 -3.19
CA TYR F 745 13.49 44.92 -4.08
C TYR F 745 11.99 45.13 -3.88
N HIS F 746 11.57 46.39 -3.94
CA HIS F 746 10.20 46.82 -3.77
C HIS F 746 10.03 48.09 -4.58
N PRO F 747 8.91 48.25 -5.28
CA PRO F 747 8.77 49.40 -6.19
C PRO F 747 8.92 50.75 -5.49
N GLU F 748 8.66 50.84 -4.20
CA GLU F 748 8.77 52.11 -3.48
C GLU F 748 9.97 52.19 -2.55
N LYS F 749 10.45 51.06 -2.03
CA LYS F 749 11.65 51.03 -1.20
C LYS F 749 12.88 50.73 -2.05
N GLU F 750 13.98 51.44 -1.78
CA GLU F 750 15.21 51.21 -2.53
C GLU F 750 15.71 49.79 -2.36
N ASP F 751 15.83 49.34 -1.10
CA ASP F 751 16.35 48.02 -0.81
C ASP F 751 15.26 47.00 -0.50
N GLY F 752 13.99 47.38 -0.63
CA GLY F 752 12.91 46.44 -0.41
C GLY F 752 12.72 45.98 1.01
N LYS F 753 13.24 46.72 1.98
CA LYS F 753 13.19 46.31 3.38
C LYS F 753 11.94 46.79 4.11
N LEU F 754 11.03 47.50 3.43
CA LEU F 754 9.79 47.99 4.03
C LEU F 754 10.05 49.05 5.09
N ASN F 755 9.06 49.90 5.35
CA ASN F 755 9.26 51.06 6.21
C ASN F 755 9.21 50.63 7.67
N LYS F 756 10.27 50.92 8.42
CA LYS F 756 10.37 50.57 9.82
C LYS F 756 10.89 51.78 10.60
N LEU F 757 10.41 51.93 11.83
CA LEU F 757 10.89 52.97 12.71
C LEU F 757 11.87 52.37 13.70
N CYS F 758 13.05 53.00 13.83
CA CYS F 758 14.08 52.53 14.73
C CYS F 758 14.65 53.70 15.52
N ARG F 759 14.80 53.51 16.82
CA ARG F 759 15.47 54.46 17.71
C ARG F 759 16.76 53.79 18.19
N ASP F 760 17.87 54.13 17.53
CA ASP F 760 19.16 53.48 17.77
C ASP F 760 19.05 51.99 17.48
N GLU F 761 19.16 51.15 18.50
CA GLU F 761 19.07 49.70 18.30
C GLU F 761 17.64 49.18 18.40
N LEU F 762 16.72 49.95 18.98
CA LEU F 762 15.35 49.51 19.18
C LEU F 762 14.52 49.92 17.95
N CYS F 763 14.04 48.93 17.22
CA CYS F 763 13.26 49.14 16.00
C CYS F 763 11.84 48.64 16.19
N ARG F 764 10.90 49.27 15.47
CA ARG F 764 9.51 48.86 15.49
C ARG F 764 9.00 48.72 14.05
N CYS F 765 8.03 47.83 13.88
CA CYS F 765 7.41 47.64 12.58
C CYS F 765 6.66 48.92 12.21
N ALA F 766 6.53 49.17 10.90
CA ALA F 766 5.83 50.39 10.48
C ALA F 766 5.16 50.25 9.12
N GLU F 767 4.68 49.07 8.77
CA GLU F 767 3.88 48.91 7.55
C GLU F 767 2.43 49.16 7.94
N GLU F 768 2.12 50.44 8.16
CA GLU F 768 0.83 50.84 8.69
C GLU F 768 0.41 52.17 8.08
N ASN F 769 -0.85 52.51 8.27
CA ASN F 769 -1.27 53.90 8.12
C ASN F 769 -0.65 54.74 9.24
N CYS F 770 -0.53 56.04 9.00
CA CYS F 770 0.13 56.89 9.99
C CYS F 770 -0.77 57.09 11.20
N PHE F 771 -2.07 57.26 10.97
CA PHE F 771 -3.07 57.32 12.04
C PHE F 771 -4.42 57.17 11.35
N ILE F 772 -5.48 57.12 12.15
CA ILE F 772 -6.85 57.00 11.60
C ILE F 772 -7.34 58.43 11.41
N GLN F 773 -6.83 59.06 10.34
CA GLN F 773 -7.32 60.36 9.91
C GLN F 773 -8.78 60.26 9.47
N LYS F 774 -9.57 61.27 9.84
CA LYS F 774 -10.91 61.44 9.32
C LYS F 774 -10.97 62.70 8.46
N SER F 775 -11.78 62.63 7.40
CA SER F 775 -11.87 63.72 6.43
C SER F 775 -12.79 64.84 6.87
N ASP F 776 -12.91 65.08 8.17
CA ASP F 776 -13.68 66.20 8.72
C ASP F 776 -15.14 66.19 8.32
N ASP F 777 -15.52 65.22 7.48
CA ASP F 777 -16.92 65.09 7.06
C ASP F 777 -17.80 64.53 8.16
N LYS F 778 -17.25 63.72 9.05
CA LYS F 778 -18.03 63.07 10.10
C LYS F 778 -17.85 63.84 11.41
N VAL F 779 -18.71 64.84 11.60
CA VAL F 779 -18.74 65.64 12.81
C VAL F 779 -19.65 64.97 13.83
N THR F 780 -19.83 63.66 13.70
CA THR F 780 -20.75 62.93 14.56
C THR F 780 -20.00 62.39 15.79
N LEU F 781 -19.48 63.37 16.55
CA LEU F 781 -18.76 63.08 17.77
C LEU F 781 -19.55 62.19 18.74
N GLU F 782 -20.86 62.44 18.86
CA GLU F 782 -21.66 61.66 19.80
C GLU F 782 -21.59 60.17 19.48
N GLU F 783 -21.72 59.81 18.21
CA GLU F 783 -21.49 58.41 17.83
C GLU F 783 -20.03 58.02 18.00
N ARG F 784 -19.12 58.93 17.64
CA ARG F 784 -17.69 58.63 17.73
C ARG F 784 -17.23 58.51 19.18
N LEU F 785 -17.77 59.33 20.08
CA LEU F 785 -17.38 59.26 21.48
C LEU F 785 -17.89 57.98 22.13
N ASP F 786 -19.13 57.57 21.83
CA ASP F 786 -19.64 56.32 22.36
C ASP F 786 -18.84 55.13 21.83
N LYS F 787 -18.42 55.19 20.58
CA LYS F 787 -17.58 54.15 20.00
C LYS F 787 -16.16 54.17 20.56
N ALA F 788 -15.77 55.25 21.24
CA ALA F 788 -14.49 55.28 21.95
C ALA F 788 -14.51 54.40 23.20
N CYS F 789 -15.70 53.91 23.60
CA CYS F 789 -15.86 53.02 24.74
C CYS F 789 -15.66 51.56 24.38
N GLU F 790 -14.90 51.29 23.38
CA GLU F 790 -14.69 49.90 22.97
C GLU F 790 -13.42 49.35 23.63
N PRO F 791 -13.37 48.03 23.82
CA PRO F 791 -12.25 47.45 24.60
C PRO F 791 -10.88 47.70 24.00
N GLY F 792 -10.79 48.04 22.72
CA GLY F 792 -9.51 48.30 22.08
C GLY F 792 -8.79 49.52 22.62
N VAL F 793 -9.51 50.44 23.26
CA VAL F 793 -8.91 51.67 23.77
C VAL F 793 -8.35 51.42 25.16
N ASP F 794 -7.04 51.59 25.30
CA ASP F 794 -6.35 51.43 26.57
C ASP F 794 -6.13 52.73 27.32
N TYR F 795 -6.00 53.87 26.63
CA TYR F 795 -5.78 55.14 27.30
C TYR F 795 -6.46 56.24 26.50
N VAL F 796 -6.94 57.26 27.23
CA VAL F 796 -7.50 58.47 26.63
C VAL F 796 -6.89 59.67 27.35
N TYR F 797 -6.07 60.43 26.64
CA TYR F 797 -5.34 61.56 27.23
C TYR F 797 -5.73 62.86 26.55
N LYS F 798 -5.80 63.93 27.33
CA LYS F 798 -5.82 65.29 26.81
C LYS F 798 -4.42 65.88 27.00
N THR F 799 -3.81 66.32 25.89
CA THR F 799 -2.41 66.74 25.88
C THR F 799 -2.27 68.12 25.25
N ARG F 800 -1.10 68.72 25.47
CA ARG F 800 -0.71 69.97 24.82
C ARG F 800 0.71 69.83 24.30
N LEU F 801 0.90 70.10 23.01
CA LEU F 801 2.20 69.95 22.37
C LEU F 801 3.13 71.08 22.75
N VAL F 802 4.34 70.74 23.21
CA VAL F 802 5.31 71.72 23.68
C VAL F 802 6.35 71.98 22.59
N LYS F 803 7.03 70.94 22.13
CA LYS F 803 8.14 71.11 21.20
C LYS F 803 8.29 69.86 20.34
N VAL F 804 8.60 70.07 19.06
CA VAL F 804 8.86 68.99 18.11
C VAL F 804 10.33 69.02 17.71
N GLN F 805 10.95 67.85 17.69
CA GLN F 805 12.36 67.71 17.29
C GLN F 805 12.49 66.59 16.26
N LEU F 806 13.05 66.91 15.10
CA LEU F 806 13.23 65.93 14.04
C LEU F 806 14.41 65.01 14.36
N SER F 807 14.43 63.86 13.70
CA SER F 807 15.51 62.89 13.87
C SER F 807 15.77 62.15 12.57
N ASN F 808 16.29 60.92 12.66
CA ASN F 808 16.70 60.19 11.47
C ASN F 808 15.49 59.66 10.71
N ASP F 809 14.94 58.53 11.13
CA ASP F 809 13.75 57.96 10.51
C ASP F 809 12.49 58.21 11.35
N PHE F 810 12.54 59.16 12.27
CA PHE F 810 11.41 59.49 13.12
C PHE F 810 11.55 60.92 13.60
N ASP F 811 10.53 61.39 14.32
CA ASP F 811 10.61 62.66 15.04
C ASP F 811 9.73 62.56 16.29
N GLU F 812 10.14 63.26 17.34
CA GLU F 812 9.49 63.19 18.64
C GLU F 812 8.71 64.45 18.94
N TYR F 813 7.55 64.29 19.56
CA TYR F 813 6.66 65.38 19.91
C TYR F 813 6.56 65.45 21.43
N ILE F 814 7.11 66.51 22.02
CA ILE F 814 7.09 66.68 23.47
C ILE F 814 5.74 67.27 23.86
N MET F 815 4.89 66.44 24.46
CA MET F 815 3.55 66.85 24.85
C MET F 815 3.42 66.91 26.38
N ALA F 816 2.60 67.84 26.85
CA ALA F 816 2.28 67.96 28.26
C ALA F 816 0.90 67.36 28.52
N ILE F 817 0.84 66.33 29.35
CA ILE F 817 -0.40 65.62 29.63
C ILE F 817 -1.24 66.42 30.63
N GLU F 818 -2.45 66.78 30.22
CA GLU F 818 -3.35 67.55 31.08
C GLU F 818 -4.16 66.66 32.02
N GLN F 819 -4.71 65.55 31.52
CA GLN F 819 -5.48 64.64 32.36
C GLN F 819 -5.64 63.30 31.65
N THR F 820 -5.79 62.24 32.46
CA THR F 820 -6.05 60.90 31.96
C THR F 820 -7.55 60.68 32.01
N ILE F 821 -8.21 60.79 30.85
CA ILE F 821 -9.66 60.66 30.82
C ILE F 821 -10.09 59.21 31.07
N LYS F 822 -9.39 58.24 30.48
CA LYS F 822 -9.72 56.84 30.71
C LYS F 822 -8.47 56.00 30.93
N SER F 823 -8.47 55.24 32.02
CA SER F 823 -7.44 54.23 32.33
C SER F 823 -6.06 54.90 32.32
N GLY F 824 -5.06 54.27 31.71
CA GLY F 824 -3.71 54.79 31.70
C GLY F 824 -2.65 53.69 31.68
N SER F 825 -2.82 52.68 32.54
CA SER F 825 -1.89 51.55 32.69
C SER F 825 -0.56 52.01 33.28
N ASP F 826 -0.29 53.31 33.24
CA ASP F 826 0.89 53.94 33.81
C ASP F 826 0.42 55.02 34.80
N GLU F 827 1.36 55.55 35.57
CA GLU F 827 0.96 56.49 36.60
C GLU F 827 0.51 57.80 35.97
N VAL F 828 -0.33 58.53 36.71
CA VAL F 828 -0.96 59.73 36.17
C VAL F 828 0.05 60.87 36.05
N GLN F 829 0.85 61.09 37.10
CA GLN F 829 1.78 62.22 37.17
C GLN F 829 1.02 63.53 36.98
N VAL F 830 0.63 63.83 35.74
CA VAL F 830 -0.20 64.97 35.38
C VAL F 830 0.51 66.28 35.64
N GLY F 831 0.84 67.00 34.57
CA GLY F 831 1.52 68.26 34.65
C GLY F 831 2.97 68.28 34.21
N GLN F 832 3.43 67.29 33.45
CA GLN F 832 4.83 67.22 33.05
C GLN F 832 4.93 66.72 31.61
N GLN F 833 6.16 66.77 31.09
CA GLN F 833 6.41 66.44 29.70
C GLN F 833 6.29 64.95 29.45
N ARG F 834 5.61 64.57 28.37
CA ARG F 834 5.48 63.18 27.96
C ARG F 834 5.80 63.10 26.47
N THR F 835 6.71 62.20 26.11
CA THR F 835 7.24 62.13 24.75
C THR F 835 6.40 61.21 23.88
N PHE F 836 5.94 61.74 22.75
CA PHE F 836 5.27 60.95 21.72
C PHE F 836 6.12 60.96 20.46
N ILE F 837 6.21 59.82 19.79
CA ILE F 837 7.08 59.66 18.64
C ILE F 837 6.27 59.12 17.46
N SER F 838 6.46 59.73 16.30
CA SER F 838 5.90 59.38 15.00
C SER F 838 7.01 59.18 13.99
N PRO F 839 6.87 58.24 13.05
CA PRO F 839 7.87 58.12 11.98
C PRO F 839 7.93 59.41 11.18
N ILE F 840 9.11 59.66 10.59
CA ILE F 840 9.31 60.90 9.85
C ILE F 840 8.49 60.92 8.56
N LYS F 841 8.16 59.76 8.02
CA LYS F 841 7.35 59.66 6.81
C LYS F 841 5.88 60.01 7.04
N CYS F 842 5.50 60.27 8.29
CA CYS F 842 4.13 60.63 8.66
C CYS F 842 3.93 62.14 8.79
N ARG F 843 4.97 62.95 8.60
CA ARG F 843 4.80 64.40 8.60
C ARG F 843 3.88 64.84 7.46
N GLU F 844 3.97 64.17 6.31
CA GLU F 844 3.10 64.52 5.20
C GLU F 844 1.64 64.20 5.49
N ALA F 845 1.37 63.19 6.33
CA ALA F 845 -0.01 62.82 6.61
C ALA F 845 -0.69 63.87 7.48
N LEU F 846 -0.02 64.31 8.54
CA LEU F 846 -0.61 65.28 9.47
C LEU F 846 0.51 65.89 10.29
N LYS F 847 0.68 67.22 10.20
CA LYS F 847 1.66 67.95 10.98
C LYS F 847 1.00 68.51 12.24
N LEU F 848 1.52 68.13 13.40
CA LEU F 848 1.04 68.70 14.65
C LEU F 848 1.69 70.07 14.92
N GLU F 849 0.92 70.97 15.51
CA GLU F 849 1.37 72.32 15.81
C GLU F 849 1.52 72.48 17.32
N GLU F 850 2.55 73.23 17.72
CA GLU F 850 2.88 73.37 19.14
C GLU F 850 1.86 74.24 19.86
N LYS F 851 1.88 74.13 21.20
CA LYS F 851 1.12 74.98 22.12
C LYS F 851 -0.39 74.73 22.09
N LYS F 852 -0.90 74.09 21.05
CA LYS F 852 -2.33 73.82 20.99
C LYS F 852 -2.66 72.55 21.77
N HIS F 853 -3.91 72.46 22.20
CA HIS F 853 -4.39 71.27 22.89
C HIS F 853 -4.78 70.19 21.89
N TYR F 854 -4.66 68.93 22.32
CA TYR F 854 -5.00 67.79 21.48
C TYR F 854 -5.59 66.68 22.34
N LEU F 855 -6.61 66.03 21.80
CA LEU F 855 -7.23 64.86 22.44
C LEU F 855 -6.79 63.60 21.71
N MET F 856 -6.34 62.60 22.46
CA MET F 856 -5.72 61.40 21.89
C MET F 856 -6.23 60.16 22.61
N TRP F 857 -6.18 59.02 21.90
CA TRP F 857 -6.38 57.72 22.52
C TRP F 857 -5.75 56.65 21.65
N GLY F 858 -5.35 55.55 22.28
CA GLY F 858 -4.70 54.46 21.59
C GLY F 858 -4.88 53.13 22.30
N LEU F 859 -3.96 52.20 22.07
CA LEU F 859 -4.03 50.85 22.62
C LEU F 859 -2.68 50.46 23.21
N SER F 860 -2.65 49.29 23.86
CA SER F 860 -1.50 48.91 24.69
C SER F 860 -0.22 48.72 23.88
N SER F 861 -0.29 48.44 22.59
CA SER F 861 0.93 48.28 21.82
C SER F 861 1.57 49.62 21.46
N ASP F 862 0.88 50.74 21.71
CA ASP F 862 1.41 52.04 21.31
C ASP F 862 2.52 52.51 22.24
N PHE F 863 2.35 52.37 23.55
CA PHE F 863 3.45 52.73 24.43
C PHE F 863 4.53 51.65 24.35
N TRP F 864 5.78 52.08 24.38
CA TRP F 864 6.87 51.26 23.90
C TRP F 864 8.09 51.45 24.78
N GLY F 865 9.04 50.52 24.66
CA GLY F 865 10.25 50.58 25.45
C GLY F 865 10.09 50.00 26.84
N GLU F 866 11.03 50.36 27.72
CA GLU F 866 11.04 49.86 29.08
C GLU F 866 10.95 51.01 30.07
N LYS F 867 10.40 50.70 31.24
CA LYS F 867 10.28 51.68 32.31
C LYS F 867 11.66 52.09 32.82
N PRO F 868 11.82 53.35 33.27
CA PRO F 868 10.82 54.42 33.24
C PRO F 868 10.88 55.21 31.93
N ASN F 869 11.56 54.66 30.94
CA ASN F 869 11.75 55.29 29.64
C ASN F 869 10.68 54.90 28.64
N LEU F 870 9.45 54.64 29.10
CA LEU F 870 8.37 54.28 28.20
C LEU F 870 8.06 55.44 27.26
N SER F 871 7.74 55.11 26.02
CA SER F 871 7.42 56.11 25.00
C SER F 871 6.22 55.65 24.19
N TYR F 872 5.34 56.61 23.89
CA TYR F 872 4.11 56.32 23.15
C TYR F 872 4.37 56.56 21.66
N ILE F 873 4.30 55.50 20.88
CA ILE F 873 4.57 55.57 19.45
C ILE F 873 3.25 55.79 18.71
N ILE F 874 3.26 56.73 17.78
CA ILE F 874 2.08 57.03 16.96
C ILE F 874 1.98 55.98 15.85
N GLY F 875 0.84 55.29 15.79
CA GLY F 875 0.63 54.25 14.80
C GLY F 875 -0.74 54.29 14.17
N LYS F 876 -1.09 53.25 13.40
CA LYS F 876 -2.36 53.25 12.69
C LYS F 876 -3.56 53.10 13.63
N ASP F 877 -3.35 52.62 14.85
CA ASP F 877 -4.42 52.52 15.83
C ASP F 877 -4.56 53.75 16.71
N THR F 878 -3.63 54.70 16.60
CA THR F 878 -3.67 55.90 17.41
C THR F 878 -4.59 56.94 16.76
N TRP F 879 -5.29 57.69 17.60
CA TRP F 879 -6.22 58.72 17.14
C TRP F 879 -5.92 60.03 17.86
N VAL F 880 -5.90 61.12 17.10
CA VAL F 880 -5.59 62.46 17.63
C VAL F 880 -6.54 63.45 16.98
N GLU F 881 -6.99 64.42 17.78
CA GLU F 881 -7.77 65.54 17.25
C GLU F 881 -7.51 66.78 18.10
N HIS F 882 -7.41 67.93 17.42
CA HIS F 882 -7.14 69.18 18.11
C HIS F 882 -8.34 69.60 18.95
N TRP F 883 -8.06 70.12 20.15
CA TRP F 883 -9.09 70.69 20.99
C TRP F 883 -8.91 72.20 21.01
N PRO F 884 -9.77 72.95 20.32
CA PRO F 884 -9.54 74.39 20.16
C PRO F 884 -9.55 75.14 21.49
N GLU F 885 -8.88 76.30 21.48
CA GLU F 885 -8.84 77.19 22.62
C GLU F 885 -10.23 77.80 22.86
N GLU F 886 -10.35 78.53 23.97
CA GLU F 886 -11.64 79.10 24.37
C GLU F 886 -12.26 79.94 23.26
N ASP F 887 -11.54 80.95 22.79
CA ASP F 887 -12.10 81.83 21.77
C ASP F 887 -12.30 81.09 20.45
N GLU F 888 -11.50 80.07 20.18
CA GLU F 888 -11.71 79.30 18.96
C GLU F 888 -13.01 78.52 19.01
N CYS F 889 -13.49 78.19 20.22
CA CYS F 889 -14.76 77.49 20.34
C CYS F 889 -15.93 78.39 20.03
N GLN F 890 -15.72 79.70 20.02
CA GLN F 890 -16.81 80.65 19.80
C GLN F 890 -17.21 80.72 18.33
N ASP F 891 -16.36 80.22 17.43
CA ASP F 891 -16.73 80.11 16.04
C ASP F 891 -17.81 79.07 15.85
N GLU F 892 -18.74 79.35 14.94
CA GLU F 892 -19.94 78.52 14.81
C GLU F 892 -19.61 77.07 14.48
N GLU F 893 -18.49 76.81 13.82
CA GLU F 893 -18.13 75.43 13.49
C GLU F 893 -17.58 74.70 14.71
N ASN F 894 -16.78 75.39 15.53
CA ASN F 894 -16.23 74.83 16.75
C ASN F 894 -17.20 74.89 17.94
N GLN F 895 -18.34 75.56 17.79
CA GLN F 895 -19.32 75.60 18.88
C GLN F 895 -19.73 74.20 19.32
N LYS F 896 -20.29 73.41 18.40
CA LYS F 896 -20.76 72.09 18.76
C LYS F 896 -19.61 71.12 19.03
N GLN F 897 -18.48 71.30 18.35
CA GLN F 897 -17.35 70.40 18.55
C GLN F 897 -16.80 70.49 19.96
N CYS F 898 -16.61 71.71 20.47
CA CYS F 898 -16.15 71.87 21.85
C CYS F 898 -17.18 71.39 22.87
N GLN F 899 -18.46 71.37 22.49
CA GLN F 899 -19.49 70.81 23.37
C GLN F 899 -19.28 69.32 23.57
N ASP F 900 -19.19 68.56 22.47
CA ASP F 900 -19.18 67.11 22.57
C ASP F 900 -17.90 66.59 23.20
N LEU F 901 -16.74 67.17 22.83
CA LEU F 901 -15.48 66.77 23.46
C LEU F 901 -15.45 67.09 24.94
N GLY F 902 -16.23 68.06 25.40
CA GLY F 902 -16.30 68.36 26.82
C GLY F 902 -17.24 67.46 27.58
N ALA F 903 -18.31 66.99 26.92
CA ALA F 903 -19.24 66.06 27.57
C ALA F 903 -18.59 64.69 27.77
N PHE F 904 -17.92 64.19 26.74
CA PHE F 904 -17.18 62.93 26.87
C PHE F 904 -16.16 62.98 28.00
N THR F 905 -15.60 64.16 28.26
CA THR F 905 -14.68 64.32 29.38
C THR F 905 -15.36 63.92 30.68
N GLU F 906 -16.53 64.50 30.97
CA GLU F 906 -17.27 64.12 32.16
C GLU F 906 -17.86 62.72 32.03
N SER F 907 -18.13 62.29 30.79
CA SER F 907 -18.78 60.99 30.58
C SER F 907 -17.91 59.85 31.05
N MET F 908 -16.66 59.78 30.59
CA MET F 908 -15.83 58.61 30.88
C MET F 908 -15.52 58.50 32.36
N VAL F 909 -15.16 59.62 33.00
CA VAL F 909 -14.75 59.55 34.40
C VAL F 909 -15.91 59.12 35.28
N VAL F 910 -17.11 59.62 35.01
CA VAL F 910 -18.25 59.37 35.89
C VAL F 910 -18.96 58.08 35.51
N PHE F 911 -19.14 57.80 34.23
CA PHE F 911 -19.94 56.65 33.82
C PHE F 911 -19.14 55.51 33.20
N GLY F 912 -17.91 55.75 32.76
CA GLY F 912 -17.15 54.67 32.15
C GLY F 912 -17.86 54.16 30.92
N CYS F 913 -18.02 52.85 30.85
CA CYS F 913 -18.72 52.23 29.74
C CYS F 913 -19.73 51.23 30.28
N PRO F 914 -20.87 51.08 29.63
CA PRO F 914 -21.89 50.11 30.09
C PRO F 914 -21.77 48.70 29.54
N ASN F 915 -20.82 48.41 28.66
CA ASN F 915 -20.73 47.07 28.08
C ASN F 915 -20.32 46.03 29.12
N SER G 1 51.44 -59.45 -13.69
CA SER G 1 50.94 -59.28 -15.05
C SER G 1 49.91 -58.15 -15.11
N PRO G 2 49.83 -57.46 -16.24
CA PRO G 2 48.82 -56.41 -16.38
C PRO G 2 47.41 -56.97 -16.27
N MET G 3 46.50 -56.13 -15.80
CA MET G 3 45.09 -56.51 -15.66
C MET G 3 44.23 -55.57 -16.47
N TYR G 4 43.40 -56.14 -17.35
CA TYR G 4 42.42 -55.36 -18.09
C TYR G 4 41.09 -55.38 -17.35
N SER G 5 40.34 -54.29 -17.48
CA SER G 5 39.09 -54.15 -16.75
C SER G 5 38.08 -53.39 -17.61
N ILE G 6 36.83 -53.82 -17.56
CA ILE G 6 35.73 -53.16 -18.25
C ILE G 6 34.67 -52.81 -17.22
N ILE G 7 34.16 -51.58 -17.29
CA ILE G 7 33.14 -51.08 -16.37
C ILE G 7 31.98 -50.55 -17.20
N THR G 8 30.78 -51.06 -16.93
CA THR G 8 29.57 -50.67 -17.63
C THR G 8 28.42 -50.67 -16.63
N PRO G 9 27.35 -49.93 -16.91
CA PRO G 9 26.20 -49.94 -15.99
C PRO G 9 25.54 -51.30 -15.94
N ASN G 10 24.77 -51.53 -14.87
CA ASN G 10 24.03 -52.77 -14.72
C ASN G 10 22.98 -52.92 -15.82
N ILE G 11 22.27 -51.85 -16.15
CA ILE G 11 21.13 -51.90 -17.06
C ILE G 11 21.36 -50.87 -18.16
N LEU G 12 21.15 -51.29 -19.41
CA LEU G 12 21.33 -50.44 -20.57
C LEU G 12 19.98 -49.96 -21.10
N ARG G 13 19.98 -48.76 -21.67
CA ARG G 13 18.77 -48.11 -22.15
C ARG G 13 18.81 -47.96 -23.66
N LEU G 14 17.64 -48.09 -24.29
CA LEU G 14 17.54 -47.92 -25.74
C LEU G 14 17.62 -46.45 -26.13
N GLU G 15 18.23 -46.21 -27.30
CA GLU G 15 18.21 -44.90 -27.96
C GLU G 15 18.80 -43.80 -27.08
N SER G 16 19.87 -44.13 -26.37
CA SER G 16 20.59 -43.15 -25.57
C SER G 16 22.02 -43.61 -25.42
N GLU G 17 22.94 -42.65 -25.29
CA GLU G 17 24.35 -42.99 -25.14
C GLU G 17 24.61 -43.55 -23.76
N GLU G 18 25.35 -44.65 -23.71
CA GLU G 18 25.69 -45.34 -22.46
C GLU G 18 27.21 -45.38 -22.36
N THR G 19 27.75 -44.82 -21.29
CA THR G 19 29.19 -44.69 -21.15
C THR G 19 29.83 -46.06 -20.90
N MET G 20 30.93 -46.30 -21.60
CA MET G 20 31.71 -47.54 -21.46
C MET G 20 33.14 -47.14 -21.15
N VAL G 21 33.61 -47.52 -19.97
CA VAL G 21 34.93 -47.13 -19.48
C VAL G 21 35.84 -48.33 -19.54
N LEU G 22 36.98 -48.18 -20.22
CA LEU G 22 37.96 -49.23 -20.37
C LEU G 22 39.27 -48.77 -19.73
N GLU G 23 39.82 -49.61 -18.86
CA GLU G 23 41.07 -49.29 -18.18
C GLU G 23 41.88 -50.56 -17.99
N ALA G 24 43.20 -50.40 -17.96
CA ALA G 24 44.12 -51.49 -17.64
C ALA G 24 44.98 -51.09 -16.46
N HIS G 25 45.13 -52.00 -15.50
CA HIS G 25 45.93 -51.78 -14.30
C HIS G 25 47.22 -52.58 -14.41
N ASP G 26 48.32 -51.97 -13.97
CA ASP G 26 49.64 -52.58 -14.05
C ASP G 26 50.03 -52.89 -15.50
N ALA G 27 49.53 -52.08 -16.44
CA ALA G 27 49.73 -52.35 -17.85
C ALA G 27 51.11 -51.87 -18.28
N GLN G 28 51.59 -52.44 -19.39
CA GLN G 28 52.90 -52.09 -19.94
C GLN G 28 52.73 -51.76 -21.42
N GLY G 29 53.16 -50.56 -21.81
CA GLY G 29 53.05 -50.15 -23.19
C GLY G 29 51.62 -49.86 -23.61
N ASP G 30 51.48 -49.49 -24.88
CA ASP G 30 50.16 -49.22 -25.44
C ASP G 30 49.42 -50.52 -25.71
N VAL G 31 48.10 -50.46 -25.61
CA VAL G 31 47.26 -51.63 -25.92
C VAL G 31 45.98 -51.16 -26.60
N PRO G 32 45.79 -51.50 -27.88
CA PRO G 32 44.52 -51.14 -28.53
C PRO G 32 43.38 -52.00 -28.00
N VAL G 33 42.21 -51.39 -27.86
CA VAL G 33 41.03 -52.05 -27.33
C VAL G 33 39.88 -51.79 -28.30
N THR G 34 39.27 -52.87 -28.79
CA THR G 34 38.14 -52.79 -29.70
C THR G 34 36.85 -53.15 -28.97
N VAL G 35 35.76 -52.50 -29.36
CA VAL G 35 34.47 -52.60 -28.68
C VAL G 35 33.48 -53.30 -29.59
N THR G 36 32.66 -54.18 -29.01
CA THR G 36 31.63 -54.90 -29.74
C THR G 36 30.49 -55.26 -28.79
N VAL G 37 29.26 -55.06 -29.24
CA VAL G 37 28.07 -55.42 -28.47
C VAL G 37 27.26 -56.40 -29.29
N HIS G 38 26.97 -57.56 -28.71
CA HIS G 38 26.18 -58.59 -29.37
C HIS G 38 24.87 -58.79 -28.61
N ASP G 39 23.90 -59.39 -29.29
CA ASP G 39 22.63 -59.71 -28.65
C ASP G 39 22.73 -61.02 -27.87
N PHE G 40 21.72 -61.26 -27.03
CA PHE G 40 21.71 -62.43 -26.16
C PHE G 40 20.28 -62.81 -25.81
N PRO G 41 19.83 -64.04 -26.12
CA PRO G 41 20.55 -65.08 -26.88
C PRO G 41 20.54 -64.81 -28.37
N GLY G 42 21.03 -65.76 -29.16
CA GLY G 42 21.06 -65.61 -30.60
C GLY G 42 22.21 -64.73 -31.05
N LYS G 43 22.33 -64.58 -32.36
CA LYS G 43 23.42 -63.82 -32.96
C LYS G 43 22.86 -62.92 -34.06
N LYS G 44 22.70 -61.63 -33.76
CA LYS G 44 22.36 -60.63 -34.76
C LYS G 44 23.36 -59.49 -34.86
N LEU G 45 24.11 -59.20 -33.79
CA LEU G 45 25.10 -58.12 -33.73
C LEU G 45 24.36 -56.78 -33.77
N VAL G 46 24.43 -56.03 -32.68
CA VAL G 46 23.69 -54.78 -32.58
C VAL G 46 24.59 -53.55 -32.69
N LEU G 47 25.86 -53.65 -32.31
CA LEU G 47 26.79 -52.53 -32.45
C LEU G 47 28.21 -53.09 -32.48
N SER G 48 29.00 -52.60 -33.43
CA SER G 48 30.40 -53.01 -33.56
C SER G 48 31.35 -51.82 -33.63
N SER G 49 30.87 -50.61 -33.32
CA SER G 49 31.66 -49.41 -33.51
C SER G 49 32.59 -49.18 -32.32
N GLU G 50 33.48 -48.20 -32.48
CA GLU G 50 34.30 -47.62 -31.43
C GLU G 50 35.45 -48.53 -31.00
N LYS G 51 36.63 -47.94 -30.84
CA LYS G 51 37.79 -48.60 -30.26
C LYS G 51 38.67 -47.53 -29.64
N THR G 52 39.63 -47.97 -28.83
CA THR G 52 40.52 -47.01 -28.17
C THR G 52 41.82 -47.72 -27.83
N VAL G 53 42.81 -46.90 -27.45
CA VAL G 53 44.14 -47.38 -27.08
C VAL G 53 44.45 -46.86 -25.68
N LEU G 54 44.73 -47.76 -24.75
CA LEU G 54 45.14 -47.36 -23.42
C LEU G 54 46.59 -46.91 -23.45
N THR G 55 46.82 -45.65 -23.06
CA THR G 55 48.10 -44.98 -23.24
C THR G 55 48.70 -44.61 -21.90
N PRO G 56 50.01 -44.80 -21.71
CA PRO G 56 50.66 -44.29 -20.49
C PRO G 56 50.45 -42.79 -20.30
N ALA G 57 50.25 -42.03 -21.38
CA ALA G 57 49.92 -40.63 -21.22
C ALA G 57 48.55 -40.45 -20.57
N THR G 58 47.61 -41.33 -20.89
CA THR G 58 46.29 -41.33 -20.28
C THR G 58 46.19 -42.27 -19.07
N ASN G 59 47.32 -42.74 -18.56
CA ASN G 59 47.36 -43.70 -17.44
C ASN G 59 46.54 -44.95 -17.75
N HIS G 60 46.58 -45.37 -19.03
CA HIS G 60 45.86 -46.55 -19.49
C HIS G 60 44.36 -46.44 -19.23
N MET G 61 43.80 -45.26 -19.52
CA MET G 61 42.38 -45.01 -19.37
C MET G 61 41.74 -44.74 -20.74
N GLY G 62 40.43 -44.95 -20.79
CA GLY G 62 39.66 -44.64 -21.98
C GLY G 62 38.17 -44.83 -21.80
N ASN G 63 37.41 -43.75 -21.97
CA ASN G 63 35.96 -43.80 -21.88
C ASN G 63 35.37 -43.69 -23.27
N VAL G 64 34.48 -44.62 -23.61
CA VAL G 64 33.83 -44.65 -24.91
C VAL G 64 32.33 -44.79 -24.69
N THR G 65 31.58 -44.55 -25.77
CA THR G 65 30.12 -44.59 -25.73
C THR G 65 29.60 -45.46 -26.87
N PHE G 66 28.38 -45.94 -26.68
CA PHE G 66 27.69 -46.74 -27.70
C PHE G 66 26.19 -46.58 -27.50
N THR G 67 25.42 -47.05 -28.49
CA THR G 67 23.97 -46.89 -28.47
C THR G 67 23.31 -48.15 -28.99
N ILE G 68 22.32 -48.64 -28.23
CA ILE G 68 21.53 -49.81 -28.62
C ILE G 68 20.34 -49.32 -29.42
N PRO G 69 20.21 -49.69 -30.69
CA PRO G 69 19.03 -49.28 -31.46
C PRO G 69 17.76 -49.92 -30.93
N ALA G 70 16.63 -49.30 -31.28
CA ALA G 70 15.30 -49.77 -30.90
C ALA G 70 14.49 -49.98 -32.18
N ASN G 71 14.52 -51.20 -32.69
CA ASN G 71 13.83 -51.56 -33.92
C ASN G 71 12.74 -52.58 -33.61
N ARG G 72 12.15 -53.14 -34.67
CA ARG G 72 11.13 -54.17 -34.49
C ARG G 72 11.72 -55.44 -33.91
N GLU G 73 13.01 -55.72 -34.18
CA GLU G 73 13.66 -56.89 -33.60
C GLU G 73 13.98 -56.66 -32.13
N PHE G 74 14.24 -55.42 -31.74
CA PHE G 74 14.53 -55.10 -30.34
C PHE G 74 13.26 -54.98 -29.50
N LYS G 75 12.18 -54.50 -30.11
CA LYS G 75 10.93 -54.24 -29.41
C LYS G 75 9.99 -55.44 -29.41
N SER G 76 10.46 -56.62 -29.81
CA SER G 76 9.63 -57.80 -29.89
C SER G 76 9.12 -58.21 -28.50
N GLU G 77 10.02 -58.68 -27.64
CA GLU G 77 9.64 -59.12 -26.31
C GLU G 77 9.35 -57.90 -25.43
N LYS G 78 8.13 -57.85 -24.87
CA LYS G 78 7.69 -56.70 -24.09
C LYS G 78 7.49 -57.01 -22.61
N GLY G 79 7.44 -58.28 -22.22
CA GLY G 79 7.07 -58.61 -20.86
C GLY G 79 8.17 -59.22 -20.02
N ARG G 80 9.06 -60.00 -20.64
CA ARG G 80 10.10 -60.71 -19.91
C ARG G 80 11.46 -60.08 -20.17
N ASN G 81 12.44 -60.47 -19.35
CA ASN G 81 13.76 -59.88 -19.42
C ASN G 81 14.54 -60.41 -20.61
N LYS G 82 15.41 -59.56 -21.16
CA LYS G 82 16.32 -59.96 -22.22
C LYS G 82 17.62 -59.19 -22.05
N PHE G 83 18.69 -59.71 -22.64
CA PHE G 83 20.03 -59.20 -22.39
C PHE G 83 20.78 -58.99 -23.71
N VAL G 84 21.94 -58.36 -23.59
CA VAL G 84 22.92 -58.27 -24.68
C VAL G 84 24.28 -58.65 -24.11
N THR G 85 25.26 -58.78 -25.00
CA THR G 85 26.61 -59.17 -24.62
C THR G 85 27.58 -58.08 -25.06
N VAL G 86 28.28 -57.49 -24.11
CA VAL G 86 29.27 -56.47 -24.43
C VAL G 86 30.62 -57.17 -24.56
N GLN G 87 31.27 -56.99 -25.71
CA GLN G 87 32.52 -57.67 -26.02
C GLN G 87 33.64 -56.65 -26.22
N ALA G 88 34.72 -56.82 -25.48
CA ALA G 88 35.88 -55.94 -25.58
C ALA G 88 37.13 -56.78 -25.78
N THR G 89 37.92 -56.45 -26.80
CA THR G 89 39.15 -57.17 -27.13
C THR G 89 40.34 -56.28 -26.76
N PHE G 90 41.01 -56.62 -25.67
CA PHE G 90 42.21 -55.89 -25.25
C PHE G 90 43.40 -56.49 -25.99
N GLY G 91 43.79 -55.86 -27.09
CA GLY G 91 44.82 -56.41 -27.94
C GLY G 91 44.39 -57.73 -28.55
N THR G 92 44.86 -58.84 -27.97
CA THR G 92 44.43 -60.17 -28.36
C THR G 92 43.58 -60.87 -27.31
N GLN G 93 43.45 -60.30 -26.12
CA GLN G 93 42.70 -60.89 -25.03
C GLN G 93 41.30 -60.31 -25.03
N VAL G 94 40.30 -61.14 -25.31
CA VAL G 94 38.91 -60.70 -25.35
C VAL G 94 38.28 -60.92 -23.97
N VAL G 95 37.56 -59.89 -23.50
CA VAL G 95 36.80 -59.96 -22.25
C VAL G 95 35.37 -59.57 -22.56
N GLU G 96 34.41 -60.34 -22.05
CA GLU G 96 33.01 -60.11 -22.36
C GLU G 96 32.15 -60.42 -21.14
N LYS G 97 31.04 -59.69 -21.04
CA LYS G 97 30.13 -59.78 -19.90
C LYS G 97 28.72 -59.50 -20.38
N VAL G 98 27.76 -60.28 -19.89
CA VAL G 98 26.37 -60.09 -20.25
C VAL G 98 25.77 -58.99 -19.39
N VAL G 99 25.01 -58.10 -20.03
CA VAL G 99 24.45 -56.91 -19.38
C VAL G 99 22.95 -56.90 -19.60
N LEU G 100 22.21 -56.53 -18.54
CA LEU G 100 20.76 -56.41 -18.64
C LEU G 100 20.38 -55.20 -19.47
N VAL G 101 19.26 -55.31 -20.18
CA VAL G 101 18.77 -54.28 -21.08
C VAL G 101 17.40 -53.81 -20.59
N SER G 102 17.21 -52.50 -20.55
CA SER G 102 15.92 -51.89 -20.24
C SER G 102 15.24 -51.43 -21.52
N LEU G 103 13.93 -51.68 -21.60
CA LEU G 103 13.13 -51.27 -22.75
C LEU G 103 12.60 -49.85 -22.61
N GLN G 104 12.96 -49.13 -21.54
CA GLN G 104 12.54 -47.76 -21.40
C GLN G 104 13.33 -46.86 -22.36
N SER G 105 12.67 -45.81 -22.84
CA SER G 105 13.27 -44.93 -23.84
C SER G 105 13.32 -43.46 -23.40
N GLY G 106 12.74 -43.11 -22.28
CA GLY G 106 12.76 -41.73 -21.82
C GLY G 106 11.69 -41.50 -20.76
N TYR G 107 11.20 -40.27 -20.73
CA TYR G 107 10.18 -39.85 -19.78
C TYR G 107 9.10 -39.07 -20.52
N LEU G 108 7.88 -39.11 -19.97
CA LEU G 108 6.75 -38.36 -20.52
C LEU G 108 6.07 -37.61 -19.39
N PHE G 109 5.91 -36.31 -19.58
CA PHE G 109 5.22 -35.44 -18.62
C PHE G 109 4.05 -34.78 -19.33
N ILE G 110 2.90 -34.75 -18.65
CA ILE G 110 1.66 -34.25 -19.22
C ILE G 110 1.17 -33.08 -18.38
N GLN G 111 0.89 -31.95 -19.04
CA GLN G 111 0.40 -30.74 -18.40
C GLN G 111 -0.98 -30.40 -18.97
N THR G 112 -1.88 -29.95 -18.09
CA THR G 112 -3.19 -29.46 -18.48
C THR G 112 -3.39 -28.04 -17.98
N ASP G 113 -4.27 -27.31 -18.68
CA ASP G 113 -4.53 -25.92 -18.32
C ASP G 113 -5.23 -25.80 -16.97
N LYS G 114 -6.10 -26.76 -16.63
CA LYS G 114 -6.81 -26.75 -15.37
C LYS G 114 -6.78 -28.14 -14.76
N THR G 115 -7.08 -28.20 -13.46
CA THR G 115 -7.15 -29.47 -12.74
C THR G 115 -8.55 -30.08 -12.73
N ILE G 116 -9.58 -29.30 -13.04
CA ILE G 116 -10.96 -29.78 -13.02
C ILE G 116 -11.75 -29.00 -14.05
N TYR G 117 -12.60 -29.70 -14.81
CA TYR G 117 -13.28 -29.12 -15.96
C TYR G 117 -14.78 -29.31 -15.82
N THR G 118 -15.54 -28.57 -16.67
CA THR G 118 -16.99 -28.55 -16.87
C THR G 118 -17.36 -29.28 -18.16
N PRO G 119 -18.50 -29.95 -18.19
CA PRO G 119 -18.98 -30.55 -19.44
C PRO G 119 -19.26 -29.47 -20.49
N GLY G 120 -18.94 -29.80 -21.74
CA GLY G 120 -19.11 -28.83 -22.81
C GLY G 120 -18.00 -27.81 -22.94
N SER G 121 -16.83 -28.07 -22.35
CA SER G 121 -15.71 -27.15 -22.39
C SER G 121 -14.51 -27.81 -23.06
N THR G 122 -13.53 -27.00 -23.41
CA THR G 122 -12.35 -27.44 -24.13
C THR G 122 -11.23 -27.79 -23.16
N VAL G 123 -10.48 -28.84 -23.47
CA VAL G 123 -9.34 -29.27 -22.68
C VAL G 123 -8.07 -29.07 -23.51
N LEU G 124 -7.16 -28.24 -23.00
CA LEU G 124 -5.86 -28.01 -23.61
C LEU G 124 -4.78 -28.74 -22.81
N TYR G 125 -3.90 -29.46 -23.49
CA TYR G 125 -2.87 -30.23 -22.81
C TYR G 125 -1.61 -30.25 -23.65
N ARG G 126 -0.46 -30.18 -22.97
CA ARG G 126 0.86 -30.21 -23.60
C ARG G 126 1.69 -31.32 -22.98
N ILE G 127 2.38 -32.09 -23.82
CA ILE G 127 3.22 -33.19 -23.38
C ILE G 127 4.67 -32.85 -23.66
N PHE G 128 5.51 -32.92 -22.63
CA PHE G 128 6.94 -32.69 -22.75
C PHE G 128 7.64 -34.04 -22.90
N THR G 129 8.38 -34.22 -24.00
CA THR G 129 9.04 -35.47 -24.34
C THR G 129 10.54 -35.31 -24.09
N VAL G 130 11.06 -36.02 -23.09
CA VAL G 130 12.48 -35.99 -22.76
C VAL G 130 12.99 -37.42 -22.68
N ASN G 131 14.29 -37.59 -22.91
CA ASN G 131 14.92 -38.89 -22.76
C ASN G 131 15.23 -39.16 -21.29
N HIS G 132 16.11 -40.11 -21.02
CA HIS G 132 16.48 -40.40 -19.63
C HIS G 132 17.37 -39.34 -19.03
N LYS G 133 17.95 -38.46 -19.84
CA LYS G 133 18.77 -37.35 -19.36
C LYS G 133 17.98 -36.06 -19.18
N LEU G 134 16.66 -36.11 -19.35
CA LEU G 134 15.75 -34.97 -19.21
C LEU G 134 15.98 -33.89 -20.26
N LEU G 135 16.62 -34.24 -21.37
CA LEU G 135 16.74 -33.29 -22.47
C LEU G 135 15.67 -33.58 -23.52
N PRO G 136 15.24 -32.57 -24.28
CA PRO G 136 14.16 -32.80 -25.26
C PRO G 136 14.57 -33.78 -26.34
N VAL G 137 13.73 -34.79 -26.56
CA VAL G 137 13.96 -35.81 -27.56
C VAL G 137 12.83 -35.76 -28.59
N GLY G 138 13.15 -36.12 -29.82
CA GLY G 138 12.15 -36.15 -30.87
C GLY G 138 11.73 -37.56 -31.24
N ARG G 139 10.60 -38.01 -30.68
CA ARG G 139 10.08 -39.34 -30.92
C ARG G 139 8.57 -39.27 -31.08
N THR G 140 8.00 -40.36 -31.60
CA THR G 140 6.56 -40.46 -31.76
C THR G 140 5.92 -40.93 -30.45
N VAL G 141 4.87 -40.25 -30.03
CA VAL G 141 4.19 -40.51 -28.77
C VAL G 141 2.77 -40.96 -29.05
N MET G 142 2.30 -41.95 -28.29
CA MET G 142 0.95 -42.47 -28.39
C MET G 142 0.17 -42.02 -27.15
N VAL G 143 -0.89 -41.26 -27.37
CA VAL G 143 -1.65 -40.65 -26.28
C VAL G 143 -3.07 -41.22 -26.29
N ASN G 144 -3.62 -41.43 -25.09
CA ASN G 144 -4.98 -41.93 -24.93
C ASN G 144 -5.64 -41.24 -23.75
N ILE G 145 -6.94 -40.98 -23.88
CA ILE G 145 -7.74 -40.38 -22.82
C ILE G 145 -8.79 -41.38 -22.38
N GLU G 146 -8.84 -41.69 -21.09
CA GLU G 146 -9.71 -42.73 -20.56
C GLU G 146 -10.78 -42.15 -19.63
N ASN G 147 -11.90 -42.85 -19.57
CA ASN G 147 -13.05 -42.46 -18.75
C ASN G 147 -12.82 -42.92 -17.32
N PRO G 148 -13.73 -42.61 -16.39
CA PRO G 148 -13.52 -43.02 -14.99
C PRO G 148 -13.27 -44.50 -14.77
N GLU G 149 -13.84 -45.39 -15.58
CA GLU G 149 -13.62 -46.82 -15.41
C GLU G 149 -12.58 -47.38 -16.36
N GLY G 150 -11.92 -46.53 -17.13
CA GLY G 150 -10.82 -46.94 -17.97
C GLY G 150 -11.15 -47.24 -19.42
N ILE G 151 -12.10 -46.53 -20.00
CA ILE G 151 -12.50 -46.73 -21.40
C ILE G 151 -11.85 -45.64 -22.23
N PRO G 152 -10.98 -45.97 -23.18
CA PRO G 152 -10.37 -44.93 -24.02
C PRO G 152 -11.40 -44.27 -24.92
N VAL G 153 -11.48 -42.95 -24.85
CA VAL G 153 -12.43 -42.19 -25.63
C VAL G 153 -11.79 -41.40 -26.77
N LYS G 154 -10.52 -41.01 -26.65
CA LYS G 154 -9.86 -40.22 -27.67
C LYS G 154 -8.36 -40.49 -27.62
N GLN G 155 -7.75 -40.61 -28.79
CA GLN G 155 -6.35 -41.02 -28.90
C GLN G 155 -5.64 -40.18 -29.95
N ASP G 156 -4.35 -39.95 -29.72
CA ASP G 156 -3.54 -39.11 -30.58
C ASP G 156 -2.18 -39.76 -30.81
N SER G 157 -1.52 -39.34 -31.89
CA SER G 157 -0.19 -39.83 -32.22
C SER G 157 0.55 -38.73 -32.98
N LEU G 158 1.70 -38.31 -32.45
CA LEU G 158 2.45 -37.20 -33.03
C LEU G 158 3.90 -37.29 -32.62
N SER G 159 4.77 -36.75 -33.46
CA SER G 159 6.22 -36.73 -33.23
C SER G 159 6.65 -35.35 -32.74
N SER G 160 7.53 -35.33 -31.74
CA SER G 160 8.01 -34.09 -31.16
C SER G 160 9.27 -33.55 -31.82
N GLN G 161 9.77 -34.19 -32.87
CA GLN G 161 10.96 -33.69 -33.56
C GLN G 161 10.70 -32.31 -34.15
N ASN G 162 11.66 -31.41 -33.97
CA ASN G 162 11.62 -30.03 -34.42
C ASN G 162 10.61 -29.18 -33.65
N GLN G 163 10.03 -29.71 -32.58
CA GLN G 163 9.13 -28.94 -31.72
C GLN G 163 9.75 -28.66 -30.36
N LEU G 164 11.04 -28.96 -30.19
CA LEU G 164 11.76 -28.74 -28.93
C LEU G 164 11.07 -29.46 -27.78
N GLY G 165 10.65 -30.69 -28.03
CA GLY G 165 10.10 -31.55 -27.00
C GLY G 165 8.78 -31.11 -26.40
N VAL G 166 7.96 -30.40 -27.17
CA VAL G 166 6.65 -29.96 -26.73
C VAL G 166 5.60 -30.37 -27.75
N LEU G 167 4.56 -31.05 -27.30
CA LEU G 167 3.43 -31.48 -28.12
C LEU G 167 2.13 -30.87 -27.61
N PRO G 168 1.71 -29.73 -28.15
CA PRO G 168 0.43 -29.14 -27.73
C PRO G 168 -0.74 -29.79 -28.46
N LEU G 169 -1.72 -30.24 -27.68
CA LEU G 169 -2.90 -30.90 -28.22
C LEU G 169 -4.14 -30.40 -27.48
N SER G 170 -5.31 -30.80 -27.99
CA SER G 170 -6.57 -30.32 -27.43
C SER G 170 -7.68 -31.33 -27.72
N TRP G 171 -8.77 -31.21 -26.97
CA TRP G 171 -9.95 -32.04 -27.14
C TRP G 171 -11.14 -31.38 -26.45
N ASP G 172 -12.32 -31.56 -27.03
CA ASP G 172 -13.55 -30.97 -26.54
C ASP G 172 -14.38 -32.00 -25.79
N ILE G 173 -14.87 -31.61 -24.61
CA ILE G 173 -15.75 -32.47 -23.82
C ILE G 173 -17.19 -32.27 -24.31
N PRO G 174 -17.88 -33.32 -24.71
CA PRO G 174 -19.31 -33.18 -25.04
C PRO G 174 -20.14 -32.94 -23.80
N GLU G 175 -21.38 -32.48 -24.02
CA GLU G 175 -22.31 -32.34 -22.91
C GLU G 175 -22.72 -33.70 -22.35
N LEU G 176 -22.82 -34.71 -23.22
CA LEU G 176 -23.08 -36.09 -22.80
C LEU G 176 -21.76 -36.68 -22.32
N VAL G 177 -21.60 -36.78 -21.01
CA VAL G 177 -20.33 -37.22 -20.42
C VAL G 177 -20.63 -37.76 -19.02
N ASN G 178 -19.81 -38.71 -18.58
CA ASN G 178 -19.90 -39.26 -17.23
C ASN G 178 -18.90 -38.52 -16.34
N MET G 179 -19.41 -37.76 -15.38
CA MET G 179 -18.56 -37.02 -14.47
C MET G 179 -17.77 -37.97 -13.57
N GLY G 180 -16.58 -37.54 -13.20
CA GLY G 180 -15.70 -38.32 -12.36
C GLY G 180 -14.25 -38.02 -12.69
N GLN G 181 -13.39 -39.01 -12.46
CA GLN G 181 -11.96 -38.87 -12.71
C GLN G 181 -11.66 -39.29 -14.14
N TRP G 182 -10.93 -38.44 -14.86
CA TRP G 182 -10.51 -38.73 -16.22
C TRP G 182 -9.00 -38.63 -16.33
N LYS G 183 -8.41 -39.53 -17.09
CA LYS G 183 -6.96 -39.71 -17.11
C LYS G 183 -6.44 -39.61 -18.54
N ILE G 184 -5.35 -38.87 -18.71
CA ILE G 184 -4.61 -38.84 -19.97
C ILE G 184 -3.40 -39.75 -19.80
N ARG G 185 -3.27 -40.72 -20.70
CA ARG G 185 -2.20 -41.71 -20.63
C ARG G 185 -1.41 -41.71 -21.92
N ALA G 186 -0.08 -41.80 -21.79
CA ALA G 186 0.80 -41.70 -22.94
C ALA G 186 1.97 -42.66 -22.80
N TYR G 187 2.49 -43.09 -23.95
CA TYR G 187 3.67 -43.95 -24.00
C TYR G 187 4.33 -43.77 -25.37
N TYR G 188 5.65 -43.88 -25.39
CA TYR G 188 6.39 -43.77 -26.64
C TYR G 188 6.07 -44.94 -27.57
N GLU G 189 6.30 -44.74 -28.85
CA GLU G 189 6.05 -45.79 -29.83
C GLU G 189 7.05 -46.93 -29.68
N ASN G 190 8.31 -46.61 -29.39
CA ASN G 190 9.36 -47.61 -29.27
C ASN G 190 9.42 -48.21 -27.87
N SER G 191 8.52 -47.82 -26.98
CA SER G 191 8.43 -48.41 -25.63
C SER G 191 6.97 -48.42 -25.20
N PRO G 192 6.16 -49.32 -25.78
CA PRO G 192 4.73 -49.29 -25.50
C PRO G 192 4.35 -49.78 -24.10
N GLN G 193 5.24 -50.49 -23.41
CA GLN G 193 4.94 -50.99 -22.08
C GLN G 193 5.19 -49.94 -20.99
N GLN G 194 6.00 -48.92 -21.29
CA GLN G 194 6.31 -47.85 -20.33
C GLN G 194 5.29 -46.74 -20.53
N VAL G 195 4.26 -46.71 -19.68
CA VAL G 195 3.13 -45.80 -19.83
C VAL G 195 3.16 -44.77 -18.72
N PHE G 196 2.99 -43.51 -19.08
CA PHE G 196 2.85 -42.41 -18.14
C PHE G 196 1.40 -41.91 -18.15
N SER G 197 1.00 -41.27 -17.06
CA SER G 197 -0.37 -40.83 -16.93
C SER G 197 -0.47 -39.63 -15.99
N THR G 198 -1.54 -38.86 -16.18
CA THR G 198 -1.90 -37.76 -15.31
C THR G 198 -3.42 -37.61 -15.36
N GLU G 199 -4.01 -37.22 -14.25
CA GLU G 199 -5.46 -37.24 -14.09
C GLU G 199 -6.03 -35.82 -14.00
N PHE G 200 -7.30 -35.71 -14.38
CA PHE G 200 -8.09 -34.50 -14.17
C PHE G 200 -9.52 -34.92 -13.85
N GLU G 201 -10.31 -33.98 -13.35
CA GLU G 201 -11.65 -34.26 -12.88
C GLU G 201 -12.68 -33.51 -13.71
N VAL G 202 -13.82 -34.13 -13.91
CA VAL G 202 -14.94 -33.53 -14.65
C VAL G 202 -16.13 -33.43 -13.70
N LYS G 203 -16.63 -32.20 -13.53
CA LYS G 203 -17.75 -31.94 -12.63
C LYS G 203 -18.46 -30.67 -13.07
N GLU G 204 -19.68 -30.51 -12.60
CA GLU G 204 -20.49 -29.31 -12.82
C GLU G 204 -20.35 -28.44 -11.58
N TYR G 205 -19.56 -27.37 -11.69
CA TYR G 205 -19.17 -26.58 -10.54
C TYR G 205 -19.37 -25.10 -10.82
N VAL G 206 -19.28 -24.29 -9.76
CA VAL G 206 -19.22 -22.85 -9.85
C VAL G 206 -18.01 -22.35 -9.08
N LEU G 207 -17.41 -21.28 -9.57
CA LEU G 207 -16.20 -20.75 -8.94
C LEU G 207 -16.54 -20.11 -7.61
N PRO G 208 -15.81 -20.43 -6.54
CA PRO G 208 -15.97 -19.72 -5.27
C PRO G 208 -15.29 -18.36 -5.32
N SER G 209 -15.57 -17.56 -4.30
CA SER G 209 -14.96 -16.24 -4.17
C SER G 209 -13.98 -16.17 -3.00
N PHE G 210 -13.79 -17.25 -2.26
CA PHE G 210 -12.87 -17.27 -1.14
C PHE G 210 -12.34 -18.68 -0.93
N GLU G 211 -11.21 -18.77 -0.23
CA GLU G 211 -10.56 -20.04 0.05
C GLU G 211 -10.69 -20.38 1.52
N VAL G 212 -10.73 -21.67 1.82
CA VAL G 212 -10.85 -22.16 3.20
C VAL G 212 -9.68 -23.09 3.49
N ILE G 213 -8.86 -22.73 4.48
CA ILE G 213 -7.75 -23.55 4.94
C ILE G 213 -8.04 -23.95 6.38
N VAL G 214 -7.94 -25.24 6.67
CA VAL G 214 -8.14 -25.76 8.02
C VAL G 214 -6.78 -26.23 8.53
N GLU G 215 -6.27 -25.55 9.55
CA GLU G 215 -4.90 -25.77 10.03
C GLU G 215 -4.90 -26.28 11.47
N PRO G 216 -4.60 -27.55 11.70
CA PRO G 216 -4.35 -28.00 13.07
C PRO G 216 -3.06 -27.39 13.60
N THR G 217 -3.05 -27.14 14.91
CA THR G 217 -1.84 -26.62 15.54
C THR G 217 -0.67 -27.59 15.37
N GLU G 218 -0.94 -28.89 15.45
CA GLU G 218 0.03 -29.92 15.16
C GLU G 218 -0.53 -30.82 14.07
N LYS G 219 0.28 -31.14 13.07
CA LYS G 219 -0.15 -32.03 12.00
C LYS G 219 -0.18 -33.50 12.45
N PHE G 220 -0.58 -33.71 13.69
CA PHE G 220 -0.68 -35.01 14.34
C PHE G 220 -1.48 -34.80 15.61
N TYR G 221 -1.88 -35.91 16.23
CA TYR G 221 -2.55 -35.84 17.53
C TYR G 221 -1.88 -36.80 18.50
N TYR G 222 -1.54 -36.27 19.68
CA TYR G 222 -1.08 -37.09 20.78
C TYR G 222 -2.28 -37.57 21.58
N ILE G 223 -2.37 -38.89 21.78
CA ILE G 223 -3.61 -39.50 22.26
C ILE G 223 -3.99 -38.96 23.64
N TYR G 224 -3.02 -38.90 24.55
CA TYR G 224 -3.27 -38.54 25.94
C TYR G 224 -3.22 -37.02 26.18
N ASN G 225 -3.36 -36.22 25.13
CA ASN G 225 -3.41 -34.77 25.29
C ASN G 225 -4.76 -34.37 25.87
N GLU G 226 -4.73 -33.72 27.04
CA GLU G 226 -5.98 -33.32 27.69
C GLU G 226 -6.70 -32.23 26.91
N LYS G 227 -5.95 -31.29 26.35
CA LYS G 227 -6.56 -30.18 25.63
C LYS G 227 -7.28 -30.67 24.38
N GLY G 228 -6.72 -31.68 23.73
CA GLY G 228 -7.28 -32.20 22.50
C GLY G 228 -6.68 -31.53 21.27
N LEU G 229 -7.24 -31.88 20.12
CA LEU G 229 -6.75 -31.38 18.84
C LEU G 229 -7.29 -29.98 18.62
N GLU G 230 -6.39 -29.01 18.43
CA GLU G 230 -6.76 -27.65 18.09
C GLU G 230 -6.54 -27.43 16.60
N VAL G 231 -7.58 -26.97 15.93
CA VAL G 231 -7.53 -26.68 14.49
C VAL G 231 -7.95 -25.24 14.28
N THR G 232 -7.04 -24.44 13.73
CA THR G 232 -7.31 -23.04 13.43
C THR G 232 -7.87 -22.93 12.03
N ILE G 233 -8.97 -22.20 11.89
CA ILE G 233 -9.60 -21.99 10.60
C ILE G 233 -9.09 -20.68 10.02
N THR G 234 -8.77 -20.69 8.73
CA THR G 234 -8.31 -19.50 8.02
C THR G 234 -9.06 -19.40 6.70
N ALA G 235 -9.72 -18.27 6.48
CA ALA G 235 -10.52 -18.05 5.28
C ALA G 235 -10.27 -16.63 4.78
N ARG G 236 -10.15 -16.50 3.46
CA ARG G 236 -9.93 -15.19 2.85
C ARG G 236 -10.44 -15.23 1.42
N PHE G 237 -10.87 -14.08 0.93
CA PHE G 237 -11.32 -13.99 -0.45
C PHE G 237 -10.16 -14.19 -1.42
N LEU G 238 -10.51 -14.54 -2.66
CA LEU G 238 -9.50 -14.79 -3.68
C LEU G 238 -8.72 -13.53 -4.03
N TYR G 239 -9.27 -12.35 -3.80
CA TYR G 239 -8.59 -11.10 -4.09
C TYR G 239 -7.79 -10.56 -2.90
N GLY G 240 -7.76 -11.28 -1.79
CA GLY G 240 -6.86 -10.95 -0.70
C GLY G 240 -7.47 -10.25 0.50
N LYS G 241 -8.79 -10.30 0.65
CA LYS G 241 -9.47 -9.63 1.76
C LYS G 241 -10.00 -10.64 2.75
N LYS G 242 -10.16 -10.20 3.99
CA LYS G 242 -10.57 -11.08 5.08
C LYS G 242 -12.04 -11.47 4.94
N VAL G 243 -12.35 -12.71 5.30
CA VAL G 243 -13.70 -13.25 5.15
C VAL G 243 -14.44 -13.18 6.48
N GLU G 244 -15.70 -12.77 6.42
CA GLU G 244 -16.59 -12.76 7.57
C GLU G 244 -17.75 -13.71 7.29
N GLY G 245 -17.96 -14.68 8.16
CA GLY G 245 -19.01 -15.65 7.95
C GLY G 245 -19.15 -16.60 9.11
N THR G 246 -19.82 -17.72 8.85
CA THR G 246 -20.07 -18.75 9.85
C THR G 246 -19.74 -20.11 9.26
N ALA G 247 -19.06 -20.95 10.04
CA ALA G 247 -18.58 -22.24 9.59
C ALA G 247 -19.21 -23.37 10.39
N PHE G 248 -19.39 -24.51 9.73
CA PHE G 248 -19.81 -25.75 10.38
C PHE G 248 -18.76 -26.81 10.13
N VAL G 249 -18.17 -27.33 11.20
CA VAL G 249 -17.05 -28.24 11.13
C VAL G 249 -17.42 -29.56 11.81
N ILE G 250 -16.97 -30.67 11.23
CA ILE G 250 -17.26 -32.00 11.76
C ILE G 250 -15.99 -32.84 11.69
N PHE G 251 -15.86 -33.77 12.63
CA PHE G 251 -14.68 -34.61 12.74
C PHE G 251 -15.02 -36.07 12.46
N GLY G 252 -13.98 -36.84 12.17
CA GLY G 252 -14.14 -38.27 11.92
C GLY G 252 -12.80 -38.97 12.04
N ILE G 253 -12.85 -40.30 11.99
CA ILE G 253 -11.67 -41.15 12.11
C ILE G 253 -11.51 -41.93 10.81
N GLN G 254 -10.31 -41.93 10.26
CA GLN G 254 -9.99 -42.62 9.02
C GLN G 254 -9.06 -43.79 9.32
N ASP G 255 -9.50 -45.00 8.98
CA ASP G 255 -8.68 -46.21 9.13
C ASP G 255 -8.62 -46.89 7.76
N GLY G 256 -7.52 -46.69 7.03
CA GLY G 256 -7.44 -47.26 5.69
C GLY G 256 -8.46 -46.61 4.78
N GLU G 257 -9.25 -47.45 4.11
CA GLU G 257 -10.36 -47.00 3.29
C GLU G 257 -11.65 -46.85 4.08
N GLN G 258 -11.63 -47.20 5.37
CA GLN G 258 -12.82 -47.16 6.22
C GLN G 258 -12.85 -45.86 6.98
N ARG G 259 -13.96 -45.13 6.86
CA ARG G 259 -14.16 -43.85 7.54
C ARG G 259 -15.28 -43.99 8.56
N ILE G 260 -15.03 -43.54 9.78
CA ILE G 260 -16.03 -43.49 10.83
C ILE G 260 -16.29 -42.03 11.16
N SER G 261 -17.55 -41.66 11.25
CA SER G 261 -17.93 -40.27 11.50
C SER G 261 -18.40 -40.12 12.95
N LEU G 262 -17.96 -39.04 13.59
CA LEU G 262 -18.38 -38.73 14.94
C LEU G 262 -19.50 -37.70 14.89
N PRO G 263 -20.75 -38.08 15.13
CA PRO G 263 -21.85 -37.13 14.93
C PRO G 263 -21.87 -35.99 15.93
N GLU G 264 -21.45 -36.22 17.18
CA GLU G 264 -21.57 -35.21 18.21
C GLU G 264 -20.35 -34.29 18.29
N SER G 265 -19.30 -34.56 17.50
CA SER G 265 -18.18 -33.63 17.40
C SER G 265 -18.51 -32.42 16.54
N LEU G 266 -19.72 -32.36 15.99
CA LEU G 266 -20.12 -31.23 15.15
C LEU G 266 -20.14 -29.94 15.96
N LYS G 267 -19.61 -28.87 15.35
CA LYS G 267 -19.57 -27.56 15.98
C LYS G 267 -19.99 -26.50 14.99
N ARG G 268 -20.44 -25.36 15.52
CA ARG G 268 -20.82 -24.20 14.72
C ARG G 268 -20.10 -22.97 15.26
N ILE G 269 -19.16 -22.45 14.49
CA ILE G 269 -18.34 -21.32 14.93
C ILE G 269 -18.40 -20.20 13.89
N PRO G 270 -18.54 -18.95 14.33
CA PRO G 270 -18.42 -17.83 13.38
C PRO G 270 -16.98 -17.62 12.96
N ILE G 271 -16.81 -17.14 11.73
CA ILE G 271 -15.50 -16.81 11.18
C ILE G 271 -15.32 -15.31 11.30
N GLU G 272 -14.34 -14.88 12.09
CA GLU G 272 -14.13 -13.47 12.40
C GLU G 272 -12.68 -13.11 12.11
N ASP G 273 -12.48 -11.91 11.56
CA ASP G 273 -11.16 -11.42 11.16
C ASP G 273 -10.49 -12.39 10.18
N GLY G 274 -11.29 -13.10 9.39
CA GLY G 274 -10.74 -14.07 8.47
C GLY G 274 -10.15 -15.29 9.14
N SER G 275 -10.66 -15.66 10.32
CA SER G 275 -10.10 -16.76 11.07
C SER G 275 -11.15 -17.31 12.02
N GLY G 276 -10.91 -18.55 12.48
CA GLY G 276 -11.75 -19.19 13.45
C GLY G 276 -10.92 -20.17 14.27
N GLU G 277 -11.57 -20.77 15.27
CA GLU G 277 -10.89 -21.71 16.15
C GLU G 277 -11.88 -22.78 16.59
N VAL G 278 -11.45 -24.04 16.50
CA VAL G 278 -12.25 -25.18 16.92
C VAL G 278 -11.31 -26.19 17.58
N VAL G 279 -11.80 -26.84 18.64
CA VAL G 279 -11.02 -27.80 19.40
C VAL G 279 -11.82 -29.08 19.55
N LEU G 280 -11.20 -30.21 19.21
CA LEU G 280 -11.79 -31.53 19.42
C LEU G 280 -11.20 -32.07 20.72
N SER G 281 -12.00 -32.06 21.78
CA SER G 281 -11.52 -32.41 23.10
C SER G 281 -11.33 -33.93 23.23
N ARG G 282 -10.51 -34.32 24.21
CA ARG G 282 -10.28 -35.73 24.46
C ARG G 282 -11.56 -36.43 24.91
N LYS G 283 -12.38 -35.73 25.69
CA LYS G 283 -13.63 -36.32 26.16
C LYS G 283 -14.57 -36.64 25.00
N VAL G 284 -14.65 -35.74 24.02
CA VAL G 284 -15.47 -36.00 22.84
C VAL G 284 -14.94 -37.21 22.09
N LEU G 285 -13.62 -37.33 21.98
CA LEU G 285 -13.02 -38.50 21.34
C LEU G 285 -13.38 -39.78 22.08
N LEU G 286 -13.13 -39.81 23.39
CA LEU G 286 -13.49 -40.99 24.19
C LEU G 286 -15.00 -41.24 24.16
N ASP G 287 -15.81 -40.19 24.09
CA ASP G 287 -17.24 -40.36 23.95
C ASP G 287 -17.61 -40.74 22.52
N GLY G 288 -16.89 -40.20 21.53
CA GLY G 288 -17.18 -40.56 20.15
C GLY G 288 -16.96 -42.03 19.88
N VAL G 289 -15.79 -42.54 20.27
CA VAL G 289 -15.52 -43.97 20.14
C VAL G 289 -16.22 -44.71 21.26
N GLN G 290 -16.56 -45.97 21.00
CA GLN G 290 -17.09 -46.86 22.02
C GLN G 290 -15.99 -47.68 22.69
N ASN G 291 -14.73 -47.46 22.29
CA ASN G 291 -13.61 -48.22 22.83
C ASN G 291 -12.94 -47.44 23.94
N PRO G 292 -13.00 -47.91 25.19
CA PRO G 292 -12.26 -47.24 26.26
C PRO G 292 -10.76 -47.51 26.21
N ARG G 293 -10.31 -48.49 25.42
CA ARG G 293 -8.89 -48.70 25.23
C ARG G 293 -8.32 -47.60 24.35
N ALA G 294 -7.22 -47.00 24.80
CA ALA G 294 -6.50 -46.01 23.99
C ALA G 294 -5.43 -46.62 23.11
N GLU G 295 -5.00 -47.85 23.40
CA GLU G 295 -3.94 -48.48 22.61
C GLU G 295 -4.41 -48.80 21.20
N ASP G 296 -5.68 -49.16 21.02
CA ASP G 296 -6.17 -49.49 19.68
C ASP G 296 -6.26 -48.27 18.78
N LEU G 297 -6.34 -47.06 19.34
CA LEU G 297 -6.44 -45.85 18.54
C LEU G 297 -5.11 -45.42 17.93
N VAL G 298 -3.99 -45.86 18.51
CA VAL G 298 -2.69 -45.49 17.97
C VAL G 298 -2.51 -46.11 16.59
N GLY G 299 -1.94 -45.34 15.66
CA GLY G 299 -1.76 -45.78 14.30
C GLY G 299 -2.90 -45.43 13.37
N LYS G 300 -4.07 -45.11 13.92
CA LYS G 300 -5.19 -44.65 13.10
C LYS G 300 -5.05 -43.14 12.85
N SER G 301 -5.93 -42.62 12.01
CA SER G 301 -5.85 -41.22 11.59
C SER G 301 -7.20 -40.53 11.73
N LEU G 302 -7.14 -39.22 11.88
CA LEU G 302 -8.32 -38.37 11.99
C LEU G 302 -8.48 -37.55 10.72
N TYR G 303 -9.70 -37.07 10.49
CA TYR G 303 -9.96 -36.17 9.38
C TYR G 303 -10.98 -35.14 9.81
N VAL G 304 -10.88 -33.96 9.19
CA VAL G 304 -11.73 -32.81 9.51
C VAL G 304 -12.40 -32.35 8.23
N SER G 305 -13.71 -32.10 8.30
CA SER G 305 -14.48 -31.58 7.18
C SER G 305 -15.18 -30.30 7.62
N ALA G 306 -14.93 -29.21 6.90
CA ALA G 306 -15.44 -27.90 7.27
C ALA G 306 -16.37 -27.38 6.19
N THR G 307 -17.50 -26.82 6.61
CA THR G 307 -18.47 -26.19 5.72
C THR G 307 -18.62 -24.74 6.14
N VAL G 308 -18.18 -23.82 5.28
CA VAL G 308 -18.15 -22.40 5.59
C VAL G 308 -19.08 -21.68 4.63
N ILE G 309 -19.90 -20.77 5.16
CA ILE G 309 -20.81 -19.96 4.37
C ILE G 309 -20.68 -18.51 4.82
N LEU G 310 -20.63 -17.60 3.85
CA LEU G 310 -20.57 -16.18 4.15
C LEU G 310 -21.86 -15.74 4.83
N HIS G 311 -21.78 -14.60 5.52
CA HIS G 311 -22.96 -14.00 6.14
C HIS G 311 -23.87 -13.32 5.13
N SER G 312 -23.47 -13.26 3.86
CA SER G 312 -24.38 -12.87 2.79
C SER G 312 -25.24 -14.03 2.31
N GLY G 313 -24.83 -15.27 2.59
CA GLY G 313 -25.59 -16.42 2.17
C GLY G 313 -25.51 -16.71 0.69
N SER G 314 -24.51 -16.16 0.00
CA SER G 314 -24.41 -16.29 -1.44
C SER G 314 -23.31 -17.25 -1.90
N ASP G 315 -22.51 -17.79 -0.98
CA ASP G 315 -21.42 -18.68 -1.37
C ASP G 315 -21.16 -19.66 -0.25
N MET G 316 -20.49 -20.77 -0.59
CA MET G 316 -20.22 -21.84 0.34
C MET G 316 -19.04 -22.65 -0.17
N VAL G 317 -18.12 -22.99 0.73
CA VAL G 317 -16.95 -23.79 0.40
C VAL G 317 -16.86 -24.95 1.39
N GLN G 318 -16.60 -26.15 0.89
CA GLN G 318 -16.36 -27.33 1.72
C GLN G 318 -14.88 -27.69 1.60
N ALA G 319 -14.19 -27.72 2.74
CA ALA G 319 -12.78 -28.05 2.80
C ALA G 319 -12.58 -29.28 3.69
N GLU G 320 -11.47 -29.97 3.46
CA GLU G 320 -11.18 -31.21 4.19
C GLU G 320 -9.70 -31.28 4.55
N ARG G 321 -9.43 -31.62 5.80
CA ARG G 321 -8.12 -32.02 6.26
C ARG G 321 -8.21 -33.48 6.70
N SER G 322 -7.29 -34.32 6.22
CA SER G 322 -7.37 -35.75 6.47
C SER G 322 -5.97 -36.28 6.72
N GLY G 323 -5.91 -37.51 7.23
CA GLY G 323 -4.64 -38.17 7.45
C GLY G 323 -3.88 -37.70 8.67
N ILE G 324 -4.55 -37.08 9.63
CA ILE G 324 -3.89 -36.58 10.84
C ILE G 324 -3.56 -37.77 11.74
N PRO G 325 -2.28 -38.10 11.92
CA PRO G 325 -1.94 -39.36 12.59
C PRO G 325 -2.21 -39.30 14.09
N ILE G 326 -2.53 -40.46 14.64
CA ILE G 326 -2.68 -40.64 16.08
C ILE G 326 -1.49 -41.48 16.54
N VAL G 327 -0.51 -40.82 17.16
CA VAL G 327 0.74 -41.45 17.54
C VAL G 327 1.13 -41.00 18.95
N THR G 328 2.08 -41.73 19.53
CA THR G 328 2.64 -41.39 20.83
C THR G 328 3.84 -40.45 20.74
N SER G 329 4.41 -40.27 19.56
CA SER G 329 5.66 -39.53 19.39
C SER G 329 5.50 -38.52 18.28
N PRO G 330 5.91 -37.26 18.51
CA PRO G 330 5.77 -36.23 17.47
C PRO G 330 6.75 -36.41 16.31
N TYR G 331 7.46 -37.53 16.26
CA TYR G 331 8.47 -37.75 15.24
C TYR G 331 8.45 -39.20 14.81
N GLN G 332 9.04 -39.46 13.65
CA GLN G 332 9.17 -40.81 13.11
C GLN G 332 10.55 -40.96 12.50
N ILE G 333 11.35 -41.88 13.03
CA ILE G 333 12.74 -42.06 12.65
C ILE G 333 12.82 -43.22 11.66
N HIS G 334 13.67 -43.07 10.64
CA HIS G 334 13.82 -44.08 9.61
C HIS G 334 15.28 -44.25 9.24
N PHE G 335 15.71 -45.50 9.06
CA PHE G 335 17.06 -45.82 8.59
C PHE G 335 17.10 -46.04 7.08
N THR G 336 16.13 -45.55 6.33
CA THR G 336 16.08 -45.84 4.90
C THR G 336 17.25 -45.22 4.15
N LYS G 337 17.73 -44.06 4.59
CA LYS G 337 18.86 -43.39 3.98
C LYS G 337 20.18 -43.71 4.67
N THR G 338 20.20 -44.67 5.60
CA THR G 338 21.41 -45.02 6.34
C THR G 338 22.06 -46.25 5.74
N PRO G 339 23.37 -46.23 5.51
CA PRO G 339 24.06 -47.44 5.05
C PRO G 339 23.95 -48.55 6.07
N LYS G 340 23.86 -49.79 5.57
CA LYS G 340 23.65 -50.95 6.41
C LYS G 340 24.93 -51.76 6.67
N TYR G 341 26.08 -51.29 6.19
CA TYR G 341 27.31 -52.07 6.30
C TYR G 341 28.44 -51.18 6.83
N PHE G 342 29.05 -51.59 7.93
CA PHE G 342 30.14 -50.87 8.56
C PHE G 342 31.47 -51.55 8.28
N LYS G 343 32.55 -50.80 8.47
CA LYS G 343 33.90 -51.32 8.30
C LYS G 343 34.48 -51.63 9.67
N PRO G 344 34.77 -52.90 9.99
CA PRO G 344 35.34 -53.21 11.31
C PRO G 344 36.67 -52.50 11.52
N GLY G 345 36.80 -51.88 12.69
CA GLY G 345 38.01 -51.15 13.00
C GLY G 345 38.15 -49.82 12.28
N MET G 346 37.07 -49.32 11.69
CA MET G 346 37.10 -48.09 10.90
C MET G 346 35.86 -47.28 11.22
N PRO G 347 35.98 -45.95 11.25
CA PRO G 347 34.81 -45.10 11.54
C PRO G 347 33.68 -45.34 10.54
N PHE G 348 32.45 -45.26 11.04
CA PHE G 348 31.26 -45.48 10.23
C PHE G 348 30.31 -44.32 10.43
N ASP G 349 29.77 -43.80 9.33
CA ASP G 349 28.85 -42.67 9.36
C ASP G 349 27.42 -43.17 9.32
N LEU G 350 26.54 -42.46 10.04
CA LEU G 350 25.13 -42.80 10.12
C LEU G 350 24.31 -41.62 9.60
N MET G 351 23.51 -41.86 8.56
CA MET G 351 22.64 -40.86 7.99
C MET G 351 21.21 -41.21 8.39
N VAL G 352 20.73 -40.56 9.44
CA VAL G 352 19.44 -40.89 10.05
C VAL G 352 18.38 -39.94 9.48
N PHE G 353 17.26 -40.52 9.04
CA PHE G 353 16.16 -39.77 8.44
C PHE G 353 15.03 -39.66 9.44
N VAL G 354 14.87 -38.48 10.03
CA VAL G 354 13.83 -38.20 11.02
C VAL G 354 12.77 -37.35 10.36
N THR G 355 11.50 -37.74 10.53
CA THR G 355 10.38 -37.06 9.90
C THR G 355 9.29 -36.77 10.90
N ASN G 356 8.42 -35.83 10.53
CA ASN G 356 7.16 -35.64 11.22
C ASN G 356 6.23 -36.81 10.90
N PRO G 357 5.17 -37.00 11.70
CA PRO G 357 4.28 -38.16 11.46
C PRO G 357 3.70 -38.20 10.06
N ASP G 358 3.43 -37.04 9.44
CA ASP G 358 2.86 -37.05 8.09
C ASP G 358 3.88 -37.50 7.04
N GLY G 359 5.16 -37.19 7.24
CA GLY G 359 6.18 -37.53 6.28
C GLY G 359 7.11 -36.36 5.98
N SER G 360 6.79 -35.20 6.54
CA SER G 360 7.61 -34.02 6.35
C SER G 360 8.85 -34.08 7.26
N PRO G 361 9.98 -33.54 6.79
CA PRO G 361 11.20 -33.61 7.60
C PRO G 361 11.11 -32.75 8.86
N ALA G 362 11.61 -33.30 9.96
CA ALA G 362 11.66 -32.59 11.22
C ALA G 362 12.92 -31.73 11.29
N TYR G 363 12.79 -30.57 11.95
CA TYR G 363 13.84 -29.57 11.97
C TYR G 363 14.34 -29.37 13.39
N ARG G 364 15.65 -29.55 13.59
CA ARG G 364 16.33 -29.19 14.84
C ARG G 364 15.80 -29.99 16.02
N VAL G 365 15.61 -31.29 15.83
CA VAL G 365 15.29 -32.21 16.92
C VAL G 365 16.57 -32.97 17.27
N PRO G 366 16.99 -32.97 18.54
CA PRO G 366 18.25 -33.63 18.90
C PRO G 366 18.05 -35.13 19.12
N VAL G 367 18.69 -35.94 18.28
CA VAL G 367 18.68 -37.38 18.42
C VAL G 367 20.05 -37.82 18.91
N ALA G 368 20.08 -38.98 19.55
CA ALA G 368 21.31 -39.46 20.18
C ALA G 368 21.47 -40.96 19.96
N VAL G 369 22.72 -41.41 20.08
CA VAL G 369 23.04 -42.83 20.06
C VAL G 369 22.64 -43.43 21.40
N GLN G 370 22.17 -44.68 21.36
CA GLN G 370 21.82 -45.37 22.60
C GLN G 370 22.98 -45.39 23.58
N GLY G 371 24.19 -45.65 23.08
CA GLY G 371 25.38 -45.59 23.92
C GLY G 371 25.76 -44.14 24.20
N GLU G 372 25.79 -43.76 25.48
CA GLU G 372 26.16 -42.42 25.93
C GLU G 372 25.18 -41.35 25.49
N ASP G 373 24.64 -40.60 26.46
CA ASP G 373 23.74 -39.49 26.14
C ASP G 373 24.48 -38.27 25.64
N THR G 374 25.81 -38.24 25.74
CA THR G 374 26.58 -37.06 25.35
C THR G 374 26.69 -36.92 23.84
N VAL G 375 26.58 -38.01 23.09
CA VAL G 375 26.72 -37.98 21.64
C VAL G 375 25.33 -37.71 21.08
N GLN G 376 25.09 -36.45 20.72
CA GLN G 376 23.84 -36.01 20.11
C GLN G 376 24.15 -35.09 18.94
N SER G 377 23.13 -34.87 18.11
CA SER G 377 23.24 -33.97 16.99
C SER G 377 21.84 -33.52 16.60
N LEU G 378 21.72 -32.27 16.17
CA LEU G 378 20.45 -31.71 15.77
C LEU G 378 20.23 -31.94 14.29
N THR G 379 18.98 -32.23 13.93
CA THR G 379 18.65 -32.55 12.55
C THR G 379 18.86 -31.34 11.65
N GLN G 380 19.33 -31.59 10.43
CA GLN G 380 19.60 -30.53 9.47
C GLN G 380 18.29 -30.13 8.79
N GLY G 381 18.39 -29.26 7.78
CA GLY G 381 17.20 -28.72 7.14
C GLY G 381 16.42 -29.73 6.34
N ASP G 382 17.10 -30.74 5.78
CA ASP G 382 16.46 -31.73 4.95
C ASP G 382 15.97 -32.95 5.72
N GLY G 383 15.94 -32.87 7.05
CA GLY G 383 15.46 -33.98 7.85
C GLY G 383 16.44 -35.10 8.07
N VAL G 384 17.73 -34.83 7.90
CA VAL G 384 18.78 -35.82 8.09
C VAL G 384 19.65 -35.39 9.26
N ALA G 385 19.99 -36.33 10.14
CA ALA G 385 20.88 -36.08 11.26
C ALA G 385 22.19 -36.81 11.03
N LYS G 386 23.29 -36.16 11.41
CA LYS G 386 24.63 -36.71 11.20
C LYS G 386 25.17 -37.28 12.50
N LEU G 387 25.42 -38.58 12.51
CA LEU G 387 26.12 -39.24 13.60
C LEU G 387 27.19 -40.16 13.02
N SER G 388 28.19 -40.46 13.85
CA SER G 388 29.28 -41.32 13.42
C SER G 388 29.88 -42.00 14.64
N ILE G 389 30.33 -43.24 14.45
CA ILE G 389 30.97 -44.02 15.50
C ILE G 389 32.32 -44.49 15.01
N ASN G 390 33.17 -44.84 15.96
CA ASN G 390 34.51 -45.37 15.69
C ASN G 390 34.50 -46.86 16.00
N THR G 391 34.28 -47.67 14.96
CA THR G 391 34.11 -49.10 15.15
C THR G 391 35.43 -49.75 15.54
N HIS G 392 35.33 -50.79 16.37
CA HIS G 392 36.45 -51.65 16.71
C HIS G 392 36.59 -52.74 15.66
N PRO G 393 37.77 -53.37 15.56
CA PRO G 393 37.95 -54.44 14.55
C PRO G 393 37.10 -55.67 14.81
N SER G 394 35.89 -55.47 15.35
CA SER G 394 34.98 -56.57 15.63
C SER G 394 34.33 -57.06 14.35
N GLN G 395 34.45 -58.35 14.09
CA GLN G 395 33.76 -58.98 12.96
C GLN G 395 32.30 -59.31 13.28
N LYS G 396 31.85 -59.03 14.50
CA LYS G 396 30.47 -59.24 14.90
C LYS G 396 29.60 -58.07 14.44
N PRO G 397 28.38 -58.35 13.96
CA PRO G 397 27.46 -57.27 13.60
C PRO G 397 27.27 -56.28 14.75
N LEU G 398 27.02 -55.03 14.40
CA LEU G 398 26.96 -53.92 15.35
C LEU G 398 25.52 -53.44 15.47
N SER G 399 25.01 -53.44 16.70
CA SER G 399 23.64 -53.00 16.95
C SER G 399 23.60 -51.48 16.97
N ILE G 400 22.63 -50.92 16.24
CA ILE G 400 22.51 -49.48 16.08
C ILE G 400 21.12 -49.05 16.55
N THR G 401 21.10 -48.13 17.52
CA THR G 401 19.86 -47.61 18.06
C THR G 401 19.98 -46.10 18.19
N VAL G 402 19.01 -45.37 17.65
CA VAL G 402 19.01 -43.91 17.68
C VAL G 402 17.72 -43.45 18.36
N ARG G 403 17.85 -42.44 19.22
CA ARG G 403 16.74 -42.01 20.06
C ARG G 403 16.84 -40.52 20.28
N THR G 404 15.73 -39.81 20.10
CA THR G 404 15.72 -38.36 20.24
C THR G 404 15.79 -37.95 21.71
N LYS G 405 16.40 -36.79 21.95
CA LYS G 405 16.59 -36.23 23.29
C LYS G 405 16.01 -34.83 23.40
N LYS G 406 14.82 -34.63 22.81
CA LYS G 406 14.22 -33.30 22.82
C LYS G 406 13.81 -32.92 24.24
N GLN G 407 14.15 -31.69 24.63
CA GLN G 407 13.95 -31.24 26.00
C GLN G 407 12.48 -31.15 26.35
N GLU G 408 12.20 -31.09 27.65
CA GLU G 408 10.86 -30.89 28.21
C GLU G 408 9.94 -32.06 27.91
N LEU G 409 10.02 -32.61 26.71
CA LEU G 409 9.25 -33.81 26.38
C LEU G 409 9.78 -35.00 27.17
N SER G 410 8.87 -35.86 27.62
CA SER G 410 9.27 -37.02 28.40
C SER G 410 9.93 -38.06 27.49
N GLU G 411 10.56 -39.05 28.12
CA GLU G 411 11.21 -40.11 27.38
C GLU G 411 10.21 -40.97 26.62
N ALA G 412 9.00 -41.12 27.15
CA ALA G 412 7.97 -41.89 26.46
C ALA G 412 7.56 -41.24 25.14
N GLU G 413 7.66 -39.91 25.06
CA GLU G 413 7.32 -39.19 23.83
C GLU G 413 8.44 -39.24 22.80
N GLN G 414 9.65 -39.61 23.20
CA GLN G 414 10.79 -39.63 22.28
C GLN G 414 10.73 -40.86 21.38
N ALA G 415 10.78 -40.61 20.07
CA ALA G 415 10.82 -41.70 19.09
C ALA G 415 12.17 -42.42 19.14
N THR G 416 12.17 -43.64 18.64
CA THR G 416 13.39 -44.44 18.56
C THR G 416 13.25 -45.47 17.46
N ARG G 417 14.39 -45.93 16.96
CA ARG G 417 14.43 -46.94 15.92
C ARG G 417 15.68 -47.79 16.11
N THR G 418 15.57 -49.08 15.81
CA THR G 418 16.65 -50.03 16.03
C THR G 418 16.90 -50.85 14.77
N MET G 419 18.17 -51.00 14.40
CA MET G 419 18.59 -51.86 13.31
C MET G 419 19.92 -52.51 13.70
N GLN G 420 20.44 -53.34 12.81
CA GLN G 420 21.72 -54.01 13.04
C GLN G 420 22.51 -54.04 11.74
N ALA G 421 23.71 -53.47 11.76
CA ALA G 421 24.56 -53.40 10.58
C ALA G 421 25.44 -54.65 10.46
N LEU G 422 26.03 -54.82 9.28
CA LEU G 422 26.85 -55.98 8.96
C LEU G 422 28.27 -55.57 8.61
N PRO G 423 29.26 -56.40 8.93
CA PRO G 423 30.65 -56.02 8.68
C PRO G 423 31.06 -56.21 7.22
N TYR G 424 31.96 -55.34 6.78
CA TYR G 424 32.55 -55.47 5.45
C TYR G 424 33.47 -56.68 5.40
N SER G 425 33.34 -57.48 4.34
CA SER G 425 34.13 -58.68 4.14
C SER G 425 35.18 -58.43 3.07
N THR G 426 36.45 -58.54 3.43
CA THR G 426 37.56 -58.38 2.50
C THR G 426 37.84 -59.71 1.80
N VAL G 427 38.76 -59.65 0.83
CA VAL G 427 39.12 -60.84 0.05
C VAL G 427 39.78 -61.84 0.99
N GLY G 428 39.11 -62.97 1.22
CA GLY G 428 39.64 -63.99 2.12
C GLY G 428 39.86 -63.52 3.53
N ASN G 429 39.15 -62.47 3.96
CA ASN G 429 39.36 -61.84 5.26
C ASN G 429 40.82 -61.43 5.44
N SER G 430 41.34 -60.74 4.43
CA SER G 430 42.71 -60.23 4.44
C SER G 430 42.86 -58.98 5.29
N ASN G 431 41.75 -58.38 5.72
CA ASN G 431 41.76 -57.14 6.51
C ASN G 431 42.42 -55.99 5.76
N ASN G 432 42.14 -55.91 4.46
CA ASN G 432 42.58 -54.81 3.62
C ASN G 432 41.34 -54.07 3.13
N TYR G 433 41.14 -52.83 3.58
CA TYR G 433 39.89 -52.11 3.39
C TYR G 433 40.12 -50.83 2.59
N LEU G 434 39.01 -50.27 2.12
CA LEU G 434 38.95 -48.92 1.56
C LEU G 434 37.81 -48.18 2.24
N HIS G 435 38.07 -46.96 2.71
CA HIS G 435 37.10 -46.18 3.44
C HIS G 435 36.84 -44.85 2.73
N LEU G 436 35.57 -44.59 2.44
CA LEU G 436 35.15 -43.31 1.86
C LEU G 436 34.42 -42.48 2.92
N SER G 437 34.72 -41.19 2.96
CA SER G 437 34.07 -40.26 3.85
C SER G 437 33.82 -38.95 3.13
N VAL G 438 32.62 -38.40 3.30
CA VAL G 438 32.16 -37.24 2.54
C VAL G 438 31.34 -36.35 3.45
N LEU G 439 31.45 -35.04 3.23
CA LEU G 439 30.70 -34.06 4.00
C LEU G 439 29.20 -34.24 3.79
N ARG G 440 28.42 -33.91 4.82
CA ARG G 440 26.97 -34.04 4.80
C ARG G 440 26.35 -32.66 5.02
N THR G 441 25.99 -31.98 3.93
CA THR G 441 25.33 -30.69 3.99
C THR G 441 24.42 -30.55 2.78
N GLU G 442 23.60 -29.50 2.80
CA GLU G 442 22.80 -29.17 1.62
C GLU G 442 23.72 -28.69 0.52
N LEU G 443 23.94 -29.52 -0.49
CA LEU G 443 24.94 -29.28 -1.52
C LEU G 443 24.29 -28.56 -2.70
N ARG G 444 24.85 -27.40 -3.05
CA ARG G 444 24.37 -26.64 -4.19
C ARG G 444 25.39 -26.69 -5.32
N PRO G 445 24.95 -26.83 -6.57
CA PRO G 445 25.89 -26.76 -7.70
C PRO G 445 26.63 -25.43 -7.72
N GLY G 446 27.92 -25.50 -8.04
CA GLY G 446 28.79 -24.35 -8.02
C GLY G 446 29.77 -24.32 -6.86
N GLU G 447 29.65 -25.26 -5.92
CA GLU G 447 30.56 -25.37 -4.80
C GLU G 447 31.44 -26.62 -4.97
N THR G 448 32.53 -26.65 -4.23
CA THR G 448 33.48 -27.75 -4.30
C THR G 448 33.33 -28.68 -3.09
N LEU G 449 33.54 -29.97 -3.34
CA LEU G 449 33.39 -31.01 -2.33
C LEU G 449 34.68 -31.81 -2.23
N ASN G 450 35.21 -31.94 -1.01
CA ASN G 450 36.45 -32.66 -0.77
C ASN G 450 36.13 -34.13 -0.50
N VAL G 451 36.56 -35.01 -1.40
CA VAL G 451 36.39 -36.44 -1.23
C VAL G 451 37.64 -37.02 -0.58
N ASN G 452 37.46 -37.81 0.46
CA ASN G 452 38.57 -38.36 1.24
C ASN G 452 38.68 -39.86 1.01
N PHE G 453 39.86 -40.31 0.59
CA PHE G 453 40.13 -41.71 0.33
C PHE G 453 41.12 -42.21 1.39
N LEU G 454 40.68 -43.19 2.18
CA LEU G 454 41.49 -43.76 3.26
C LEU G 454 41.80 -45.22 2.95
N LEU G 455 43.09 -45.56 2.96
CA LEU G 455 43.53 -46.93 2.77
C LEU G 455 43.80 -47.58 4.12
N ARG G 456 43.36 -48.83 4.28
CA ARG G 456 43.55 -49.57 5.52
C ARG G 456 44.08 -50.95 5.14
N MET G 457 45.34 -51.20 5.49
CA MET G 457 45.98 -52.50 5.28
C MET G 457 47.31 -52.49 6.00
N ASP G 458 47.89 -53.68 6.14
CA ASP G 458 49.24 -53.77 6.67
C ASP G 458 50.21 -53.08 5.72
N ARG G 459 51.14 -52.31 6.29
CA ARG G 459 52.03 -51.47 5.49
C ARG G 459 53.08 -52.26 4.72
N ALA G 460 53.10 -53.59 4.82
CA ALA G 460 53.98 -54.37 3.96
C ALA G 460 53.52 -54.31 2.51
N HIS G 461 52.22 -54.11 2.28
CA HIS G 461 51.64 -54.01 0.95
C HIS G 461 51.22 -52.59 0.59
N GLU G 462 51.43 -51.62 1.48
CA GLU G 462 50.97 -50.25 1.23
C GLU G 462 51.69 -49.61 0.05
N ALA G 463 52.93 -50.02 -0.22
CA ALA G 463 53.69 -49.43 -1.32
C ALA G 463 53.13 -49.82 -2.69
N LYS G 464 52.33 -50.88 -2.78
CA LYS G 464 51.78 -51.30 -4.06
C LYS G 464 50.55 -50.50 -4.48
N ILE G 465 49.91 -49.78 -3.56
CA ILE G 465 48.73 -48.99 -3.86
C ILE G 465 49.20 -47.57 -4.21
N ARG G 466 49.27 -47.27 -5.49
CA ARG G 466 49.72 -45.96 -5.96
C ARG G 466 48.59 -45.07 -6.45
N TYR G 467 47.36 -45.58 -6.51
CA TYR G 467 46.24 -44.79 -7.00
C TYR G 467 44.93 -45.44 -6.60
N TYR G 468 43.88 -44.63 -6.60
CA TYR G 468 42.51 -45.09 -6.51
C TYR G 468 41.81 -44.83 -7.83
N THR G 469 40.82 -45.65 -8.14
CA THR G 469 40.03 -45.51 -9.37
C THR G 469 38.57 -45.28 -8.99
N TYR G 470 38.04 -44.12 -9.39
CA TYR G 470 36.72 -43.71 -8.99
C TYR G 470 35.84 -43.43 -10.20
N LEU G 471 34.52 -43.53 -10.00
CA LEU G 471 33.53 -43.28 -11.03
C LEU G 471 32.33 -42.62 -10.39
N ILE G 472 31.56 -41.89 -11.21
CA ILE G 472 30.38 -41.17 -10.74
C ILE G 472 29.17 -41.71 -11.48
N MET G 473 28.20 -42.21 -10.72
CA MET G 473 26.93 -42.68 -11.25
C MET G 473 25.87 -41.61 -11.01
N ASN G 474 25.15 -41.23 -12.06
CA ASN G 474 24.11 -40.22 -11.95
C ASN G 474 23.02 -40.51 -12.95
N LYS G 475 21.78 -40.65 -12.46
CA LYS G 475 20.60 -40.82 -13.32
C LYS G 475 20.75 -42.03 -14.23
N GLY G 476 21.36 -43.10 -13.72
CA GLY G 476 21.48 -44.32 -14.49
C GLY G 476 22.54 -44.31 -15.56
N ARG G 477 23.57 -43.47 -15.41
CA ARG G 477 24.66 -43.43 -16.38
C ARG G 477 25.92 -42.95 -15.68
N LEU G 478 27.07 -43.23 -16.30
CA LEU G 478 28.35 -42.79 -15.77
C LEU G 478 28.58 -41.33 -16.15
N LEU G 479 28.72 -40.47 -15.15
CA LEU G 479 28.89 -39.04 -15.40
C LEU G 479 30.36 -38.64 -15.44
N LYS G 480 31.19 -39.19 -14.55
CA LYS G 480 32.58 -38.78 -14.46
C LYS G 480 33.39 -39.90 -13.83
N ALA G 481 34.65 -40.01 -14.25
CA ALA G 481 35.55 -41.03 -13.74
C ALA G 481 36.98 -40.57 -13.95
N GLY G 482 37.88 -41.10 -13.14
CA GLY G 482 39.27 -40.72 -13.23
C GLY G 482 40.09 -41.45 -12.19
N ARG G 483 41.36 -41.06 -12.11
CA ARG G 483 42.31 -41.63 -11.15
C ARG G 483 42.72 -40.57 -10.14
N GLN G 484 43.02 -41.02 -8.93
CA GLN G 484 43.60 -40.18 -7.89
C GLN G 484 44.88 -40.84 -7.41
N VAL G 485 46.02 -40.21 -7.73
CA VAL G 485 47.31 -40.81 -7.42
C VAL G 485 47.55 -40.77 -5.92
N ARG G 486 48.39 -41.69 -5.44
CA ARG G 486 48.73 -41.80 -4.03
C ARG G 486 50.20 -42.15 -3.91
N GLU G 487 50.91 -41.46 -3.02
CA GLU G 487 52.30 -41.73 -2.73
C GLU G 487 52.43 -42.66 -1.54
N PRO G 488 53.55 -43.39 -1.43
CA PRO G 488 53.71 -44.30 -0.29
C PRO G 488 53.68 -43.55 1.04
N GLY G 489 53.01 -44.13 2.03
CA GLY G 489 52.89 -43.54 3.34
C GLY G 489 51.74 -42.57 3.52
N GLN G 490 51.03 -42.23 2.45
CA GLN G 490 49.92 -41.28 2.49
C GLN G 490 48.62 -42.07 2.36
N ASP G 491 48.20 -42.69 3.47
CA ASP G 491 46.99 -43.50 3.44
C ASP G 491 45.75 -42.67 3.15
N LEU G 492 45.72 -41.42 3.61
CA LEU G 492 44.60 -40.52 3.36
C LEU G 492 44.97 -39.51 2.30
N VAL G 493 44.14 -39.40 1.26
CA VAL G 493 44.30 -38.42 0.20
C VAL G 493 42.98 -37.68 0.01
N VAL G 494 43.07 -36.45 -0.47
CA VAL G 494 41.91 -35.58 -0.64
C VAL G 494 41.78 -35.22 -2.11
N LEU G 495 40.56 -35.34 -2.64
CA LEU G 495 40.27 -35.01 -4.03
C LEU G 495 39.17 -33.95 -4.09
N PRO G 496 39.49 -32.71 -4.46
CA PRO G 496 38.44 -31.69 -4.63
C PRO G 496 37.56 -32.01 -5.83
N LEU G 497 36.25 -32.04 -5.60
CA LEU G 497 35.27 -32.30 -6.64
C LEU G 497 34.30 -31.13 -6.72
N SER G 498 34.18 -30.54 -7.91
CA SER G 498 33.28 -29.42 -8.13
C SER G 498 31.90 -29.93 -8.50
N ILE G 499 30.88 -29.44 -7.78
CA ILE G 499 29.50 -29.87 -7.99
C ILE G 499 28.85 -28.94 -9.01
N THR G 500 28.31 -29.51 -10.07
CA THR G 500 27.58 -28.78 -11.11
C THR G 500 26.13 -29.22 -11.12
N THR G 501 25.36 -28.61 -12.04
CA THR G 501 23.94 -28.94 -12.15
C THR G 501 23.70 -30.34 -12.68
N ASP G 502 24.72 -30.98 -13.27
CA ASP G 502 24.55 -32.32 -13.81
C ASP G 502 24.45 -33.38 -12.70
N PHE G 503 24.98 -33.09 -11.52
CA PHE G 503 24.92 -34.03 -10.40
C PHE G 503 23.54 -34.09 -9.76
N ILE G 504 22.64 -33.17 -10.10
CA ILE G 504 21.27 -33.19 -9.60
C ILE G 504 20.57 -34.43 -10.13
N PRO G 505 19.73 -35.13 -9.33
CA PRO G 505 19.36 -34.84 -7.94
C PRO G 505 20.24 -35.55 -6.90
N SER G 506 20.91 -36.61 -7.31
CA SER G 506 21.74 -37.38 -6.39
C SER G 506 22.68 -38.25 -7.22
N PHE G 507 23.82 -38.60 -6.62
CA PHE G 507 24.82 -39.39 -7.31
C PHE G 507 25.55 -40.29 -6.33
N ARG G 508 26.12 -41.36 -6.86
CA ARG G 508 26.90 -42.32 -6.09
C ARG G 508 28.34 -42.31 -6.55
N LEU G 509 29.27 -42.30 -5.60
CA LEU G 509 30.71 -42.33 -5.88
C LEU G 509 31.25 -43.69 -5.49
N VAL G 510 31.74 -44.44 -6.48
CA VAL G 510 32.39 -45.73 -6.24
C VAL G 510 33.89 -45.56 -6.46
N ALA G 511 34.67 -46.35 -5.73
CA ALA G 511 36.12 -46.28 -5.82
C ALA G 511 36.71 -47.65 -5.50
N TYR G 512 37.89 -47.92 -6.05
CA TYR G 512 38.53 -49.20 -5.82
C TYR G 512 40.03 -49.08 -6.09
N TYR G 513 40.79 -49.98 -5.45
CA TYR G 513 42.21 -50.15 -5.70
C TYR G 513 42.48 -51.63 -5.95
N THR G 514 43.70 -51.93 -6.39
CA THR G 514 44.06 -53.31 -6.71
C THR G 514 45.56 -53.51 -6.53
N LEU G 515 45.93 -54.75 -6.27
CA LEU G 515 47.33 -55.14 -6.09
C LEU G 515 47.39 -56.66 -6.10
N ILE G 516 48.62 -57.17 -6.09
CA ILE G 516 48.88 -58.61 -6.01
C ILE G 516 49.52 -58.88 -4.66
N GLY G 517 48.78 -59.55 -3.78
CA GLY G 517 49.28 -59.82 -2.44
C GLY G 517 49.27 -61.30 -2.09
N ALA G 518 49.35 -61.60 -0.80
CA ALA G 518 49.43 -62.97 -0.29
C ALA G 518 50.66 -63.62 -0.92
N SER G 519 50.53 -64.77 -1.57
CA SER G 519 51.65 -65.44 -2.23
C SER G 519 51.62 -65.23 -3.75
N GLY G 520 51.11 -64.09 -4.20
CA GLY G 520 50.97 -63.84 -5.62
C GLY G 520 49.54 -64.03 -6.11
N GLN G 521 48.61 -63.32 -5.47
CA GLN G 521 47.18 -63.49 -5.74
C GLN G 521 46.54 -62.13 -5.92
N ARG G 522 45.71 -62.00 -6.96
CA ARG G 522 45.06 -60.73 -7.27
C ARG G 522 43.99 -60.40 -6.22
N GLU G 523 44.01 -59.17 -5.72
CA GLU G 523 43.07 -58.69 -4.73
C GLU G 523 42.45 -57.39 -5.21
N VAL G 524 41.12 -57.29 -5.10
CA VAL G 524 40.38 -56.09 -5.50
C VAL G 524 39.44 -55.72 -4.36
N VAL G 525 39.61 -54.51 -3.83
CA VAL G 525 38.77 -53.98 -2.75
C VAL G 525 38.07 -52.73 -3.25
N ALA G 526 36.79 -52.60 -2.92
CA ALA G 526 35.95 -51.51 -3.43
C ALA G 526 35.15 -50.87 -2.30
N ASP G 527 34.62 -49.68 -2.59
CA ASP G 527 33.80 -48.93 -1.66
C ASP G 527 32.91 -47.97 -2.45
N SER G 528 31.79 -47.57 -1.84
CA SER G 528 30.86 -46.66 -2.48
C SER G 528 30.13 -45.84 -1.42
N VAL G 529 29.53 -44.74 -1.87
CA VAL G 529 28.79 -43.83 -1.00
C VAL G 529 27.79 -43.05 -1.84
N TRP G 530 26.63 -42.75 -1.24
CA TRP G 530 25.55 -42.02 -1.91
C TRP G 530 25.50 -40.59 -1.40
N VAL G 531 25.32 -39.64 -2.32
CA VAL G 531 25.32 -38.21 -2.02
C VAL G 531 24.02 -37.60 -2.54
N ASP G 532 23.48 -36.66 -1.78
CA ASP G 532 22.25 -35.95 -2.14
C ASP G 532 22.56 -34.51 -2.56
N VAL G 533 21.76 -33.99 -3.49
CA VAL G 533 21.90 -32.63 -3.99
C VAL G 533 20.60 -31.86 -3.72
N LYS G 534 20.74 -30.56 -3.46
CA LYS G 534 19.61 -29.71 -3.13
C LYS G 534 18.71 -29.51 -4.36
N ASP G 535 17.40 -29.51 -4.12
CA ASP G 535 16.44 -29.36 -5.20
C ASP G 535 16.55 -28.01 -5.89
N SER G 536 16.71 -28.04 -7.21
CA SER G 536 16.74 -26.83 -8.03
C SER G 536 16.65 -27.27 -9.48
N CYS G 537 16.44 -26.29 -10.36
CA CYS G 537 16.43 -26.54 -11.80
C CYS G 537 17.84 -26.71 -12.32
N VAL G 538 17.97 -27.46 -13.41
CA VAL G 538 19.24 -27.50 -14.14
C VAL G 538 19.55 -26.12 -14.69
N GLY G 539 18.57 -25.50 -15.34
CA GLY G 539 18.67 -24.11 -15.74
C GLY G 539 18.12 -23.19 -14.66
N SER G 540 17.40 -22.14 -15.06
CA SER G 540 16.78 -21.23 -14.09
C SER G 540 15.73 -20.42 -14.81
N LEU G 541 14.45 -20.66 -14.50
CA LEU G 541 13.34 -19.90 -15.05
C LEU G 541 12.60 -19.18 -13.94
N VAL G 542 12.44 -17.86 -14.09
CA VAL G 542 11.80 -17.02 -13.08
C VAL G 542 10.79 -16.12 -13.78
N VAL G 543 9.60 -16.01 -13.20
CA VAL G 543 8.52 -15.18 -13.74
C VAL G 543 8.18 -14.10 -12.72
N LYS G 544 8.14 -12.85 -13.17
CA LYS G 544 7.84 -11.72 -12.31
C LYS G 544 7.11 -10.66 -13.13
N SER G 545 6.72 -9.57 -12.48
CA SER G 545 6.01 -8.50 -13.16
C SER G 545 6.98 -7.58 -13.88
N GLY G 546 6.55 -7.09 -15.05
CA GLY G 546 7.37 -6.13 -15.78
C GLY G 546 7.35 -4.76 -15.14
N GLN G 547 6.18 -4.32 -14.67
CA GLN G 547 6.09 -3.09 -13.92
C GLN G 547 6.83 -3.24 -12.59
N SER G 548 7.34 -2.13 -12.07
CA SER G 548 8.02 -2.15 -10.78
C SER G 548 7.07 -2.64 -9.68
N GLU G 549 5.99 -1.90 -9.45
CA GLU G 549 4.96 -2.30 -8.51
C GLU G 549 3.62 -1.72 -8.92
N ASP G 550 3.43 -0.43 -8.64
CA ASP G 550 2.20 0.30 -8.92
C ASP G 550 1.00 -0.30 -8.19
N ARG G 551 -0.13 0.41 -8.22
CA ARG G 551 -1.34 -0.10 -7.58
C ARG G 551 -1.81 -1.37 -8.27
N GLN G 552 -2.54 -2.19 -7.51
CA GLN G 552 -3.00 -3.48 -7.99
C GLN G 552 -3.69 -3.33 -9.35
N PRO G 553 -3.50 -4.29 -10.26
CA PRO G 553 -4.03 -4.13 -11.63
C PRO G 553 -5.55 -4.00 -11.67
N VAL G 554 -6.01 -3.47 -12.79
CA VAL G 554 -7.44 -3.26 -13.09
C VAL G 554 -7.90 -4.42 -13.96
N PRO G 555 -9.13 -4.90 -13.83
CA PRO G 555 -9.61 -5.94 -14.74
C PRO G 555 -9.53 -5.49 -16.19
N GLY G 556 -9.00 -6.37 -17.04
CA GLY G 556 -8.84 -6.07 -18.45
C GLY G 556 -7.68 -5.16 -18.80
N GLN G 557 -7.04 -4.54 -17.82
CA GLN G 557 -5.94 -3.60 -18.08
C GLN G 557 -4.73 -4.33 -18.67
N GLN G 558 -3.99 -3.61 -19.51
CA GLN G 558 -2.74 -4.13 -20.04
C GLN G 558 -1.64 -4.02 -19.00
N MET G 559 -0.90 -5.12 -18.80
CA MET G 559 0.26 -5.13 -17.92
C MET G 559 1.39 -5.88 -18.59
N THR G 560 2.60 -5.68 -18.08
CA THR G 560 3.82 -6.29 -18.62
C THR G 560 4.27 -7.42 -17.69
N LEU G 561 4.39 -8.62 -18.26
CA LEU G 561 4.92 -9.77 -17.56
C LEU G 561 6.39 -9.98 -17.92
N LYS G 562 7.24 -10.12 -16.90
CA LYS G 562 8.67 -10.31 -17.09
C LYS G 562 9.03 -11.76 -16.82
N ILE G 563 9.76 -12.38 -17.74
CA ILE G 563 10.16 -13.78 -17.65
C ILE G 563 11.67 -13.85 -17.81
N GLU G 564 12.37 -14.30 -16.77
CA GLU G 564 13.81 -14.46 -16.79
C GLU G 564 14.18 -15.93 -16.91
N GLY G 565 15.09 -16.24 -17.82
CA GLY G 565 15.48 -17.63 -18.05
C GLY G 565 16.73 -17.69 -18.90
N ASP G 566 17.31 -18.88 -18.93
CA ASP G 566 18.53 -19.10 -19.71
C ASP G 566 18.28 -18.85 -21.19
N HIS G 567 19.31 -18.35 -21.86
CA HIS G 567 19.20 -18.04 -23.28
C HIS G 567 19.04 -19.32 -24.11
N GLY G 568 18.11 -19.28 -25.05
CA GLY G 568 17.89 -20.40 -25.95
C GLY G 568 16.79 -21.34 -25.54
N ALA G 569 16.17 -21.14 -24.38
CA ALA G 569 15.13 -22.03 -23.90
C ALA G 569 13.77 -21.59 -24.41
N ARG G 570 12.87 -22.57 -24.58
CA ARG G 570 11.50 -22.32 -25.00
C ARG G 570 10.61 -22.36 -23.76
N VAL G 571 9.76 -21.34 -23.63
CA VAL G 571 8.91 -21.18 -22.46
C VAL G 571 7.45 -21.33 -22.86
N VAL G 572 6.69 -22.04 -22.04
CA VAL G 572 5.25 -22.18 -22.20
C VAL G 572 4.58 -21.55 -20.98
N LEU G 573 3.43 -20.92 -21.20
CA LEU G 573 2.77 -20.14 -20.16
C LEU G 573 1.36 -20.66 -19.93
N VAL G 574 0.87 -20.48 -18.71
CA VAL G 574 -0.52 -20.74 -18.37
C VAL G 574 -0.89 -19.94 -17.12
N ALA G 575 -1.99 -19.21 -17.18
CA ALA G 575 -2.48 -18.40 -16.07
C ALA G 575 -3.86 -18.89 -15.67
N VAL G 576 -4.02 -19.27 -14.40
CA VAL G 576 -5.25 -19.86 -13.90
C VAL G 576 -5.70 -19.10 -12.66
N ASP G 577 -7.02 -19.02 -12.49
CA ASP G 577 -7.59 -18.44 -11.27
C ASP G 577 -7.31 -19.37 -10.09
N LYS G 578 -6.89 -18.77 -8.97
CA LYS G 578 -6.57 -19.57 -7.78
C LYS G 578 -7.79 -20.27 -7.19
N GLY G 579 -9.00 -19.82 -7.55
CA GLY G 579 -10.19 -20.49 -7.06
C GLY G 579 -10.34 -21.91 -7.58
N VAL G 580 -9.82 -22.18 -8.78
CA VAL G 580 -9.90 -23.52 -9.34
C VAL G 580 -9.10 -24.52 -8.50
N PHE G 581 -7.96 -24.07 -7.96
CA PHE G 581 -7.14 -24.96 -7.15
C PHE G 581 -7.71 -25.18 -5.76
N VAL G 582 -8.49 -24.21 -5.26
CA VAL G 582 -9.21 -24.43 -4.01
C VAL G 582 -10.26 -25.52 -4.19
N LEU G 583 -10.83 -25.63 -5.39
CA LEU G 583 -11.75 -26.72 -5.68
C LEU G 583 -11.02 -28.05 -5.87
N ASN G 584 -9.86 -28.02 -6.53
CA ASN G 584 -9.11 -29.24 -6.81
C ASN G 584 -7.64 -28.87 -6.96
N LYS G 585 -6.83 -29.29 -6.01
CA LYS G 585 -5.38 -29.07 -6.03
C LYS G 585 -4.60 -30.34 -6.40
N LYS G 586 -5.29 -31.38 -6.83
CA LYS G 586 -4.64 -32.65 -7.16
C LYS G 586 -3.97 -32.59 -8.53
N ASN G 587 -2.95 -33.44 -8.71
CA ASN G 587 -2.22 -33.66 -9.95
C ASN G 587 -1.40 -32.46 -10.41
N LYS G 588 -1.17 -31.47 -9.54
CA LYS G 588 -0.36 -30.32 -9.91
C LYS G 588 1.11 -30.73 -10.05
N LEU G 589 1.66 -30.56 -11.25
CA LEU G 589 3.05 -30.92 -11.51
C LEU G 589 4.00 -29.80 -11.08
N THR G 590 5.16 -30.18 -10.56
CA THR G 590 6.17 -29.22 -10.15
C THR G 590 7.54 -29.82 -10.37
N GLN G 591 8.57 -28.98 -10.23
CA GLN G 591 9.95 -29.43 -10.47
C GLN G 591 10.38 -30.46 -9.44
N SER G 592 9.95 -30.31 -8.19
CA SER G 592 10.32 -31.27 -7.16
C SER G 592 9.75 -32.65 -7.46
N LYS G 593 8.48 -32.70 -7.89
CA LYS G 593 7.87 -33.97 -8.28
C LYS G 593 8.52 -34.57 -9.52
N ILE G 594 9.17 -33.75 -10.35
CA ILE G 594 9.94 -34.29 -11.47
C ILE G 594 11.15 -35.05 -10.94
N TRP G 595 11.91 -34.44 -10.03
CA TRP G 595 13.03 -35.13 -9.42
C TRP G 595 12.58 -36.29 -8.53
N ASP G 596 11.35 -36.26 -8.03
CA ASP G 596 10.83 -37.37 -7.26
C ASP G 596 10.69 -38.62 -8.12
N VAL G 597 10.24 -38.46 -9.36
CA VAL G 597 10.12 -39.61 -10.26
C VAL G 597 11.49 -40.13 -10.66
N VAL G 598 12.48 -39.24 -10.76
CA VAL G 598 13.84 -39.67 -11.08
C VAL G 598 14.40 -40.52 -9.95
N GLU G 599 14.23 -40.07 -8.71
CA GLU G 599 14.71 -40.83 -7.56
C GLU G 599 14.02 -42.19 -7.47
N LYS G 600 12.73 -42.23 -7.82
CA LYS G 600 12.01 -43.49 -7.84
C LYS G 600 12.38 -44.37 -9.03
N ALA G 601 13.07 -43.81 -10.03
CA ALA G 601 13.54 -44.57 -11.18
C ALA G 601 15.00 -44.99 -11.07
N ASP G 602 15.65 -44.71 -9.96
CA ASP G 602 17.05 -45.08 -9.77
C ASP G 602 17.19 -46.60 -9.71
N ILE G 603 18.26 -47.11 -10.31
CA ILE G 603 18.52 -48.55 -10.29
C ILE G 603 19.36 -48.98 -9.09
N GLY G 604 19.89 -48.04 -8.33
CA GLY G 604 20.62 -48.38 -7.11
C GLY G 604 19.69 -48.66 -5.95
N CYS G 605 20.10 -49.59 -5.10
CA CYS G 605 19.28 -50.06 -3.99
C CYS G 605 19.94 -49.90 -2.63
N THR G 606 21.12 -49.28 -2.55
CA THR G 606 21.85 -49.17 -1.30
C THR G 606 22.51 -47.81 -1.22
N PRO G 607 22.46 -47.15 -0.06
CA PRO G 607 23.12 -45.84 0.10
C PRO G 607 24.63 -45.92 0.16
N GLY G 608 25.23 -46.89 -0.53
CA GLY G 608 26.66 -47.04 -0.57
C GLY G 608 27.11 -48.25 0.24
N SER G 609 28.44 -48.39 0.34
CA SER G 609 29.06 -49.51 1.05
C SER G 609 28.55 -50.83 0.47
N GLY G 610 28.58 -51.89 1.26
CA GLY G 610 28.12 -53.18 0.80
C GLY G 610 28.66 -54.29 1.68
N LYS G 611 28.18 -55.50 1.40
CA LYS G 611 28.63 -56.66 2.16
C LYS G 611 30.08 -57.00 1.87
N ASP G 612 30.57 -56.71 0.67
CA ASP G 612 31.94 -57.01 0.29
C ASP G 612 32.31 -56.19 -0.93
N TYR G 613 33.52 -56.45 -1.44
CA TYR G 613 34.01 -55.78 -2.64
C TYR G 613 33.17 -56.10 -3.87
N ALA G 614 32.65 -57.32 -3.96
CA ALA G 614 31.82 -57.69 -5.11
C ALA G 614 30.47 -56.98 -5.07
N GLY G 615 29.88 -56.83 -3.87
CA GLY G 615 28.59 -56.20 -3.72
C GLY G 615 28.56 -54.71 -3.93
N VAL G 616 29.72 -54.04 -3.85
CA VAL G 616 29.75 -52.57 -3.94
C VAL G 616 29.20 -52.09 -5.27
N PHE G 617 29.73 -52.60 -6.39
CA PHE G 617 29.29 -52.13 -7.69
C PHE G 617 27.87 -52.62 -8.02
N SER G 618 27.56 -53.88 -7.68
CA SER G 618 26.24 -54.41 -8.00
C SER G 618 25.14 -53.67 -7.27
N ASP G 619 25.41 -53.19 -6.06
CA ASP G 619 24.41 -52.38 -5.35
C ASP G 619 24.30 -50.99 -5.94
N ALA G 620 25.40 -50.43 -6.44
CA ALA G 620 25.35 -49.10 -7.04
C ALA G 620 24.61 -49.09 -8.36
N GLY G 621 24.70 -50.18 -9.13
CA GLY G 621 24.05 -50.25 -10.42
C GLY G 621 25.05 -50.39 -11.54
N LEU G 622 26.22 -50.92 -11.23
CA LEU G 622 27.33 -51.03 -12.17
C LEU G 622 27.68 -52.50 -12.39
N THR G 623 28.29 -52.77 -13.54
CA THR G 623 28.86 -54.08 -13.85
C THR G 623 30.36 -53.93 -14.01
N PHE G 624 31.11 -54.84 -13.40
CA PHE G 624 32.57 -54.83 -13.44
C PHE G 624 33.05 -56.20 -13.88
N THR G 625 34.13 -56.20 -14.66
CA THR G 625 34.70 -57.45 -15.18
C THR G 625 36.15 -57.19 -15.53
N SER G 626 37.02 -58.11 -15.11
CA SER G 626 38.45 -57.97 -15.33
C SER G 626 38.99 -59.20 -16.03
N SER G 627 40.22 -59.09 -16.53
CA SER G 627 40.89 -60.23 -17.12
C SER G 627 41.31 -61.25 -16.08
N SER G 628 41.55 -60.81 -14.84
CA SER G 628 42.01 -61.70 -13.79
C SER G 628 40.90 -62.68 -13.37
N GLY G 629 39.69 -62.17 -13.17
CA GLY G 629 38.59 -63.01 -12.79
C GLY G 629 37.59 -62.38 -11.84
N GLN G 630 38.03 -61.36 -11.09
CA GLN G 630 37.11 -60.64 -10.23
C GLN G 630 36.04 -59.94 -11.06
N GLN G 631 34.79 -60.11 -10.67
CA GLN G 631 33.68 -59.59 -11.45
C GLN G 631 32.50 -59.28 -10.54
N THR G 632 31.56 -58.51 -11.06
CA THR G 632 30.40 -58.10 -10.29
C THR G 632 29.43 -59.26 -10.11
N ALA G 633 28.57 -59.13 -9.09
CA ALA G 633 27.51 -60.10 -8.88
C ALA G 633 26.46 -59.96 -9.96
N GLN G 634 25.93 -61.10 -10.40
CA GLN G 634 24.92 -61.09 -11.45
C GLN G 634 23.60 -60.54 -10.91
N ARG G 635 22.99 -59.63 -11.67
CA ARG G 635 21.70 -59.05 -11.30
C ARG G 635 20.81 -59.02 -12.52
N ALA G 636 19.62 -59.59 -12.39
CA ALA G 636 18.68 -59.70 -13.50
C ALA G 636 17.33 -59.07 -13.20
N GLU G 637 17.22 -58.28 -12.15
CA GLU G 637 15.96 -57.65 -11.77
C GLU G 637 16.10 -56.14 -11.78
N LEU G 638 15.13 -55.47 -12.41
CA LEU G 638 15.13 -54.01 -12.46
C LEU G 638 14.79 -53.41 -11.10
N GLN G 639 13.77 -53.94 -10.45
CA GLN G 639 13.31 -53.39 -9.18
C GLN G 639 14.29 -53.70 -8.06
N CYS G 640 14.13 -52.98 -6.95
CA CYS G 640 14.87 -53.31 -5.74
C CYS G 640 14.04 -54.27 -4.89
N PRO G 641 14.62 -55.36 -4.39
CA PRO G 641 13.84 -56.31 -3.59
C PRO G 641 13.28 -55.67 -2.32
N GLN G 642 12.01 -56.01 -2.02
CA GLN G 642 11.16 -55.50 -0.94
C GLN G 642 11.63 -54.18 -0.35
N PRO G 643 11.07 -53.05 -0.81
CA PRO G 643 11.47 -51.75 -0.22
C PRO G 643 11.08 -51.65 1.24
N ALA G 644 11.81 -50.78 1.95
CA ALA G 644 11.54 -50.58 3.37
C ALA G 644 10.28 -49.75 3.58
N ALA G 645 10.05 -48.75 2.74
CA ALA G 645 8.89 -47.87 2.81
C ALA G 645 8.79 -47.20 4.18
N LEU H 3 -28.54 13.16 -18.57
CA LEU H 3 -28.95 13.36 -17.20
C LEU H 3 -28.08 14.44 -16.55
N ASP H 4 -28.68 15.24 -15.68
CA ASP H 4 -28.00 16.40 -15.09
C ASP H 4 -27.55 16.20 -13.66
N GLU H 5 -27.91 15.09 -13.02
CA GLU H 5 -27.60 14.86 -11.62
C GLU H 5 -26.23 14.19 -11.46
N ASP H 6 -25.79 14.09 -10.20
CA ASP H 6 -24.43 13.66 -9.86
C ASP H 6 -24.33 12.14 -9.77
N ILE H 7 -24.62 11.46 -10.88
CA ILE H 7 -24.48 10.01 -10.95
C ILE H 7 -24.28 9.61 -12.41
N ILE H 8 -23.55 8.51 -12.62
CA ILE H 8 -23.32 7.98 -13.95
C ILE H 8 -24.63 7.42 -14.52
N ALA H 9 -24.93 7.79 -15.76
CA ALA H 9 -26.08 7.23 -16.45
C ALA H 9 -25.84 5.75 -16.77
N GLU H 10 -26.94 5.01 -16.94
CA GLU H 10 -26.84 3.57 -17.15
C GLU H 10 -26.18 3.23 -18.48
N GLU H 11 -26.53 3.97 -19.54
CA GLU H 11 -26.07 3.59 -20.88
C GLU H 11 -24.55 3.61 -20.99
N ASN H 12 -23.90 4.57 -20.33
CA ASN H 12 -22.46 4.66 -20.41
C ASN H 12 -21.75 3.71 -19.44
N ILE H 13 -22.50 3.05 -18.56
CA ILE H 13 -21.91 1.98 -17.74
C ILE H 13 -21.69 0.77 -18.64
N VAL H 14 -20.42 0.39 -18.80
CA VAL H 14 -20.04 -0.75 -19.63
C VAL H 14 -19.71 -1.92 -18.72
N SER H 15 -20.25 -3.09 -19.06
CA SER H 15 -20.14 -4.26 -18.20
C SER H 15 -18.85 -5.02 -18.47
N ARG H 16 -18.24 -5.53 -17.41
CA ARG H 16 -17.19 -6.52 -17.56
C ARG H 16 -17.81 -7.87 -17.92
N SER H 17 -17.20 -8.57 -18.88
CA SER H 17 -17.83 -9.77 -19.41
C SER H 17 -16.84 -10.87 -19.76
N GLU H 18 -15.56 -10.54 -19.86
CA GLU H 18 -14.53 -11.53 -20.17
C GLU H 18 -14.18 -12.29 -18.90
N PHE H 19 -14.81 -13.45 -18.70
CA PHE H 19 -14.53 -14.27 -17.52
C PHE H 19 -14.07 -15.68 -17.84
N PRO H 20 -13.01 -15.88 -18.64
CA PRO H 20 -12.50 -17.24 -18.82
C PRO H 20 -11.76 -17.71 -17.58
N GLU H 21 -11.82 -19.03 -17.33
CA GLU H 21 -11.17 -19.57 -16.14
C GLU H 21 -9.65 -19.53 -16.28
N SER H 22 -9.15 -19.98 -17.43
CA SER H 22 -7.72 -20.07 -17.70
C SER H 22 -7.41 -19.33 -18.99
N TRP H 23 -6.25 -18.69 -19.05
CA TRP H 23 -5.84 -17.97 -20.23
C TRP H 23 -4.31 -17.93 -20.27
N LEU H 24 -3.77 -17.13 -21.20
CA LEU H 24 -2.33 -17.02 -21.43
C LEU H 24 -1.73 -18.37 -21.80
N TRP H 25 -2.42 -19.10 -22.67
CA TRP H 25 -1.93 -20.38 -23.18
C TRP H 25 -1.08 -20.10 -24.43
N ASN H 26 0.14 -19.63 -24.17
CA ASN H 26 1.03 -19.15 -25.22
C ASN H 26 2.39 -19.82 -25.10
N VAL H 27 3.18 -19.69 -26.18
CA VAL H 27 4.53 -20.23 -26.24
C VAL H 27 5.46 -19.13 -26.71
N GLU H 28 6.64 -19.05 -26.09
CA GLU H 28 7.64 -18.06 -26.45
C GLU H 28 9.03 -18.62 -26.21
N ASP H 29 9.98 -18.15 -27.02
CA ASP H 29 11.36 -18.61 -26.96
C ASP H 29 12.24 -17.52 -26.40
N LEU H 30 13.14 -17.90 -25.48
CA LEU H 30 14.08 -16.96 -24.88
C LEU H 30 15.21 -16.72 -25.87
N LYS H 31 15.10 -15.64 -26.65
CA LYS H 31 16.14 -15.22 -27.57
C LYS H 31 16.67 -13.83 -27.28
N GLU H 32 16.19 -13.18 -26.21
CA GLU H 32 16.69 -11.86 -25.83
C GLU H 32 18.18 -11.95 -25.51
N PRO H 33 18.89 -10.81 -25.56
CA PRO H 33 20.33 -10.82 -25.29
C PRO H 33 20.63 -11.42 -23.92
N PRO H 34 21.48 -12.44 -23.88
CA PRO H 34 21.81 -13.09 -22.59
C PRO H 34 22.78 -12.22 -21.79
N LYS H 35 22.30 -11.72 -20.65
CA LYS H 35 23.13 -11.00 -19.70
C LYS H 35 23.45 -11.95 -18.55
N ASN H 36 24.73 -12.31 -18.42
CA ASN H 36 25.18 -13.35 -17.51
C ASN H 36 24.50 -14.69 -17.83
N GLY H 37 24.24 -14.92 -19.11
CA GLY H 37 23.59 -16.14 -19.56
C GLY H 37 22.10 -16.21 -19.32
N ILE H 38 21.51 -15.19 -18.73
CA ILE H 38 20.08 -15.19 -18.38
C ILE H 38 19.36 -14.20 -19.29
N SER H 39 18.41 -14.71 -20.07
CA SER H 39 17.61 -13.87 -20.95
C SER H 39 16.43 -13.28 -20.21
N THR H 40 16.20 -11.98 -20.42
CA THR H 40 15.11 -11.24 -19.79
C THR H 40 14.08 -10.90 -20.86
N LYS H 41 12.93 -11.56 -20.80
CA LYS H 41 11.86 -11.38 -21.78
C LYS H 41 10.72 -10.57 -21.16
N LEU H 42 10.16 -9.65 -21.95
CA LEU H 42 9.06 -8.80 -21.53
C LEU H 42 7.88 -9.03 -22.47
N MET H 43 6.75 -9.45 -21.90
CA MET H 43 5.53 -9.70 -22.65
C MET H 43 4.39 -8.88 -22.05
N ASN H 44 3.88 -7.92 -22.81
CA ASN H 44 2.72 -7.14 -22.40
C ASN H 44 1.45 -7.95 -22.70
N ILE H 45 0.66 -8.21 -21.66
CA ILE H 45 -0.45 -9.16 -21.74
C ILE H 45 -1.74 -8.46 -21.36
N PHE H 46 -2.83 -8.85 -22.03
CA PHE H 46 -4.15 -8.32 -21.71
C PHE H 46 -4.71 -9.07 -20.50
N LEU H 47 -5.16 -8.32 -19.50
CA LEU H 47 -5.88 -8.95 -18.39
C LEU H 47 -7.33 -9.26 -18.79
N LYS H 48 -7.99 -10.04 -17.95
CA LYS H 48 -9.39 -10.36 -18.11
C LYS H 48 -10.22 -9.62 -17.06
N ASP H 49 -11.53 -9.83 -17.10
CA ASP H 49 -12.44 -9.06 -16.28
C ASP H 49 -12.67 -9.63 -14.88
N SER H 50 -12.33 -10.90 -14.66
CA SER H 50 -12.54 -11.51 -13.36
C SER H 50 -11.64 -10.85 -12.31
N ILE H 51 -12.22 -10.53 -11.15
CA ILE H 51 -11.47 -9.97 -10.03
C ILE H 51 -11.06 -11.12 -9.12
N THR H 52 -9.79 -11.48 -9.17
CA THR H 52 -9.25 -12.61 -8.41
C THR H 52 -7.72 -12.54 -8.50
N THR H 53 -7.06 -13.46 -7.81
CA THR H 53 -5.61 -13.60 -7.89
C THR H 53 -5.26 -14.67 -8.91
N TRP H 54 -4.59 -14.26 -9.98
CA TRP H 54 -4.16 -15.19 -11.02
C TRP H 54 -2.81 -15.80 -10.65
N GLU H 55 -2.69 -17.11 -10.85
CA GLU H 55 -1.44 -17.83 -10.65
C GLU H 55 -0.83 -18.16 -12.00
N ILE H 56 0.35 -17.62 -12.27
CA ILE H 56 1.02 -17.79 -13.56
C ILE H 56 2.06 -18.89 -13.40
N LEU H 57 1.83 -20.03 -14.04
CA LEU H 57 2.76 -21.15 -14.05
C LEU H 57 3.50 -21.19 -15.39
N ALA H 58 4.82 -21.29 -15.33
CA ALA H 58 5.65 -21.34 -16.53
C ALA H 58 6.63 -22.50 -16.44
N VAL H 59 6.76 -23.24 -17.53
CA VAL H 59 7.70 -24.35 -17.63
C VAL H 59 8.57 -24.13 -18.86
N SER H 60 9.87 -24.28 -18.71
CA SER H 60 10.81 -24.08 -19.80
C SER H 60 11.44 -25.40 -20.22
N MET H 61 11.76 -25.51 -21.51
CA MET H 61 12.37 -26.70 -22.09
C MET H 61 13.59 -26.27 -22.88
N SER H 62 14.78 -26.57 -22.36
CA SER H 62 16.04 -26.21 -22.99
C SER H 62 16.77 -27.47 -23.43
N ASP H 63 17.29 -27.46 -24.65
CA ASP H 63 18.09 -28.58 -25.14
C ASP H 63 19.44 -28.66 -24.44
N LYS H 64 19.85 -27.60 -23.75
CA LYS H 64 21.09 -27.58 -22.98
C LYS H 64 20.87 -27.66 -21.48
N LYS H 65 19.79 -27.08 -20.97
CA LYS H 65 19.52 -27.04 -19.54
C LYS H 65 18.32 -27.89 -19.14
N GLY H 66 17.83 -28.75 -20.01
CA GLY H 66 16.75 -29.63 -19.64
C GLY H 66 15.45 -28.88 -19.31
N ILE H 67 14.54 -29.60 -18.67
CA ILE H 67 13.25 -29.04 -18.29
C ILE H 67 13.40 -28.27 -16.98
N CYS H 68 12.60 -27.22 -16.82
CA CYS H 68 12.59 -26.44 -15.59
C CYS H 68 11.19 -25.90 -15.35
N VAL H 69 10.66 -26.16 -14.17
CA VAL H 69 9.36 -25.63 -13.75
C VAL H 69 9.60 -24.40 -12.88
N ALA H 70 9.11 -23.25 -13.34
CA ALA H 70 9.35 -22.00 -12.63
C ALA H 70 8.42 -21.88 -11.42
N ASP H 71 8.81 -20.98 -10.52
CA ASP H 71 7.98 -20.69 -9.36
C ASP H 71 6.69 -19.99 -9.80
N PRO H 72 5.54 -20.38 -9.24
CA PRO H 72 4.28 -19.73 -9.62
C PRO H 72 4.28 -18.26 -9.25
N PHE H 73 3.77 -17.44 -10.16
CA PHE H 73 3.68 -16.00 -9.97
C PHE H 73 2.23 -15.59 -9.75
N GLU H 74 2.01 -14.69 -8.80
CA GLU H 74 0.67 -14.31 -8.38
C GLU H 74 0.37 -12.88 -8.82
N VAL H 75 -0.77 -12.69 -9.48
CA VAL H 75 -1.23 -11.37 -9.91
C VAL H 75 -2.62 -11.17 -9.31
N THR H 76 -2.74 -10.22 -8.40
CA THR H 76 -3.98 -9.96 -7.69
C THR H 76 -4.68 -8.76 -8.34
N VAL H 77 -5.79 -9.02 -9.00
CA VAL H 77 -6.58 -7.98 -9.65
C VAL H 77 -7.67 -7.53 -8.67
N MET H 78 -7.85 -6.22 -8.54
CA MET H 78 -8.74 -5.68 -7.52
C MET H 78 -9.28 -4.33 -7.97
N GLN H 79 -10.48 -4.01 -7.48
CA GLN H 79 -11.09 -2.70 -7.65
C GLN H 79 -11.71 -2.28 -6.34
N ASP H 80 -11.68 -0.96 -6.07
CA ASP H 80 -12.19 -0.47 -4.80
C ASP H 80 -13.66 -0.81 -4.63
N PHE H 81 -14.45 -0.67 -5.68
CA PHE H 81 -15.86 -1.05 -5.69
C PHE H 81 -16.13 -1.91 -6.91
N PHE H 82 -16.82 -3.03 -6.72
CA PHE H 82 -17.14 -3.94 -7.81
C PHE H 82 -18.29 -4.84 -7.39
N ILE H 83 -18.78 -5.61 -8.36
CA ILE H 83 -19.91 -6.51 -8.15
C ILE H 83 -19.48 -7.93 -8.48
N ASP H 84 -20.12 -8.90 -7.84
CA ASP H 84 -19.97 -10.30 -8.18
C ASP H 84 -21.35 -10.95 -8.18
N LEU H 85 -21.86 -11.27 -9.36
CA LEU H 85 -23.14 -11.96 -9.49
C LEU H 85 -22.90 -13.46 -9.49
N ARG H 86 -23.41 -14.15 -8.48
CA ARG H 86 -23.12 -15.57 -8.26
C ARG H 86 -24.31 -16.38 -8.77
N LEU H 87 -24.21 -16.85 -10.03
CA LEU H 87 -25.22 -17.65 -10.69
C LEU H 87 -25.04 -19.13 -10.37
N PRO H 88 -26.12 -19.90 -10.40
CA PRO H 88 -25.99 -21.36 -10.42
C PRO H 88 -25.38 -21.83 -11.73
N TYR H 89 -24.82 -23.04 -11.69
CA TYR H 89 -24.23 -23.62 -12.89
C TYR H 89 -25.26 -23.78 -14.01
N SER H 90 -26.46 -24.24 -13.66
CA SER H 90 -27.49 -24.48 -14.66
C SER H 90 -28.86 -24.20 -14.06
N VAL H 91 -29.83 -23.96 -14.94
CA VAL H 91 -31.21 -23.70 -14.54
C VAL H 91 -32.14 -24.44 -15.49
N VAL H 92 -33.26 -24.91 -14.95
CA VAL H 92 -34.24 -25.67 -15.71
C VAL H 92 -35.10 -24.72 -16.53
N ARG H 93 -35.53 -25.17 -17.71
CA ARG H 93 -36.32 -24.32 -18.58
C ARG H 93 -37.64 -23.95 -17.93
N ASN H 94 -37.95 -22.65 -17.93
CA ASN H 94 -39.25 -22.13 -17.49
C ASN H 94 -39.53 -22.47 -16.03
N GLU H 95 -38.53 -22.23 -15.17
CA GLU H 95 -38.69 -22.43 -13.74
C GLU H 95 -38.02 -21.32 -12.96
N GLN H 96 -38.76 -20.74 -12.02
CA GLN H 96 -38.29 -19.59 -11.26
C GLN H 96 -37.16 -19.97 -10.30
N VAL H 97 -36.11 -19.14 -10.27
CA VAL H 97 -34.97 -19.31 -9.38
C VAL H 97 -34.55 -17.93 -8.88
N GLU H 98 -33.86 -17.92 -7.73
CA GLU H 98 -33.36 -16.69 -7.15
C GLU H 98 -31.86 -16.57 -7.39
N ILE H 99 -31.43 -15.39 -7.83
CA ILE H 99 -30.01 -15.08 -8.00
C ILE H 99 -29.62 -14.03 -6.96
N ARG H 100 -28.34 -14.05 -6.59
CA ARG H 100 -27.80 -13.18 -5.55
C ARG H 100 -26.65 -12.36 -6.12
N ALA H 101 -26.83 -11.05 -6.20
CA ALA H 101 -25.78 -10.14 -6.62
C ALA H 101 -25.13 -9.51 -5.40
N VAL H 102 -23.80 -9.63 -5.33
CA VAL H 102 -23.02 -9.17 -4.18
C VAL H 102 -22.20 -7.95 -4.60
N LEU H 103 -22.32 -6.87 -3.83
CA LEU H 103 -21.62 -5.62 -4.10
C LEU H 103 -20.63 -5.35 -2.98
N TYR H 104 -19.37 -5.16 -3.34
CA TYR H 104 -18.29 -5.01 -2.36
C TYR H 104 -17.80 -3.57 -2.33
N ASN H 105 -17.59 -3.07 -1.11
CA ASN H 105 -16.99 -1.76 -0.88
C ASN H 105 -15.86 -1.93 0.12
N TYR H 106 -14.64 -1.62 -0.29
CA TYR H 106 -13.47 -1.78 0.56
C TYR H 106 -12.81 -0.44 0.89
N ARG H 107 -13.58 0.64 0.90
CA ARG H 107 -13.08 1.91 1.42
C ARG H 107 -13.03 1.83 2.94
N GLN H 108 -12.03 2.48 3.53
CA GLN H 108 -11.79 2.35 4.96
C GLN H 108 -12.55 3.37 5.80
N ASN H 109 -13.16 4.39 5.20
CA ASN H 109 -13.89 5.38 5.98
C ASN H 109 -15.01 6.04 5.18
N GLN H 110 -15.58 5.31 4.21
CA GLN H 110 -16.59 5.87 3.33
C GLN H 110 -17.61 4.79 3.01
N GLU H 111 -18.84 4.99 3.45
CA GLU H 111 -19.95 4.15 3.03
C GLU H 111 -20.59 4.74 1.78
N LEU H 112 -21.08 3.86 0.90
CA LEU H 112 -21.45 4.25 -0.44
C LEU H 112 -22.93 4.03 -0.67
N LYS H 113 -23.60 5.06 -1.17
CA LYS H 113 -24.97 4.96 -1.67
C LYS H 113 -24.91 4.58 -3.14
N VAL H 114 -25.46 3.42 -3.48
CA VAL H 114 -25.26 2.82 -4.79
C VAL H 114 -26.60 2.66 -5.48
N ARG H 115 -26.65 3.07 -6.76
CA ARG H 115 -27.77 2.75 -7.63
C ARG H 115 -27.42 1.48 -8.40
N VAL H 116 -28.14 0.39 -8.11
CA VAL H 116 -27.90 -0.91 -8.70
C VAL H 116 -29.11 -1.31 -9.53
N GLU H 117 -28.86 -1.87 -10.71
CA GLU H 117 -29.93 -2.16 -11.65
C GLU H 117 -29.66 -3.48 -12.37
N LEU H 118 -30.68 -4.32 -12.44
CA LEU H 118 -30.71 -5.48 -13.31
C LEU H 118 -31.45 -5.11 -14.59
N LEU H 119 -30.80 -5.27 -15.74
CA LEU H 119 -31.38 -4.84 -16.99
C LEU H 119 -32.25 -5.94 -17.61
N HIS H 120 -33.13 -5.51 -18.51
CA HIS H 120 -34.05 -6.42 -19.18
C HIS H 120 -33.30 -7.36 -20.13
N ASN H 121 -33.90 -8.53 -20.34
CA ASN H 121 -33.42 -9.56 -21.25
C ASN H 121 -34.69 -10.24 -21.73
N PRO H 122 -34.92 -10.32 -23.05
CA PRO H 122 -36.12 -11.02 -23.53
C PRO H 122 -36.11 -12.51 -23.28
N ALA H 123 -34.99 -13.07 -22.84
CA ALA H 123 -34.91 -14.49 -22.50
C ALA H 123 -35.13 -14.76 -21.01
N PHE H 124 -35.25 -13.71 -20.20
CA PHE H 124 -35.50 -13.85 -18.77
C PHE H 124 -36.60 -12.89 -18.37
N CYS H 125 -37.40 -13.28 -17.39
CA CYS H 125 -38.54 -12.48 -16.96
C CYS H 125 -38.30 -11.94 -15.56
N SER H 126 -38.54 -10.65 -15.38
CA SER H 126 -38.45 -9.99 -14.09
C SER H 126 -39.17 -8.64 -14.20
N LEU H 127 -38.99 -7.79 -13.19
CA LEU H 127 -39.53 -6.44 -13.29
C LEU H 127 -38.80 -5.61 -14.33
N ALA H 128 -37.60 -6.03 -14.72
CA ALA H 128 -36.80 -5.28 -15.68
C ALA H 128 -37.39 -5.45 -17.08
N THR H 129 -38.02 -4.38 -17.58
CA THR H 129 -38.40 -4.28 -18.97
C THR H 129 -37.85 -2.97 -19.51
N THR H 130 -37.96 -2.80 -20.83
CA THR H 130 -37.48 -1.56 -21.45
C THR H 130 -38.19 -0.34 -20.89
N LYS H 131 -39.49 -0.46 -20.60
CA LYS H 131 -40.23 0.65 -20.05
C LYS H 131 -39.90 0.86 -18.57
N ARG H 132 -39.93 -0.20 -17.78
CA ARG H 132 -39.79 -0.11 -16.33
C ARG H 132 -38.48 -0.74 -15.89
N ARG H 133 -37.60 0.06 -15.30
CA ARG H 133 -36.30 -0.40 -14.84
C ARG H 133 -36.40 -0.96 -13.44
N HIS H 134 -35.56 -1.97 -13.17
CA HIS H 134 -35.53 -2.65 -11.88
C HIS H 134 -34.33 -2.13 -11.11
N GLN H 135 -34.50 -0.98 -10.46
CA GLN H 135 -33.41 -0.25 -9.82
C GLN H 135 -33.67 -0.10 -8.34
N GLN H 136 -32.58 -0.20 -7.56
CA GLN H 136 -32.63 -0.01 -6.11
C GLN H 136 -31.50 0.92 -5.69
N THR H 137 -31.68 1.55 -4.53
CA THR H 137 -30.68 2.40 -3.92
C THR H 137 -30.33 1.82 -2.57
N VAL H 138 -29.08 1.37 -2.41
CA VAL H 138 -28.63 0.68 -1.22
C VAL H 138 -27.40 1.37 -0.67
N THR H 139 -27.07 1.04 0.58
CA THR H 139 -25.92 1.60 1.27
C THR H 139 -25.05 0.47 1.81
N ILE H 140 -23.76 0.54 1.54
CA ILE H 140 -22.80 -0.48 1.96
C ILE H 140 -21.87 0.15 2.98
N PRO H 141 -21.81 -0.35 4.21
CA PRO H 141 -20.84 0.18 5.18
C PRO H 141 -19.43 -0.06 4.73
N PRO H 142 -18.46 0.71 5.23
CA PRO H 142 -17.07 0.51 4.80
C PRO H 142 -16.55 -0.87 5.22
N LYS H 143 -15.71 -1.43 4.36
CA LYS H 143 -15.12 -2.75 4.57
C LYS H 143 -16.20 -3.80 4.85
N SER H 144 -17.24 -3.79 4.02
CA SER H 144 -18.35 -4.72 4.16
C SER H 144 -18.99 -4.93 2.79
N SER H 145 -19.91 -5.90 2.73
CA SER H 145 -20.59 -6.26 1.49
C SER H 145 -22.10 -6.29 1.71
N LEU H 146 -22.83 -6.05 0.63
CA LEU H 146 -24.29 -6.07 0.65
C LEU H 146 -24.79 -6.82 -0.58
N SER H 147 -25.76 -7.71 -0.38
CA SER H 147 -26.31 -8.55 -1.42
C SER H 147 -27.74 -8.11 -1.77
N VAL H 148 -28.02 -8.00 -3.07
CA VAL H 148 -29.36 -7.68 -3.54
C VAL H 148 -29.90 -8.86 -4.36
N PRO H 149 -30.86 -9.61 -3.84
CA PRO H 149 -31.39 -10.76 -4.59
C PRO H 149 -32.36 -10.33 -5.69
N TYR H 150 -32.45 -11.18 -6.72
CA TYR H 150 -33.43 -11.02 -7.78
C TYR H 150 -34.07 -12.36 -8.07
N VAL H 151 -35.31 -12.32 -8.58
CA VAL H 151 -36.04 -13.51 -8.98
C VAL H 151 -36.33 -13.41 -10.47
N ILE H 152 -36.08 -14.49 -11.20
CA ILE H 152 -36.21 -14.52 -12.66
C ILE H 152 -36.69 -15.90 -13.10
N VAL H 153 -37.09 -15.98 -14.37
CA VAL H 153 -37.48 -17.23 -15.01
C VAL H 153 -36.83 -17.32 -16.38
N PRO H 154 -36.09 -18.40 -16.67
CA PRO H 154 -35.56 -18.57 -18.03
C PRO H 154 -36.68 -18.87 -19.01
N LEU H 155 -36.56 -18.33 -20.22
CA LEU H 155 -37.62 -18.45 -21.22
C LEU H 155 -37.24 -19.30 -22.42
N LYS H 156 -35.94 -19.49 -22.69
CA LYS H 156 -35.51 -20.28 -23.84
C LYS H 156 -34.22 -21.01 -23.50
N THR H 157 -34.07 -22.20 -24.06
CA THR H 157 -32.92 -23.04 -23.77
C THR H 157 -31.65 -22.46 -24.36
N GLY H 158 -30.52 -22.94 -23.87
CA GLY H 158 -29.21 -22.53 -24.33
C GLY H 158 -28.45 -21.78 -23.25
N LEU H 159 -27.20 -21.46 -23.58
CA LEU H 159 -26.31 -20.73 -22.67
C LEU H 159 -26.73 -19.27 -22.71
N GLN H 160 -27.68 -18.91 -21.84
CA GLN H 160 -28.27 -17.58 -21.88
C GLN H 160 -27.56 -16.63 -20.93
N GLU H 161 -27.70 -15.34 -21.23
CA GLU H 161 -26.86 -14.29 -20.67
C GLU H 161 -27.67 -13.42 -19.70
N VAL H 162 -27.02 -13.02 -18.60
CA VAL H 162 -27.64 -12.16 -17.59
C VAL H 162 -26.67 -11.00 -17.30
N GLU H 163 -27.22 -9.78 -17.26
CA GLU H 163 -26.41 -8.59 -17.11
C GLU H 163 -27.01 -7.68 -16.04
N VAL H 164 -26.14 -7.13 -15.18
CA VAL H 164 -26.54 -6.19 -14.14
C VAL H 164 -25.55 -5.04 -14.13
N LYS H 165 -26.02 -3.87 -13.71
CA LYS H 165 -25.19 -2.67 -13.67
C LYS H 165 -25.42 -1.95 -12.35
N ALA H 166 -24.41 -1.18 -11.93
CA ALA H 166 -24.51 -0.42 -10.69
C ALA H 166 -23.62 0.80 -10.79
N ALA H 167 -24.08 1.90 -10.19
CA ALA H 167 -23.35 3.16 -10.15
C ALA H 167 -23.57 3.82 -8.81
N VAL H 168 -22.52 4.43 -8.27
CA VAL H 168 -22.60 5.07 -6.97
C VAL H 168 -22.97 6.54 -7.15
N TYR H 169 -23.64 7.10 -6.15
CA TYR H 169 -23.95 8.52 -6.15
C TYR H 169 -22.78 9.32 -5.60
N HIS H 170 -22.68 10.57 -6.06
CA HIS H 170 -21.72 11.57 -5.61
C HIS H 170 -20.28 11.20 -5.94
N HIS H 171 -20.04 10.01 -6.49
CA HIS H 171 -18.78 9.65 -7.11
C HIS H 171 -19.08 9.04 -8.47
N PHE H 172 -18.20 9.28 -9.43
CA PHE H 172 -18.38 8.71 -10.76
C PHE H 172 -17.61 7.39 -10.88
N ILE H 173 -18.00 6.46 -10.01
CA ILE H 173 -17.46 5.11 -9.97
C ILE H 173 -18.63 4.15 -10.18
N SER H 174 -18.53 3.31 -11.21
CA SER H 174 -19.61 2.41 -11.57
C SER H 174 -19.03 1.07 -11.97
N ASP H 175 -19.91 0.07 -12.03
CA ASP H 175 -19.50 -1.28 -12.39
C ASP H 175 -20.68 -2.00 -13.03
N GLY H 176 -20.37 -2.93 -13.93
CA GLY H 176 -21.36 -3.76 -14.56
C GLY H 176 -20.87 -5.17 -14.78
N VAL H 177 -21.73 -6.16 -14.59
CA VAL H 177 -21.36 -7.56 -14.69
C VAL H 177 -22.33 -8.23 -15.66
N ARG H 178 -21.78 -8.83 -16.72
CA ARG H 178 -22.56 -9.57 -17.71
C ARG H 178 -22.03 -10.98 -17.78
N LYS H 179 -22.78 -11.94 -17.25
CA LYS H 179 -22.39 -13.34 -17.22
C LYS H 179 -23.49 -14.19 -17.84
N SER H 180 -23.12 -15.43 -18.18
CA SER H 180 -24.04 -16.37 -18.78
C SER H 180 -24.04 -17.67 -17.99
N LEU H 181 -25.21 -18.31 -17.93
CA LEU H 181 -25.38 -19.61 -17.30
C LEU H 181 -26.26 -20.47 -18.18
N LYS H 182 -26.15 -21.78 -18.00
CA LYS H 182 -26.82 -22.73 -18.88
C LYS H 182 -28.29 -22.88 -18.52
N VAL H 183 -29.16 -22.71 -19.52
CA VAL H 183 -30.58 -23.02 -19.38
C VAL H 183 -30.77 -24.42 -19.93
N VAL H 184 -31.01 -25.36 -19.04
CA VAL H 184 -31.02 -26.80 -19.36
C VAL H 184 -32.47 -27.26 -19.37
N PRO H 185 -32.91 -28.00 -20.38
CA PRO H 185 -34.25 -28.59 -20.32
C PRO H 185 -34.32 -29.63 -19.22
N GLU H 186 -35.54 -29.84 -18.72
CA GLU H 186 -35.75 -30.75 -17.60
C GLU H 186 -35.32 -32.18 -17.98
N GLY H 187 -34.78 -32.89 -17.01
CA GLY H 187 -34.28 -34.24 -17.20
C GLY H 187 -32.92 -34.40 -16.57
N ILE H 188 -32.26 -35.49 -16.92
CA ILE H 188 -30.92 -35.80 -16.42
C ILE H 188 -30.30 -36.81 -17.37
N ARG H 189 -28.98 -36.91 -17.34
CA ARG H 189 -28.27 -37.81 -18.24
C ARG H 189 -28.50 -39.26 -17.84
N MET H 190 -28.69 -40.13 -18.83
CA MET H 190 -28.90 -41.56 -18.61
C MET H 190 -27.90 -42.36 -19.43
N ASN H 191 -27.29 -43.36 -18.81
CA ASN H 191 -26.38 -44.28 -19.49
C ASN H 191 -26.96 -45.70 -19.41
N LYS H 192 -27.98 -45.95 -20.24
CA LYS H 192 -28.61 -47.26 -20.35
C LYS H 192 -27.89 -48.12 -21.39
N THR H 193 -28.08 -49.44 -21.27
CA THR H 193 -27.42 -50.40 -22.15
C THR H 193 -28.41 -50.91 -23.19
N VAL H 194 -27.98 -50.94 -24.45
CA VAL H 194 -28.84 -51.39 -25.53
C VAL H 194 -28.81 -52.91 -25.65
N ALA H 195 -27.64 -53.48 -25.94
CA ALA H 195 -27.52 -54.92 -26.13
C ALA H 195 -26.06 -55.33 -25.95
N VAL H 196 -25.89 -56.57 -25.47
CA VAL H 196 -24.58 -57.20 -25.33
C VAL H 196 -24.66 -58.63 -25.85
N ARG H 197 -23.74 -58.98 -26.75
CA ARG H 197 -23.75 -60.31 -27.36
C ARG H 197 -22.32 -60.82 -27.48
N THR H 198 -22.20 -62.13 -27.64
CA THR H 198 -20.92 -62.81 -27.80
C THR H 198 -20.64 -63.05 -29.27
N LEU H 199 -19.40 -62.80 -29.68
CA LEU H 199 -18.97 -63.03 -31.05
C LEU H 199 -18.16 -64.31 -31.13
N ASP H 200 -18.53 -65.18 -32.07
CA ASP H 200 -17.84 -66.45 -32.28
C ASP H 200 -18.15 -66.96 -33.68
N PRO H 201 -17.48 -66.45 -34.71
CA PRO H 201 -17.83 -66.85 -36.09
C PRO H 201 -17.61 -68.34 -36.37
N GLU H 202 -16.65 -68.98 -35.71
CA GLU H 202 -16.43 -70.41 -35.94
C GLU H 202 -17.59 -71.24 -35.42
N ARG H 203 -18.12 -70.91 -34.25
CA ARG H 203 -19.18 -71.70 -33.63
C ARG H 203 -20.56 -71.11 -33.87
N LEU H 204 -20.70 -69.79 -33.85
CA LEU H 204 -21.97 -69.11 -34.01
C LEU H 204 -22.04 -68.48 -35.38
N GLY H 205 -23.16 -68.66 -36.07
CA GLY H 205 -23.33 -68.24 -37.44
C GLY H 205 -22.86 -69.27 -38.46
N ARG H 206 -21.84 -70.06 -38.12
CA ARG H 206 -21.39 -71.20 -38.90
C ARG H 206 -20.71 -70.79 -40.20
N GLU H 207 -19.71 -71.57 -40.62
CA GLU H 207 -18.97 -71.33 -41.86
C GLU H 207 -18.17 -70.03 -41.80
N GLY H 208 -17.65 -69.71 -40.62
CA GLY H 208 -16.69 -68.64 -40.45
C GLY H 208 -17.24 -67.23 -40.51
N VAL H 209 -18.54 -67.05 -40.68
CA VAL H 209 -19.15 -65.74 -40.77
C VAL H 209 -20.29 -65.63 -39.78
N GLN H 210 -20.35 -64.49 -39.08
CA GLN H 210 -21.44 -64.21 -38.15
C GLN H 210 -21.86 -62.76 -38.35
N LYS H 211 -23.15 -62.55 -38.59
CA LYS H 211 -23.70 -61.22 -38.77
C LYS H 211 -25.01 -61.09 -38.01
N GLU H 212 -25.23 -59.90 -37.44
CA GLU H 212 -26.43 -59.62 -36.66
C GLU H 212 -26.60 -58.12 -36.56
N ASP H 213 -27.86 -57.68 -36.45
CA ASP H 213 -28.19 -56.27 -36.40
C ASP H 213 -28.41 -55.81 -34.97
N ILE H 214 -28.28 -54.49 -34.77
CA ILE H 214 -28.57 -53.86 -33.48
C ILE H 214 -29.61 -52.78 -33.71
N PRO H 215 -30.85 -52.95 -33.24
CA PRO H 215 -31.87 -51.96 -33.49
C PRO H 215 -31.58 -50.67 -32.72
N PRO H 216 -32.00 -49.53 -33.23
CA PRO H 216 -31.80 -48.27 -32.50
C PRO H 216 -32.67 -48.21 -31.25
N ALA H 217 -32.22 -47.42 -30.28
CA ALA H 217 -32.94 -47.29 -29.02
C ALA H 217 -34.26 -46.58 -29.23
N ASP H 218 -35.30 -47.10 -28.58
CA ASP H 218 -36.64 -46.53 -28.72
C ASP H 218 -36.80 -45.23 -27.94
N LEU H 219 -36.17 -45.17 -26.75
CA LEU H 219 -36.16 -44.01 -25.85
C LEU H 219 -37.43 -43.16 -25.92
N SER H 220 -38.55 -43.70 -25.44
CA SER H 220 -39.81 -42.96 -25.47
C SER H 220 -39.84 -41.82 -24.45
N ASP H 221 -38.94 -41.83 -23.47
CA ASP H 221 -38.88 -40.79 -22.46
C ASP H 221 -37.92 -39.67 -22.82
N GLN H 222 -37.43 -39.63 -24.06
CA GLN H 222 -36.45 -38.63 -24.45
C GLN H 222 -37.08 -37.24 -24.46
N VAL H 223 -36.34 -36.27 -23.94
CA VAL H 223 -36.78 -34.87 -23.98
C VAL H 223 -36.73 -34.38 -25.42
N PRO H 224 -37.76 -33.69 -25.90
CA PRO H 224 -37.76 -33.26 -27.32
C PRO H 224 -36.56 -32.37 -27.65
N ASP H 225 -35.93 -32.67 -28.78
CA ASP H 225 -34.81 -31.90 -29.31
C ASP H 225 -33.63 -31.89 -28.33
N THR H 226 -33.19 -33.08 -27.92
CA THR H 226 -32.04 -33.25 -27.05
C THR H 226 -31.05 -34.23 -27.66
N GLU H 227 -29.79 -34.06 -27.28
CA GLU H 227 -28.70 -34.87 -27.81
C GLU H 227 -28.83 -36.34 -27.38
N SER H 228 -28.26 -37.23 -28.20
CA SER H 228 -28.28 -38.67 -27.92
C SER H 228 -27.10 -39.32 -28.61
N GLU H 229 -26.21 -39.93 -27.83
CA GLU H 229 -25.01 -40.58 -28.36
C GLU H 229 -25.12 -42.09 -28.24
N THR H 230 -24.50 -42.79 -29.19
CA THR H 230 -24.44 -44.25 -29.21
C THR H 230 -22.99 -44.70 -28.95
N ARG H 231 -22.77 -45.37 -27.82
CA ARG H 231 -21.44 -45.79 -27.39
C ARG H 231 -21.27 -47.28 -27.71
N ILE H 232 -20.34 -47.59 -28.60
CA ILE H 232 -20.10 -48.95 -29.06
C ILE H 232 -18.72 -49.41 -28.58
N LEU H 233 -18.66 -50.57 -27.93
CA LEU H 233 -17.41 -51.11 -27.43
C LEU H 233 -17.31 -52.60 -27.76
N LEU H 234 -16.13 -53.01 -28.23
CA LEU H 234 -15.82 -54.41 -28.51
C LEU H 234 -14.53 -54.82 -27.81
N GLN H 235 -14.50 -56.04 -27.30
CA GLN H 235 -13.30 -56.58 -26.66
C GLN H 235 -13.22 -58.08 -26.92
N GLY H 236 -12.05 -58.54 -27.37
CA GLY H 236 -11.88 -59.94 -27.70
C GLY H 236 -11.66 -60.83 -26.50
N THR H 237 -11.82 -62.13 -26.74
CA THR H 237 -11.65 -63.18 -25.74
C THR H 237 -10.39 -63.97 -26.02
N PRO H 238 -9.39 -63.95 -25.14
CA PRO H 238 -8.17 -64.73 -25.38
C PRO H 238 -8.45 -66.23 -25.32
N VAL H 239 -8.16 -66.93 -26.42
CA VAL H 239 -8.44 -68.35 -26.51
C VAL H 239 -7.12 -69.14 -26.51
N ALA H 240 -6.15 -68.68 -25.73
CA ALA H 240 -4.87 -69.34 -25.59
C ALA H 240 -4.66 -69.67 -24.12
N GLN H 241 -4.57 -70.96 -23.80
CA GLN H 241 -4.42 -71.41 -22.43
C GLN H 241 -2.96 -71.78 -22.15
N MET H 242 -2.74 -72.66 -21.17
CA MET H 242 -1.42 -72.93 -20.65
C MET H 242 -0.79 -74.14 -21.35
N THR H 243 0.48 -74.37 -21.01
CA THR H 243 1.28 -75.47 -21.53
C THR H 243 1.73 -76.36 -20.37
N GLU H 244 2.59 -77.32 -20.69
CA GLU H 244 3.19 -78.17 -19.68
C GLU H 244 4.46 -77.51 -19.13
N ASP H 245 4.84 -77.90 -17.92
CA ASP H 245 6.01 -77.33 -17.27
C ASP H 245 7.29 -77.77 -17.96
N ALA H 246 8.28 -76.88 -17.96
CA ALA H 246 9.61 -77.17 -18.48
C ALA H 246 10.54 -77.57 -17.34
N VAL H 247 11.61 -78.27 -17.70
CA VAL H 247 12.59 -78.71 -16.72
C VAL H 247 13.39 -77.50 -16.22
N ASP H 248 13.48 -77.36 -14.90
CA ASP H 248 14.08 -76.17 -14.30
C ASP H 248 15.60 -76.17 -14.36
N ALA H 249 16.23 -77.22 -14.88
CA ALA H 249 17.68 -77.31 -15.07
C ALA H 249 18.46 -77.18 -13.76
N GLU H 250 17.81 -77.46 -12.62
CA GLU H 250 18.53 -77.38 -11.35
C GLU H 250 19.53 -78.53 -11.21
N ARG H 251 19.07 -79.77 -11.38
CA ARG H 251 19.95 -80.93 -11.25
C ARG H 251 20.60 -81.32 -12.57
N LEU H 252 20.44 -80.49 -13.61
CA LEU H 252 21.09 -80.71 -14.89
C LEU H 252 22.44 -80.03 -14.98
N LYS H 253 22.89 -79.38 -13.92
CA LYS H 253 24.16 -78.67 -13.95
C LYS H 253 25.36 -79.59 -14.05
N HIS H 254 25.19 -80.91 -13.82
CA HIS H 254 26.29 -81.84 -13.92
C HIS H 254 26.47 -82.37 -15.33
N LEU H 255 25.55 -82.04 -16.24
CA LEU H 255 25.62 -82.51 -17.63
C LEU H 255 26.58 -81.70 -18.48
N ILE H 256 27.22 -80.69 -17.92
CA ILE H 256 28.27 -79.93 -18.61
C ILE H 256 29.57 -80.72 -18.44
N VAL H 257 29.96 -81.45 -19.48
CA VAL H 257 31.10 -82.36 -19.41
C VAL H 257 32.14 -81.91 -20.42
N THR H 258 33.42 -81.97 -20.01
CA THR H 258 34.51 -81.60 -20.89
C THR H 258 34.87 -82.79 -21.78
N PRO H 259 34.86 -82.64 -23.10
CA PRO H 259 35.21 -83.76 -23.97
C PRO H 259 36.69 -84.11 -23.85
N SER H 260 36.99 -85.41 -23.89
CA SER H 260 38.36 -85.90 -23.78
C SER H 260 38.39 -87.34 -24.23
N GLY H 261 39.59 -87.85 -24.44
CA GLY H 261 39.78 -89.24 -24.78
C GLY H 261 39.70 -89.52 -26.27
N CYS H 262 39.37 -90.78 -26.58
CA CYS H 262 39.28 -91.23 -27.95
C CYS H 262 38.08 -90.59 -28.65
N GLY H 263 37.87 -91.00 -29.90
CA GLY H 263 36.79 -90.42 -30.70
C GLY H 263 35.42 -90.65 -30.06
N GLU H 264 35.14 -91.90 -29.69
CA GLU H 264 33.87 -92.19 -29.05
C GLU H 264 33.79 -91.55 -27.66
N GLN H 265 34.91 -91.53 -26.94
CA GLN H 265 34.94 -90.86 -25.63
C GLN H 265 34.75 -89.36 -25.78
N ASN H 266 35.34 -88.77 -26.82
CA ASN H 266 35.14 -87.35 -27.06
C ASN H 266 33.68 -87.03 -27.37
N MET H 267 33.03 -87.88 -28.15
CA MET H 267 31.61 -87.67 -28.45
C MET H 267 30.73 -87.90 -27.23
N ILE H 268 31.11 -88.83 -26.35
CA ILE H 268 30.34 -89.06 -25.13
C ILE H 268 30.40 -87.82 -24.23
N GLY H 269 31.59 -87.26 -24.06
CA GLY H 269 31.72 -86.05 -23.27
C GLY H 269 31.15 -84.82 -23.94
N MET H 270 31.17 -84.78 -25.27
CA MET H 270 30.65 -83.64 -26.01
C MET H 270 29.13 -83.67 -26.16
N THR H 271 28.52 -84.86 -26.09
CA THR H 271 27.10 -85.05 -26.31
C THR H 271 26.22 -84.17 -25.42
N PRO H 272 26.35 -84.22 -24.07
CA PRO H 272 25.39 -83.48 -23.24
C PRO H 272 25.61 -81.98 -23.21
N THR H 273 26.87 -81.54 -23.30
CA THR H 273 27.14 -80.11 -23.23
C THR H 273 26.63 -79.36 -24.45
N VAL H 274 26.66 -80.00 -25.62
CA VAL H 274 26.23 -79.32 -26.85
C VAL H 274 24.72 -79.09 -26.84
N ILE H 275 23.96 -80.13 -26.52
CA ILE H 275 22.51 -80.02 -26.56
C ILE H 275 21.99 -79.17 -25.41
N ALA H 276 22.74 -79.10 -24.30
CA ALA H 276 22.29 -78.35 -23.14
C ALA H 276 22.20 -76.86 -23.44
N VAL H 277 23.18 -76.31 -24.17
CA VAL H 277 23.18 -74.90 -24.50
C VAL H 277 21.95 -74.55 -25.33
N HIS H 278 21.57 -75.43 -26.26
CA HIS H 278 20.39 -75.17 -27.08
C HIS H 278 19.11 -75.19 -26.24
N TYR H 279 19.04 -76.08 -25.25
CA TYR H 279 17.84 -76.14 -24.41
C TYR H 279 17.70 -74.88 -23.55
N LEU H 280 18.81 -74.43 -22.95
CA LEU H 280 18.75 -73.24 -22.11
C LEU H 280 18.47 -71.98 -22.93
N ASP H 281 18.87 -71.98 -24.21
CA ASP H 281 18.57 -70.82 -25.06
C ASP H 281 17.07 -70.69 -25.31
N GLU H 282 16.42 -71.79 -25.69
CA GLU H 282 15.00 -71.74 -26.02
C GLU H 282 14.13 -71.58 -24.78
N THR H 283 14.59 -72.09 -23.64
CA THR H 283 13.90 -71.90 -22.37
C THR H 283 14.29 -70.60 -21.68
N GLU H 284 15.25 -69.85 -22.23
CA GLU H 284 15.77 -68.60 -21.68
C GLU H 284 15.87 -68.64 -20.16
N GLN H 285 16.47 -69.73 -19.66
CA GLN H 285 16.68 -69.93 -18.23
C GLN H 285 18.10 -69.59 -17.79
N TRP H 286 18.82 -68.78 -18.56
CA TRP H 286 20.17 -68.40 -18.17
C TRP H 286 20.19 -67.47 -16.97
N GLU H 287 19.06 -66.85 -16.63
CA GLU H 287 19.00 -66.01 -15.43
C GLU H 287 19.22 -66.83 -14.17
N LYS H 288 18.51 -67.95 -14.04
CA LYS H 288 18.70 -68.82 -12.89
C LYS H 288 19.99 -69.61 -12.98
N PHE H 289 20.31 -70.13 -14.18
CA PHE H 289 21.46 -71.00 -14.35
C PHE H 289 22.77 -70.23 -14.21
N GLY H 290 22.85 -69.03 -14.79
CA GLY H 290 24.07 -68.26 -14.80
C GLY H 290 24.46 -67.81 -16.19
N LEU H 291 24.50 -66.49 -16.39
CA LEU H 291 24.77 -65.93 -17.72
C LEU H 291 26.20 -66.23 -18.18
N GLU H 292 27.16 -66.20 -17.25
CA GLU H 292 28.55 -66.43 -17.61
C GLU H 292 28.81 -67.85 -18.11
N LYS H 293 27.92 -68.79 -17.81
CA LYS H 293 28.16 -70.19 -18.12
C LYS H 293 27.90 -70.55 -19.58
N ARG H 294 27.21 -69.69 -20.33
CA ARG H 294 27.05 -69.95 -21.76
C ARG H 294 28.38 -69.79 -22.49
N GLN H 295 29.17 -68.79 -22.11
CA GLN H 295 30.49 -68.63 -22.70
C GLN H 295 31.42 -69.76 -22.26
N GLY H 296 31.30 -70.22 -21.01
CA GLY H 296 32.12 -71.32 -20.54
C GLY H 296 31.84 -72.61 -21.27
N ALA H 297 30.55 -72.88 -21.55
CA ALA H 297 30.20 -74.08 -22.31
C ALA H 297 30.66 -73.96 -23.76
N LEU H 298 30.74 -72.74 -24.29
CA LEU H 298 31.21 -72.54 -25.66
C LEU H 298 32.65 -73.01 -25.83
N GLU H 299 33.49 -72.80 -24.81
CA GLU H 299 34.88 -73.27 -24.89
C GLU H 299 34.94 -74.79 -24.92
N LEU H 300 34.11 -75.46 -24.11
CA LEU H 300 34.14 -76.92 -24.07
C LEU H 300 33.63 -77.51 -25.37
N ILE H 301 32.56 -76.94 -25.95
CA ILE H 301 32.07 -77.40 -27.24
C ILE H 301 33.14 -77.16 -28.31
N LYS H 302 33.76 -75.98 -28.30
CA LYS H 302 34.84 -75.70 -29.24
C LYS H 302 36.04 -76.63 -29.00
N LYS H 303 36.33 -76.95 -27.73
CA LYS H 303 37.41 -77.86 -27.44
C LYS H 303 37.08 -79.29 -27.89
N GLY H 304 35.84 -79.72 -27.68
CA GLY H 304 35.43 -81.01 -28.19
C GLY H 304 35.38 -81.05 -29.71
N TYR H 305 34.94 -79.95 -30.32
CA TYR H 305 34.98 -79.84 -31.78
C TYR H 305 36.41 -79.90 -32.30
N THR H 306 37.37 -79.37 -31.55
CA THR H 306 38.76 -79.45 -31.96
C THR H 306 39.29 -80.87 -31.83
N GLN H 307 38.98 -81.54 -30.71
CA GLN H 307 39.49 -82.90 -30.49
C GLN H 307 38.79 -83.91 -31.40
N GLN H 308 37.55 -83.64 -31.80
CA GLN H 308 36.82 -84.60 -32.62
C GLN H 308 37.41 -84.68 -34.03
N LEU H 309 37.87 -83.55 -34.57
CA LEU H 309 38.46 -83.54 -35.91
C LEU H 309 39.79 -84.28 -35.96
N ALA H 310 40.39 -84.60 -34.82
CA ALA H 310 41.64 -85.35 -34.82
C ALA H 310 41.43 -86.82 -35.16
N PHE H 311 40.21 -87.34 -35.01
CA PHE H 311 39.91 -88.72 -35.32
C PHE H 311 39.23 -88.88 -36.68
N ARG H 312 39.14 -87.81 -37.46
CA ARG H 312 38.54 -87.90 -38.79
C ARG H 312 39.49 -88.63 -39.74
N GLN H 313 38.95 -89.62 -40.45
CA GLN H 313 39.71 -90.34 -41.46
C GLN H 313 39.79 -89.53 -42.75
N PRO H 314 40.81 -89.77 -43.58
CA PRO H 314 40.94 -89.02 -44.84
C PRO H 314 39.76 -89.19 -45.79
N SER H 315 38.89 -90.18 -45.57
CA SER H 315 37.67 -90.32 -46.35
C SER H 315 36.49 -89.59 -45.74
N SER H 316 36.74 -88.65 -44.83
CA SER H 316 35.71 -87.84 -44.18
C SER H 316 34.77 -88.71 -43.35
N ALA H 317 35.34 -89.67 -42.63
CA ALA H 317 34.58 -90.53 -41.75
C ALA H 317 35.13 -90.43 -40.33
N PHE H 318 34.33 -90.89 -39.36
CA PHE H 318 34.69 -90.80 -37.96
C PHE H 318 34.63 -92.18 -37.32
N ALA H 319 35.54 -92.43 -36.39
CA ALA H 319 35.58 -93.70 -35.65
C ALA H 319 36.30 -93.45 -34.33
N ALA H 320 36.37 -94.50 -33.52
CA ALA H 320 37.12 -94.40 -32.27
C ALA H 320 38.59 -94.13 -32.53
N PHE H 321 39.16 -94.74 -33.56
CA PHE H 321 40.53 -94.48 -33.98
C PHE H 321 40.54 -94.16 -35.46
N VAL H 322 41.61 -93.50 -35.91
CA VAL H 322 41.79 -93.30 -37.34
C VAL H 322 42.20 -94.59 -38.02
N LYS H 323 42.85 -95.50 -37.29
CA LYS H 323 43.21 -96.80 -37.83
C LYS H 323 42.01 -97.74 -37.90
N ARG H 324 41.07 -97.60 -36.97
CA ARG H 324 39.89 -98.46 -36.96
C ARG H 324 39.02 -98.18 -38.18
N ALA H 325 38.30 -99.21 -38.61
CA ALA H 325 37.41 -99.08 -39.75
C ALA H 325 36.39 -97.98 -39.51
N PRO H 326 36.00 -97.24 -40.54
CA PRO H 326 35.10 -96.10 -40.35
C PRO H 326 33.73 -96.52 -39.87
N SER H 327 33.18 -95.73 -38.95
CA SER H 327 31.87 -95.98 -38.38
C SER H 327 30.83 -95.12 -39.08
N THR H 328 29.88 -95.76 -39.75
CA THR H 328 28.79 -95.03 -40.38
C THR H 328 27.88 -94.39 -39.34
N TRP H 329 27.62 -95.11 -38.24
CA TRP H 329 26.79 -94.57 -37.18
C TRP H 329 27.43 -93.35 -36.53
N LEU H 330 28.71 -93.45 -36.16
CA LEU H 330 29.38 -92.32 -35.54
C LEU H 330 29.53 -91.15 -36.49
N THR H 331 29.75 -91.42 -37.78
CA THR H 331 29.84 -90.35 -38.76
C THR H 331 28.51 -89.60 -38.88
N ALA H 332 27.39 -90.33 -38.88
CA ALA H 332 26.09 -89.68 -38.91
C ALA H 332 25.76 -89.02 -37.59
N TYR H 333 26.21 -89.60 -36.47
CA TYR H 333 25.95 -89.02 -35.16
C TYR H 333 26.64 -87.67 -35.01
N VAL H 334 27.87 -87.56 -35.51
CA VAL H 334 28.61 -86.29 -35.42
C VAL H 334 27.90 -85.21 -36.23
N VAL H 335 27.36 -85.57 -37.40
CA VAL H 335 26.61 -84.62 -38.21
C VAL H 335 25.41 -84.07 -37.43
N LYS H 336 24.69 -84.95 -36.74
CA LYS H 336 23.60 -84.49 -35.89
C LYS H 336 24.10 -83.60 -34.76
N VAL H 337 25.27 -83.93 -34.19
CA VAL H 337 25.82 -83.13 -33.11
C VAL H 337 26.29 -81.78 -33.63
N PHE H 338 26.96 -81.76 -34.78
CA PHE H 338 27.48 -80.51 -35.32
C PHE H 338 26.37 -79.61 -35.84
N SER H 339 25.23 -80.19 -36.23
CA SER H 339 24.12 -79.39 -36.74
C SER H 339 23.54 -78.46 -35.69
N LEU H 340 23.65 -78.83 -34.41
CA LEU H 340 23.14 -77.97 -33.35
C LEU H 340 24.11 -76.83 -33.01
N ALA H 341 25.41 -77.07 -33.17
CA ALA H 341 26.44 -76.11 -32.79
C ALA H 341 26.76 -75.08 -33.87
N VAL H 342 26.06 -75.13 -35.01
CA VAL H 342 26.32 -74.15 -36.07
C VAL H 342 25.93 -72.74 -35.66
N ASN H 343 25.04 -72.58 -34.69
CA ASN H 343 24.69 -71.28 -34.15
C ASN H 343 25.63 -70.83 -33.04
N LEU H 344 26.59 -71.66 -32.66
CA LEU H 344 27.53 -71.37 -31.59
C LEU H 344 28.97 -71.30 -32.09
N ILE H 345 29.41 -72.29 -32.85
CA ILE H 345 30.78 -72.33 -33.37
C ILE H 345 30.71 -72.43 -34.89
N ALA H 346 31.86 -72.21 -35.53
CA ALA H 346 31.97 -72.18 -36.98
C ALA H 346 32.26 -73.60 -37.47
N ILE H 347 31.21 -74.34 -37.79
CA ILE H 347 31.39 -75.67 -38.37
C ILE H 347 31.82 -75.52 -39.83
N ASP H 348 32.91 -76.19 -40.18
CA ASP H 348 33.46 -76.09 -41.53
C ASP H 348 32.55 -76.79 -42.53
N SER H 349 32.15 -76.07 -43.58
CA SER H 349 31.29 -76.66 -44.60
C SER H 349 32.01 -77.73 -45.40
N GLN H 350 33.32 -77.58 -45.59
CA GLN H 350 34.07 -78.57 -46.36
C GLN H 350 34.09 -79.93 -45.67
N VAL H 351 34.29 -79.93 -44.35
CA VAL H 351 34.30 -81.19 -43.60
C VAL H 351 32.90 -81.74 -43.43
N LEU H 352 31.93 -80.87 -43.12
CA LEU H 352 30.56 -81.33 -42.89
C LEU H 352 29.95 -81.93 -44.14
N CYS H 353 30.02 -81.20 -45.27
CA CYS H 353 29.49 -81.74 -46.52
C CYS H 353 30.36 -82.85 -47.08
N GLY H 354 31.65 -82.88 -46.73
CA GLY H 354 32.48 -84.01 -47.10
C GLY H 354 32.06 -85.30 -46.41
N ALA H 355 31.69 -85.20 -45.14
CA ALA H 355 31.14 -86.36 -44.43
C ALA H 355 29.79 -86.77 -45.00
N VAL H 356 29.00 -85.79 -45.44
CA VAL H 356 27.71 -86.09 -46.07
C VAL H 356 27.92 -86.80 -47.41
N LYS H 357 28.85 -86.30 -48.22
CA LYS H 357 29.14 -86.93 -49.50
C LYS H 357 29.66 -88.35 -49.31
N TRP H 358 30.41 -88.60 -48.24
CA TRP H 358 30.88 -89.96 -47.95
C TRP H 358 29.71 -90.87 -47.60
N LEU H 359 28.71 -90.35 -46.90
CA LEU H 359 27.52 -91.15 -46.59
C LEU H 359 26.69 -91.40 -47.84
N ILE H 360 26.62 -90.42 -48.75
CA ILE H 360 25.78 -90.55 -49.94
C ILE H 360 26.41 -91.54 -50.92
N LEU H 361 27.69 -91.36 -51.23
CA LEU H 361 28.31 -92.16 -52.29
C LEU H 361 28.81 -93.51 -51.78
N GLU H 362 29.49 -93.52 -50.64
CA GLU H 362 30.16 -94.74 -50.18
C GLU H 362 29.26 -95.64 -49.33
N LYS H 363 28.45 -95.06 -48.45
CA LYS H 363 27.74 -95.85 -47.44
C LYS H 363 26.22 -95.82 -47.64
N GLN H 364 25.78 -95.69 -48.89
CA GLN H 364 24.37 -95.84 -49.23
C GLN H 364 24.27 -96.74 -50.44
N LYS H 365 23.49 -97.82 -50.31
CA LYS H 365 23.26 -98.71 -51.43
C LYS H 365 22.40 -98.03 -52.48
N PRO H 366 22.50 -98.44 -53.75
CA PRO H 366 21.72 -97.77 -54.80
C PRO H 366 20.22 -97.82 -54.60
N ASP H 367 19.71 -98.76 -53.79
CA ASP H 367 18.28 -98.85 -53.52
C ASP H 367 17.85 -98.05 -52.30
N GLY H 368 18.78 -97.37 -51.63
CA GLY H 368 18.46 -96.48 -50.52
C GLY H 368 18.98 -96.92 -49.17
N VAL H 369 19.44 -98.17 -49.03
CA VAL H 369 19.86 -98.68 -47.74
C VAL H 369 21.22 -98.10 -47.37
N PHE H 370 21.33 -97.58 -46.15
CA PHE H 370 22.60 -97.14 -45.59
C PHE H 370 23.32 -98.31 -44.94
N GLN H 371 24.63 -98.37 -45.12
CA GLN H 371 25.43 -99.51 -44.70
C GLN H 371 26.45 -99.09 -43.65
N GLU H 372 26.43 -99.79 -42.51
CA GLU H 372 27.43 -99.62 -41.46
C GLU H 372 28.43 -100.76 -41.51
N ASP H 373 29.72 -100.42 -41.54
CA ASP H 373 30.76 -101.43 -41.60
C ASP H 373 31.56 -101.58 -40.32
N ALA H 374 31.34 -100.70 -39.33
CA ALA H 374 32.07 -100.81 -38.07
C ALA H 374 31.37 -99.99 -36.98
N PRO H 375 30.39 -100.56 -36.28
CA PRO H 375 29.78 -99.83 -35.17
C PRO H 375 30.79 -99.50 -34.09
N VAL H 376 30.50 -98.45 -33.32
CA VAL H 376 31.43 -98.02 -32.28
C VAL H 376 31.56 -99.12 -31.21
N ILE H 377 32.67 -99.06 -30.48
CA ILE H 377 32.97 -100.07 -29.47
C ILE H 377 31.91 -100.04 -28.36
N HIS H 378 31.60 -98.85 -27.85
CA HIS H 378 30.58 -98.71 -26.82
C HIS H 378 29.21 -98.93 -27.43
N GLN H 379 28.66 -100.12 -27.23
CA GLN H 379 27.33 -100.43 -27.75
C GLN H 379 26.21 -99.90 -26.85
N GLU H 380 26.54 -99.37 -25.67
CA GLU H 380 25.52 -98.77 -24.81
C GLU H 380 25.29 -97.30 -25.13
N MET H 381 26.20 -96.66 -25.86
CA MET H 381 26.07 -95.25 -26.20
C MET H 381 25.17 -95.03 -27.42
N ILE H 382 24.76 -96.10 -28.11
CA ILE H 382 23.91 -95.98 -29.29
C ILE H 382 22.43 -96.02 -28.94
N GLY H 383 22.08 -96.26 -27.68
CA GLY H 383 20.68 -96.16 -27.27
C GLY H 383 19.84 -97.28 -27.86
N GLY H 384 18.69 -96.89 -28.43
CA GLY H 384 17.76 -97.87 -28.96
C GLY H 384 18.30 -98.67 -30.14
N LEU H 385 19.39 -98.21 -30.75
CA LEU H 385 20.06 -98.96 -31.80
C LEU H 385 20.89 -100.12 -31.26
N ARG H 386 20.99 -100.27 -29.94
CA ARG H 386 21.65 -101.44 -29.37
C ARG H 386 20.90 -102.71 -29.74
N ASN H 387 19.58 -102.63 -29.85
CA ASN H 387 18.80 -103.74 -30.37
C ASN H 387 19.04 -103.85 -31.87
N ASN H 388 19.53 -105.00 -32.31
CA ASN H 388 19.89 -105.19 -33.71
C ASN H 388 18.70 -105.59 -34.57
N ASN H 389 17.53 -105.83 -33.98
CA ASN H 389 16.35 -106.18 -34.76
C ASN H 389 15.83 -104.96 -35.51
N GLU H 390 15.57 -105.15 -36.81
CA GLU H 390 15.15 -104.06 -37.70
C GLU H 390 16.19 -102.95 -37.75
N LYS H 391 17.46 -103.36 -37.82
CA LYS H 391 18.55 -102.38 -37.81
C LYS H 391 18.63 -101.62 -39.13
N ASP H 392 18.36 -102.30 -40.25
CA ASP H 392 18.49 -101.65 -41.56
C ASP H 392 17.47 -100.54 -41.72
N MET H 393 16.23 -100.75 -41.24
CA MET H 393 15.24 -99.69 -41.30
C MET H 393 15.58 -98.55 -40.34
N ALA H 394 16.02 -98.90 -39.13
CA ALA H 394 16.33 -97.87 -38.14
C ALA H 394 17.58 -97.08 -38.52
N LEU H 395 18.62 -97.78 -38.97
CA LEU H 395 19.85 -97.09 -39.38
C LEU H 395 19.60 -96.18 -40.58
N THR H 396 18.76 -96.61 -41.51
CA THR H 396 18.44 -95.77 -42.67
C THR H 396 17.69 -94.52 -42.23
N ALA H 397 16.74 -94.66 -41.32
CA ALA H 397 16.00 -93.49 -40.83
C ALA H 397 16.89 -92.59 -39.99
N PHE H 398 17.81 -93.19 -39.22
CA PHE H 398 18.71 -92.40 -38.39
C PHE H 398 19.58 -91.48 -39.24
N VAL H 399 20.16 -92.02 -40.31
CA VAL H 399 20.99 -91.20 -41.20
C VAL H 399 20.12 -90.26 -42.03
N LEU H 400 18.95 -90.73 -42.46
CA LEU H 400 18.06 -89.89 -43.27
C LEU H 400 17.61 -88.66 -42.48
N ILE H 401 17.32 -88.84 -41.19
CA ILE H 401 16.96 -87.70 -40.35
C ILE H 401 18.14 -86.74 -40.22
N SER H 402 19.35 -87.29 -40.07
CA SER H 402 20.54 -86.44 -39.94
C SER H 402 20.79 -85.65 -41.22
N LEU H 403 20.60 -86.28 -42.37
CA LEU H 403 20.85 -85.59 -43.64
C LEU H 403 19.81 -84.51 -43.91
N GLN H 404 18.55 -84.79 -43.59
CA GLN H 404 17.50 -83.78 -43.80
C GLN H 404 17.65 -82.60 -42.86
N GLU H 405 18.18 -82.82 -41.66
CA GLU H 405 18.41 -81.71 -40.74
C GLU H 405 19.57 -80.83 -41.18
N ALA H 406 20.53 -81.41 -41.90
CA ALA H 406 21.66 -80.66 -42.47
C ALA H 406 21.48 -80.41 -43.96
N LYS H 407 20.24 -80.45 -44.45
CA LYS H 407 20.00 -80.32 -45.88
C LYS H 407 20.30 -78.91 -46.38
N ASP H 408 20.00 -77.89 -45.55
CA ASP H 408 20.12 -76.50 -45.99
C ASP H 408 21.57 -76.11 -46.27
N ILE H 409 22.53 -76.69 -45.54
CA ILE H 409 23.92 -76.26 -45.66
C ILE H 409 24.58 -76.79 -46.93
N CYS H 410 24.33 -78.06 -47.26
CA CYS H 410 25.00 -78.75 -48.37
C CYS H 410 24.10 -78.92 -49.58
N GLU H 411 23.08 -78.07 -49.73
CA GLU H 411 22.17 -78.21 -50.87
C GLU H 411 22.87 -78.00 -52.20
N GLU H 412 23.56 -76.86 -52.36
CA GLU H 412 24.27 -76.60 -53.61
C GLU H 412 25.61 -77.31 -53.66
N GLN H 413 26.23 -77.55 -52.51
CA GLN H 413 27.57 -78.12 -52.49
C GLN H 413 27.55 -79.58 -52.92
N VAL H 414 26.49 -80.30 -52.55
CA VAL H 414 26.29 -81.69 -52.98
C VAL H 414 24.96 -81.73 -53.71
N ASN H 415 25.01 -81.96 -55.02
CA ASN H 415 23.82 -81.95 -55.85
C ASN H 415 23.06 -83.28 -55.85
N SER H 416 23.65 -84.33 -55.31
CA SER H 416 23.00 -85.64 -55.25
C SER H 416 22.23 -85.86 -53.95
N LEU H 417 22.04 -84.80 -53.14
CA LEU H 417 21.31 -84.96 -51.88
C LEU H 417 19.83 -85.27 -52.09
N PRO H 418 19.09 -84.57 -52.96
CA PRO H 418 17.66 -84.93 -53.11
C PRO H 418 17.44 -86.33 -53.64
N GLY H 419 18.26 -86.79 -54.58
CA GLY H 419 18.13 -88.16 -55.06
C GLY H 419 18.44 -89.19 -53.99
N SER H 420 19.41 -88.90 -53.12
CA SER H 420 19.70 -89.81 -52.02
C SER H 420 18.56 -89.87 -51.01
N ILE H 421 17.94 -88.72 -50.71
CA ILE H 421 16.82 -88.70 -49.78
C ILE H 421 15.61 -89.42 -50.39
N THR H 422 15.40 -89.28 -51.70
CA THR H 422 14.28 -89.93 -52.35
C THR H 422 14.40 -91.45 -52.29
N LYS H 423 15.62 -91.97 -52.51
CA LYS H 423 15.83 -93.41 -52.45
C LYS H 423 15.56 -93.95 -51.05
N ALA H 424 16.03 -93.23 -50.02
CA ALA H 424 15.79 -93.68 -48.65
C ALA H 424 14.33 -93.54 -48.26
N GLY H 425 13.63 -92.51 -48.77
CA GLY H 425 12.24 -92.34 -48.44
C GLY H 425 11.35 -93.44 -49.01
N ASP H 426 11.61 -93.83 -50.26
CA ASP H 426 10.85 -94.93 -50.85
C ASP H 426 11.09 -96.23 -50.11
N PHE H 427 12.32 -96.44 -49.61
CA PHE H 427 12.64 -97.65 -48.87
C PHE H 427 11.87 -97.73 -47.56
N LEU H 428 11.81 -96.63 -46.82
CA LEU H 428 11.07 -96.62 -45.55
C LEU H 428 9.57 -96.67 -45.79
N GLU H 429 9.08 -95.98 -46.82
CA GLU H 429 7.64 -95.91 -47.07
C GLU H 429 7.08 -97.26 -47.52
N ALA H 430 7.83 -97.99 -48.35
CA ALA H 430 7.31 -99.23 -48.92
C ALA H 430 7.16 -100.33 -47.87
N ASN H 431 8.07 -100.39 -46.91
CA ASN H 431 8.06 -101.42 -45.87
C ASN H 431 7.61 -100.87 -44.52
N TYR H 432 6.85 -99.77 -44.52
CA TYR H 432 6.49 -99.14 -43.26
C TYR H 432 5.41 -99.94 -42.52
N MET H 433 4.44 -100.49 -43.24
CA MET H 433 3.34 -101.20 -42.60
C MET H 433 3.77 -102.54 -42.02
N ASN H 434 4.93 -103.06 -42.42
CA ASN H 434 5.44 -104.33 -41.92
C ASN H 434 6.26 -104.20 -40.65
N LEU H 435 6.46 -102.98 -40.15
CA LEU H 435 7.30 -102.77 -38.98
C LEU H 435 6.66 -103.37 -37.73
N GLN H 436 7.51 -103.78 -36.80
CA GLN H 436 7.07 -104.41 -35.55
C GLN H 436 7.46 -103.62 -34.31
N ARG H 437 8.71 -103.13 -34.25
CA ARG H 437 9.15 -102.38 -33.09
C ARG H 437 8.49 -101.01 -33.05
N SER H 438 8.11 -100.58 -31.85
CA SER H 438 7.62 -99.21 -31.68
C SER H 438 8.74 -98.19 -31.89
N TYR H 439 9.98 -98.58 -31.60
CA TYR H 439 11.11 -97.70 -31.84
C TYR H 439 11.29 -97.43 -33.34
N THR H 440 11.17 -98.47 -34.16
CA THR H 440 11.38 -98.30 -35.60
C THR H 440 10.27 -97.46 -36.23
N VAL H 441 9.02 -97.65 -35.77
CA VAL H 441 7.92 -96.88 -36.32
C VAL H 441 8.07 -95.39 -35.98
N ALA H 442 8.54 -95.10 -34.76
CA ALA H 442 8.67 -93.71 -34.34
C ALA H 442 9.77 -92.99 -35.12
N ILE H 443 10.94 -93.63 -35.25
CA ILE H 443 12.06 -92.98 -35.94
C ILE H 443 11.80 -92.91 -37.44
N ALA H 444 11.10 -93.91 -38.00
CA ALA H 444 10.76 -93.86 -39.42
C ALA H 444 9.65 -92.86 -39.68
N GLY H 445 8.73 -92.69 -38.72
CA GLY H 445 7.67 -91.71 -38.89
C GLY H 445 8.21 -90.29 -38.98
N TYR H 446 9.17 -89.95 -38.11
CA TYR H 446 9.77 -88.62 -38.15
C TYR H 446 10.56 -88.40 -39.44
N ALA H 447 11.20 -89.45 -39.96
CA ALA H 447 11.90 -89.32 -41.23
C ALA H 447 10.93 -89.11 -42.39
N LEU H 448 9.82 -89.84 -42.40
CA LEU H 448 8.84 -89.69 -43.47
C LEU H 448 8.05 -88.39 -43.33
N ALA H 449 7.85 -87.91 -42.10
CA ALA H 449 7.06 -86.71 -41.89
C ALA H 449 7.75 -85.46 -42.44
N GLN H 450 9.08 -85.43 -42.43
CA GLN H 450 9.80 -84.27 -42.96
C GLN H 450 9.54 -84.11 -44.45
N MET H 451 9.46 -85.21 -45.19
CA MET H 451 9.13 -85.15 -46.61
C MET H 451 7.64 -84.96 -46.85
N GLY H 452 6.80 -85.27 -45.88
CA GLY H 452 5.37 -85.18 -46.05
C GLY H 452 4.72 -86.47 -46.50
N ARG H 453 5.36 -87.62 -46.29
CA ARG H 453 4.87 -88.90 -46.75
C ARG H 453 4.19 -89.70 -45.64
N LEU H 454 4.16 -89.18 -44.42
CA LEU H 454 3.48 -89.84 -43.30
C LEU H 454 2.01 -89.41 -43.32
N LYS H 455 1.23 -90.08 -44.14
CA LYS H 455 -0.20 -89.79 -44.28
C LYS H 455 -0.97 -91.09 -44.41
N GLY H 456 -2.30 -90.98 -44.26
CA GLY H 456 -3.20 -92.09 -44.45
C GLY H 456 -2.91 -93.28 -43.54
N PRO H 457 -2.72 -94.45 -44.14
CA PRO H 457 -2.49 -95.66 -43.32
C PRO H 457 -1.17 -95.63 -42.56
N LEU H 458 -0.14 -94.98 -43.11
CA LEU H 458 1.13 -94.88 -42.39
C LEU H 458 0.98 -94.06 -41.11
N LEU H 459 0.17 -92.99 -41.15
CA LEU H 459 -0.06 -92.20 -39.96
C LEU H 459 -0.92 -92.96 -38.95
N ASN H 460 -1.88 -93.74 -39.42
CA ASN H 460 -2.73 -94.51 -38.51
C ASN H 460 -1.94 -95.55 -37.75
N LYS H 461 -0.98 -96.21 -38.41
CA LYS H 461 -0.11 -97.15 -37.72
C LYS H 461 0.78 -96.44 -36.71
N PHE H 462 1.21 -95.22 -37.04
CA PHE H 462 2.03 -94.44 -36.11
C PHE H 462 1.26 -94.06 -34.86
N LEU H 463 0.00 -93.66 -35.02
CA LEU H 463 -0.80 -93.25 -33.86
C LEU H 463 -1.19 -94.45 -32.99
N THR H 464 -1.67 -95.52 -33.62
CA THR H 464 -2.11 -96.69 -32.86
C THR H 464 -0.95 -97.45 -32.23
N THR H 465 0.28 -97.17 -32.64
CA THR H 465 1.44 -97.81 -32.02
C THR H 465 1.61 -97.38 -30.56
N ALA H 466 1.19 -96.16 -30.23
CA ALA H 466 1.35 -95.67 -28.86
C ALA H 466 0.58 -96.53 -27.88
N LYS H 467 1.11 -96.61 -26.65
CA LYS H 467 0.55 -97.41 -25.57
C LYS H 467 0.32 -96.52 -24.35
N ASP H 468 -0.75 -96.81 -23.61
CA ASP H 468 -1.15 -96.06 -22.42
C ASP H 468 -1.46 -94.61 -22.71
N LYS H 469 -1.68 -94.28 -23.99
CA LYS H 469 -2.10 -92.95 -24.43
C LYS H 469 -1.11 -91.85 -24.03
N ASN H 470 0.18 -92.18 -23.96
CA ASN H 470 1.16 -91.14 -23.62
C ASN H 470 2.60 -91.51 -23.97
N ARG H 471 2.82 -92.65 -24.63
CA ARG H 471 4.18 -93.05 -24.93
C ARG H 471 4.18 -94.16 -25.98
N TRP H 472 5.31 -94.29 -26.67
CA TRP H 472 5.58 -95.39 -27.59
C TRP H 472 6.64 -96.27 -26.92
N GLU H 473 6.20 -97.35 -26.29
CA GLU H 473 7.10 -98.20 -25.51
C GLU H 473 7.19 -99.59 -26.11
N ASP H 474 8.38 -100.17 -25.98
CA ASP H 474 8.68 -101.56 -26.31
C ASP H 474 9.22 -102.26 -25.06
N PRO H 475 9.14 -103.59 -25.00
CA PRO H 475 9.68 -104.30 -23.84
C PRO H 475 11.18 -104.11 -23.71
N GLY H 476 11.62 -103.80 -22.49
CA GLY H 476 13.01 -103.53 -22.19
C GLY H 476 13.12 -102.32 -21.28
N LYS H 477 14.28 -101.67 -21.34
CA LYS H 477 14.54 -100.53 -20.46
C LYS H 477 13.69 -99.34 -20.85
N GLN H 478 13.36 -98.50 -19.84
CA GLN H 478 12.60 -97.29 -20.09
C GLN H 478 13.39 -96.27 -20.90
N LEU H 479 14.73 -96.30 -20.80
CA LEU H 479 15.54 -95.34 -21.53
C LEU H 479 15.37 -95.48 -23.03
N TYR H 480 15.24 -96.72 -23.52
CA TYR H 480 15.02 -96.93 -24.94
C TYR H 480 13.62 -96.48 -25.35
N ASN H 481 12.64 -96.64 -24.47
CA ASN H 481 11.28 -96.20 -24.76
C ASN H 481 11.20 -94.67 -24.81
N VAL H 482 11.90 -94.00 -23.91
CA VAL H 482 11.94 -92.54 -23.94
C VAL H 482 12.61 -92.05 -25.22
N GLU H 483 13.64 -92.75 -25.68
CA GLU H 483 14.26 -92.41 -26.95
C GLU H 483 13.27 -92.55 -28.10
N ALA H 484 12.49 -93.63 -28.11
CA ALA H 484 11.50 -93.82 -29.16
C ALA H 484 10.39 -92.78 -29.06
N THR H 485 9.94 -92.47 -27.84
CA THR H 485 8.92 -91.47 -27.67
C THR H 485 9.40 -90.09 -28.11
N SER H 486 10.70 -89.82 -27.96
CA SER H 486 11.25 -88.54 -28.40
C SER H 486 11.15 -88.38 -29.91
N TYR H 487 11.43 -89.44 -30.66
CA TYR H 487 11.29 -89.38 -32.11
C TYR H 487 9.83 -89.17 -32.50
N ALA H 488 8.91 -89.84 -31.81
CA ALA H 488 7.50 -89.68 -32.13
C ALA H 488 7.01 -88.29 -31.76
N LEU H 489 7.52 -87.74 -30.65
CA LEU H 489 7.19 -86.37 -30.29
C LEU H 489 7.71 -85.39 -31.33
N LEU H 490 8.91 -85.63 -31.85
CA LEU H 490 9.43 -84.82 -32.95
C LEU H 490 8.63 -85.02 -34.22
N ALA H 491 8.08 -86.22 -34.44
CA ALA H 491 7.25 -86.45 -35.61
C ALA H 491 5.94 -85.67 -35.54
N LEU H 492 5.33 -85.62 -34.36
CA LEU H 492 4.10 -84.84 -34.21
C LEU H 492 4.34 -83.35 -34.40
N LEU H 493 5.47 -82.84 -33.90
CA LEU H 493 5.80 -81.44 -34.10
C LEU H 493 6.00 -81.13 -35.58
N GLN H 494 6.55 -82.08 -36.34
CA GLN H 494 6.67 -81.90 -37.79
C GLN H 494 5.29 -81.93 -38.44
N LEU H 495 4.44 -82.87 -38.02
CA LEU H 495 3.08 -82.95 -38.56
C LEU H 495 2.21 -81.80 -38.09
N LYS H 496 2.64 -81.07 -37.06
CA LYS H 496 1.87 -79.96 -36.50
C LYS H 496 0.51 -80.42 -35.97
N ASP H 497 0.51 -81.58 -35.31
CA ASP H 497 -0.67 -82.13 -34.66
C ASP H 497 -0.40 -82.15 -33.15
N PHE H 498 -1.00 -81.20 -32.43
CA PHE H 498 -0.71 -80.96 -31.02
C PHE H 498 -1.75 -81.55 -30.09
N ASP H 499 -2.75 -82.27 -30.60
CA ASP H 499 -3.80 -82.81 -29.73
C ASP H 499 -3.27 -83.90 -28.79
N PHE H 500 -2.27 -84.65 -29.21
CA PHE H 500 -1.76 -85.77 -28.42
C PHE H 500 -0.48 -85.45 -27.66
N VAL H 501 0.04 -84.23 -27.81
CA VAL H 501 1.34 -83.86 -27.24
C VAL H 501 1.29 -83.70 -25.73
N PRO H 502 0.34 -82.98 -25.14
CA PRO H 502 0.38 -82.72 -23.68
C PRO H 502 0.43 -84.00 -22.86
N PRO H 503 -0.37 -85.03 -23.15
CA PRO H 503 -0.23 -86.27 -22.36
C PRO H 503 1.13 -86.93 -22.52
N VAL H 504 1.76 -86.82 -23.69
CA VAL H 504 3.08 -87.40 -23.90
C VAL H 504 4.12 -86.65 -23.09
N VAL H 505 4.13 -85.31 -23.18
CA VAL H 505 5.11 -84.51 -22.46
C VAL H 505 4.90 -84.63 -20.95
N ARG H 506 3.64 -84.72 -20.52
CA ARG H 506 3.37 -84.84 -19.09
C ARG H 506 3.93 -86.13 -18.52
N TRP H 507 3.87 -87.22 -19.29
CA TRP H 507 4.45 -88.47 -18.81
C TRP H 507 5.96 -88.38 -18.76
N LEU H 508 6.57 -87.68 -19.73
CA LEU H 508 8.02 -87.50 -19.71
C LEU H 508 8.46 -86.64 -18.54
N ASN H 509 7.69 -85.59 -18.24
CA ASN H 509 8.02 -84.75 -17.08
C ASN H 509 7.84 -85.51 -15.76
N GLU H 510 6.87 -86.42 -15.70
CA GLU H 510 6.69 -87.22 -14.50
C GLU H 510 7.85 -88.18 -14.26
N GLN H 511 8.60 -88.53 -15.30
CA GLN H 511 9.77 -89.39 -15.10
C GLN H 511 10.86 -88.66 -14.31
N ARG H 512 10.97 -87.34 -14.49
CA ARG H 512 11.96 -86.52 -13.79
C ARG H 512 13.37 -87.09 -13.97
N TYR H 513 13.76 -87.19 -15.23
CA TYR H 513 15.06 -87.74 -15.62
C TYR H 513 16.07 -86.61 -15.74
N TYR H 514 17.20 -86.78 -15.05
CA TYR H 514 18.22 -85.73 -14.96
C TYR H 514 19.53 -86.14 -15.64
N GLY H 515 19.48 -87.14 -16.53
CA GLY H 515 20.65 -87.54 -17.28
C GLY H 515 21.70 -88.25 -16.45
N GLY H 516 22.78 -88.63 -17.12
CA GLY H 516 23.87 -89.38 -16.51
C GLY H 516 23.49 -90.82 -16.20
N GLY H 517 24.48 -91.67 -16.01
CA GLY H 517 24.22 -93.06 -15.71
C GLY H 517 24.66 -93.99 -16.83
N TYR H 518 24.78 -95.27 -16.48
CA TYR H 518 25.14 -96.30 -17.45
C TYR H 518 24.12 -96.38 -18.57
N GLY H 519 24.57 -96.16 -19.80
CA GLY H 519 23.69 -96.21 -20.95
C GLY H 519 22.71 -95.06 -21.00
N SER H 520 23.22 -93.84 -20.82
CA SER H 520 22.36 -92.65 -20.80
C SER H 520 22.71 -91.67 -21.90
N THR H 521 23.54 -92.06 -22.88
CA THR H 521 23.99 -91.13 -23.90
C THR H 521 22.82 -90.65 -24.76
N GLN H 522 22.06 -91.58 -25.34
CA GLN H 522 20.98 -91.21 -26.24
C GLN H 522 19.75 -90.70 -25.49
N ALA H 523 19.45 -91.28 -24.34
CA ALA H 523 18.25 -90.87 -23.60
C ALA H 523 18.35 -89.42 -23.15
N THR H 524 19.51 -89.03 -22.63
CA THR H 524 19.70 -87.64 -22.20
C THR H 524 19.76 -86.69 -23.39
N PHE H 525 20.34 -87.16 -24.50
CA PHE H 525 20.55 -86.28 -25.65
C PHE H 525 19.25 -85.96 -26.38
N MET H 526 18.38 -86.96 -26.55
CA MET H 526 17.17 -86.76 -27.35
C MET H 526 16.04 -86.09 -26.58
N VAL H 527 15.97 -86.27 -25.26
CA VAL H 527 14.81 -85.76 -24.52
C VAL H 527 14.82 -84.25 -24.46
N PHE H 528 15.99 -83.63 -24.27
CA PHE H 528 16.07 -82.18 -24.25
C PHE H 528 16.08 -81.58 -25.64
N GLN H 529 16.48 -82.35 -26.65
CA GLN H 529 16.37 -81.91 -28.03
C GLN H 529 14.91 -81.82 -28.46
N ALA H 530 14.07 -82.74 -27.98
CA ALA H 530 12.66 -82.71 -28.31
C ALA H 530 11.95 -81.53 -27.64
N LEU H 531 12.24 -81.30 -26.36
CA LEU H 531 11.65 -80.16 -25.66
C LEU H 531 12.11 -78.83 -26.26
N ALA H 532 13.34 -78.78 -26.78
CA ALA H 532 13.81 -77.56 -27.43
C ALA H 532 13.02 -77.26 -28.68
N GLN H 533 12.73 -78.29 -29.49
CA GLN H 533 11.90 -78.09 -30.67
C GLN H 533 10.47 -77.72 -30.29
N TYR H 534 9.99 -78.21 -29.15
CA TYR H 534 8.69 -77.81 -28.63
C TYR H 534 8.65 -76.32 -28.28
N GLN H 535 9.60 -75.87 -27.46
CA GLN H 535 9.73 -74.43 -27.17
C GLN H 535 9.93 -73.59 -28.41
N LYS H 536 10.60 -74.12 -29.43
CA LYS H 536 10.94 -73.32 -30.60
C LYS H 536 9.72 -72.87 -31.40
N ASP H 537 8.61 -73.62 -31.33
CA ASP H 537 7.43 -73.24 -32.10
C ASP H 537 6.31 -72.67 -31.23
N ALA H 538 6.63 -71.66 -30.40
CA ALA H 538 5.75 -71.00 -29.43
C ALA H 538 4.58 -71.86 -28.98
N PRO H 539 4.73 -72.63 -27.91
CA PRO H 539 3.64 -73.52 -27.47
C PRO H 539 2.39 -72.75 -27.08
N ASP H 540 1.24 -73.38 -27.35
CA ASP H 540 -0.10 -72.86 -27.09
C ASP H 540 -0.22 -71.36 -27.27
N HIS H 541 0.12 -70.85 -28.45
CA HIS H 541 0.05 -69.42 -28.70
C HIS H 541 -1.39 -69.03 -29.01
N GLN H 542 -1.60 -67.74 -29.22
CA GLN H 542 -2.93 -67.22 -29.49
C GLN H 542 -3.34 -67.55 -30.93
N GLU H 543 -4.63 -67.83 -31.12
CA GLU H 543 -5.15 -68.11 -32.45
C GLU H 543 -6.32 -67.20 -32.80
N LEU H 544 -6.42 -66.04 -32.16
CA LEU H 544 -7.44 -65.07 -32.50
C LEU H 544 -7.21 -64.57 -33.93
N ASN H 545 -8.27 -64.56 -34.73
CA ASN H 545 -8.14 -64.14 -36.11
C ASN H 545 -9.42 -63.45 -36.59
N LEU H 546 -10.06 -62.70 -35.69
CA LEU H 546 -11.36 -62.11 -35.96
C LEU H 546 -11.22 -60.87 -36.83
N ASP H 547 -11.98 -60.83 -37.93
CA ASP H 547 -12.11 -59.65 -38.78
C ASP H 547 -13.53 -59.11 -38.61
N VAL H 548 -13.66 -57.94 -37.98
CA VAL H 548 -14.95 -57.37 -37.61
C VAL H 548 -15.14 -56.07 -38.38
N SER H 549 -16.32 -55.91 -38.99
CA SER H 549 -16.66 -54.70 -39.72
C SER H 549 -18.09 -54.28 -39.36
N LEU H 550 -18.34 -52.98 -39.40
CA LEU H 550 -19.64 -52.41 -39.08
C LEU H 550 -20.18 -51.64 -40.27
N GLN H 551 -21.49 -51.74 -40.50
CA GLN H 551 -22.17 -50.98 -41.55
C GLN H 551 -23.12 -49.97 -40.91
N LEU H 552 -22.72 -48.70 -40.94
CA LEU H 552 -23.48 -47.61 -40.34
C LEU H 552 -24.46 -47.01 -41.35
N PRO H 553 -25.53 -46.36 -40.87
CA PRO H 553 -26.41 -45.66 -41.81
C PRO H 553 -25.76 -44.46 -42.48
N SER H 554 -24.82 -43.79 -41.79
CA SER H 554 -24.10 -42.68 -42.42
C SER H 554 -23.22 -43.17 -43.57
N ARG H 555 -22.49 -44.27 -43.35
CA ARG H 555 -21.70 -44.92 -44.40
C ARG H 555 -20.64 -44.02 -45.00
N SER H 556 -20.13 -43.05 -44.23
CA SER H 556 -18.95 -42.33 -44.68
C SER H 556 -17.77 -43.28 -44.83
N SER H 557 -17.76 -44.35 -44.03
CA SER H 557 -16.78 -45.42 -44.12
C SER H 557 -17.35 -46.61 -43.40
N LYS H 558 -16.74 -47.77 -43.63
CA LYS H 558 -17.12 -49.00 -42.94
C LYS H 558 -16.11 -49.20 -41.83
N ILE H 559 -16.56 -49.07 -40.58
CA ILE H 559 -15.68 -49.22 -39.43
C ILE H 559 -15.17 -50.65 -39.40
N THR H 560 -13.86 -50.81 -39.53
CA THR H 560 -13.24 -52.12 -39.61
C THR H 560 -12.04 -52.17 -38.68
N HIS H 561 -11.98 -53.21 -37.86
CA HIS H 561 -10.89 -53.45 -36.94
C HIS H 561 -10.52 -54.92 -36.98
N ARG H 562 -9.37 -55.25 -36.39
CA ARG H 562 -8.88 -56.60 -36.35
C ARG H 562 -8.65 -57.03 -34.92
N ILE H 563 -9.05 -58.26 -34.60
CA ILE H 563 -8.72 -58.88 -33.32
C ILE H 563 -7.88 -60.10 -33.68
N HIS H 564 -6.57 -59.91 -33.77
CA HIS H 564 -5.66 -60.99 -34.08
C HIS H 564 -4.66 -61.13 -32.94
N TRP H 565 -3.52 -61.78 -33.21
CA TRP H 565 -2.45 -61.81 -32.23
C TRP H 565 -1.67 -60.50 -32.23
N GLU H 566 -1.41 -59.95 -33.41
CA GLU H 566 -0.64 -58.71 -33.50
C GLU H 566 -1.37 -57.54 -32.85
N SER H 567 -2.68 -57.63 -32.66
CA SER H 567 -3.43 -56.63 -31.92
C SER H 567 -3.93 -57.17 -30.59
N ALA H 568 -3.45 -58.34 -30.17
CA ALA H 568 -3.81 -58.99 -28.92
C ALA H 568 -5.30 -58.95 -28.61
N SER H 569 -5.63 -58.73 -27.33
CA SER H 569 -7.00 -58.63 -26.84
C SER H 569 -7.38 -57.18 -26.54
N LEU H 570 -6.93 -56.27 -27.39
CA LEU H 570 -7.15 -54.84 -27.17
C LEU H 570 -8.61 -54.47 -27.42
N LEU H 571 -9.08 -53.51 -26.63
CA LEU H 571 -10.47 -53.06 -26.69
C LEU H 571 -10.64 -52.02 -27.79
N ARG H 572 -11.74 -52.13 -28.52
CA ARG H 572 -12.08 -51.20 -29.58
C ARG H 572 -13.37 -50.49 -29.21
N SER H 573 -13.34 -49.15 -29.20
CA SER H 573 -14.47 -48.34 -28.79
C SER H 573 -14.71 -47.23 -29.79
N GLU H 574 -15.99 -46.95 -30.06
CA GLU H 574 -16.38 -45.88 -30.96
C GLU H 574 -17.61 -45.17 -30.40
N GLU H 575 -17.67 -43.86 -30.61
CA GLU H 575 -18.77 -43.04 -30.12
C GLU H 575 -19.33 -42.21 -31.26
N THR H 576 -20.63 -42.29 -31.47
CA THR H 576 -21.34 -41.40 -32.37
C THR H 576 -22.34 -40.58 -31.58
N LYS H 577 -22.61 -39.37 -32.07
CA LYS H 577 -23.55 -38.45 -31.44
C LYS H 577 -24.96 -38.55 -32.05
N GLU H 578 -25.36 -39.75 -32.47
CA GLU H 578 -26.63 -39.93 -33.13
C GLU H 578 -27.14 -41.35 -32.90
N ASN H 579 -28.45 -41.46 -32.69
CA ASN H 579 -29.11 -42.75 -32.45
C ASN H 579 -29.49 -43.37 -33.78
N GLU H 580 -28.80 -44.46 -34.15
CA GLU H 580 -29.10 -45.17 -35.39
C GLU H 580 -28.80 -46.65 -35.21
N GLY H 581 -29.49 -47.48 -35.98
CA GLY H 581 -29.23 -48.90 -35.99
C GLY H 581 -28.17 -49.27 -37.00
N PHE H 582 -27.47 -50.39 -36.76
CA PHE H 582 -26.37 -50.77 -37.63
C PHE H 582 -26.23 -52.30 -37.62
N THR H 583 -25.37 -52.77 -38.52
CA THR H 583 -25.12 -54.20 -38.72
C THR H 583 -23.68 -54.52 -38.34
N VAL H 584 -23.50 -55.61 -37.60
CA VAL H 584 -22.18 -56.09 -37.20
C VAL H 584 -21.90 -57.38 -37.94
N THR H 585 -20.71 -57.47 -38.53
CA THR H 585 -20.28 -58.67 -39.26
C THR H 585 -18.88 -59.05 -38.81
N ALA H 586 -18.74 -60.29 -38.30
CA ALA H 586 -17.47 -60.80 -37.80
C ALA H 586 -17.11 -62.08 -38.55
N GLU H 587 -15.84 -62.21 -38.92
CA GLU H 587 -15.36 -63.35 -39.67
C GLU H 587 -14.01 -63.81 -39.13
N GLY H 588 -13.83 -65.12 -39.06
CA GLY H 588 -12.55 -65.71 -38.70
C GLY H 588 -12.62 -66.46 -37.38
N LYS H 589 -11.54 -67.19 -37.12
CA LYS H 589 -11.41 -67.92 -35.87
C LYS H 589 -11.19 -66.95 -34.71
N GLY H 590 -11.60 -67.36 -33.52
CA GLY H 590 -11.48 -66.55 -32.33
C GLY H 590 -12.82 -66.32 -31.68
N GLN H 591 -12.80 -65.47 -30.65
CA GLN H 591 -14.00 -65.16 -29.88
C GLN H 591 -13.85 -63.77 -29.28
N GLY H 592 -14.97 -63.05 -29.22
CA GLY H 592 -14.97 -61.70 -28.68
C GLY H 592 -16.27 -61.32 -28.01
N THR H 593 -16.42 -60.03 -27.66
CA THR H 593 -17.60 -59.55 -26.97
C THR H 593 -18.06 -58.24 -27.59
N LEU H 594 -19.35 -58.11 -27.84
CA LEU H 594 -19.95 -56.91 -28.39
C LEU H 594 -20.79 -56.21 -27.33
N SER H 595 -20.66 -54.89 -27.24
CA SER H 595 -21.40 -54.09 -26.26
C SER H 595 -21.73 -52.74 -26.87
N VAL H 596 -22.99 -52.33 -26.73
CA VAL H 596 -23.47 -51.05 -27.25
C VAL H 596 -24.24 -50.34 -26.14
N VAL H 597 -23.89 -49.08 -25.89
CA VAL H 597 -24.50 -48.28 -24.84
C VAL H 597 -24.99 -46.96 -25.47
N THR H 598 -26.21 -46.57 -25.12
CA THR H 598 -26.74 -45.27 -25.53
C THR H 598 -26.81 -44.34 -24.32
N MET H 599 -26.38 -43.09 -24.52
CA MET H 599 -26.43 -42.06 -23.50
C MET H 599 -27.22 -40.89 -24.06
N TYR H 600 -28.27 -40.49 -23.36
CA TYR H 600 -29.18 -39.47 -23.87
C TYR H 600 -29.87 -38.78 -22.70
N HIS H 601 -30.61 -37.72 -23.04
CA HIS H 601 -31.40 -36.97 -22.08
C HIS H 601 -32.80 -37.58 -21.98
N ALA H 602 -33.15 -38.06 -20.79
CA ALA H 602 -34.46 -38.65 -20.53
C ALA H 602 -35.27 -37.73 -19.64
N LYS H 603 -36.56 -37.59 -19.95
CA LYS H 603 -37.44 -36.74 -19.16
C LYS H 603 -37.55 -37.28 -17.73
N ALA H 604 -37.57 -36.37 -16.76
CA ALA H 604 -37.64 -36.78 -15.36
C ALA H 604 -38.96 -37.45 -15.05
N LYS H 605 -38.90 -38.56 -14.30
CA LYS H 605 -40.07 -39.32 -13.89
C LYS H 605 -40.27 -39.22 -12.38
N ASP H 606 -41.28 -38.45 -11.97
CA ASP H 606 -41.64 -38.28 -10.56
C ASP H 606 -40.48 -37.74 -9.71
N GLN H 607 -39.64 -36.89 -10.31
CA GLN H 607 -38.54 -36.30 -9.57
C GLN H 607 -39.06 -35.30 -8.55
N LEU H 608 -38.53 -35.39 -7.32
CA LEU H 608 -38.94 -34.49 -6.25
C LEU H 608 -37.95 -33.32 -6.21
N THR H 609 -38.40 -32.14 -6.63
CA THR H 609 -37.53 -30.97 -6.61
C THR H 609 -37.16 -30.57 -5.19
N CYS H 610 -38.15 -30.52 -4.31
CA CYS H 610 -37.93 -30.29 -2.88
C CYS H 610 -37.71 -31.63 -2.17
N ASN H 611 -36.64 -32.31 -2.58
CA ASN H 611 -36.37 -33.63 -2.06
C ASN H 611 -36.06 -33.58 -0.56
N LYS H 612 -36.75 -34.44 0.20
CA LYS H 612 -36.61 -34.61 1.64
C LYS H 612 -37.09 -33.40 2.43
N PHE H 613 -37.81 -32.47 1.82
CA PHE H 613 -38.27 -31.27 2.52
C PHE H 613 -39.71 -30.94 2.14
N ASP H 614 -40.54 -30.70 3.15
CA ASP H 614 -41.89 -30.15 2.99
C ASP H 614 -41.88 -28.73 3.57
N LEU H 615 -41.72 -27.74 2.70
CA LEU H 615 -41.59 -26.34 3.11
C LEU H 615 -42.85 -25.57 2.76
N LYS H 616 -43.41 -24.86 3.73
CA LYS H 616 -44.58 -24.01 3.55
C LYS H 616 -44.29 -22.62 4.07
N VAL H 617 -44.59 -21.60 3.28
CA VAL H 617 -44.37 -20.20 3.63
C VAL H 617 -45.67 -19.44 3.39
N THR H 618 -46.09 -18.66 4.39
CA THR H 618 -47.34 -17.91 4.34
C THR H 618 -47.09 -16.47 4.76
N ILE H 619 -47.56 -15.53 3.94
CA ILE H 619 -47.48 -14.10 4.23
C ILE H 619 -48.89 -13.58 4.43
N LYS H 620 -49.09 -12.79 5.49
CA LYS H 620 -50.39 -12.24 5.83
C LYS H 620 -50.21 -10.90 6.50
N PRO H 621 -51.13 -9.97 6.31
CA PRO H 621 -51.06 -8.68 7.02
C PRO H 621 -51.37 -8.84 8.50
N ALA H 622 -50.81 -7.95 9.30
CA ALA H 622 -51.03 -7.99 10.73
C ALA H 622 -52.49 -7.66 11.07
N PRO H 623 -53.06 -8.31 12.08
CA PRO H 623 -54.48 -8.07 12.41
C PRO H 623 -54.72 -6.72 13.08
N GLU H 624 -55.76 -6.62 13.92
CA GLU H 624 -56.09 -5.36 14.55
C GLU H 624 -55.39 -5.19 15.90
N THR H 625 -54.74 -6.24 16.41
CA THR H 625 -53.97 -6.10 17.63
C THR H 625 -52.73 -5.24 17.39
N GLU H 626 -52.18 -5.28 16.18
CA GLU H 626 -51.00 -4.47 15.85
C GLU H 626 -51.37 -3.00 15.69
N LYS H 627 -52.52 -2.72 15.07
CA LYS H 627 -52.95 -1.35 14.85
C LYS H 627 -53.48 -0.69 16.12
N ARG H 628 -53.64 -1.47 17.20
CA ARG H 628 -54.23 -0.93 18.43
C ARG H 628 -53.36 0.15 19.07
N PRO H 629 -52.03 -0.02 19.26
CA PRO H 629 -51.25 1.09 19.83
C PRO H 629 -50.91 2.17 18.80
N GLN H 630 -51.61 2.20 17.66
CA GLN H 630 -51.47 3.28 16.69
C GLN H 630 -50.03 3.35 16.15
N ASP H 631 -49.51 2.20 15.73
CA ASP H 631 -48.18 2.17 15.14
C ASP H 631 -48.18 2.72 13.72
N ALA H 632 -49.34 2.78 13.07
CA ALA H 632 -49.54 3.46 11.79
C ALA H 632 -48.43 3.22 10.79
N LYS H 633 -48.29 1.99 10.30
CA LYS H 633 -47.34 1.69 9.24
C LYS H 633 -47.75 0.38 8.58
N ASN H 634 -47.22 0.16 7.38
CA ASN H 634 -47.44 -1.09 6.67
C ASN H 634 -46.78 -2.23 7.44
N THR H 635 -47.58 -3.23 7.82
CA THR H 635 -47.12 -4.31 8.67
C THR H 635 -47.71 -5.61 8.19
N MET H 636 -46.87 -6.64 8.08
CA MET H 636 -47.29 -7.98 7.70
C MET H 636 -46.51 -8.99 8.52
N ILE H 637 -47.07 -10.20 8.62
CA ILE H 637 -46.48 -11.27 9.41
C ILE H 637 -46.10 -12.40 8.46
N LEU H 638 -44.84 -12.85 8.57
CA LEU H 638 -44.34 -13.97 7.79
C LEU H 638 -44.19 -15.18 8.70
N GLU H 639 -44.84 -16.28 8.33
CA GLU H 639 -44.74 -17.53 9.08
C GLU H 639 -44.11 -18.60 8.20
N ILE H 640 -43.20 -19.36 8.77
CA ILE H 640 -42.48 -20.41 8.06
C ILE H 640 -42.65 -21.72 8.82
N CYS H 641 -42.91 -22.80 8.08
CA CYS H 641 -43.06 -24.13 8.64
C CYS H 641 -42.40 -25.13 7.71
N THR H 642 -41.76 -26.15 8.27
CA THR H 642 -41.09 -27.15 7.46
C THR H 642 -41.07 -28.49 8.19
N ARG H 643 -40.92 -29.56 7.41
CA ARG H 643 -40.83 -30.91 7.94
C ARG H 643 -39.88 -31.73 7.08
N TYR H 644 -39.02 -32.52 7.73
CA TYR H 644 -38.10 -33.39 7.03
C TYR H 644 -38.79 -34.70 6.66
N ARG H 645 -38.43 -35.25 5.50
CA ARG H 645 -39.05 -36.47 5.00
C ARG H 645 -38.25 -37.73 5.33
N GLY H 646 -37.04 -37.60 5.87
CA GLY H 646 -36.21 -38.76 6.10
C GLY H 646 -36.75 -39.66 7.20
N ASP H 647 -36.07 -40.79 7.37
CA ASP H 647 -36.48 -41.76 8.38
C ASP H 647 -36.29 -41.23 9.79
N GLN H 648 -35.36 -40.31 9.98
CA GLN H 648 -35.11 -39.70 11.28
C GLN H 648 -34.97 -38.19 11.11
N ASP H 649 -34.96 -37.48 12.24
CA ASP H 649 -34.83 -36.03 12.21
C ASP H 649 -33.51 -35.62 11.57
N ALA H 650 -33.58 -34.60 10.71
CA ALA H 650 -32.40 -34.04 10.09
C ALA H 650 -31.66 -33.12 11.06
N THR H 651 -30.33 -33.11 10.94
CA THR H 651 -29.49 -32.35 11.86
C THR H 651 -29.50 -30.86 11.52
N MET H 652 -28.35 -30.22 11.61
CA MET H 652 -28.27 -28.77 11.46
C MET H 652 -28.58 -28.35 10.03
N SER H 653 -29.40 -27.31 9.90
CA SER H 653 -29.80 -26.77 8.60
C SER H 653 -29.77 -25.25 8.69
N ILE H 654 -29.87 -24.61 7.52
CA ILE H 654 -29.74 -23.16 7.41
C ILE H 654 -30.97 -22.60 6.71
N LEU H 655 -31.47 -21.48 7.18
CA LEU H 655 -32.63 -20.80 6.61
C LEU H 655 -32.16 -19.50 5.97
N ASP H 656 -32.22 -19.44 4.65
CA ASP H 656 -31.90 -18.22 3.90
C ASP H 656 -33.21 -17.55 3.52
N ILE H 657 -33.41 -16.32 4.02
CA ILE H 657 -34.67 -15.60 3.86
C ILE H 657 -34.37 -14.27 3.17
N SER H 658 -35.12 -13.98 2.11
CA SER H 658 -35.00 -12.72 1.40
C SER H 658 -36.32 -11.97 1.50
N MET H 659 -36.24 -10.74 2.00
CA MET H 659 -37.44 -9.92 2.17
C MET H 659 -37.96 -9.43 0.83
N MET H 660 -39.25 -9.07 0.80
CA MET H 660 -39.76 -8.25 -0.29
C MET H 660 -39.06 -6.90 -0.23
N THR H 661 -38.81 -6.32 -1.41
CA THR H 661 -38.01 -5.11 -1.46
C THR H 661 -38.63 -4.00 -0.62
N GLY H 662 -37.81 -3.36 0.19
CA GLY H 662 -38.26 -2.33 1.09
C GLY H 662 -38.84 -2.81 2.39
N PHE H 663 -38.71 -4.10 2.71
CA PHE H 663 -39.18 -4.66 3.96
C PHE H 663 -38.00 -5.08 4.83
N ALA H 664 -38.07 -4.72 6.12
CA ALA H 664 -37.08 -5.08 7.11
C ALA H 664 -37.75 -5.85 8.23
N PRO H 665 -37.24 -7.03 8.62
CA PRO H 665 -37.88 -7.79 9.69
C PRO H 665 -37.83 -7.04 11.01
N ASP H 666 -38.81 -7.32 11.86
CA ASP H 666 -38.84 -6.72 13.18
C ASP H 666 -37.70 -7.25 14.04
N THR H 667 -36.92 -6.32 14.60
CA THR H 667 -35.73 -6.71 15.35
C THR H 667 -36.10 -7.45 16.63
N ASP H 668 -37.16 -7.00 17.32
CA ASP H 668 -37.49 -7.59 18.61
C ASP H 668 -37.98 -9.02 18.46
N ASP H 669 -38.54 -9.37 17.29
CA ASP H 669 -38.97 -10.74 17.06
C ASP H 669 -37.79 -11.68 16.88
N LEU H 670 -36.71 -11.19 16.27
CA LEU H 670 -35.57 -12.06 15.99
C LEU H 670 -34.73 -12.35 17.22
N LYS H 671 -34.63 -11.38 18.14
CA LYS H 671 -33.92 -11.62 19.39
C LYS H 671 -34.59 -12.75 20.18
N GLN H 672 -35.92 -12.75 20.22
CA GLN H 672 -36.65 -13.81 20.93
C GLN H 672 -36.39 -15.18 20.28
N LEU H 673 -36.43 -15.24 18.96
CA LEU H 673 -36.20 -16.50 18.26
C LEU H 673 -34.75 -16.96 18.34
N ALA H 674 -33.80 -16.01 18.35
CA ALA H 674 -32.38 -16.36 18.24
C ALA H 674 -31.89 -17.17 19.45
N ASN H 675 -32.25 -16.75 20.66
CA ASN H 675 -31.77 -17.42 21.86
C ASN H 675 -32.46 -18.73 22.16
N GLY H 676 -33.50 -19.10 21.38
CA GLY H 676 -34.18 -20.35 21.63
C GLY H 676 -33.29 -21.55 21.41
N VAL H 677 -33.67 -22.67 22.04
CA VAL H 677 -32.92 -23.90 21.90
C VAL H 677 -33.04 -24.41 20.47
N ASP H 678 -31.99 -25.09 20.00
CA ASP H 678 -31.89 -25.57 18.62
C ASP H 678 -31.98 -24.44 17.62
N ARG H 679 -31.75 -23.20 18.06
CA ARG H 679 -31.90 -22.02 17.24
C ARG H 679 -30.77 -21.04 17.55
N TYR H 680 -30.27 -20.37 16.52
CA TYR H 680 -29.18 -19.43 16.69
C TYR H 680 -29.14 -18.46 15.50
N ILE H 681 -28.81 -17.21 15.79
CA ILE H 681 -28.54 -16.21 14.77
C ILE H 681 -27.24 -15.51 15.14
N SER H 682 -26.34 -15.39 14.17
CA SER H 682 -25.03 -14.81 14.44
C SER H 682 -25.17 -13.36 14.87
N LYS H 683 -24.24 -12.93 15.73
CA LYS H 683 -24.28 -11.56 16.22
C LYS H 683 -24.06 -10.56 15.10
N TYR H 684 -23.10 -10.85 14.21
CA TYR H 684 -22.83 -9.97 13.08
C TYR H 684 -24.09 -9.77 12.23
N GLU H 685 -24.90 -10.82 12.08
CA GLU H 685 -26.19 -10.68 11.42
C GLU H 685 -27.22 -9.99 12.32
N LEU H 686 -27.12 -10.20 13.64
CA LEU H 686 -28.18 -9.76 14.55
C LEU H 686 -28.17 -8.24 14.71
N ASP H 687 -26.99 -7.64 14.90
CA ASP H 687 -26.86 -6.22 15.24
C ASP H 687 -26.99 -5.32 14.02
N LYS H 688 -27.37 -5.87 12.87
CA LYS H 688 -27.56 -5.07 11.66
C LYS H 688 -28.79 -4.19 11.76
N ALA H 689 -29.91 -4.75 12.24
CA ALA H 689 -31.17 -4.05 12.42
C ALA H 689 -31.75 -3.59 11.09
N PHE H 690 -32.59 -2.55 11.12
CA PHE H 690 -33.30 -2.10 9.93
C PHE H 690 -32.40 -1.53 8.84
N SER H 691 -31.15 -1.19 9.14
CA SER H 691 -30.35 -0.42 8.20
C SER H 691 -30.06 -1.21 6.93
N ASP H 692 -29.80 -2.51 7.06
CA ASP H 692 -29.41 -3.32 5.91
C ASP H 692 -29.96 -4.73 5.96
N ARG H 693 -30.80 -5.08 6.92
CA ARG H 693 -31.33 -6.43 6.99
C ARG H 693 -32.40 -6.60 5.93
N ASN H 694 -32.02 -7.20 4.81
CA ASN H 694 -32.90 -7.62 3.73
C ASN H 694 -32.82 -9.12 3.50
N THR H 695 -31.61 -9.67 3.54
CA THR H 695 -31.39 -11.11 3.51
C THR H 695 -31.10 -11.57 4.93
N LEU H 696 -31.80 -12.62 5.37
CA LEU H 696 -31.71 -13.09 6.73
C LEU H 696 -31.25 -14.54 6.73
N ILE H 697 -30.38 -14.88 7.69
CA ILE H 697 -29.83 -16.21 7.82
C ILE H 697 -30.15 -16.71 9.23
N ILE H 698 -30.95 -17.77 9.31
CA ILE H 698 -31.35 -18.38 10.57
C ILE H 698 -30.84 -19.81 10.58
N TYR H 699 -30.19 -20.19 11.67
CA TYR H 699 -29.60 -21.52 11.83
C TYR H 699 -30.45 -22.34 12.80
N LEU H 700 -30.82 -23.54 12.38
CA LEU H 700 -31.54 -24.49 13.23
C LEU H 700 -30.69 -25.72 13.43
N ASP H 701 -30.50 -26.13 14.68
CA ASP H 701 -29.67 -27.29 14.97
C ASP H 701 -30.32 -28.59 14.53
N LYS H 702 -31.64 -28.63 14.42
CA LYS H 702 -32.35 -29.81 13.92
C LYS H 702 -33.79 -29.41 13.62
N VAL H 703 -34.43 -30.19 12.75
CA VAL H 703 -35.84 -30.03 12.40
C VAL H 703 -36.51 -31.39 12.47
N SER H 704 -37.68 -31.44 13.10
CA SER H 704 -38.38 -32.70 13.28
C SER H 704 -38.86 -33.25 11.94
N HIS H 705 -38.92 -34.59 11.86
CA HIS H 705 -39.37 -35.27 10.65
C HIS H 705 -40.81 -35.75 10.73
N SER H 706 -41.45 -35.68 11.90
CA SER H 706 -42.80 -36.18 12.05
C SER H 706 -43.85 -35.12 11.75
N GLU H 707 -43.63 -33.89 12.20
CA GLU H 707 -44.59 -32.81 11.99
C GLU H 707 -43.82 -31.51 11.80
N ASP H 708 -44.55 -30.46 11.44
CA ASP H 708 -43.92 -29.21 11.05
C ASP H 708 -43.40 -28.46 12.26
N ASP H 709 -42.19 -27.91 12.13
CA ASP H 709 -41.64 -26.96 13.09
C ASP H 709 -41.74 -25.57 12.49
N CYS H 710 -42.21 -24.61 13.28
CA CYS H 710 -42.58 -23.31 12.74
C CYS H 710 -41.92 -22.19 13.53
N LEU H 711 -41.93 -21.01 12.92
CA LEU H 711 -41.54 -19.75 13.55
C LEU H 711 -42.11 -18.63 12.70
N ALA H 712 -42.17 -17.44 13.30
CA ALA H 712 -42.77 -16.30 12.61
C ALA H 712 -42.19 -15.01 13.17
N PHE H 713 -42.31 -13.95 12.37
CA PHE H 713 -41.86 -12.62 12.77
C PHE H 713 -42.54 -11.58 11.90
N LYS H 714 -42.55 -10.35 12.39
CA LYS H 714 -43.18 -9.25 11.69
C LYS H 714 -42.24 -8.63 10.66
N VAL H 715 -42.84 -7.98 9.66
CA VAL H 715 -42.10 -7.22 8.67
C VAL H 715 -42.78 -5.87 8.49
N HIS H 716 -41.99 -4.85 8.20
CA HIS H 716 -42.47 -3.49 8.02
C HIS H 716 -41.87 -2.90 6.76
N GLN H 717 -42.69 -2.18 6.00
CA GLN H 717 -42.19 -1.46 4.84
C GLN H 717 -41.63 -0.11 5.30
N TYR H 718 -40.45 0.24 4.79
CA TYR H 718 -39.80 1.49 5.13
C TYR H 718 -39.29 2.25 3.92
N PHE H 719 -39.45 1.69 2.72
CA PHE H 719 -38.93 2.27 1.50
C PHE H 719 -40.00 2.98 0.70
N ASN H 720 -41.25 2.54 0.84
CA ASN H 720 -42.42 3.11 0.18
C ASN H 720 -42.27 3.08 -1.34
N VAL H 721 -42.33 1.86 -1.86
CA VAL H 721 -42.30 1.63 -3.31
C VAL H 721 -43.33 0.55 -3.64
N GLU H 722 -44.11 0.79 -4.69
CA GLU H 722 -45.12 -0.16 -5.14
C GLU H 722 -44.52 -1.14 -6.15
N LEU H 723 -45.26 -2.22 -6.39
CA LEU H 723 -44.82 -3.33 -7.24
C LEU H 723 -43.51 -3.92 -6.72
N ILE H 724 -43.60 -4.47 -5.51
CA ILE H 724 -42.43 -4.98 -4.79
C ILE H 724 -42.00 -6.31 -5.37
N GLN H 725 -40.71 -6.60 -5.21
CA GLN H 725 -40.17 -7.88 -5.64
C GLN H 725 -40.64 -8.99 -4.69
N PRO H 726 -41.05 -10.14 -5.21
CA PRO H 726 -41.44 -11.24 -4.33
C PRO H 726 -40.26 -11.70 -3.47
N GLY H 727 -40.58 -12.12 -2.23
CA GLY H 727 -39.58 -12.67 -1.36
C GLY H 727 -39.43 -14.17 -1.51
N ALA H 728 -38.39 -14.70 -0.88
CA ALA H 728 -38.06 -16.10 -1.03
C ALA H 728 -37.37 -16.62 0.22
N VAL H 729 -37.58 -17.91 0.50
CA VAL H 729 -36.93 -18.60 1.61
C VAL H 729 -36.38 -19.91 1.07
N LYS H 730 -35.09 -20.15 1.30
CA LYS H 730 -34.42 -21.37 0.88
C LYS H 730 -33.92 -22.12 2.10
N VAL H 731 -34.00 -23.45 2.05
CA VAL H 731 -33.61 -24.30 3.16
C VAL H 731 -32.64 -25.36 2.65
N TYR H 732 -31.59 -25.62 3.44
CA TYR H 732 -30.61 -26.65 3.11
C TYR H 732 -29.82 -27.00 4.37
N ALA H 733 -29.00 -28.03 4.26
CA ALA H 733 -28.21 -28.55 5.37
C ALA H 733 -26.72 -28.30 5.14
N TYR H 734 -25.94 -28.46 6.21
CA TYR H 734 -24.52 -28.14 6.15
C TYR H 734 -23.73 -29.14 5.33
N TYR H 735 -24.20 -30.38 5.25
CA TYR H 735 -23.49 -31.38 4.45
C TYR H 735 -23.93 -31.44 3.00
N ASN H 736 -25.08 -30.85 2.66
CA ASN H 736 -25.59 -30.96 1.29
C ASN H 736 -26.45 -29.75 0.96
N LEU H 737 -25.97 -28.92 0.04
CA LEU H 737 -26.80 -27.89 -0.56
C LEU H 737 -27.61 -28.42 -1.73
N GLU H 738 -27.18 -29.54 -2.31
CA GLU H 738 -27.87 -30.11 -3.47
C GLU H 738 -29.31 -30.47 -3.12
N GLU H 739 -29.50 -31.20 -2.02
CA GLU H 739 -30.84 -31.46 -1.51
C GLU H 739 -31.32 -30.22 -0.75
N SER H 740 -32.30 -29.52 -1.32
CA SER H 740 -32.73 -28.24 -0.78
C SER H 740 -34.16 -27.98 -1.23
N CYS H 741 -34.70 -26.84 -0.81
CA CYS H 741 -36.07 -26.46 -1.18
C CYS H 741 -36.18 -24.94 -1.06
N THR H 742 -37.00 -24.36 -1.94
CA THR H 742 -37.15 -22.92 -2.01
C THR H 742 -38.61 -22.56 -2.22
N ARG H 743 -39.12 -21.61 -1.45
CA ARG H 743 -40.48 -21.12 -1.57
C ARG H 743 -40.49 -19.62 -1.75
N PHE H 744 -41.51 -19.13 -2.46
CA PHE H 744 -41.69 -17.70 -2.70
C PHE H 744 -43.01 -17.24 -2.09
N TYR H 745 -43.14 -15.93 -1.90
CA TYR H 745 -44.37 -15.37 -1.36
C TYR H 745 -44.61 -13.97 -1.91
N HIS H 746 -45.87 -13.67 -2.22
CA HIS H 746 -46.26 -12.34 -2.68
C HIS H 746 -47.75 -12.13 -2.37
N PRO H 747 -48.13 -10.99 -1.80
CA PRO H 747 -49.52 -10.82 -1.35
C PRO H 747 -50.56 -10.86 -2.46
N GLU H 748 -50.20 -10.50 -3.70
CA GLU H 748 -51.16 -10.48 -4.79
C GLU H 748 -50.98 -11.61 -5.79
N LYS H 749 -49.79 -12.19 -5.88
CA LYS H 749 -49.56 -13.35 -6.74
C LYS H 749 -49.81 -14.67 -6.00
N GLU H 750 -50.65 -14.63 -4.96
CA GLU H 750 -51.01 -15.79 -4.16
C GLU H 750 -49.80 -16.45 -3.52
N ASP H 751 -49.14 -17.33 -4.27
CA ASP H 751 -48.01 -18.11 -3.77
C ASP H 751 -46.66 -17.55 -4.20
N GLY H 752 -46.64 -16.35 -4.78
CA GLY H 752 -45.39 -15.75 -5.21
C GLY H 752 -44.76 -16.39 -6.41
N LYS H 753 -45.54 -17.14 -7.20
CA LYS H 753 -45.02 -17.79 -8.39
C LYS H 753 -45.11 -16.86 -9.58
N LEU H 754 -44.32 -17.14 -10.60
CA LEU H 754 -44.35 -16.30 -11.78
C LEU H 754 -45.53 -16.68 -12.67
N ASN H 755 -46.08 -15.66 -13.34
CA ASN H 755 -47.29 -15.81 -14.15
C ASN H 755 -46.99 -16.27 -15.57
N LYS H 756 -46.23 -17.35 -15.73
CA LYS H 756 -45.89 -17.81 -17.07
C LYS H 756 -47.11 -18.45 -17.75
N LEU H 757 -47.21 -18.23 -19.05
CA LEU H 757 -48.26 -18.81 -19.87
C LEU H 757 -47.68 -19.99 -20.66
N CYS H 758 -48.42 -21.09 -20.70
CA CYS H 758 -47.97 -22.30 -21.36
C CYS H 758 -49.02 -22.79 -22.33
N ARG H 759 -48.57 -23.13 -23.54
CA ARG H 759 -49.40 -23.80 -24.55
C ARG H 759 -48.79 -25.19 -24.70
N ASP H 760 -49.34 -26.16 -23.95
CA ASP H 760 -48.81 -27.51 -23.88
C ASP H 760 -47.35 -27.49 -23.44
N GLU H 761 -46.43 -27.82 -24.36
CA GLU H 761 -45.01 -27.85 -24.05
C GLU H 761 -44.32 -26.51 -24.22
N LEU H 762 -44.91 -25.58 -24.96
CA LEU H 762 -44.31 -24.28 -25.23
C LEU H 762 -44.80 -23.27 -24.19
N CYS H 763 -43.88 -22.78 -23.36
CA CYS H 763 -44.21 -21.79 -22.35
C CYS H 763 -43.45 -20.50 -22.62
N ARG H 764 -44.12 -19.37 -22.37
CA ARG H 764 -43.50 -18.05 -22.43
C ARG H 764 -44.02 -17.21 -21.27
N CYS H 765 -43.23 -16.24 -20.85
CA CYS H 765 -43.61 -15.37 -19.75
C CYS H 765 -44.85 -14.53 -20.07
N ALA H 766 -45.53 -14.12 -18.98
CA ALA H 766 -46.71 -13.27 -19.07
C ALA H 766 -46.83 -12.38 -17.83
N GLU H 767 -45.69 -11.92 -17.29
CA GLU H 767 -45.65 -11.01 -16.15
C GLU H 767 -45.75 -9.57 -16.63
N GLU H 768 -46.97 -9.16 -16.97
CA GLU H 768 -47.22 -7.85 -17.53
C GLU H 768 -48.56 -7.33 -17.02
N ASN H 769 -48.78 -6.03 -17.21
CA ASN H 769 -50.15 -5.52 -17.14
C ASN H 769 -50.95 -6.06 -18.32
N CYS H 770 -52.26 -6.12 -18.14
CA CYS H 770 -53.10 -6.77 -19.14
C CYS H 770 -53.27 -5.91 -20.39
N PHE H 771 -53.36 -4.59 -20.22
CA PHE H 771 -53.48 -3.71 -21.38
C PHE H 771 -53.16 -2.27 -21.01
N ILE H 772 -52.91 -1.47 -22.04
CA ILE H 772 -52.68 -0.03 -21.91
C ILE H 772 -53.93 0.73 -22.34
N GLN H 773 -54.26 1.77 -21.58
CA GLN H 773 -55.26 2.77 -21.95
C GLN H 773 -56.59 2.19 -22.46
N LYS H 774 -57.43 1.71 -21.54
CA LYS H 774 -58.82 1.42 -21.85
C LYS H 774 -59.78 2.34 -21.10
N SER H 775 -59.24 3.30 -20.33
CA SER H 775 -60.09 4.21 -19.56
C SER H 775 -60.60 5.34 -20.43
N ASP H 776 -59.67 6.15 -20.97
CA ASP H 776 -59.97 7.19 -21.95
C ASP H 776 -61.00 8.20 -21.42
N ASP H 777 -60.55 8.98 -20.44
CA ASP H 777 -61.42 10.05 -19.96
C ASP H 777 -61.48 11.19 -20.96
N LYS H 778 -60.35 11.50 -21.59
CA LYS H 778 -60.21 12.51 -22.64
C LYS H 778 -59.90 11.76 -23.94
N VAL H 779 -60.93 11.44 -24.71
CA VAL H 779 -60.75 10.68 -25.95
C VAL H 779 -60.29 11.62 -27.07
N THR H 780 -59.04 11.44 -27.51
CA THR H 780 -58.44 12.24 -28.56
C THR H 780 -58.52 11.51 -29.90
N LEU H 781 -57.89 12.10 -30.92
CA LEU H 781 -57.79 11.50 -32.24
C LEU H 781 -56.47 11.91 -32.87
N GLU H 782 -56.16 13.21 -32.80
CA GLU H 782 -54.89 13.72 -33.33
C GLU H 782 -53.71 13.11 -32.58
N GLU H 783 -53.81 13.04 -31.26
CA GLU H 783 -52.75 12.45 -30.45
C GLU H 783 -52.59 10.96 -30.73
N ARG H 784 -53.69 10.24 -30.93
CA ARG H 784 -53.61 8.81 -31.20
C ARG H 784 -52.94 8.52 -32.54
N LEU H 785 -53.13 9.40 -33.53
CA LEU H 785 -52.45 9.21 -34.81
C LEU H 785 -50.94 9.35 -34.65
N ASP H 786 -50.50 10.31 -33.82
CA ASP H 786 -49.08 10.45 -33.55
C ASP H 786 -48.53 9.22 -32.82
N LYS H 787 -49.30 8.66 -31.89
CA LYS H 787 -48.86 7.46 -31.19
C LYS H 787 -48.92 6.22 -32.07
N ALA H 788 -49.72 6.23 -33.13
CA ALA H 788 -49.71 5.12 -34.08
C ALA H 788 -48.52 5.15 -35.02
N CYS H 789 -47.85 6.30 -35.13
CA CYS H 789 -46.68 6.44 -35.99
C CYS H 789 -45.36 6.19 -35.27
N GLU H 790 -45.40 5.53 -34.11
CA GLU H 790 -44.14 5.25 -33.43
C GLU H 790 -43.73 3.79 -33.63
N PRO H 791 -42.42 3.50 -33.57
CA PRO H 791 -41.98 2.12 -33.81
C PRO H 791 -42.54 1.10 -32.83
N GLY H 792 -43.00 1.53 -31.66
CA GLY H 792 -43.56 0.58 -30.72
C GLY H 792 -44.82 -0.09 -31.24
N VAL H 793 -45.54 0.58 -32.13
CA VAL H 793 -46.70 0.01 -32.80
C VAL H 793 -46.20 -0.62 -34.10
N ASP H 794 -46.27 -1.94 -34.21
CA ASP H 794 -45.83 -2.62 -35.42
C ASP H 794 -46.98 -2.91 -36.37
N TYR H 795 -48.18 -3.11 -35.85
CA TYR H 795 -49.34 -3.43 -36.68
C TYR H 795 -50.58 -2.81 -36.05
N VAL H 796 -51.53 -2.44 -36.91
CA VAL H 796 -52.84 -1.93 -36.50
C VAL H 796 -53.88 -2.69 -37.30
N TYR H 797 -54.70 -3.47 -36.62
CA TYR H 797 -55.68 -4.33 -37.27
C TYR H 797 -57.09 -3.90 -36.91
N LYS H 798 -57.99 -4.01 -37.87
CA LYS H 798 -59.42 -3.98 -37.63
C LYS H 798 -59.90 -5.43 -37.63
N THR H 799 -60.51 -5.86 -36.53
CA THR H 799 -60.85 -7.26 -36.35
C THR H 799 -62.31 -7.40 -35.96
N ARG H 800 -62.81 -8.63 -36.10
CA ARG H 800 -64.13 -9.02 -35.63
C ARG H 800 -63.99 -10.34 -34.90
N LEU H 801 -64.47 -10.38 -33.66
CA LEU H 801 -64.32 -11.59 -32.85
C LEU H 801 -65.32 -12.62 -33.33
N VAL H 802 -64.82 -13.84 -33.60
CA VAL H 802 -65.65 -14.89 -34.17
C VAL H 802 -66.15 -15.80 -33.06
N LYS H 803 -65.21 -16.41 -32.33
CA LYS H 803 -65.57 -17.38 -31.31
C LYS H 803 -64.45 -17.44 -30.29
N VAL H 804 -64.84 -17.68 -29.04
CA VAL H 804 -63.91 -17.84 -27.93
C VAL H 804 -63.85 -19.32 -27.56
N GLN H 805 -62.65 -19.81 -27.29
CA GLN H 805 -62.43 -21.21 -26.95
C GLN H 805 -61.76 -21.26 -25.59
N LEU H 806 -62.43 -21.91 -24.64
CA LEU H 806 -61.98 -21.92 -23.25
C LEU H 806 -60.85 -22.93 -23.04
N SER H 807 -60.09 -22.69 -21.98
CA SER H 807 -59.04 -23.60 -21.55
C SER H 807 -58.90 -23.47 -20.04
N ASN H 808 -57.75 -23.85 -19.50
CA ASN H 808 -57.55 -23.86 -18.05
C ASN H 808 -57.24 -22.47 -17.52
N ASP H 809 -55.97 -22.04 -17.64
CA ASP H 809 -55.53 -20.73 -17.16
C ASP H 809 -55.43 -19.71 -18.27
N PHE H 810 -56.05 -19.98 -19.42
CA PHE H 810 -56.09 -19.03 -20.51
C PHE H 810 -57.28 -19.40 -21.40
N ASP H 811 -57.55 -18.54 -22.37
CA ASP H 811 -58.50 -18.85 -23.43
C ASP H 811 -58.10 -18.07 -24.67
N GLU H 812 -58.38 -18.64 -25.83
CA GLU H 812 -57.99 -18.05 -27.10
C GLU H 812 -59.21 -17.46 -27.79
N TYR H 813 -59.00 -16.32 -28.45
CA TYR H 813 -60.06 -15.55 -29.08
C TYR H 813 -59.84 -15.58 -30.59
N ILE H 814 -60.76 -16.21 -31.31
CA ILE H 814 -60.64 -16.33 -32.76
C ILE H 814 -61.10 -15.02 -33.38
N MET H 815 -60.16 -14.25 -33.90
CA MET H 815 -60.44 -12.95 -34.50
C MET H 815 -60.27 -13.04 -36.00
N ALA H 816 -61.12 -12.32 -36.73
CA ALA H 816 -61.03 -12.23 -38.18
C ALA H 816 -60.42 -10.90 -38.56
N ILE H 817 -59.30 -10.94 -39.26
CA ILE H 817 -58.60 -9.72 -39.66
C ILE H 817 -59.33 -9.13 -40.86
N GLU H 818 -59.82 -7.90 -40.71
CA GLU H 818 -60.54 -7.24 -41.80
C GLU H 818 -59.60 -6.50 -42.73
N GLN H 819 -58.64 -5.76 -42.19
CA GLN H 819 -57.66 -5.04 -42.99
C GLN H 819 -56.50 -4.66 -42.10
N THR H 820 -55.34 -4.49 -42.71
CA THR H 820 -54.14 -4.03 -42.02
C THR H 820 -54.02 -2.53 -42.21
N ILE H 821 -54.34 -1.77 -41.16
CA ILE H 821 -54.24 -0.32 -41.22
C ILE H 821 -52.78 0.08 -41.38
N LYS H 822 -51.89 -0.66 -40.72
CA LYS H 822 -50.45 -0.53 -40.90
C LYS H 822 -49.90 -1.93 -41.10
N SER H 823 -49.16 -2.13 -42.19
CA SER H 823 -48.54 -3.43 -42.45
C SER H 823 -47.49 -3.72 -41.39
N GLY H 824 -47.68 -4.82 -40.67
CA GLY H 824 -46.83 -5.21 -39.57
C GLY H 824 -45.85 -6.30 -39.93
N SER H 825 -45.50 -7.12 -38.95
CA SER H 825 -44.52 -8.17 -39.16
C SER H 825 -45.07 -9.31 -40.02
N ASP H 826 -46.39 -9.42 -40.16
CA ASP H 826 -46.97 -10.44 -41.00
C ASP H 826 -47.90 -9.81 -42.05
N GLU H 827 -48.13 -10.57 -43.11
CA GLU H 827 -48.96 -10.15 -44.24
C GLU H 827 -50.44 -10.32 -43.94
N VAL H 828 -51.27 -9.65 -44.73
CA VAL H 828 -52.71 -9.66 -44.50
C VAL H 828 -53.28 -11.04 -44.77
N GLN H 829 -52.88 -11.65 -45.89
CA GLN H 829 -53.42 -12.94 -46.34
C GLN H 829 -54.93 -12.87 -46.52
N VAL H 830 -55.38 -11.87 -47.29
CA VAL H 830 -56.78 -11.68 -47.67
C VAL H 830 -57.63 -11.30 -46.46
N GLY H 831 -57.26 -11.79 -45.29
CA GLY H 831 -58.02 -11.54 -44.07
C GLY H 831 -58.74 -12.80 -43.61
N GLN H 832 -58.13 -13.51 -42.67
CA GLN H 832 -58.63 -14.78 -42.18
C GLN H 832 -58.41 -14.84 -40.68
N GLN H 833 -58.87 -15.93 -40.07
CA GLN H 833 -58.89 -16.01 -38.61
C GLN H 833 -57.47 -16.09 -38.05
N ARG H 834 -57.22 -15.28 -37.02
CA ARG H 834 -55.94 -15.23 -36.32
C ARG H 834 -56.20 -15.32 -34.82
N THR H 835 -55.43 -16.16 -34.14
CA THR H 835 -55.71 -16.51 -32.75
C THR H 835 -55.09 -15.49 -31.80
N PHE H 836 -55.92 -14.95 -30.91
CA PHE H 836 -55.49 -14.11 -29.80
C PHE H 836 -55.77 -14.83 -28.49
N ILE H 837 -54.85 -14.71 -27.54
CA ILE H 837 -54.91 -15.45 -26.29
C ILE H 837 -54.82 -14.46 -25.13
N SER H 838 -55.66 -14.68 -24.11
CA SER H 838 -55.60 -13.85 -22.93
C SER H 838 -55.34 -14.70 -21.68
N PRO H 839 -54.46 -14.24 -20.80
CA PRO H 839 -54.26 -14.93 -19.52
C PRO H 839 -55.52 -14.90 -18.67
N ILE H 840 -55.59 -15.86 -17.73
CA ILE H 840 -56.77 -15.94 -16.87
C ILE H 840 -56.85 -14.71 -15.98
N LYS H 841 -55.70 -14.13 -15.62
CA LYS H 841 -55.74 -12.90 -14.83
C LYS H 841 -56.13 -11.69 -15.66
N CYS H 842 -56.21 -11.82 -16.99
CA CYS H 842 -56.65 -10.71 -17.82
C CYS H 842 -58.10 -10.86 -18.25
N ARG H 843 -58.72 -12.03 -18.04
CA ARG H 843 -60.15 -12.13 -18.24
C ARG H 843 -60.90 -11.35 -17.18
N GLU H 844 -60.35 -11.29 -15.96
CA GLU H 844 -60.95 -10.50 -14.89
C GLU H 844 -60.89 -9.01 -15.18
N ALA H 845 -59.84 -8.57 -15.88
CA ALA H 845 -59.67 -7.14 -16.16
C ALA H 845 -60.66 -6.66 -17.21
N LEU H 846 -60.80 -7.41 -18.31
CA LEU H 846 -61.68 -6.99 -19.41
C LEU H 846 -61.97 -8.21 -20.28
N LYS H 847 -63.23 -8.58 -20.39
CA LYS H 847 -63.67 -9.68 -21.23
C LYS H 847 -64.15 -9.12 -22.57
N LEU H 848 -63.56 -9.62 -23.66
CA LEU H 848 -64.02 -9.26 -24.99
C LEU H 848 -65.29 -10.02 -25.33
N GLU H 849 -66.15 -9.39 -26.10
CA GLU H 849 -67.45 -9.95 -26.46
C GLU H 849 -67.44 -10.39 -27.91
N GLU H 850 -68.08 -11.53 -28.17
CA GLU H 850 -68.04 -12.15 -29.49
C GLU H 850 -68.86 -11.37 -30.49
N LYS H 851 -68.62 -11.66 -31.77
CA LYS H 851 -69.40 -11.14 -32.90
C LYS H 851 -69.13 -9.65 -33.14
N LYS H 852 -68.59 -8.96 -32.13
CA LYS H 852 -68.33 -7.54 -32.23
C LYS H 852 -67.00 -7.27 -32.93
N HIS H 853 -66.90 -6.09 -33.54
CA HIS H 853 -65.66 -5.61 -34.14
C HIS H 853 -64.80 -4.94 -33.08
N TYR H 854 -63.48 -4.97 -33.32
CA TYR H 854 -62.50 -4.40 -32.41
C TYR H 854 -61.36 -3.79 -33.19
N LEU H 855 -60.85 -2.66 -32.71
CA LEU H 855 -59.67 -2.03 -33.26
C LEU H 855 -58.50 -2.31 -32.32
N MET H 856 -57.40 -2.81 -32.88
CA MET H 856 -56.30 -3.32 -32.07
C MET H 856 -54.97 -2.86 -32.67
N TRP H 857 -53.95 -2.79 -31.80
CA TRP H 857 -52.58 -2.60 -32.25
C TRP H 857 -51.64 -3.07 -31.15
N GLY H 858 -50.47 -3.54 -31.55
CA GLY H 858 -49.49 -4.08 -30.62
C GLY H 858 -48.08 -3.97 -31.17
N LEU H 859 -47.22 -4.88 -30.71
CA LEU H 859 -45.80 -4.87 -31.07
C LEU H 859 -45.40 -6.29 -31.49
N SER H 860 -44.19 -6.41 -32.05
CA SER H 860 -43.73 -7.65 -32.66
C SER H 860 -43.55 -8.76 -31.63
N SER H 861 -43.36 -8.41 -30.36
CA SER H 861 -43.20 -9.42 -29.32
C SER H 861 -44.51 -10.06 -28.91
N ASP H 862 -45.65 -9.55 -29.40
CA ASP H 862 -46.94 -10.05 -28.96
C ASP H 862 -47.27 -11.41 -29.58
N PHE H 863 -47.03 -11.59 -30.87
CA PHE H 863 -47.31 -12.87 -31.50
C PHE H 863 -46.27 -13.91 -31.09
N TRP H 864 -46.71 -15.16 -31.03
CA TRP H 864 -45.99 -16.22 -30.33
C TRP H 864 -46.00 -17.48 -31.19
N GLY H 865 -45.00 -18.33 -30.96
CA GLY H 865 -44.90 -19.55 -31.71
C GLY H 865 -44.33 -19.33 -33.11
N GLU H 866 -44.51 -20.34 -33.95
CA GLU H 866 -44.09 -20.31 -35.34
C GLU H 866 -45.30 -20.60 -36.24
N LYS H 867 -45.22 -20.13 -37.48
CA LYS H 867 -46.30 -20.38 -38.42
C LYS H 867 -46.43 -21.88 -38.69
N PRO H 868 -47.65 -22.38 -38.96
CA PRO H 868 -48.89 -21.59 -38.96
C PRO H 868 -49.56 -21.50 -37.58
N ASN H 869 -48.84 -21.84 -36.52
CA ASN H 869 -49.39 -21.84 -35.17
C ASN H 869 -49.14 -20.54 -34.42
N LEU H 870 -49.07 -19.41 -35.14
CA LEU H 870 -48.89 -18.12 -34.48
C LEU H 870 -50.10 -17.75 -33.64
N SER H 871 -49.84 -17.17 -32.46
CA SER H 871 -50.88 -16.71 -31.57
C SER H 871 -50.47 -15.36 -30.99
N TYR H 872 -51.41 -14.43 -30.93
CA TYR H 872 -51.16 -13.07 -30.46
C TYR H 872 -51.55 -12.99 -28.99
N ILE H 873 -50.57 -12.69 -28.14
CA ILE H 873 -50.80 -12.64 -26.70
C ILE H 873 -51.17 -11.21 -26.32
N ILE H 874 -52.23 -11.07 -25.54
CA ILE H 874 -52.66 -9.76 -25.05
C ILE H 874 -51.76 -9.37 -23.88
N GLY H 875 -51.06 -8.25 -24.01
CA GLY H 875 -50.13 -7.83 -22.99
C GLY H 875 -50.16 -6.35 -22.70
N LYS H 876 -49.19 -5.87 -21.93
CA LYS H 876 -49.17 -4.46 -21.55
C LYS H 876 -48.86 -3.54 -22.72
N ASP H 877 -48.33 -4.07 -23.82
CA ASP H 877 -48.10 -3.28 -25.02
C ASP H 877 -49.27 -3.33 -25.99
N THR H 878 -50.25 -4.20 -25.75
CA THR H 878 -51.41 -4.34 -26.63
C THR H 878 -52.50 -3.35 -26.24
N TRP H 879 -53.20 -2.83 -27.25
CA TRP H 879 -54.31 -1.91 -27.04
C TRP H 879 -55.50 -2.41 -27.85
N VAL H 880 -56.68 -2.43 -27.23
CA VAL H 880 -57.90 -2.92 -27.87
C VAL H 880 -59.05 -2.00 -27.48
N GLU H 881 -59.94 -1.71 -28.42
CA GLU H 881 -61.18 -1.01 -28.14
C GLU H 881 -62.24 -1.50 -29.12
N HIS H 882 -63.46 -1.64 -28.62
CA HIS H 882 -64.56 -2.15 -29.44
C HIS H 882 -64.95 -1.15 -30.53
N TRP H 883 -65.22 -1.69 -31.72
CA TRP H 883 -65.75 -0.92 -32.84
C TRP H 883 -67.18 -1.36 -33.09
N PRO H 884 -68.19 -0.56 -32.72
CA PRO H 884 -69.58 -1.02 -32.85
C PRO H 884 -69.95 -1.28 -34.30
N GLU H 885 -70.91 -2.19 -34.49
CA GLU H 885 -71.44 -2.50 -35.80
C GLU H 885 -72.26 -1.33 -36.33
N GLU H 886 -72.68 -1.44 -37.59
CA GLU H 886 -73.43 -0.37 -38.25
C GLU H 886 -74.66 0.03 -37.44
N ASP H 887 -75.51 -0.93 -37.11
CA ASP H 887 -76.74 -0.61 -36.38
C ASP H 887 -76.45 -0.08 -34.99
N GLU H 888 -75.35 -0.51 -34.36
CA GLU H 888 -74.96 0.00 -33.05
C GLU H 888 -74.45 1.44 -33.10
N CYS H 889 -73.99 1.91 -34.26
CA CYS H 889 -73.43 3.25 -34.40
C CYS H 889 -74.45 4.37 -34.25
N GLN H 890 -75.75 4.08 -34.28
CA GLN H 890 -76.74 5.16 -34.34
C GLN H 890 -76.96 5.89 -33.02
N ASP H 891 -76.47 5.37 -31.89
CA ASP H 891 -76.54 6.15 -30.66
C ASP H 891 -75.64 7.38 -30.79
N GLU H 892 -76.13 8.52 -30.27
CA GLU H 892 -75.47 9.78 -30.56
C GLU H 892 -74.02 9.80 -30.06
N GLU H 893 -73.72 9.10 -28.97
CA GLU H 893 -72.34 9.04 -28.50
C GLU H 893 -71.54 8.02 -29.30
N ASN H 894 -72.17 6.90 -29.67
CA ASN H 894 -71.48 5.95 -30.53
C ASN H 894 -71.48 6.39 -31.99
N GLN H 895 -72.31 7.38 -32.33
CA GLN H 895 -72.19 8.03 -33.64
C GLN H 895 -70.80 8.60 -33.82
N LYS H 896 -70.36 9.42 -32.86
CA LYS H 896 -69.06 10.08 -32.95
C LYS H 896 -67.92 9.06 -32.89
N GLN H 897 -68.11 7.96 -32.16
CA GLN H 897 -67.07 6.93 -32.12
C GLN H 897 -66.90 6.30 -33.49
N CYS H 898 -68.00 5.95 -34.15
CA CYS H 898 -67.91 5.42 -35.50
C CYS H 898 -67.42 6.48 -36.49
N GLN H 899 -67.62 7.76 -36.17
CA GLN H 899 -67.02 8.83 -36.97
C GLN H 899 -65.50 8.83 -36.81
N ASP H 900 -65.03 8.90 -35.57
CA ASP H 900 -63.61 9.06 -35.32
C ASP H 900 -62.83 7.79 -35.65
N LEU H 901 -63.39 6.62 -35.33
CA LEU H 901 -62.75 5.37 -35.73
C LEU H 901 -62.68 5.22 -37.24
N GLY H 902 -63.56 5.90 -37.97
CA GLY H 902 -63.49 5.87 -39.42
C GLY H 902 -62.48 6.85 -40.00
N ALA H 903 -62.25 7.97 -39.31
CA ALA H 903 -61.24 8.91 -39.77
C ALA H 903 -59.84 8.35 -39.60
N PHE H 904 -59.56 7.73 -38.45
CA PHE H 904 -58.29 7.05 -38.25
C PHE H 904 -58.06 5.99 -39.33
N THR H 905 -59.12 5.33 -39.78
CA THR H 905 -59.01 4.34 -40.85
C THR H 905 -58.45 4.94 -42.12
N GLU H 906 -59.09 5.99 -42.64
CA GLU H 906 -58.64 6.61 -43.88
C GLU H 906 -57.34 7.38 -43.70
N SER H 907 -57.10 7.94 -42.51
CA SER H 907 -55.92 8.77 -42.30
C SER H 907 -54.63 7.98 -42.46
N MET H 908 -54.51 6.86 -41.74
CA MET H 908 -53.25 6.12 -41.69
C MET H 908 -52.86 5.56 -43.05
N VAL H 909 -53.82 4.97 -43.77
CA VAL H 909 -53.50 4.26 -45.00
C VAL H 909 -52.97 5.21 -46.08
N VAL H 910 -53.58 6.38 -46.23
CA VAL H 910 -53.25 7.25 -47.36
C VAL H 910 -52.06 8.16 -47.06
N PHE H 911 -51.94 8.68 -45.84
CA PHE H 911 -50.89 9.66 -45.55
C PHE H 911 -49.72 9.09 -44.76
N GLY H 912 -49.88 7.93 -44.15
CA GLY H 912 -48.79 7.32 -43.41
C GLY H 912 -48.29 8.19 -42.25
N CYS H 913 -46.98 8.37 -42.20
CA CYS H 913 -46.33 9.10 -41.13
C CYS H 913 -45.31 10.10 -41.66
N PRO H 914 -45.17 11.24 -40.98
CA PRO H 914 -44.07 12.17 -41.28
C PRO H 914 -42.82 11.88 -40.47
N ASN H 915 -42.87 10.89 -39.59
CA ASN H 915 -41.77 10.52 -38.70
C ASN H 915 -40.60 9.92 -39.48
N LYS I 1 -13.99 -4.32 -40.70
CA LYS I 1 -13.38 -3.20 -41.38
C LYS I 1 -13.39 -3.42 -42.89
N ILE I 2 -13.41 -2.33 -43.65
CA ILE I 2 -13.42 -2.39 -45.11
C ILE I 2 -11.98 -2.46 -45.61
N VAL I 3 -11.72 -3.45 -46.46
CA VAL I 3 -10.39 -3.69 -47.01
C VAL I 3 -10.27 -2.95 -48.34
N LEU I 4 -9.10 -2.37 -48.58
CA LEU I 4 -8.79 -1.63 -49.80
C LEU I 4 -7.86 -2.49 -50.64
N ASP I 5 -8.40 -3.17 -51.65
CA ASP I 5 -7.61 -4.03 -52.52
C ASP I 5 -7.74 -3.55 -53.97
N PRO I 6 -6.64 -3.21 -54.63
CA PRO I 6 -6.75 -2.80 -56.05
C PRO I 6 -7.21 -3.92 -56.95
N SER I 7 -6.79 -5.16 -56.69
CA SER I 7 -7.26 -6.31 -57.43
C SER I 7 -8.64 -6.76 -56.97
N GLY I 8 -9.29 -5.98 -56.11
CA GLY I 8 -10.54 -6.36 -55.50
C GLY I 8 -11.74 -6.13 -56.40
N SER I 9 -12.86 -6.72 -55.98
CA SER I 9 -14.17 -6.51 -56.59
C SER I 9 -15.13 -6.29 -55.43
N MET I 10 -15.56 -5.05 -55.24
CA MET I 10 -16.25 -4.66 -54.02
C MET I 10 -17.48 -3.83 -54.35
N ASN I 11 -18.60 -4.18 -53.74
CA ASN I 11 -19.85 -3.46 -53.89
C ASN I 11 -20.13 -2.66 -52.62
N ILE I 12 -20.40 -1.36 -52.78
CA ILE I 12 -20.67 -0.47 -51.66
C ILE I 12 -22.07 0.11 -51.85
N TYR I 13 -22.97 -0.21 -50.92
CA TYR I 13 -24.34 0.26 -50.96
C TYR I 13 -24.51 1.42 -49.98
N LEU I 14 -24.94 2.58 -50.49
CA LEU I 14 -25.15 3.77 -49.69
C LEU I 14 -26.65 4.00 -49.55
N VAL I 15 -27.16 3.90 -48.31
CA VAL I 15 -28.56 4.11 -48.00
C VAL I 15 -28.67 5.31 -47.07
N LEU I 16 -29.46 6.30 -47.47
CA LEU I 16 -29.59 7.56 -46.74
C LEU I 16 -31.06 7.79 -46.41
N ASP I 17 -31.35 7.95 -45.11
CA ASP I 17 -32.70 8.23 -44.67
C ASP I 17 -33.12 9.64 -45.09
N GLY I 18 -34.41 9.81 -45.35
CA GLY I 18 -34.94 11.09 -45.77
C GLY I 18 -36.23 11.48 -45.09
N SER I 19 -36.52 10.87 -43.94
CA SER I 19 -37.75 11.17 -43.22
C SER I 19 -37.69 12.56 -42.60
N GLY I 20 -38.84 13.04 -42.15
CA GLY I 20 -38.92 14.34 -41.49
C GLY I 20 -38.24 14.38 -40.15
N SER I 21 -37.89 13.22 -39.59
CA SER I 21 -37.18 13.14 -38.31
C SER I 21 -35.73 13.57 -38.40
N ILE I 22 -35.23 13.95 -39.58
CA ILE I 22 -33.82 14.24 -39.77
C ILE I 22 -33.56 15.74 -39.64
N GLY I 23 -34.17 16.53 -40.52
CA GLY I 23 -33.86 17.94 -40.58
C GLY I 23 -32.89 18.26 -41.71
N ALA I 24 -32.99 19.49 -42.23
CA ALA I 24 -32.19 19.87 -43.39
C ALA I 24 -30.72 19.96 -43.06
N SER I 25 -30.37 20.65 -41.96
CA SER I 25 -28.96 20.81 -41.60
C SER I 25 -28.30 19.48 -41.31
N ASN I 26 -29.06 18.52 -40.76
CA ASN I 26 -28.51 17.19 -40.50
C ASN I 26 -28.38 16.39 -41.79
N PHE I 27 -29.35 16.55 -42.70
CA PHE I 27 -29.26 15.91 -44.01
C PHE I 27 -28.04 16.39 -44.79
N THR I 28 -27.71 17.68 -44.66
CA THR I 28 -26.53 18.20 -45.36
C THR I 28 -25.25 17.60 -44.80
N GLY I 29 -25.14 17.51 -43.48
CA GLY I 29 -24.00 16.82 -42.88
C GLY I 29 -23.88 15.38 -43.32
N ALA I 30 -25.03 14.71 -43.55
CA ALA I 30 -24.99 13.36 -44.07
C ALA I 30 -24.38 13.31 -45.46
N LYS I 31 -24.73 14.27 -46.32
CA LYS I 31 -24.15 14.30 -47.66
C LYS I 31 -22.67 14.67 -47.61
N LYS I 32 -22.33 15.71 -46.85
CA LYS I 32 -20.94 16.13 -46.75
C LYS I 32 -20.05 15.02 -46.21
N CYS I 33 -20.58 14.18 -45.33
CA CYS I 33 -19.82 13.02 -44.86
C CYS I 33 -19.60 12.03 -45.99
N LEU I 34 -20.62 11.78 -46.81
CA LEU I 34 -20.48 10.82 -47.90
C LEU I 34 -19.53 11.33 -48.97
N VAL I 35 -19.56 12.64 -49.25
CA VAL I 35 -18.68 13.19 -50.29
C VAL I 35 -17.22 13.01 -49.90
N ASN I 36 -16.88 13.32 -48.65
CA ASN I 36 -15.51 13.13 -48.18
C ASN I 36 -15.13 11.65 -48.18
N LEU I 37 -16.08 10.78 -47.83
CA LEU I 37 -15.78 9.35 -47.78
C LEU I 37 -15.49 8.79 -49.16
N ILE I 38 -16.38 9.07 -50.13
CA ILE I 38 -16.17 8.59 -51.50
C ILE I 38 -14.88 9.17 -52.06
N GLU I 39 -14.61 10.45 -51.80
CA GLU I 39 -13.38 11.08 -52.28
C GLU I 39 -12.15 10.39 -51.69
N LYS I 40 -12.17 10.09 -50.39
CA LYS I 40 -11.03 9.41 -49.78
C LYS I 40 -10.88 7.99 -50.29
N VAL I 41 -12.00 7.32 -50.62
CA VAL I 41 -11.92 5.98 -51.17
C VAL I 41 -11.25 6.00 -52.54
N ALA I 42 -11.70 6.91 -53.42
CA ALA I 42 -11.10 7.02 -54.74
C ALA I 42 -9.67 7.53 -54.67
N SER I 43 -9.32 8.27 -53.62
CA SER I 43 -7.95 8.75 -53.48
C SER I 43 -6.98 7.59 -53.21
N TYR I 44 -7.47 6.51 -52.60
CA TYR I 44 -6.65 5.34 -52.36
C TYR I 44 -6.49 4.49 -53.62
N GLY I 45 -7.32 4.73 -54.64
CA GLY I 45 -7.22 4.02 -55.90
C GLY I 45 -8.10 2.81 -56.08
N VAL I 46 -9.01 2.54 -55.14
CA VAL I 46 -9.93 1.42 -55.27
C VAL I 46 -11.22 1.93 -55.93
N LYS I 47 -11.69 1.21 -56.94
CA LYS I 47 -12.90 1.55 -57.67
C LYS I 47 -13.98 0.51 -57.36
N PRO I 48 -14.86 0.76 -56.40
CA PRO I 48 -15.94 -0.19 -56.11
C PRO I 48 -17.17 0.08 -56.97
N ARG I 49 -18.15 -0.81 -56.84
CA ARG I 49 -19.44 -0.66 -57.49
C ARG I 49 -20.38 0.03 -56.50
N TYR I 50 -20.71 1.29 -56.77
CA TYR I 50 -21.50 2.08 -55.85
C TYR I 50 -22.99 1.93 -56.13
N GLY I 51 -23.76 1.76 -55.06
CA GLY I 51 -25.20 1.81 -55.13
C GLY I 51 -25.74 2.91 -54.24
N LEU I 52 -26.58 3.79 -54.79
CA LEU I 52 -27.06 4.96 -54.09
C LEU I 52 -28.58 4.92 -54.05
N VAL I 53 -29.14 4.88 -52.83
CA VAL I 53 -30.58 4.79 -52.63
C VAL I 53 -30.97 5.72 -51.50
N THR I 54 -31.97 6.57 -51.74
CA THR I 54 -32.60 7.38 -50.72
C THR I 54 -34.03 6.90 -50.50
N TYR I 55 -34.43 6.78 -49.23
CA TYR I 55 -35.72 6.22 -48.90
C TYR I 55 -36.38 7.05 -47.80
N ALA I 56 -37.71 7.05 -47.81
CA ALA I 56 -38.51 7.59 -46.73
C ALA I 56 -39.70 6.68 -46.52
N THR I 57 -40.86 7.04 -47.09
CA THR I 57 -41.95 6.08 -47.17
C THR I 57 -41.64 5.02 -48.22
N TYR I 58 -41.09 5.42 -49.37
CA TYR I 58 -40.73 4.51 -50.44
C TYR I 58 -39.29 4.77 -50.86
N PRO I 59 -38.49 3.72 -51.04
CA PRO I 59 -37.11 3.92 -51.51
C PRO I 59 -37.07 4.48 -52.93
N LYS I 60 -36.05 5.28 -53.18
CA LYS I 60 -35.81 5.86 -54.50
C LYS I 60 -34.37 5.54 -54.91
N ILE I 61 -34.22 4.78 -55.99
CA ILE I 61 -32.92 4.29 -56.41
C ILE I 61 -32.28 5.29 -57.38
N TRP I 62 -31.05 5.70 -57.08
CA TRP I 62 -30.30 6.65 -57.90
C TRP I 62 -29.22 5.98 -58.75
N VAL I 63 -28.43 5.08 -58.16
CA VAL I 63 -27.33 4.42 -58.84
C VAL I 63 -27.40 2.94 -58.55
N LYS I 64 -27.31 2.12 -59.60
CA LYS I 64 -27.31 0.68 -59.49
C LYS I 64 -25.89 0.15 -59.68
N VAL I 65 -25.53 -0.85 -58.88
CA VAL I 65 -24.18 -1.40 -58.95
C VAL I 65 -23.93 -2.14 -60.25
N SER I 66 -24.99 -2.52 -60.97
CA SER I 66 -24.81 -3.19 -62.25
C SER I 66 -24.30 -2.24 -63.32
N GLU I 67 -24.61 -0.95 -63.20
CA GLU I 67 -24.18 0.03 -64.19
C GLU I 67 -22.67 0.24 -64.11
N ALA I 68 -22.06 0.47 -65.28
CA ALA I 68 -20.64 0.81 -65.31
C ALA I 68 -20.38 2.18 -64.72
N ASP I 69 -21.37 3.07 -64.77
CA ASP I 69 -21.23 4.39 -64.16
C ASP I 69 -21.11 4.32 -62.64
N SER I 70 -21.49 3.19 -62.04
CA SER I 70 -21.38 3.05 -60.60
C SER I 70 -19.93 3.05 -60.11
N SER I 71 -18.97 2.79 -61.00
CA SER I 71 -17.57 2.84 -60.65
C SER I 71 -16.93 4.20 -60.89
N ASN I 72 -17.73 5.20 -61.26
CA ASN I 72 -17.26 6.54 -61.52
C ASN I 72 -17.50 7.39 -60.27
N ALA I 73 -16.42 7.75 -59.58
CA ALA I 73 -16.55 8.50 -58.34
C ALA I 73 -17.16 9.87 -58.58
N ASP I 74 -16.67 10.59 -59.60
CA ASP I 74 -17.20 11.92 -59.88
C ASP I 74 -18.65 11.87 -60.33
N TRP I 75 -19.02 10.84 -61.12
CA TRP I 75 -20.40 10.71 -61.56
C TRP I 75 -21.33 10.40 -60.40
N VAL I 76 -20.89 9.50 -59.50
CA VAL I 76 -21.69 9.20 -58.31
C VAL I 76 -21.76 10.43 -57.40
N THR I 77 -20.65 11.17 -57.28
CA THR I 77 -20.67 12.42 -56.52
C THR I 77 -21.68 13.39 -57.11
N LYS I 78 -21.81 13.42 -58.44
CA LYS I 78 -22.80 14.26 -59.08
C LYS I 78 -24.22 13.81 -58.74
N GLN I 79 -24.46 12.49 -58.75
CA GLN I 79 -25.76 11.98 -58.36
C GLN I 79 -26.05 12.29 -56.90
N LEU I 80 -25.04 12.15 -56.03
CA LEU I 80 -25.23 12.45 -54.61
C LEU I 80 -25.48 13.94 -54.40
N ASN I 81 -24.74 14.79 -55.11
CA ASN I 81 -24.94 16.23 -54.97
C ASN I 81 -26.33 16.65 -55.43
N GLU I 82 -26.87 15.97 -56.44
CA GLU I 82 -28.20 16.30 -56.95
C GLU I 82 -29.30 15.97 -55.93
N ILE I 83 -29.07 14.99 -55.07
CA ILE I 83 -30.09 14.56 -54.13
C ILE I 83 -30.48 15.70 -53.22
N ASN I 84 -31.79 15.91 -53.07
CA ASN I 84 -32.34 16.97 -52.24
C ASN I 84 -33.18 16.37 -51.11
N TYR I 85 -33.15 17.04 -49.96
CA TYR I 85 -33.95 16.59 -48.82
C TYR I 85 -35.45 16.68 -49.14
N GLU I 86 -35.86 17.77 -49.78
CA GLU I 86 -37.25 18.02 -50.11
C GLU I 86 -37.67 17.42 -51.45
N ASP I 87 -36.94 16.40 -51.92
CA ASP I 87 -37.33 15.74 -53.15
C ASP I 87 -38.64 14.98 -52.98
N HIS I 88 -38.75 14.18 -51.92
CA HIS I 88 -39.99 13.52 -51.56
C HIS I 88 -40.36 13.89 -50.12
N LYS I 89 -40.42 15.20 -49.85
CA LYS I 89 -40.68 15.69 -48.50
C LYS I 89 -42.07 15.29 -48.01
N LEU I 90 -43.05 15.23 -48.91
CA LEU I 90 -44.41 14.91 -48.50
C LEU I 90 -44.61 13.44 -48.18
N LYS I 91 -43.66 12.58 -48.55
CA LYS I 91 -43.72 11.15 -48.24
C LYS I 91 -42.68 10.77 -47.19
N SER I 92 -42.51 11.63 -46.19
CA SER I 92 -41.39 11.52 -45.26
C SER I 92 -41.61 10.43 -44.21
N GLY I 93 -41.94 9.21 -44.65
CA GLY I 93 -42.06 8.08 -43.75
C GLY I 93 -40.71 7.46 -43.42
N THR I 94 -40.77 6.33 -42.73
CA THR I 94 -39.57 5.55 -42.41
C THR I 94 -39.90 4.06 -42.58
N ASN I 95 -39.68 3.55 -43.79
CA ASN I 95 -39.94 2.15 -44.15
C ASN I 95 -38.60 1.53 -44.54
N THR I 96 -37.80 1.20 -43.52
CA THR I 96 -36.45 0.72 -43.77
C THR I 96 -36.44 -0.68 -44.40
N LYS I 97 -37.47 -1.48 -44.12
CA LYS I 97 -37.49 -2.86 -44.62
C LYS I 97 -37.49 -2.89 -46.15
N LYS I 98 -38.23 -1.97 -46.78
CA LYS I 98 -38.25 -1.94 -48.24
C LYS I 98 -36.92 -1.48 -48.82
N ALA I 99 -36.22 -0.58 -48.12
CA ALA I 99 -34.93 -0.11 -48.61
C ALA I 99 -33.90 -1.22 -48.62
N LEU I 100 -33.89 -2.06 -47.57
CA LEU I 100 -32.99 -3.21 -47.56
C LEU I 100 -33.38 -4.24 -48.62
N GLN I 101 -34.68 -4.37 -48.89
CA GLN I 101 -35.13 -5.29 -49.94
C GLN I 101 -34.65 -4.85 -51.31
N ALA I 102 -34.52 -3.54 -51.54
CA ALA I 102 -33.97 -3.06 -52.80
C ALA I 102 -32.49 -3.40 -52.92
N VAL I 103 -31.73 -3.25 -51.83
CA VAL I 103 -30.32 -3.64 -51.85
C VAL I 103 -30.19 -5.15 -52.01
N TYR I 104 -31.04 -5.92 -51.32
CA TYR I 104 -31.03 -7.36 -51.47
C TYR I 104 -31.30 -7.78 -52.92
N SER I 105 -32.17 -7.04 -53.61
CA SER I 105 -32.44 -7.34 -55.01
C SER I 105 -31.25 -7.01 -55.92
N MET I 106 -30.47 -5.99 -55.56
CA MET I 106 -29.34 -5.59 -56.41
C MET I 106 -28.26 -6.66 -56.43
N MET I 107 -27.84 -7.12 -55.26
CA MET I 107 -26.85 -8.19 -55.19
C MET I 107 -27.43 -9.52 -55.66
N SER I 108 -28.74 -9.65 -55.72
CA SER I 108 -29.37 -10.90 -56.14
C SER I 108 -29.14 -11.13 -57.63
N TRP I 109 -28.73 -12.33 -57.96
CA TRP I 109 -28.53 -12.76 -59.34
C TRP I 109 -29.84 -13.29 -59.92
N PRO I 110 -30.02 -13.20 -61.23
CA PRO I 110 -31.20 -13.81 -61.85
C PRO I 110 -31.12 -15.32 -61.83
N ASP I 111 -32.30 -15.95 -61.75
CA ASP I 111 -32.47 -17.41 -61.72
C ASP I 111 -31.66 -17.96 -60.53
N ASP I 112 -31.00 -19.10 -60.69
CA ASP I 112 -30.30 -19.79 -59.60
C ASP I 112 -28.79 -19.81 -59.78
N VAL I 113 -28.26 -19.12 -60.78
CA VAL I 113 -26.85 -19.20 -61.13
C VAL I 113 -26.20 -17.85 -60.80
N PRO I 114 -25.33 -17.79 -59.80
CA PRO I 114 -24.59 -16.55 -59.54
C PRO I 114 -23.48 -16.37 -60.56
N PRO I 115 -23.24 -15.14 -61.00
CA PRO I 115 -22.09 -14.90 -61.89
C PRO I 115 -20.79 -15.23 -61.16
N GLU I 116 -19.79 -15.66 -61.92
CA GLU I 116 -18.52 -16.04 -61.33
C GLU I 116 -17.90 -14.83 -60.64
N GLY I 117 -17.29 -15.08 -59.48
CA GLY I 117 -16.82 -14.00 -58.64
C GLY I 117 -17.79 -13.53 -57.58
N TRP I 118 -18.88 -14.26 -57.35
CA TRP I 118 -19.84 -13.86 -56.33
C TRP I 118 -19.24 -13.92 -54.93
N ASN I 119 -18.53 -15.01 -54.62
CA ASN I 119 -17.81 -15.10 -53.35
C ASN I 119 -16.50 -14.33 -53.41
N ARG I 120 -15.93 -14.19 -54.60
CA ARG I 120 -14.77 -13.34 -54.83
C ARG I 120 -15.08 -11.88 -54.53
N THR I 121 -16.35 -11.48 -54.57
CA THR I 121 -16.76 -10.10 -54.39
C THR I 121 -16.91 -9.75 -52.92
N ARG I 122 -16.46 -8.55 -52.57
CA ARG I 122 -16.71 -7.97 -51.25
C ARG I 122 -17.97 -7.12 -51.30
N HIS I 123 -18.72 -7.13 -50.20
CA HIS I 123 -19.95 -6.35 -50.09
C HIS I 123 -19.90 -5.50 -48.83
N VAL I 124 -20.21 -4.21 -48.97
CA VAL I 124 -20.21 -3.26 -47.86
C VAL I 124 -21.49 -2.44 -47.93
N ILE I 125 -22.17 -2.32 -46.79
CA ILE I 125 -23.42 -1.57 -46.68
C ILE I 125 -23.23 -0.45 -45.67
N ILE I 126 -23.61 0.77 -46.07
CA ILE I 126 -23.52 1.95 -45.21
C ILE I 126 -24.91 2.53 -45.07
N LEU I 127 -25.41 2.58 -43.84
CA LEU I 127 -26.76 3.03 -43.55
C LEU I 127 -26.73 4.26 -42.63
N MET I 128 -27.55 5.25 -42.96
CA MET I 128 -27.74 6.43 -42.12
C MET I 128 -29.24 6.59 -41.89
N THR I 129 -29.64 6.58 -40.62
CA THR I 129 -31.05 6.67 -40.27
C THR I 129 -31.17 7.12 -38.83
N ASP I 130 -32.41 7.40 -38.42
CA ASP I 130 -32.70 7.79 -37.05
C ASP I 130 -33.01 6.61 -36.14
N GLY I 131 -32.97 5.39 -36.66
CA GLY I 131 -33.26 4.22 -35.85
C GLY I 131 -34.72 4.06 -35.49
N LEU I 132 -35.63 4.68 -36.23
CA LEU I 132 -37.05 4.70 -35.92
C LEU I 132 -37.83 4.16 -37.11
N HIS I 133 -37.68 2.88 -37.40
CA HIS I 133 -38.49 2.24 -38.43
C HIS I 133 -39.91 2.10 -37.93
N ASN I 134 -40.83 2.89 -38.50
CA ASN I 134 -42.20 2.96 -38.02
C ASN I 134 -43.21 2.26 -38.90
N MET I 135 -42.91 2.12 -40.19
CA MET I 135 -43.80 1.46 -41.13
C MET I 135 -43.17 0.18 -41.65
N GLY I 136 -44.01 -0.77 -42.04
CA GLY I 136 -43.52 -2.06 -42.52
C GLY I 136 -43.11 -2.98 -41.38
N GLY I 137 -42.66 -4.16 -41.77
CA GLY I 137 -42.27 -5.19 -40.82
C GLY I 137 -40.89 -4.96 -40.24
N ASP I 138 -40.32 -6.02 -39.69
CA ASP I 138 -39.00 -5.94 -39.08
C ASP I 138 -37.92 -5.82 -40.14
N PRO I 139 -37.01 -4.85 -40.02
CA PRO I 139 -35.91 -4.75 -40.99
C PRO I 139 -34.76 -5.71 -40.72
N ILE I 140 -34.61 -6.22 -39.49
CA ILE I 140 -33.46 -7.06 -39.16
C ILE I 140 -33.50 -8.38 -39.92
N THR I 141 -34.69 -8.90 -40.19
CA THR I 141 -34.79 -10.20 -40.87
C THR I 141 -34.24 -10.12 -42.30
N VAL I 142 -34.26 -8.94 -42.91
CA VAL I 142 -33.68 -8.79 -44.24
C VAL I 142 -32.15 -8.84 -44.17
N ILE I 143 -31.58 -8.39 -43.05
CA ILE I 143 -30.13 -8.49 -42.86
C ILE I 143 -29.70 -9.95 -42.88
N ASP I 144 -30.48 -10.82 -42.22
CA ASP I 144 -30.18 -12.24 -42.24
C ASP I 144 -30.26 -12.80 -43.65
N GLU I 145 -31.22 -12.31 -44.45
CA GLU I 145 -31.30 -12.74 -45.84
C GLU I 145 -30.11 -12.25 -46.65
N ILE I 146 -29.58 -11.06 -46.32
CA ILE I 146 -28.35 -10.59 -46.97
C ILE I 146 -27.17 -11.44 -46.51
N ARG I 147 -27.09 -11.70 -45.20
CA ARG I 147 -26.13 -12.66 -44.69
C ARG I 147 -26.31 -14.02 -45.36
N ASP I 148 -27.56 -14.39 -45.62
CA ASP I 148 -27.85 -15.64 -46.33
C ASP I 148 -27.35 -15.59 -47.77
N LEU I 149 -27.71 -14.53 -48.49
CA LEU I 149 -27.37 -14.45 -49.91
C LEU I 149 -25.86 -14.51 -50.12
N LEU I 150 -25.07 -13.95 -49.21
CA LEU I 150 -23.63 -13.92 -49.31
C LEU I 150 -22.95 -15.17 -48.78
N TYR I 151 -23.71 -16.19 -48.36
CA TYR I 151 -23.15 -17.47 -47.91
C TYR I 151 -22.26 -17.27 -46.69
N ILE I 152 -22.76 -16.52 -45.70
CA ILE I 152 -22.01 -16.17 -44.51
C ILE I 152 -22.50 -17.02 -43.35
N GLY I 153 -21.57 -17.57 -42.58
CA GLY I 153 -21.94 -18.47 -41.50
C GLY I 153 -22.39 -19.84 -41.96
N LYS I 154 -22.15 -20.18 -43.23
CA LYS I 154 -22.58 -21.44 -43.81
C LYS I 154 -21.48 -22.50 -43.80
N ASP I 155 -20.27 -22.15 -43.35
CA ASP I 155 -19.14 -23.08 -43.40
C ASP I 155 -18.21 -22.81 -42.23
N ARG I 156 -17.83 -23.88 -41.53
CA ARG I 156 -16.84 -23.74 -40.46
C ARG I 156 -15.46 -23.44 -41.02
N LYS I 157 -15.13 -24.05 -42.16
CA LYS I 157 -13.83 -23.81 -42.77
C LYS I 157 -13.73 -22.41 -43.38
N ASN I 158 -14.85 -21.87 -43.86
CA ASN I 158 -14.86 -20.57 -44.53
C ASN I 158 -16.05 -19.76 -44.05
N PRO I 159 -15.86 -18.91 -43.04
CA PRO I 159 -17.00 -18.17 -42.47
C PRO I 159 -17.57 -17.12 -43.40
N ARG I 160 -16.71 -16.42 -44.15
CA ARG I 160 -17.12 -15.33 -45.03
C ARG I 160 -17.74 -14.16 -44.27
N GLU I 161 -17.34 -13.99 -43.02
CA GLU I 161 -17.85 -12.85 -42.24
C GLU I 161 -17.28 -11.54 -42.74
N ASP I 162 -16.07 -11.56 -43.31
CA ASP I 162 -15.39 -10.36 -43.78
C ASP I 162 -15.79 -9.96 -45.19
N TYR I 163 -16.69 -10.70 -45.83
CA TYR I 163 -17.22 -10.31 -47.14
C TYR I 163 -18.45 -9.43 -47.01
N LEU I 164 -18.89 -9.16 -45.79
CA LEU I 164 -20.00 -8.24 -45.53
C LEU I 164 -19.68 -7.44 -44.27
N ASP I 165 -19.72 -6.12 -44.40
CA ASP I 165 -19.50 -5.22 -43.28
C ASP I 165 -20.61 -4.19 -43.28
N VAL I 166 -21.22 -3.98 -42.13
CA VAL I 166 -22.40 -3.13 -42.00
C VAL I 166 -22.06 -1.99 -41.07
N TYR I 167 -22.12 -0.76 -41.58
CA TYR I 167 -21.91 0.44 -40.79
C TYR I 167 -23.22 1.22 -40.73
N VAL I 168 -23.53 1.74 -39.55
CA VAL I 168 -24.77 2.50 -39.33
C VAL I 168 -24.39 3.85 -38.74
N PHE I 169 -24.95 4.91 -39.32
CA PHE I 169 -24.70 6.27 -38.85
C PHE I 169 -25.96 6.78 -38.16
N GLY I 170 -25.83 7.08 -36.87
CA GLY I 170 -26.93 7.68 -36.12
C GLY I 170 -27.05 9.16 -36.43
N VAL I 171 -28.07 9.52 -37.21
CA VAL I 171 -28.24 10.89 -37.66
C VAL I 171 -29.52 11.45 -37.04
N GLY I 172 -29.67 12.78 -37.16
CA GLY I 172 -30.83 13.46 -36.64
C GLY I 172 -30.70 13.76 -35.16
N PRO I 173 -31.48 14.75 -34.68
CA PRO I 173 -31.42 15.07 -33.25
C PRO I 173 -31.90 13.94 -32.36
N LEU I 174 -33.01 13.30 -32.72
CA LEU I 174 -33.53 12.17 -31.98
C LEU I 174 -33.16 10.89 -32.70
N VAL I 175 -32.71 9.90 -31.94
CA VAL I 175 -32.14 8.68 -32.50
C VAL I 175 -32.36 7.54 -31.51
N ASN I 176 -32.48 6.33 -32.04
CA ASN I 176 -32.69 5.13 -31.24
C ASN I 176 -31.45 4.26 -31.33
N GLN I 177 -30.79 4.06 -30.18
CA GLN I 177 -29.58 3.24 -30.15
C GLN I 177 -29.90 1.77 -30.30
N VAL I 178 -31.03 1.32 -29.76
CA VAL I 178 -31.32 -0.11 -29.67
C VAL I 178 -31.41 -0.72 -31.07
N ASN I 179 -32.25 -0.14 -31.93
CA ASN I 179 -32.40 -0.66 -33.28
C ASN I 179 -31.12 -0.49 -34.09
N ILE I 180 -30.37 0.58 -33.85
CA ILE I 180 -29.13 0.81 -34.57
C ILE I 180 -28.08 -0.24 -34.21
N ASN I 181 -27.95 -0.56 -32.92
CA ASN I 181 -26.98 -1.57 -32.50
C ASN I 181 -27.32 -2.94 -33.08
N ALA I 182 -28.59 -3.23 -33.31
CA ALA I 182 -28.98 -4.51 -33.88
C ALA I 182 -28.64 -4.59 -35.36
N LEU I 183 -28.81 -3.49 -36.09
CA LEU I 183 -28.55 -3.50 -37.54
C LEU I 183 -27.07 -3.67 -37.83
N ALA I 184 -26.20 -3.00 -37.10
CA ALA I 184 -24.78 -2.99 -37.41
C ALA I 184 -24.16 -4.36 -37.19
N SER I 185 -23.10 -4.63 -37.93
CA SER I 185 -22.33 -5.87 -37.75
C SER I 185 -21.59 -5.82 -36.43
N LYS I 186 -21.33 -7.01 -35.88
CA LYS I 186 -20.70 -7.15 -34.57
C LYS I 186 -19.42 -7.95 -34.76
N LYS I 187 -18.28 -7.28 -34.61
CA LYS I 187 -16.97 -7.90 -34.76
C LYS I 187 -16.07 -7.42 -33.62
N ASP I 188 -15.10 -8.27 -33.28
CA ASP I 188 -14.25 -8.01 -32.12
C ASP I 188 -13.43 -6.75 -32.31
N ASN I 189 -13.61 -5.78 -31.41
CA ASN I 189 -12.81 -4.56 -31.36
C ASN I 189 -12.85 -3.80 -32.69
N GLU I 190 -14.05 -3.64 -33.23
CA GLU I 190 -14.26 -2.88 -34.46
C GLU I 190 -15.54 -2.06 -34.32
N GLN I 191 -15.42 -0.75 -34.55
CA GLN I 191 -16.55 0.15 -34.41
C GLN I 191 -17.38 0.17 -35.69
N HIS I 192 -18.68 -0.08 -35.55
CA HIS I 192 -19.61 -0.03 -36.66
C HIS I 192 -20.78 0.92 -36.42
N VAL I 193 -20.83 1.59 -35.28
CA VAL I 193 -21.91 2.51 -34.92
C VAL I 193 -21.31 3.89 -34.72
N PHE I 194 -21.91 4.90 -35.36
CA PHE I 194 -21.43 6.26 -35.29
C PHE I 194 -22.61 7.19 -35.06
N LYS I 195 -22.36 8.28 -34.33
CA LYS I 195 -23.40 9.19 -33.87
C LYS I 195 -23.38 10.51 -34.65
N VAL I 196 -24.18 11.46 -34.18
CA VAL I 196 -24.30 12.76 -34.85
C VAL I 196 -23.03 13.58 -34.68
N LYS I 197 -22.44 13.53 -33.48
CA LYS I 197 -21.22 14.29 -33.22
C LYS I 197 -20.05 13.82 -34.08
N ASP I 198 -20.14 12.60 -34.63
CA ASP I 198 -19.09 12.07 -35.48
C ASP I 198 -18.98 12.81 -36.80
N MET I 199 -19.97 13.64 -37.17
CA MET I 199 -19.88 14.40 -38.41
C MET I 199 -18.73 15.38 -38.39
N GLU I 200 -18.27 15.79 -37.21
CA GLU I 200 -17.01 16.51 -37.09
C GLU I 200 -15.88 15.51 -36.88
N ASN I 201 -14.69 15.88 -37.34
CA ASN I 201 -13.51 15.01 -37.32
C ASN I 201 -13.77 13.75 -38.15
N LEU I 202 -13.94 13.97 -39.46
CA LEU I 202 -14.29 12.88 -40.36
C LEU I 202 -13.13 11.91 -40.55
N GLU I 203 -11.90 12.43 -40.60
CA GLU I 203 -10.74 11.58 -40.83
C GLU I 203 -10.61 10.51 -39.75
N ASP I 204 -10.95 10.86 -38.51
CA ASP I 204 -10.90 9.87 -37.43
C ASP I 204 -11.99 8.81 -37.60
N VAL I 205 -13.16 9.21 -38.09
CA VAL I 205 -14.23 8.25 -38.36
C VAL I 205 -13.76 7.20 -39.35
N PHE I 206 -13.17 7.65 -40.46
CA PHE I 206 -12.70 6.73 -41.49
C PHE I 206 -11.52 5.91 -40.99
N TYR I 207 -10.76 6.43 -40.03
CA TYR I 207 -9.62 5.69 -39.49
C TYR I 207 -10.06 4.41 -38.78
N GLN I 208 -11.26 4.40 -38.22
CA GLN I 208 -11.75 3.20 -37.52
C GLN I 208 -12.15 2.10 -38.51
N MET I 209 -12.75 2.49 -39.65
CA MET I 209 -13.30 1.52 -40.57
C MET I 209 -12.35 1.10 -41.68
N ILE I 210 -11.42 1.97 -42.08
CA ILE I 210 -10.55 1.68 -43.23
C ILE I 210 -9.47 0.70 -42.81
N ASP I 211 -9.25 -0.32 -43.65
CA ASP I 211 -8.13 -1.25 -43.53
C ASP I 211 -7.29 -1.13 -44.78
N GLU I 212 -6.04 -0.71 -44.62
CA GLU I 212 -5.12 -0.49 -45.74
C GLU I 212 -4.33 -1.75 -46.08
N SER I 213 -5.04 -2.88 -46.21
CA SER I 213 -4.38 -4.17 -46.38
C SER I 213 -3.47 -4.19 -47.60
N GLN I 214 -4.00 -3.80 -48.76
CA GLN I 214 -3.25 -3.85 -50.01
C GLN I 214 -2.72 -2.49 -50.43
N SER I 215 -2.70 -1.51 -49.54
CA SER I 215 -2.26 -0.16 -49.87
C SER I 215 -1.31 0.39 -48.80
N LEU I 216 -0.49 -0.48 -48.21
CA LEU I 216 0.41 -0.03 -47.14
C LEU I 216 1.55 0.80 -47.71
N SER I 217 2.10 0.39 -48.85
CA SER I 217 3.33 0.97 -49.38
C SER I 217 3.08 2.06 -50.42
N LEU I 218 1.81 2.42 -50.66
CA LEU I 218 1.50 3.43 -51.67
C LEU I 218 2.02 4.79 -51.23
N CYS I 219 2.52 5.56 -52.21
CA CYS I 219 3.14 6.84 -51.93
C CYS I 219 2.09 7.92 -51.69
N GLY I 220 2.50 8.96 -50.98
CA GLY I 220 1.67 10.14 -50.81
C GLY I 220 0.31 9.89 -50.21
N MET I 221 0.24 8.98 -49.23
CA MET I 221 -1.02 8.67 -48.55
C MET I 221 -0.85 9.03 -47.09
N VAL I 222 -1.72 9.90 -46.59
CA VAL I 222 -1.57 10.53 -45.29
C VAL I 222 -2.79 10.24 -44.43
N TRP I 223 -2.56 10.02 -43.14
CA TRP I 223 -3.64 9.97 -42.15
C TRP I 223 -3.74 11.33 -41.48
N GLU I 224 -4.90 11.98 -41.62
CA GLU I 224 -5.11 13.33 -41.12
C GLU I 224 -5.97 13.36 -39.86
N HIS I 225 -6.15 12.22 -39.19
CA HIS I 225 -7.01 12.17 -38.02
C HIS I 225 -6.43 12.98 -36.87
N ARG I 226 -7.32 13.49 -36.02
CA ARG I 226 -6.93 14.46 -35.00
C ARG I 226 -5.91 13.87 -34.03
N LYS I 227 -6.06 12.59 -33.68
CA LYS I 227 -5.14 11.97 -32.73
C LYS I 227 -3.74 11.80 -33.31
N GLY I 228 -3.60 11.84 -34.64
CA GLY I 228 -2.30 11.62 -35.25
C GLY I 228 -1.27 12.64 -34.83
N THR I 229 -0.01 12.20 -34.80
CA THR I 229 1.11 13.03 -34.43
C THR I 229 1.73 13.65 -35.69
N ASP I 230 2.94 14.16 -35.59
CA ASP I 230 3.59 14.82 -36.73
C ASP I 230 3.81 13.85 -37.88
N TYR I 231 4.24 12.62 -37.58
CA TYR I 231 4.59 11.68 -38.64
C TYR I 231 3.40 10.91 -39.18
N HIS I 232 2.27 10.89 -38.46
CA HIS I 232 1.03 10.43 -39.08
C HIS I 232 0.63 11.37 -40.21
N LYS I 233 0.90 12.66 -40.07
CA LYS I 233 0.60 13.65 -41.10
C LYS I 233 1.71 13.79 -42.13
N GLN I 234 2.94 13.44 -41.78
CA GLN I 234 4.08 13.46 -42.72
C GLN I 234 4.84 12.16 -42.61
N PRO I 235 4.41 11.12 -43.35
CA PRO I 235 5.12 9.84 -43.27
C PRO I 235 6.49 9.86 -43.91
N TRP I 236 6.71 10.70 -44.92
CA TRP I 236 7.98 10.75 -45.65
C TRP I 236 9.06 11.57 -44.94
N GLN I 237 8.72 12.36 -43.93
CA GLN I 237 9.67 13.27 -43.32
C GLN I 237 10.81 12.49 -42.66
N ALA I 238 12.05 12.84 -43.02
CA ALA I 238 13.24 12.22 -42.47
C ALA I 238 14.18 13.28 -41.91
N LYS I 239 14.72 13.03 -40.72
CA LYS I 239 15.64 13.93 -40.05
C LYS I 239 17.04 13.33 -40.05
N ILE I 240 18.01 14.07 -40.58
CA ILE I 240 19.39 13.61 -40.73
C ILE I 240 20.30 14.52 -39.92
N SER I 241 21.11 13.91 -39.05
CA SER I 241 22.05 14.64 -38.21
C SER I 241 23.47 14.17 -38.49
N VAL I 242 24.38 15.11 -38.65
CA VAL I 242 25.81 14.84 -38.83
C VAL I 242 26.59 15.56 -37.74
N ILE I 243 27.30 14.79 -36.92
CA ILE I 243 28.15 15.34 -35.86
C ILE I 243 29.58 14.88 -36.12
N ARG I 244 30.48 15.84 -36.32
CA ARG I 244 31.88 15.56 -36.63
C ARG I 244 32.72 16.69 -36.05
N PRO I 245 33.91 16.38 -35.50
CA PRO I 245 34.78 17.44 -34.98
C PRO I 245 35.05 18.52 -36.03
N SER I 246 35.34 19.72 -35.53
CA SER I 246 35.55 20.93 -36.33
C SER I 246 34.26 21.37 -37.00
N LYS I 247 33.61 20.47 -37.76
CA LYS I 247 32.33 20.81 -38.37
C LYS I 247 31.25 20.99 -37.31
N GLY I 248 31.27 20.17 -36.27
CA GLY I 248 30.28 20.24 -35.21
C GLY I 248 28.98 19.56 -35.59
N HIS I 249 27.98 19.78 -34.75
CA HIS I 249 26.67 19.19 -34.97
C HIS I 249 25.90 19.96 -36.03
N GLU I 250 25.20 19.22 -36.90
CA GLU I 250 24.38 19.84 -37.93
C GLU I 250 23.24 18.89 -38.28
N SER I 251 22.07 19.46 -38.55
CA SER I 251 20.88 18.69 -38.86
C SER I 251 20.17 19.29 -40.06
N CYS I 252 19.72 18.42 -40.97
CA CYS I 252 18.94 18.82 -42.12
C CYS I 252 17.77 17.85 -42.28
N MET I 253 16.88 18.13 -43.23
CA MET I 253 15.69 17.34 -43.46
C MET I 253 15.84 16.48 -44.72
N GLY I 254 15.03 15.43 -44.78
CA GLY I 254 15.00 14.54 -45.93
C GLY I 254 13.62 13.98 -46.14
N ALA I 255 13.43 13.37 -47.31
CA ALA I 255 12.15 12.80 -47.71
C ALA I 255 12.36 11.38 -48.21
N VAL I 256 11.57 10.44 -47.69
CA VAL I 256 11.68 9.05 -48.11
C VAL I 256 11.21 8.91 -49.55
N VAL I 257 12.01 8.23 -50.37
CA VAL I 257 11.67 8.02 -51.77
C VAL I 257 11.65 6.56 -52.17
N SER I 258 12.31 5.66 -51.44
CA SER I 258 12.34 4.25 -51.80
C SER I 258 12.67 3.43 -50.56
N GLU I 259 12.87 2.12 -50.76
CA GLU I 259 13.11 1.22 -49.63
C GLU I 259 14.42 1.53 -48.93
N TYR I 260 15.47 1.83 -49.71
CA TYR I 260 16.80 2.08 -49.16
C TYR I 260 17.22 3.54 -49.23
N PHE I 261 16.48 4.40 -49.94
CA PHE I 261 16.98 5.71 -50.33
C PHE I 261 16.14 6.82 -49.70
N VAL I 262 16.83 7.88 -49.27
CA VAL I 262 16.20 9.10 -48.79
C VAL I 262 16.78 10.27 -49.58
N LEU I 263 15.91 11.18 -50.02
CA LEU I 263 16.31 12.33 -50.82
C LEU I 263 16.47 13.56 -49.93
N THR I 264 17.58 14.28 -50.13
CA THR I 264 17.86 15.48 -49.34
C THR I 264 18.84 16.36 -50.12
N ALA I 265 19.15 17.52 -49.54
CA ALA I 265 20.04 18.46 -50.19
C ALA I 265 21.48 17.98 -50.12
N ALA I 266 22.32 18.57 -50.98
CA ALA I 266 23.74 18.21 -51.04
C ALA I 266 24.62 19.12 -50.19
N HIS I 267 24.31 20.41 -50.13
CA HIS I 267 25.17 21.35 -49.42
C HIS I 267 25.13 21.16 -47.90
N CYS I 268 24.18 20.38 -47.38
CA CYS I 268 24.18 20.07 -45.95
C CYS I 268 25.37 19.19 -45.57
N PHE I 269 25.70 18.22 -46.42
CA PHE I 269 26.76 17.25 -46.15
C PHE I 269 27.94 17.49 -47.08
N THR I 270 28.96 16.63 -46.92
CA THR I 270 30.10 16.61 -47.82
C THR I 270 30.66 15.19 -47.87
N VAL I 271 31.55 14.96 -48.84
CA VAL I 271 32.20 13.66 -48.95
C VAL I 271 33.09 13.38 -47.75
N ASP I 272 33.63 14.43 -47.12
CA ASP I 272 34.50 14.22 -45.97
C ASP I 272 33.72 13.72 -44.76
N ASP I 273 32.43 14.00 -44.68
CA ASP I 273 31.60 13.44 -43.63
C ASP I 273 31.54 11.93 -43.81
N LYS I 274 31.97 11.18 -42.80
CA LYS I 274 32.04 9.73 -42.93
C LYS I 274 30.68 9.10 -42.64
N GLU I 275 30.45 7.94 -43.26
CA GLU I 275 29.16 7.27 -43.16
C GLU I 275 28.84 6.88 -41.73
N HIS I 276 29.85 6.53 -40.92
CA HIS I 276 29.59 6.18 -39.54
C HIS I 276 29.26 7.41 -38.69
N SER I 277 29.67 8.59 -39.12
CA SER I 277 29.40 9.83 -38.42
C SER I 277 28.11 10.49 -38.86
N ILE I 278 27.34 9.84 -39.72
CA ILE I 278 26.07 10.36 -40.22
C ILE I 278 24.96 9.48 -39.67
N LYS I 279 23.98 10.10 -39.00
CA LYS I 279 22.86 9.39 -38.40
C LYS I 279 21.57 9.86 -39.06
N VAL I 280 20.69 8.90 -39.35
CA VAL I 280 19.42 9.18 -40.01
C VAL I 280 18.32 8.55 -39.17
N SER I 281 17.25 9.31 -38.91
CA SER I 281 16.09 8.84 -38.18
C SER I 281 14.85 9.12 -39.01
N VAL I 282 14.14 8.05 -39.37
CA VAL I 282 12.97 8.16 -40.23
C VAL I 282 11.75 8.41 -39.35
N GLY I 283 10.73 9.02 -39.93
CA GLY I 283 9.53 9.40 -39.20
C GLY I 283 8.83 8.22 -38.55
N GLY I 284 8.51 8.36 -37.27
CA GLY I 284 7.90 7.29 -36.51
C GLY I 284 8.86 6.46 -35.69
N GLU I 285 10.17 6.72 -35.78
CA GLU I 285 11.15 6.03 -34.96
C GLU I 285 12.26 7.00 -34.57
N LYS I 286 12.69 6.91 -33.31
CA LYS I 286 13.79 7.69 -32.76
C LYS I 286 15.14 6.99 -32.88
N ARG I 287 15.17 5.76 -33.37
CA ARG I 287 16.41 5.01 -33.53
C ARG I 287 17.21 5.54 -34.72
N ASP I 288 18.44 5.98 -34.47
CA ASP I 288 19.27 6.47 -35.56
C ASP I 288 19.75 5.30 -36.41
N LEU I 289 19.54 5.41 -37.71
CA LEU I 289 19.87 4.35 -38.65
C LEU I 289 21.28 4.51 -39.23
N GLU I 290 21.93 3.38 -39.47
CA GLU I 290 23.24 3.38 -40.10
C GLU I 290 23.08 3.45 -41.61
N ILE I 291 23.97 4.16 -42.27
CA ILE I 291 23.91 4.37 -43.71
C ILE I 291 25.04 3.61 -44.38
N GLU I 292 24.88 3.40 -45.69
CA GLU I 292 25.86 2.68 -46.50
C GLU I 292 26.67 3.61 -47.39
N VAL I 293 26.00 4.47 -48.16
CA VAL I 293 26.68 5.37 -49.09
C VAL I 293 25.76 6.54 -49.37
N VAL I 294 26.34 7.69 -49.71
CA VAL I 294 25.60 8.91 -50.04
C VAL I 294 25.90 9.26 -51.49
N LEU I 295 24.85 9.40 -52.29
CA LEU I 295 24.99 9.66 -53.73
C LEU I 295 24.77 11.15 -53.99
N PHE I 296 25.87 11.90 -54.03
CA PHE I 296 25.79 13.29 -54.47
C PHE I 296 25.64 13.36 -55.99
N HIS I 297 24.90 14.36 -56.44
CA HIS I 297 24.71 14.53 -57.87
C HIS I 297 26.04 14.88 -58.53
N PRO I 298 26.34 14.30 -59.71
CA PRO I 298 27.65 14.53 -60.33
C PRO I 298 27.95 15.98 -60.64
N ASN I 299 26.94 16.77 -61.01
CA ASN I 299 27.13 18.17 -61.39
C ASN I 299 27.10 19.12 -60.20
N TYR I 300 27.08 18.60 -58.98
CA TYR I 300 27.10 19.45 -57.80
C TYR I 300 28.49 20.01 -57.54
N ASN I 301 28.55 21.31 -57.22
CA ASN I 301 29.81 21.96 -56.88
C ASN I 301 29.47 23.22 -56.11
N ILE I 302 29.81 23.25 -54.82
CA ILE I 302 29.51 24.43 -54.00
C ILE I 302 30.47 25.57 -54.34
N ASN I 303 31.68 25.25 -54.79
CA ASN I 303 32.68 26.24 -55.17
C ASN I 303 32.85 26.28 -56.68
N GLY I 304 31.74 26.12 -57.41
CA GLY I 304 31.81 26.15 -58.87
C GLY I 304 32.27 27.48 -59.41
N LYS I 305 31.78 28.58 -58.83
CA LYS I 305 32.17 29.92 -59.23
C LYS I 305 32.96 30.63 -58.13
N LYS I 306 33.64 29.85 -57.28
CA LYS I 306 34.49 30.45 -56.25
C LYS I 306 35.71 31.10 -56.87
N GLU I 307 36.33 30.44 -57.85
CA GLU I 307 37.48 31.01 -58.52
C GLU I 307 37.11 32.18 -59.42
N ALA I 308 35.87 32.19 -59.94
CA ALA I 308 35.42 33.31 -60.76
C ALA I 308 35.21 34.57 -59.93
N GLY I 309 34.80 34.41 -58.67
CA GLY I 309 34.63 35.55 -57.78
C GLY I 309 33.32 35.55 -57.03
N ILE I 310 32.58 34.45 -57.09
CA ILE I 310 31.29 34.29 -56.42
C ILE I 310 31.48 33.35 -55.24
N PRO I 311 31.07 33.74 -54.03
CA PRO I 311 31.40 32.91 -52.85
C PRO I 311 30.80 31.52 -52.87
N GLU I 312 29.49 31.39 -53.12
CA GLU I 312 28.83 30.10 -53.01
C GLU I 312 27.91 29.86 -54.20
N PHE I 313 27.93 28.63 -54.72
CA PHE I 313 27.17 28.23 -55.89
C PHE I 313 26.38 26.97 -55.55
N TYR I 314 25.05 27.08 -55.56
CA TYR I 314 24.18 26.04 -55.05
C TYR I 314 23.53 25.20 -56.16
N ASP I 315 24.13 25.17 -57.34
CA ASP I 315 23.54 24.43 -58.44
C ASP I 315 23.59 22.93 -58.19
N TYR I 316 22.47 22.25 -58.49
CA TYR I 316 22.32 20.81 -58.28
C TYR I 316 22.49 20.46 -56.80
N ASP I 317 21.61 21.04 -55.98
CA ASP I 317 21.67 20.86 -54.53
C ASP I 317 20.75 19.72 -54.10
N VAL I 318 21.10 18.51 -54.55
CA VAL I 318 20.35 17.30 -54.26
C VAL I 318 21.33 16.18 -53.95
N ALA I 319 20.88 15.23 -53.13
CA ALA I 319 21.69 14.08 -52.76
C ALA I 319 20.78 12.95 -52.31
N LEU I 320 21.21 11.72 -52.58
CA LEU I 320 20.49 10.52 -52.16
C LEU I 320 21.31 9.79 -51.10
N ILE I 321 20.68 9.51 -49.97
CA ILE I 321 21.30 8.77 -48.88
C ILE I 321 20.76 7.35 -48.89
N LYS I 322 21.64 6.37 -48.96
CA LYS I 322 21.27 4.96 -48.94
C LYS I 322 21.40 4.41 -47.53
N LEU I 323 20.30 3.92 -46.97
CA LEU I 323 20.34 3.29 -45.68
C LEU I 323 21.00 1.91 -45.77
N LYS I 324 21.61 1.49 -44.67
CA LYS I 324 22.21 0.16 -44.64
C LYS I 324 21.14 -0.93 -44.70
N ASN I 325 19.98 -0.69 -44.09
CA ASN I 325 18.89 -1.65 -44.06
C ASN I 325 17.65 -1.05 -44.70
N LYS I 326 16.80 -1.92 -45.25
CA LYS I 326 15.61 -1.50 -45.95
C LYS I 326 14.50 -1.13 -44.97
N LEU I 327 13.74 -0.10 -45.31
CA LEU I 327 12.61 0.33 -44.49
C LEU I 327 11.39 -0.54 -44.74
N LYS I 328 10.57 -0.69 -43.71
CA LYS I 328 9.28 -1.36 -43.80
C LYS I 328 8.19 -0.32 -43.63
N TYR I 329 7.42 -0.11 -44.69
CA TYR I 329 6.42 0.96 -44.72
C TYR I 329 5.29 0.69 -43.72
N GLY I 330 4.66 1.77 -43.27
CA GLY I 330 3.58 1.68 -42.34
C GLY I 330 2.69 2.90 -42.40
N GLN I 331 1.93 3.11 -41.32
CA GLN I 331 1.04 4.27 -41.26
C GLN I 331 1.80 5.57 -41.08
N THR I 332 3.00 5.51 -40.50
CA THR I 332 3.84 6.69 -40.31
C THR I 332 5.09 6.66 -41.17
N ILE I 333 5.24 5.67 -42.03
CA ILE I 333 6.42 5.51 -42.88
C ILE I 333 5.93 5.21 -44.28
N ARG I 334 5.95 6.21 -45.17
CA ARG I 334 5.53 6.05 -46.54
C ARG I 334 6.29 7.05 -47.40
N PRO I 335 6.67 6.68 -48.62
CA PRO I 335 7.34 7.65 -49.50
C PRO I 335 6.34 8.67 -50.03
N ILE I 336 6.88 9.77 -50.54
CA ILE I 336 6.08 10.77 -51.21
C ILE I 336 6.22 10.56 -52.72
N CYS I 337 5.12 10.74 -53.44
CA CYS I 337 5.10 10.38 -54.85
C CYS I 337 6.00 11.30 -55.66
N LEU I 338 6.55 10.74 -56.74
CA LEU I 338 7.45 11.44 -57.64
C LEU I 338 6.78 11.59 -59.01
N PRO I 339 7.03 12.69 -59.70
CA PRO I 339 6.36 12.92 -60.99
C PRO I 339 6.73 11.87 -62.02
N CYS I 340 5.80 11.63 -62.96
CA CYS I 340 6.00 10.70 -64.07
C CYS I 340 6.31 9.30 -63.56
N THR I 341 5.46 8.83 -62.65
CA THR I 341 5.51 7.46 -62.15
C THR I 341 4.11 6.86 -62.21
N GLU I 342 4.04 5.53 -62.20
CA GLU I 342 2.75 4.86 -62.19
C GLU I 342 1.96 5.19 -60.93
N GLY I 343 2.65 5.42 -59.81
CA GLY I 343 1.95 5.86 -58.61
C GLY I 343 1.33 7.23 -58.75
N THR I 344 2.08 8.17 -59.34
CA THR I 344 1.54 9.51 -59.59
C THR I 344 0.40 9.47 -60.61
N THR I 345 0.51 8.59 -61.61
CA THR I 345 -0.57 8.43 -62.58
C THR I 345 -1.85 7.98 -61.90
N ARG I 346 -1.77 6.98 -61.03
CA ARG I 346 -2.94 6.52 -60.30
C ARG I 346 -3.36 7.52 -59.23
N ALA I 347 -2.40 8.26 -58.66
CA ALA I 347 -2.74 9.28 -57.68
C ALA I 347 -3.55 10.41 -58.31
N LEU I 348 -3.17 10.82 -59.52
CA LEU I 348 -3.92 11.85 -60.24
C LEU I 348 -5.15 11.28 -60.94
N ARG I 349 -5.42 9.98 -60.79
CA ARG I 349 -6.62 9.35 -61.35
C ARG I 349 -6.67 9.49 -62.87
N LEU I 350 -5.50 9.40 -63.50
CA LEU I 350 -5.31 9.47 -64.93
C LEU I 350 -5.26 8.07 -65.54
N PRO I 351 -5.66 7.93 -66.81
CA PRO I 351 -5.53 6.62 -67.45
C PRO I 351 -4.07 6.24 -67.58
N PRO I 352 -3.76 4.95 -67.64
CA PRO I 352 -2.36 4.53 -67.70
C PRO I 352 -1.63 4.96 -68.96
N THR I 353 -2.34 5.43 -69.99
CA THR I 353 -1.72 5.90 -71.21
C THR I 353 -1.34 7.38 -71.15
N THR I 354 -1.49 8.02 -69.99
CA THR I 354 -1.10 9.41 -69.85
C THR I 354 0.43 9.52 -69.89
N THR I 355 0.92 10.52 -70.61
CA THR I 355 2.36 10.67 -70.81
C THR I 355 2.99 11.51 -69.70
N CYS I 356 4.32 11.41 -69.63
CA CYS I 356 5.07 12.22 -68.68
C CYS I 356 4.93 13.71 -68.97
N GLN I 357 4.80 14.08 -70.25
CA GLN I 357 4.63 15.47 -70.61
C GLN I 357 3.31 16.03 -70.09
N GLN I 358 2.23 15.24 -70.21
CA GLN I 358 0.93 15.69 -69.73
C GLN I 358 0.94 15.92 -68.22
N GLN I 359 1.63 15.05 -67.47
CA GLN I 359 1.70 15.23 -66.02
C GLN I 359 2.56 16.44 -65.65
N LYS I 360 3.59 16.76 -66.43
CA LYS I 360 4.38 17.95 -66.15
C LYS I 360 3.54 19.22 -66.33
N GLU I 361 2.71 19.27 -67.37
CA GLU I 361 1.87 20.43 -67.60
C GLU I 361 0.86 20.60 -66.48
N GLU I 362 0.28 19.49 -65.99
CA GLU I 362 -0.69 19.56 -64.92
C GLU I 362 -0.03 20.04 -63.62
N LEU I 363 1.19 19.58 -63.34
CA LEU I 363 1.87 19.98 -62.12
C LEU I 363 2.35 21.42 -62.21
N LEU I 364 2.80 21.84 -63.39
CA LEU I 364 3.43 23.14 -63.58
C LEU I 364 2.74 23.92 -64.68
N PRO I 365 1.57 24.51 -64.40
CA PRO I 365 0.98 25.44 -65.35
C PRO I 365 1.65 26.81 -65.27
N ALA I 366 1.48 27.58 -66.34
CA ALA I 366 2.11 28.89 -66.46
C ALA I 366 1.35 29.92 -65.62
N GLN I 367 1.41 29.73 -64.31
CA GLN I 367 0.76 30.61 -63.35
C GLN I 367 1.40 30.40 -61.98
N ASP I 368 0.89 31.13 -60.99
CA ASP I 368 1.32 30.93 -59.61
C ASP I 368 0.71 29.65 -59.07
N ILE I 369 1.57 28.75 -58.58
CA ILE I 369 1.15 27.40 -58.17
C ILE I 369 1.18 27.34 -56.64
N LYS I 370 0.06 26.92 -56.06
CA LYS I 370 -0.02 26.73 -54.62
C LYS I 370 0.79 25.52 -54.19
N ALA I 371 1.52 25.66 -53.09
CA ALA I 371 2.38 24.60 -52.58
C ALA I 371 2.57 24.80 -51.08
N LEU I 372 3.35 23.91 -50.47
CA LEU I 372 3.60 23.99 -49.04
C LEU I 372 4.88 23.21 -48.72
N PHE I 373 5.50 23.58 -47.60
CA PHE I 373 6.66 22.86 -47.09
C PHE I 373 6.49 22.63 -45.59
N VAL I 374 7.32 21.74 -45.05
CA VAL I 374 7.27 21.35 -43.65
C VAL I 374 8.45 22.01 -42.93
N SER I 375 8.19 22.50 -41.72
CA SER I 375 9.22 23.14 -40.91
C SER I 375 9.05 22.70 -39.47
N GLU I 376 10.12 22.85 -38.69
CA GLU I 376 10.12 22.50 -37.28
C GLU I 376 9.99 23.76 -36.43
N GLU I 377 9.12 23.70 -35.42
CA GLU I 377 9.02 24.75 -34.41
C GLU I 377 8.92 24.04 -33.07
N GLU I 378 9.99 24.13 -32.27
CA GLU I 378 10.10 23.42 -31.00
C GLU I 378 9.87 21.91 -31.20
N LYS I 379 10.63 21.35 -32.14
CA LYS I 379 10.66 19.91 -32.43
C LYS I 379 9.31 19.37 -32.90
N LYS I 380 8.44 20.23 -33.40
CA LYS I 380 7.14 19.80 -33.91
C LYS I 380 7.00 20.21 -35.37
N LEU I 381 6.56 19.27 -36.21
CA LEU I 381 6.41 19.52 -37.63
C LEU I 381 5.14 20.33 -37.90
N THR I 382 5.26 21.35 -38.75
CA THR I 382 4.13 22.18 -39.13
C THR I 382 4.22 22.51 -40.61
N ARG I 383 3.07 22.80 -41.21
CA ARG I 383 2.99 23.08 -42.63
C ARG I 383 2.91 24.58 -42.87
N LYS I 384 3.62 25.06 -43.88
CA LYS I 384 3.61 26.46 -44.28
C LYS I 384 3.26 26.54 -45.75
N GLU I 385 2.14 27.22 -46.06
CA GLU I 385 1.68 27.33 -47.43
C GLU I 385 2.37 28.49 -48.13
N VAL I 386 2.85 28.23 -49.35
CA VAL I 386 3.56 29.21 -50.17
C VAL I 386 3.05 29.11 -51.60
N TYR I 387 3.51 30.04 -52.44
CA TYR I 387 3.17 30.06 -53.85
C TYR I 387 4.44 29.91 -54.68
N ILE I 388 4.43 28.98 -55.62
CA ILE I 388 5.53 28.84 -56.58
C ILE I 388 5.34 29.88 -57.67
N LYS I 389 6.31 30.79 -57.80
CA LYS I 389 6.20 31.90 -58.74
C LYS I 389 6.64 31.43 -60.13
N ASN I 390 5.69 30.80 -60.82
CA ASN I 390 5.90 30.34 -62.18
C ASN I 390 5.12 31.16 -63.20
N GLY I 391 4.32 32.12 -62.75
CA GLY I 391 3.51 32.94 -63.63
C GLY I 391 4.22 34.16 -64.14
N ASP I 392 3.51 35.30 -64.15
CA ASP I 392 4.10 36.54 -64.65
C ASP I 392 5.14 37.09 -63.69
N LYS I 393 5.02 36.81 -62.40
CA LYS I 393 5.99 37.24 -61.40
C LYS I 393 7.19 36.32 -61.30
N LYS I 394 7.36 35.38 -62.24
CA LYS I 394 8.51 34.50 -62.22
C LYS I 394 9.80 35.28 -62.43
N GLY I 395 9.78 36.29 -63.29
CA GLY I 395 10.97 37.10 -63.51
C GLY I 395 11.34 37.92 -62.29
N SER I 396 10.34 38.47 -61.60
CA SER I 396 10.62 39.23 -60.39
C SER I 396 11.12 38.34 -59.27
N CYS I 397 10.68 37.08 -59.22
CA CYS I 397 11.17 36.15 -58.20
C CYS I 397 12.64 35.83 -58.41
N GLU I 398 13.06 35.68 -59.68
CA GLU I 398 14.48 35.42 -59.96
C GLU I 398 15.33 36.66 -59.71
N ARG I 399 14.79 37.85 -60.00
CA ARG I 399 15.56 39.07 -59.82
C ARG I 399 15.85 39.35 -58.35
N ASP I 400 14.93 39.00 -57.46
CA ASP I 400 15.09 39.27 -56.04
C ASP I 400 16.21 38.46 -55.40
N ALA I 401 16.77 37.46 -56.09
CA ALA I 401 17.87 36.69 -55.52
C ALA I 401 19.14 37.49 -55.39
N GLN I 402 19.28 38.60 -56.12
CA GLN I 402 20.51 39.38 -56.08
C GLN I 402 20.72 40.09 -54.74
N TYR I 403 19.64 40.36 -54.00
CA TYR I 403 19.78 41.10 -52.74
C TYR I 403 20.35 40.25 -51.62
N ALA I 404 20.63 38.97 -51.87
CA ALA I 404 21.28 38.14 -50.87
C ALA I 404 22.75 38.57 -50.76
N PRO I 405 23.28 38.73 -49.54
CA PRO I 405 24.69 39.14 -49.41
C PRO I 405 25.63 38.13 -50.05
N GLY I 406 26.60 38.65 -50.80
CA GLY I 406 27.55 37.83 -51.51
C GLY I 406 27.33 37.74 -53.01
N TYR I 407 26.22 38.27 -53.52
CA TYR I 407 25.91 38.17 -54.94
C TYR I 407 25.54 39.54 -55.51
N ASP I 408 26.06 40.60 -54.90
CA ASP I 408 25.71 41.95 -55.30
C ASP I 408 26.31 42.34 -56.65
N LYS I 409 27.48 41.81 -56.97
CA LYS I 409 28.25 42.23 -58.14
C LYS I 409 28.04 41.34 -59.36
N VAL I 410 27.08 40.42 -59.31
CA VAL I 410 26.80 39.59 -60.47
C VAL I 410 26.04 40.40 -61.52
N LYS I 411 26.56 40.42 -62.74
CA LYS I 411 25.96 41.25 -63.78
C LYS I 411 24.71 40.59 -64.36
N ASP I 412 24.81 39.31 -64.70
CA ASP I 412 23.74 38.58 -65.38
C ASP I 412 22.98 37.76 -64.34
N ILE I 413 21.67 37.99 -64.24
CA ILE I 413 20.88 37.24 -63.27
C ILE I 413 20.60 35.82 -63.76
N SER I 414 20.43 35.64 -65.07
CA SER I 414 20.17 34.32 -65.63
C SER I 414 21.37 33.39 -65.51
N GLU I 415 22.57 33.95 -65.31
CA GLU I 415 23.77 33.13 -65.20
C GLU I 415 23.81 32.37 -63.88
N VAL I 416 23.56 33.05 -62.77
CA VAL I 416 23.70 32.44 -61.45
C VAL I 416 22.47 31.62 -61.09
N VAL I 417 21.28 32.08 -61.47
CA VAL I 417 20.04 31.39 -61.15
C VAL I 417 19.78 30.41 -62.29
N THR I 418 20.10 29.13 -62.05
CA THR I 418 19.99 28.10 -63.06
C THR I 418 18.55 27.59 -63.17
N PRO I 419 18.20 26.96 -64.29
CA PRO I 419 16.85 26.39 -64.44
C PRO I 419 16.52 25.32 -63.40
N ARG I 420 17.49 24.85 -62.61
CA ARG I 420 17.19 23.90 -61.55
C ARG I 420 16.37 24.56 -60.44
N PHE I 421 16.50 25.86 -60.27
CA PHE I 421 15.87 26.54 -59.14
C PHE I 421 14.37 26.72 -59.37
N LEU I 422 13.58 26.34 -58.37
CA LEU I 422 12.19 26.75 -58.25
C LEU I 422 12.11 27.86 -57.21
N CYS I 423 11.33 28.89 -57.51
CA CYS I 423 11.34 30.13 -56.74
C CYS I 423 10.05 30.27 -55.96
N THR I 424 10.17 30.42 -54.64
CA THR I 424 9.03 30.70 -53.77
C THR I 424 9.33 31.92 -52.92
N GLY I 425 8.45 32.24 -51.96
CA GLY I 425 8.66 33.38 -51.10
C GLY I 425 8.06 34.66 -51.67
N GLY I 426 8.17 35.71 -50.87
CA GLY I 426 7.65 37.02 -51.24
C GLY I 426 6.32 37.33 -50.57
N VAL I 427 5.76 38.46 -50.99
CA VAL I 427 4.49 38.96 -50.45
C VAL I 427 3.40 39.05 -51.49
N SER I 428 3.69 38.73 -52.75
CA SER I 428 2.70 38.78 -53.81
C SER I 428 2.51 37.39 -54.41
N PRO I 429 1.27 36.89 -54.52
CA PRO I 429 0.02 37.59 -54.17
C PRO I 429 -0.22 37.69 -52.65
N TYR I 430 0.38 36.76 -51.89
CA TYR I 430 0.25 36.77 -50.44
C TYR I 430 1.59 36.43 -49.82
N ALA I 431 1.71 36.74 -48.52
CA ALA I 431 2.96 36.56 -47.80
C ALA I 431 3.28 35.08 -47.67
N ASP I 432 4.47 34.70 -48.16
CA ASP I 432 4.93 33.31 -48.08
C ASP I 432 6.01 33.21 -47.01
N PRO I 433 5.86 32.33 -46.02
CA PRO I 433 6.90 32.18 -44.99
C PRO I 433 8.22 31.69 -45.60
N ASN I 434 9.30 31.96 -44.89
CA ASN I 434 10.64 31.60 -45.33
C ASN I 434 11.20 30.48 -44.47
N THR I 435 11.99 29.61 -45.09
CA THR I 435 12.46 28.39 -44.45
C THR I 435 13.58 28.68 -43.47
N CYS I 436 13.67 27.84 -42.45
CA CYS I 436 14.87 27.79 -41.60
C CYS I 436 16.00 27.04 -42.29
N ARG I 437 17.21 27.23 -41.77
CA ARG I 437 18.36 26.50 -42.31
C ARG I 437 18.29 25.02 -41.95
N GLY I 438 17.61 24.68 -40.85
CA GLY I 438 17.34 23.29 -40.54
C GLY I 438 16.29 22.66 -41.43
N ASP I 439 15.40 23.48 -42.01
CA ASP I 439 14.37 22.99 -42.91
C ASP I 439 14.91 22.62 -44.29
N ALA I 440 16.17 22.92 -44.57
CA ALA I 440 16.73 22.61 -45.88
C ALA I 440 16.75 21.11 -46.11
N GLY I 441 16.67 20.71 -47.38
CA GLY I 441 16.63 19.32 -47.75
C GLY I 441 15.24 18.71 -47.74
N GLY I 442 14.26 19.39 -47.15
CA GLY I 442 12.91 18.89 -47.11
C GLY I 442 12.25 18.92 -48.47
N PRO I 443 11.10 18.27 -48.59
CA PRO I 443 10.38 18.24 -49.87
C PRO I 443 9.48 19.45 -50.07
N LEU I 444 9.22 19.74 -51.34
CA LEU I 444 8.23 20.74 -51.74
C LEU I 444 6.97 19.99 -52.16
N ILE I 445 5.88 20.22 -51.44
CA ILE I 445 4.71 19.36 -51.46
C ILE I 445 3.56 20.09 -52.16
N VAL I 446 2.89 19.38 -53.07
CA VAL I 446 1.71 19.87 -53.76
C VAL I 446 0.58 18.88 -53.51
N HIS I 447 -0.63 19.39 -53.27
CA HIS I 447 -1.78 18.58 -52.94
C HIS I 447 -2.73 18.54 -54.13
N LYS I 448 -3.06 17.32 -54.57
CA LYS I 448 -4.00 17.12 -55.67
C LYS I 448 -4.75 15.81 -55.44
N ARG I 449 -6.08 15.88 -55.52
CA ARG I 449 -6.94 14.69 -55.43
C ARG I 449 -6.69 13.91 -54.14
N SER I 450 -6.66 14.63 -53.01
CA SER I 450 -6.52 14.05 -51.68
C SER I 450 -5.22 13.28 -51.52
N ARG I 451 -4.23 13.53 -52.37
CA ARG I 451 -2.91 12.92 -52.27
C ARG I 451 -1.85 14.02 -52.33
N PHE I 452 -0.60 13.63 -52.12
CA PHE I 452 0.50 14.58 -52.03
C PHE I 452 1.63 14.15 -52.95
N ILE I 453 2.06 15.07 -53.81
CA ILE I 453 3.15 14.83 -54.76
C ILE I 453 4.30 15.75 -54.39
N GLN I 454 5.53 15.23 -54.48
CA GLN I 454 6.73 16.04 -54.28
C GLN I 454 7.14 16.68 -55.60
N VAL I 455 7.44 17.97 -55.56
CA VAL I 455 7.86 18.70 -56.75
C VAL I 455 9.22 19.37 -56.61
N GLY I 456 9.76 19.48 -55.40
CA GLY I 456 11.06 20.12 -55.24
C GLY I 456 11.70 19.76 -53.91
N VAL I 457 12.90 20.28 -53.72
CA VAL I 457 13.68 20.09 -52.50
C VAL I 457 14.17 21.44 -52.01
N ILE I 458 13.95 21.72 -50.72
CA ILE I 458 14.32 23.01 -50.15
C ILE I 458 15.82 23.22 -50.23
N SER I 459 16.23 24.34 -50.82
CA SER I 459 17.65 24.65 -50.98
C SER I 459 18.10 25.74 -50.01
N TRP I 460 17.85 27.00 -50.36
CA TRP I 460 18.33 28.12 -49.55
C TRP I 460 17.37 29.29 -49.72
N GLY I 461 17.47 30.26 -48.80
CA GLY I 461 16.62 31.43 -48.81
C GLY I 461 17.44 32.71 -48.89
N VAL I 462 16.83 33.74 -49.46
CA VAL I 462 17.51 35.02 -49.63
C VAL I 462 17.83 35.65 -48.28
N VAL I 463 16.79 35.86 -47.47
CA VAL I 463 16.95 36.47 -46.15
C VAL I 463 16.75 35.37 -45.11
N ASP I 464 17.71 35.26 -44.19
CA ASP I 464 17.65 34.25 -43.13
C ASP I 464 16.95 34.83 -41.91
N VAL I 465 15.63 34.92 -41.99
CA VAL I 465 14.83 35.35 -40.84
C VAL I 465 14.88 34.32 -39.72
N CYS I 466 15.23 33.07 -40.04
CA CYS I 466 15.36 32.01 -39.07
C CYS I 466 16.83 31.74 -38.81
N LYS I 467 17.54 32.70 -38.25
CA LYS I 467 19.00 32.60 -38.15
C LYS I 467 19.41 31.46 -37.23
N ASN I 468 18.81 31.38 -36.04
CA ASN I 468 19.13 30.28 -35.12
C ASN I 468 17.98 30.15 -34.12
N GLN I 469 17.08 29.21 -34.39
CA GLN I 469 15.96 28.86 -33.52
C GLN I 469 14.95 29.99 -33.34
N LYS I 470 15.26 31.20 -33.80
CA LYS I 470 14.34 32.32 -33.70
C LYS I 470 14.02 32.86 -35.09
N ARG I 471 12.73 32.96 -35.38
CA ARG I 471 12.22 33.54 -36.62
C ARG I 471 11.56 34.90 -36.37
N GLN I 472 12.24 35.78 -35.64
CA GLN I 472 11.61 37.02 -35.20
C GLN I 472 11.38 37.98 -36.36
N LYS I 473 10.34 38.81 -36.20
CA LYS I 473 10.01 39.92 -37.09
C LYS I 473 9.49 39.47 -38.45
N GLN I 474 8.70 40.31 -39.10
CA GLN I 474 8.13 39.97 -40.39
C GLN I 474 9.21 39.99 -41.45
N VAL I 475 8.92 39.38 -42.59
CA VAL I 475 9.97 39.13 -43.58
C VAL I 475 10.04 40.29 -44.57
N PRO I 476 11.21 40.56 -45.16
CA PRO I 476 11.30 41.52 -46.24
C PRO I 476 10.45 41.10 -47.44
N ALA I 477 10.08 42.08 -48.26
CA ALA I 477 9.19 41.76 -49.37
C ALA I 477 9.91 41.03 -50.48
N HIS I 478 11.24 41.15 -50.55
CA HIS I 478 12.04 40.47 -51.55
C HIS I 478 12.68 39.19 -51.01
N ALA I 479 12.22 38.70 -49.87
CA ALA I 479 12.78 37.49 -49.27
C ALA I 479 12.22 36.27 -50.00
N ARG I 480 13.04 35.63 -50.82
CA ARG I 480 12.66 34.47 -51.59
C ARG I 480 13.36 33.22 -51.07
N ASP I 481 12.72 32.08 -51.29
CA ASP I 481 13.33 30.78 -51.02
C ASP I 481 13.41 30.00 -52.32
N PHE I 482 14.47 29.23 -52.47
CA PHE I 482 14.75 28.52 -53.71
C PHE I 482 14.73 27.02 -53.50
N HIS I 483 14.29 26.29 -54.52
CA HIS I 483 14.13 24.85 -54.45
C HIS I 483 14.57 24.23 -55.77
N ILE I 484 15.11 23.02 -55.69
CA ILE I 484 15.64 22.34 -56.86
C ILE I 484 14.48 21.62 -57.56
N ASN I 485 14.28 21.93 -58.84
CA ASN I 485 13.23 21.28 -59.61
C ASN I 485 13.56 19.81 -59.82
N LEU I 486 12.53 18.96 -59.73
CA LEU I 486 12.72 17.53 -59.89
C LEU I 486 12.87 17.11 -61.35
N PHE I 487 12.29 17.87 -62.27
CA PHE I 487 12.33 17.50 -63.69
C PHE I 487 13.75 17.60 -64.25
N GLN I 488 14.60 18.46 -63.68
CA GLN I 488 15.95 18.61 -64.21
C GLN I 488 16.81 17.38 -63.90
N VAL I 489 16.68 16.81 -62.70
CA VAL I 489 17.44 15.64 -62.31
C VAL I 489 16.62 14.36 -62.42
N LEU I 490 15.45 14.43 -63.07
CA LEU I 490 14.62 13.23 -63.22
C LEU I 490 15.31 12.11 -63.99
N PRO I 491 16.03 12.36 -65.09
CA PRO I 491 16.72 11.24 -65.75
C PRO I 491 17.75 10.55 -64.86
N TRP I 492 18.48 11.31 -64.03
CA TRP I 492 19.47 10.69 -63.16
C TRP I 492 18.79 9.83 -62.09
N LEU I 493 17.68 10.31 -61.53
CA LEU I 493 16.96 9.52 -60.54
C LEU I 493 16.36 8.27 -61.16
N LYS I 494 15.82 8.40 -62.39
CA LYS I 494 15.32 7.23 -63.11
C LYS I 494 16.44 6.23 -63.36
N GLU I 495 17.67 6.71 -63.59
CA GLU I 495 18.80 5.81 -63.78
C GLU I 495 19.16 5.08 -62.48
N LYS I 496 19.17 5.80 -61.36
CA LYS I 496 19.56 5.19 -60.09
C LYS I 496 18.48 4.25 -59.57
N LEU I 497 17.22 4.62 -59.73
CA LEU I 497 16.10 3.89 -59.15
C LEU I 497 15.41 2.97 -60.15
N GLN I 498 16.11 2.55 -61.20
CA GLN I 498 15.50 1.66 -62.18
C GLN I 498 15.20 0.28 -61.62
N ASP I 499 15.94 -0.15 -60.60
CA ASP I 499 15.70 -1.43 -59.93
C ASP I 499 14.80 -1.31 -58.71
N GLU I 500 14.40 -0.10 -58.33
CA GLU I 500 13.57 0.11 -57.15
C GLU I 500 12.09 -0.12 -57.40
N ASP I 501 11.68 -0.31 -58.67
CA ASP I 501 10.29 -0.62 -59.03
C ASP I 501 9.34 0.47 -58.53
N LEU I 502 9.52 1.66 -59.12
CA LEU I 502 8.62 2.78 -58.87
C LEU I 502 7.69 3.07 -60.04
N GLY I 503 7.84 2.33 -61.14
CA GLY I 503 6.95 2.48 -62.28
C GLY I 503 7.12 3.79 -63.02
N PHE I 504 8.37 4.12 -63.36
CA PHE I 504 8.62 5.32 -64.16
C PHE I 504 8.06 5.14 -65.57
N LEU I 505 7.46 6.21 -66.09
CA LEU I 505 6.86 6.16 -67.43
C LEU I 505 7.92 6.22 -68.51
N LYS J 1 -3.49 22.29 37.31
CA LYS J 1 -4.62 21.53 37.86
C LYS J 1 -4.90 21.98 39.29
N ILE J 2 -5.23 21.03 40.17
CA ILE J 2 -5.47 21.35 41.57
C ILE J 2 -5.33 20.07 42.40
N VAL J 3 -4.50 20.13 43.43
CA VAL J 3 -4.25 18.97 44.29
C VAL J 3 -5.21 18.99 45.45
N LEU J 4 -5.73 17.81 45.80
CA LEU J 4 -6.65 17.64 46.93
C LEU J 4 -5.93 16.84 48.01
N ASP J 5 -5.41 17.55 49.01
CA ASP J 5 -4.72 16.93 50.14
C ASP J 5 -5.42 17.34 51.43
N PRO J 6 -5.78 16.40 52.30
CA PRO J 6 -6.49 16.77 53.53
C PRO J 6 -5.70 17.72 54.42
N SER J 7 -4.38 17.61 54.43
CA SER J 7 -3.53 18.54 55.16
C SER J 7 -3.32 19.87 54.43
N GLY J 8 -4.09 20.15 53.38
CA GLY J 8 -3.78 21.28 52.54
C GLY J 8 -4.24 22.62 53.10
N SER J 9 -3.65 23.68 52.54
CA SER J 9 -4.02 25.05 52.82
C SER J 9 -4.04 25.79 51.49
N MET J 10 -5.24 26.11 51.00
CA MET J 10 -5.41 26.56 49.63
C MET J 10 -6.33 27.79 49.60
N ASN J 11 -5.92 28.80 48.86
CA ASN J 11 -6.73 30.01 48.67
C ASN J 11 -7.36 29.96 47.29
N ILE J 12 -8.68 30.15 47.24
CA ILE J 12 -9.44 30.13 46.00
C ILE J 12 -10.09 31.49 45.83
N TYR J 13 -9.71 32.20 44.78
CA TYR J 13 -10.22 33.54 44.50
C TYR J 13 -11.26 33.46 43.40
N LEU J 14 -12.48 33.89 43.70
CA LEU J 14 -13.59 33.87 42.77
C LEU J 14 -13.89 35.30 42.32
N VAL J 15 -13.67 35.58 41.04
CA VAL J 15 -13.92 36.89 40.45
C VAL J 15 -15.01 36.73 39.41
N LEU J 16 -16.10 37.48 39.56
CA LEU J 16 -17.28 37.38 38.71
C LEU J 16 -17.59 38.72 38.08
N ASP J 17 -17.60 38.76 36.75
CA ASP J 17 -17.96 39.98 36.04
C ASP J 17 -19.46 40.27 36.21
N GLY J 18 -19.79 41.56 36.21
CA GLY J 18 -21.17 41.97 36.38
C GLY J 18 -21.57 43.04 35.38
N SER J 19 -20.80 43.17 34.31
CA SER J 19 -21.09 44.16 33.29
C SER J 19 -22.34 43.76 32.50
N GLY J 20 -22.84 44.72 31.72
CA GLY J 20 -24.01 44.47 30.87
C GLY J 20 -23.76 43.50 29.74
N SER J 21 -22.50 43.18 29.45
CA SER J 21 -22.15 42.24 28.40
C SER J 21 -22.47 40.79 28.76
N ILE J 22 -22.94 40.52 29.98
CA ILE J 22 -23.16 39.16 30.44
C ILE J 22 -24.62 38.77 30.24
N GLY J 23 -25.52 39.50 30.88
CA GLY J 23 -26.92 39.11 30.91
C GLY J 23 -27.27 38.38 32.19
N ALA J 24 -28.54 38.50 32.59
CA ALA J 24 -28.97 37.94 33.86
C ALA J 24 -28.97 36.41 33.82
N SER J 25 -29.54 35.83 32.77
CA SER J 25 -29.63 34.37 32.70
C SER J 25 -28.25 33.71 32.66
N ASN J 26 -27.29 34.35 32.00
CA ASN J 26 -25.93 33.80 31.97
C ASN J 26 -25.21 34.05 33.30
N PHE J 27 -25.45 35.20 33.93
CA PHE J 27 -24.89 35.44 35.26
C PHE J 27 -25.38 34.38 36.25
N THR J 28 -26.64 33.96 36.13
CA THR J 28 -27.16 32.91 37.01
C THR J 28 -26.49 31.59 36.72
N GLY J 29 -26.32 31.25 35.43
CA GLY J 29 -25.55 30.07 35.08
C GLY J 29 -24.13 30.12 35.61
N ALA J 30 -23.55 31.32 35.66
CA ALA J 30 -22.24 31.47 36.30
C ALA J 30 -22.31 31.12 37.78
N LYS J 31 -23.38 31.54 38.45
CA LYS J 31 -23.54 31.22 39.87
C LYS J 31 -23.76 29.73 40.07
N LYS J 32 -24.68 29.13 39.30
CA LYS J 32 -24.95 27.71 39.44
C LYS J 32 -23.71 26.87 39.18
N CYS J 33 -22.83 27.33 38.29
CA CYS J 33 -21.56 26.62 38.08
C CYS J 33 -20.69 26.68 39.32
N LEU J 34 -20.60 27.84 39.97
CA LEU J 34 -19.76 27.97 41.15
C LEU J 34 -20.32 27.19 42.32
N VAL J 35 -21.65 27.18 42.48
CA VAL J 35 -22.26 26.48 43.61
C VAL J 35 -21.97 24.99 43.55
N ASN J 36 -22.12 24.39 42.36
CA ASN J 36 -21.80 22.97 42.22
C ASN J 36 -20.32 22.71 42.48
N LEU J 37 -19.45 23.63 42.06
CA LEU J 37 -18.03 23.46 42.28
C LEU J 37 -17.69 23.50 43.77
N ILE J 38 -18.19 24.52 44.47
CA ILE J 38 -17.94 24.63 45.90
C ILE J 38 -18.46 23.39 46.64
N GLU J 39 -19.65 22.91 46.27
CA GLU J 39 -20.20 21.72 46.89
C GLU J 39 -19.31 20.50 46.63
N LYS J 40 -18.84 20.34 45.39
CA LYS J 40 -17.98 19.21 45.07
C LYS J 40 -16.63 19.30 45.78
N VAL J 41 -16.14 20.52 46.02
CA VAL J 41 -14.90 20.69 46.76
C VAL J 41 -15.06 20.22 48.20
N ALA J 42 -16.16 20.62 48.84
CA ALA J 42 -16.41 20.23 50.23
C ALA J 42 -16.62 18.72 50.37
N SER J 43 -17.00 18.04 49.29
CA SER J 43 -17.19 16.59 49.37
C SER J 43 -15.87 15.86 49.61
N TYR J 44 -14.74 16.46 49.20
CA TYR J 44 -13.44 15.85 49.46
C TYR J 44 -12.96 16.05 50.88
N GLY J 45 -13.51 17.00 51.62
CA GLY J 45 -13.10 17.23 52.98
C GLY J 45 -12.00 18.25 53.17
N VAL J 46 -11.63 18.96 52.12
CA VAL J 46 -10.59 19.98 52.16
C VAL J 46 -11.23 21.32 52.48
N LYS J 47 -10.62 22.08 53.39
CA LYS J 47 -11.13 23.37 53.82
C LYS J 47 -10.26 24.50 53.27
N PRO J 48 -10.62 25.10 52.13
CA PRO J 48 -9.85 26.22 51.61
C PRO J 48 -10.38 27.55 52.15
N ARG J 49 -9.62 28.61 51.85
CA ARG J 49 -10.01 29.99 52.16
C ARG J 49 -10.62 30.61 50.91
N TYR J 50 -11.93 30.86 50.94
CA TYR J 50 -12.64 31.36 49.78
C TYR J 50 -12.64 32.88 49.74
N GLY J 51 -12.37 33.42 48.57
CA GLY J 51 -12.53 34.85 48.31
C GLY J 51 -13.52 35.11 47.19
N LEU J 52 -14.49 35.98 47.44
CA LEU J 52 -15.58 36.23 46.50
C LEU J 52 -15.59 37.71 46.13
N VAL J 53 -15.44 37.98 44.84
CA VAL J 53 -15.40 39.35 44.33
C VAL J 53 -16.26 39.44 43.07
N THR J 54 -17.17 40.40 43.04
CA THR J 54 -17.90 40.77 41.84
C THR J 54 -17.47 42.17 41.44
N TYR J 55 -17.21 42.37 40.14
CA TYR J 55 -16.66 43.63 39.69
C TYR J 55 -17.35 44.08 38.40
N ALA J 56 -17.39 45.40 38.22
CA ALA J 56 -17.81 46.00 36.96
C ALA J 56 -16.94 47.22 36.68
N THR J 57 -17.45 48.42 36.99
CA THR J 57 -16.57 49.59 37.03
C THR J 57 -15.66 49.55 38.24
N TYR J 58 -16.20 49.17 39.40
CA TYR J 58 -15.45 49.06 40.64
C TYR J 58 -15.69 47.67 41.22
N PRO J 59 -14.64 46.97 41.64
CA PRO J 59 -14.83 45.68 42.29
C PRO J 59 -15.54 45.84 43.63
N LYS J 60 -16.33 44.84 43.96
CA LYS J 60 -17.03 44.78 45.25
C LYS J 60 -16.66 43.46 45.92
N ILE J 61 -16.01 43.54 47.06
CA ILE J 61 -15.51 42.36 47.75
C ILE J 61 -16.60 41.88 48.70
N TRP J 62 -16.95 40.59 48.57
CA TRP J 62 -17.99 39.99 49.40
C TRP J 62 -17.41 39.11 50.50
N VAL J 63 -16.40 38.30 50.19
CA VAL J 63 -15.76 37.43 51.15
C VAL J 63 -14.25 37.59 51.00
N LYS J 64 -13.58 37.85 52.13
CA LYS J 64 -12.12 37.96 52.16
C LYS J 64 -11.54 36.73 52.81
N VAL J 65 -10.41 36.26 52.27
CA VAL J 65 -9.78 35.04 52.77
C VAL J 65 -9.24 35.21 54.18
N SER J 66 -9.07 36.45 54.65
CA SER J 66 -8.57 36.64 56.02
C SER J 66 -9.61 36.26 57.07
N GLU J 67 -10.89 36.39 56.74
CA GLU J 67 -11.95 36.04 57.69
C GLU J 67 -12.01 34.52 57.88
N ALA J 68 -12.37 34.11 59.10
CA ALA J 68 -12.59 32.70 59.36
C ALA J 68 -13.82 32.18 58.63
N ASP J 69 -14.77 33.05 58.29
CA ASP J 69 -15.94 32.65 57.52
C ASP J 69 -15.57 32.20 56.11
N SER J 70 -14.37 32.54 55.64
CA SER J 70 -13.94 32.13 54.30
C SER J 70 -13.80 30.61 54.17
N SER J 71 -13.68 29.91 55.29
CA SER J 71 -13.60 28.45 55.29
C SER J 71 -14.96 27.79 55.43
N ASN J 72 -16.04 28.56 55.40
CA ASN J 72 -17.40 28.04 55.53
C ASN J 72 -18.00 27.91 54.14
N ALA J 73 -18.13 26.67 53.67
CA ALA J 73 -18.66 26.43 52.32
C ALA J 73 -20.11 26.88 52.21
N ASP J 74 -20.95 26.49 53.18
CA ASP J 74 -22.36 26.84 53.11
C ASP J 74 -22.59 28.34 53.21
N TRP J 75 -21.79 29.03 54.03
CA TRP J 75 -21.94 30.47 54.16
C TRP J 75 -21.56 31.19 52.88
N VAL J 76 -20.46 30.77 52.24
CA VAL J 76 -20.06 31.38 50.98
C VAL J 76 -21.10 31.11 49.89
N THR J 77 -21.65 29.90 49.87
CA THR J 77 -22.73 29.60 48.94
C THR J 77 -23.93 30.52 49.16
N LYS J 78 -24.22 30.83 50.43
CA LYS J 78 -25.30 31.75 50.73
C LYS J 78 -25.00 33.17 50.26
N GLN J 79 -23.76 33.63 50.47
CA GLN J 79 -23.39 34.95 50.00
C GLN J 79 -23.46 35.05 48.48
N LEU J 80 -22.99 34.02 47.78
CA LEU J 80 -23.00 34.04 46.32
C LEU J 80 -24.43 34.00 45.77
N ASN J 81 -25.28 33.15 46.35
CA ASN J 81 -26.65 33.03 45.84
C ASN J 81 -27.44 34.32 46.01
N GLU J 82 -27.19 35.06 47.09
CA GLU J 82 -27.92 36.31 47.32
C GLU J 82 -27.54 37.38 46.31
N ILE J 83 -26.32 37.34 45.79
CA ILE J 83 -25.86 38.36 44.85
C ILE J 83 -26.77 38.36 43.62
N ASN J 84 -27.17 39.55 43.19
CA ASN J 84 -28.07 39.73 42.06
C ASN J 84 -27.33 40.43 40.92
N TYR J 85 -27.75 40.13 39.69
CA TYR J 85 -27.11 40.73 38.52
C TYR J 85 -27.26 42.25 38.53
N GLU J 86 -28.44 42.76 38.89
CA GLU J 86 -28.68 44.19 38.93
C GLU J 86 -28.32 44.80 40.29
N ASP J 87 -27.46 44.14 41.07
CA ASP J 87 -27.03 44.71 42.33
C ASP J 87 -26.16 45.94 42.09
N HIS J 88 -25.16 45.82 41.22
CA HIS J 88 -24.37 46.98 40.82
C HIS J 88 -24.43 47.15 39.30
N LYS J 89 -25.63 47.10 38.74
CA LYS J 89 -25.80 47.23 37.30
C LYS J 89 -25.48 48.65 36.82
N LEU J 90 -25.72 49.65 37.67
CA LEU J 90 -25.52 51.03 37.28
C LEU J 90 -24.05 51.41 37.15
N LYS J 91 -23.14 50.57 37.61
CA LYS J 91 -21.71 50.77 37.46
C LYS J 91 -21.15 49.78 36.44
N SER J 92 -21.88 49.55 35.35
CA SER J 92 -21.65 48.41 34.48
C SER J 92 -20.42 48.52 33.59
N GLY J 93 -19.27 48.84 34.18
CA GLY J 93 -18.02 48.81 33.45
C GLY J 93 -17.45 47.40 33.41
N THR J 94 -16.23 47.30 32.87
CA THR J 94 -15.48 46.04 32.87
C THR J 94 -14.03 46.43 33.16
N ASN J 95 -13.68 46.45 34.45
CA ASN J 95 -12.36 46.86 34.93
C ASN J 95 -11.72 45.68 35.64
N THR J 96 -11.22 44.72 34.85
CA THR J 96 -10.67 43.49 35.43
C THR J 96 -9.35 43.75 36.16
N LYS J 97 -8.59 44.76 35.72
CA LYS J 97 -7.28 45.03 36.33
C LYS J 97 -7.43 45.37 37.80
N LYS J 98 -8.45 46.15 38.16
CA LYS J 98 -8.66 46.49 39.56
C LYS J 98 -9.11 45.27 40.36
N ALA J 99 -9.89 44.39 39.75
CA ALA J 99 -10.31 43.18 40.45
C ALA J 99 -9.12 42.27 40.74
N LEU J 100 -8.20 42.14 39.80
CA LEU J 100 -6.99 41.38 40.04
C LEU J 100 -6.10 42.06 41.08
N GLN J 101 -6.09 43.39 41.10
CA GLN J 101 -5.33 44.11 42.12
C GLN J 101 -5.88 43.84 43.51
N ALA J 102 -7.20 43.64 43.62
CA ALA J 102 -7.77 43.26 44.91
C ALA J 102 -7.30 41.87 45.33
N VAL J 103 -7.23 40.93 44.37
CA VAL J 103 -6.70 39.61 44.67
C VAL J 103 -5.23 39.70 45.05
N TYR J 104 -4.47 40.56 44.35
CA TYR J 104 -3.09 40.78 44.72
C TYR J 104 -2.98 41.31 46.15
N SER J 105 -3.94 42.12 46.58
CA SER J 105 -3.93 42.63 47.95
C SER J 105 -4.24 41.52 48.95
N MET J 106 -5.05 40.54 48.55
CA MET J 106 -5.41 39.47 49.49
C MET J 106 -4.20 38.60 49.82
N MET J 107 -3.49 38.13 48.79
CA MET J 107 -2.28 37.33 49.04
C MET J 107 -1.13 38.18 49.57
N SER J 108 -1.20 39.50 49.42
CA SER J 108 -0.12 40.37 49.89
C SER J 108 -0.11 40.43 51.42
N TRP J 109 1.05 40.26 51.99
CA TRP J 109 1.31 40.35 53.41
C TRP J 109 1.62 41.79 53.80
N PRO J 110 1.33 42.18 55.05
CA PRO J 110 1.73 43.52 55.51
C PRO J 110 3.24 43.61 55.67
N ASP J 111 3.75 44.82 55.45
CA ASP J 111 5.19 45.13 55.54
C ASP J 111 5.95 44.21 54.60
N ASP J 112 7.12 43.70 54.99
CA ASP J 112 7.97 42.91 54.11
C ASP J 112 8.09 41.46 54.56
N VAL J 113 7.33 41.04 55.56
CA VAL J 113 7.49 39.73 56.18
C VAL J 113 6.25 38.89 55.84
N PRO J 114 6.38 37.85 55.04
CA PRO J 114 5.24 36.95 54.80
C PRO J 114 5.02 36.04 55.99
N PRO J 115 3.76 35.77 56.34
CA PRO J 115 3.48 34.79 57.40
C PRO J 115 3.95 33.41 56.99
N GLU J 116 4.36 32.62 58.00
CA GLU J 116 4.87 31.29 57.72
C GLU J 116 3.79 30.42 57.08
N GLY J 117 4.20 29.59 56.13
CA GLY J 117 3.28 28.84 55.30
C GLY J 117 2.90 29.53 54.02
N TRP J 118 3.60 30.61 53.64
CA TRP J 118 3.30 31.29 52.39
C TRP J 118 3.63 30.42 51.18
N ASN J 119 4.79 29.76 51.20
CA ASN J 119 5.10 28.82 50.12
C ASN J 119 4.39 27.49 50.31
N ARG J 120 4.07 27.13 51.55
CA ARG J 120 3.26 25.95 51.79
C ARG J 120 1.85 26.09 51.23
N THR J 121 1.37 27.31 51.05
CA THR J 121 -0.01 27.55 50.64
C THR J 121 -0.14 27.48 49.12
N ARG J 122 -1.24 26.88 48.67
CA ARG J 122 -1.61 26.86 47.26
C ARG J 122 -2.56 28.02 46.97
N HIS J 123 -2.44 28.58 45.76
CA HIS J 123 -3.29 29.68 45.32
C HIS J 123 -3.95 29.31 44.00
N VAL J 124 -5.27 29.52 43.93
CA VAL J 124 -6.05 29.23 42.74
C VAL J 124 -6.94 30.43 42.45
N ILE J 125 -6.95 30.88 41.21
CA ILE J 125 -7.75 32.02 40.78
C ILE J 125 -8.71 31.56 39.68
N ILE J 126 -9.99 31.88 39.86
CA ILE J 126 -11.03 31.56 38.88
C ILE J 126 -11.71 32.84 38.45
N LEU J 127 -11.64 33.15 37.16
CA LEU J 127 -12.19 34.37 36.60
C LEU J 127 -13.24 34.02 35.55
N MET J 128 -14.35 34.74 35.57
CA MET J 128 -15.41 34.60 34.58
C MET J 128 -15.69 35.96 33.98
N THR J 129 -15.55 36.08 32.66
CA THR J 129 -15.72 37.35 31.98
C THR J 129 -16.00 37.10 30.51
N ASP J 130 -16.34 38.17 29.80
CA ASP J 130 -16.60 38.11 28.37
C ASP J 130 -15.34 38.38 27.54
N GLY J 131 -14.20 38.58 28.19
CA GLY J 131 -12.98 38.87 27.46
C GLY J 131 -12.91 40.27 26.90
N LEU J 132 -13.74 41.19 27.40
CA LEU J 132 -13.81 42.57 26.89
C LEU J 132 -13.63 43.53 28.07
N HIS J 133 -12.43 43.53 28.65
CA HIS J 133 -12.11 44.49 29.70
C HIS J 133 -11.93 45.87 29.08
N ASN J 134 -12.84 46.79 29.40
CA ASN J 134 -12.86 48.10 28.77
C ASN J 134 -12.34 49.21 29.67
N MET J 135 -12.34 49.02 30.98
CA MET J 135 -11.87 50.03 31.92
C MET J 135 -10.59 49.57 32.60
N GLY J 136 -9.80 50.56 33.03
CA GLY J 136 -8.53 50.28 33.67
C GLY J 136 -7.43 49.94 32.67
N GLY J 137 -6.24 49.72 33.22
CA GLY J 137 -5.08 49.41 32.42
C GLY J 137 -5.06 47.95 32.00
N ASP J 138 -3.87 47.49 31.65
CA ASP J 138 -3.71 46.10 31.24
C ASP J 138 -3.86 45.18 32.44
N PRO J 139 -4.66 44.12 32.35
CA PRO J 139 -4.77 43.19 33.48
C PRO J 139 -3.61 42.21 33.57
N ILE J 140 -2.88 41.98 32.48
CA ILE J 140 -1.82 40.99 32.48
C ILE J 140 -0.68 41.41 33.39
N THR J 141 -0.41 42.71 33.51
CA THR J 141 0.71 43.17 34.31
C THR J 141 0.53 42.84 35.79
N VAL J 142 -0.71 42.70 36.25
CA VAL J 142 -0.93 42.29 37.64
C VAL J 142 -0.61 40.81 37.81
N ILE J 143 -0.80 40.01 36.76
CA ILE J 143 -0.42 38.60 36.83
C ILE J 143 1.08 38.46 37.03
N ASP J 144 1.87 39.27 36.32
CA ASP J 144 3.32 39.24 36.51
C ASP J 144 3.71 39.63 37.92
N GLU J 145 3.00 40.60 38.50
CA GLU J 145 3.26 40.96 39.89
C GLU J 145 2.90 39.84 40.85
N ILE J 146 1.85 39.08 40.53
CA ILE J 146 1.50 37.92 41.34
C ILE J 146 2.55 36.82 41.17
N ARG J 147 2.94 36.55 39.92
CA ARG J 147 4.03 35.61 39.68
C ARG J 147 5.31 36.04 40.40
N ASP J 148 5.59 37.35 40.40
CA ASP J 148 6.76 37.84 41.12
C ASP J 148 6.57 37.71 42.63
N LEU J 149 5.42 38.17 43.14
CA LEU J 149 5.18 38.16 44.58
C LEU J 149 5.23 36.76 45.15
N LEU J 150 4.70 35.77 44.41
CA LEU J 150 4.71 34.39 44.85
C LEU J 150 5.99 33.66 44.44
N TYR J 151 6.92 34.35 43.77
CA TYR J 151 8.21 33.78 43.36
C TYR J 151 8.01 32.56 42.47
N ILE J 152 7.08 32.69 41.51
CA ILE J 152 6.73 31.60 40.61
C ILE J 152 7.33 31.89 39.24
N GLY J 153 8.03 30.91 38.68
CA GLY J 153 8.68 31.07 37.39
C GLY J 153 9.86 32.02 37.39
N LYS J 154 10.30 32.47 38.56
CA LYS J 154 11.41 33.42 38.67
C LYS J 154 12.73 32.75 39.02
N ASP J 155 12.76 31.44 39.20
CA ASP J 155 13.96 30.75 39.62
C ASP J 155 13.99 29.37 38.97
N ARG J 156 15.13 29.04 38.36
CA ARG J 156 15.30 27.73 37.75
C ARG J 156 15.39 26.63 38.81
N LYS J 157 15.99 26.92 39.95
CA LYS J 157 16.13 25.91 41.00
C LYS J 157 14.78 25.55 41.63
N ASN J 158 13.87 26.52 41.73
CA ASN J 158 12.58 26.31 42.37
C ASN J 158 11.52 27.02 41.55
N PRO J 159 10.88 26.32 40.61
CA PRO J 159 9.93 27.00 39.73
C PRO J 159 8.66 27.45 40.42
N ARG J 160 8.11 26.63 41.32
CA ARG J 160 6.86 26.95 42.03
C ARG J 160 5.69 27.12 41.08
N GLU J 161 5.73 26.44 39.93
CA GLU J 161 4.64 26.55 38.96
C GLU J 161 3.36 25.89 39.46
N ASP J 162 3.48 24.88 40.31
CA ASP J 162 2.31 24.13 40.76
C ASP J 162 1.59 24.77 41.94
N TYR J 163 2.04 25.93 42.40
CA TYR J 163 1.36 26.65 43.48
C TYR J 163 0.37 27.68 42.98
N LEU J 164 0.22 27.86 41.67
CA LEU J 164 -0.75 28.80 41.12
C LEU J 164 -1.37 28.23 39.86
N ASP J 165 -2.70 28.18 39.82
CA ASP J 165 -3.44 27.72 38.66
C ASP J 165 -4.56 28.70 38.35
N VAL J 166 -4.66 29.11 37.08
CA VAL J 166 -5.58 30.16 36.66
C VAL J 166 -6.54 29.58 35.63
N TYR J 167 -7.84 29.61 35.94
CA TYR J 167 -8.89 29.17 35.02
C TYR J 167 -9.76 30.36 34.64
N VAL J 168 -10.16 30.41 33.37
CA VAL J 168 -11.00 31.49 32.85
C VAL J 168 -12.23 30.86 32.20
N PHE J 169 -13.41 31.35 32.57
CA PHE J 169 -14.68 30.87 32.04
C PHE J 169 -15.28 31.92 31.13
N GLY J 170 -15.46 31.57 29.86
CA GLY J 170 -16.12 32.46 28.92
C GLY J 170 -17.64 32.46 29.06
N VAL J 171 -18.18 33.53 29.63
CA VAL J 171 -19.60 33.63 29.91
C VAL J 171 -20.21 34.73 29.03
N GLY J 172 -21.53 34.79 29.02
CA GLY J 172 -22.25 35.75 28.23
C GLY J 172 -22.44 35.29 26.79
N PRO J 173 -23.42 35.88 26.10
CA PRO J 173 -23.66 35.46 24.70
C PRO J 173 -22.51 35.79 23.77
N LEU J 174 -21.97 37.00 23.85
CA LEU J 174 -20.83 37.41 23.04
C LEU J 174 -19.57 37.34 23.88
N VAL J 175 -18.49 36.83 23.28
CA VAL J 175 -17.28 36.53 24.03
C VAL J 175 -16.08 36.63 23.09
N ASN J 176 -14.94 37.04 23.65
CA ASN J 176 -13.69 37.20 22.91
C ASN J 176 -12.69 36.16 23.39
N GLN J 177 -12.27 35.27 22.49
CA GLN J 177 -11.33 34.22 22.86
C GLN J 177 -9.92 34.75 23.08
N VAL J 178 -9.51 35.76 22.30
CA VAL J 178 -8.11 36.18 22.28
C VAL J 178 -7.65 36.65 23.64
N ASN J 179 -8.38 37.62 24.22
CA ASN J 179 -7.97 38.13 25.53
C ASN J 179 -8.12 37.07 26.61
N ILE J 180 -9.12 36.20 26.50
CA ILE J 180 -9.30 35.13 27.48
C ILE J 180 -8.13 34.17 27.45
N ASN J 181 -7.69 33.78 26.25
CA ASN J 181 -6.55 32.88 26.13
C ASN J 181 -5.28 33.50 26.70
N ALA J 182 -5.16 34.83 26.64
CA ALA J 182 -4.00 35.50 27.21
C ALA J 182 -4.07 35.52 28.74
N LEU J 183 -5.27 35.72 29.29
CA LEU J 183 -5.42 35.78 30.74
C LEU J 183 -5.18 34.42 31.38
N ALA J 184 -5.69 33.36 30.77
CA ALA J 184 -5.63 32.04 31.38
C ALA J 184 -4.20 31.52 31.43
N SER J 185 -3.94 30.67 32.42
CA SER J 185 -2.65 30.01 32.54
C SER J 185 -2.48 28.98 31.42
N LYS J 186 -1.24 28.75 31.03
CA LYS J 186 -0.89 27.84 29.94
C LYS J 186 0.07 26.78 30.47
N LYS J 187 -0.41 25.54 30.58
CA LYS J 187 0.41 24.44 31.04
C LYS J 187 0.15 23.23 30.16
N ASP J 188 1.18 22.38 30.04
CA ASP J 188 1.12 21.23 29.15
C ASP J 188 0.04 20.25 29.62
N ASN J 189 -0.90 19.96 28.73
CA ASN J 189 -1.95 18.96 28.97
C ASN J 189 -2.78 19.31 30.21
N GLU J 190 -3.16 20.58 30.29
CA GLU J 190 -4.03 21.08 31.35
C GLU J 190 -4.98 22.10 30.75
N GLN J 191 -6.29 21.89 30.94
CA GLN J 191 -7.29 22.78 30.38
C GLN J 191 -7.53 23.95 31.32
N HIS J 192 -7.37 25.17 30.80
CA HIS J 192 -7.63 26.39 31.55
C HIS J 192 -8.58 27.34 30.85
N VAL J 193 -9.05 27.00 29.65
CA VAL J 193 -9.93 27.87 28.87
C VAL J 193 -11.24 27.12 28.64
N PHE J 194 -12.35 27.81 28.88
CA PHE J 194 -13.67 27.23 28.71
C PHE J 194 -14.56 28.21 27.96
N LYS J 195 -15.46 27.65 27.15
CA LYS J 195 -16.30 28.43 26.26
C LYS J 195 -17.73 28.45 26.79
N VAL J 196 -18.66 28.98 25.99
CA VAL J 196 -20.04 29.10 26.44
C VAL J 196 -20.70 27.73 26.54
N LYS J 197 -20.45 26.86 25.56
CA LYS J 197 -21.03 25.53 25.59
C LYS J 197 -20.51 24.68 26.74
N ASP J 198 -19.33 25.02 27.28
CA ASP J 198 -18.77 24.26 28.40
C ASP J 198 -19.57 24.44 29.69
N MET J 199 -20.43 25.46 29.76
CA MET J 199 -21.23 25.68 30.95
C MET J 199 -22.21 24.55 31.21
N GLU J 200 -22.57 23.80 30.17
CA GLU J 200 -23.34 22.57 30.33
C GLU J 200 -22.41 21.38 30.52
N ASN J 201 -22.91 20.36 31.22
CA ASN J 201 -22.14 19.17 31.59
C ASN J 201 -20.97 19.55 32.49
N LEU J 202 -21.34 19.98 33.71
CA LEU J 202 -20.36 20.52 34.64
C LEU J 202 -19.42 19.45 35.17
N GLU J 203 -19.91 18.23 35.38
CA GLU J 203 -19.08 17.16 35.93
C GLU J 203 -17.86 16.90 35.06
N ASP J 204 -18.01 17.00 33.75
CA ASP J 204 -16.87 16.83 32.85
C ASP J 204 -15.88 17.99 32.98
N VAL J 205 -16.40 19.21 33.20
CA VAL J 205 -15.54 20.37 33.37
C VAL J 205 -14.60 20.17 34.56
N PHE J 206 -15.16 19.82 35.71
CA PHE J 206 -14.34 19.64 36.91
C PHE J 206 -13.42 18.44 36.80
N TYR J 207 -13.80 17.43 36.01
CA TYR J 207 -12.97 16.25 35.84
C TYR J 207 -11.62 16.58 35.20
N GLN J 208 -11.58 17.62 34.37
CA GLN J 208 -10.35 17.97 33.67
C GLN J 208 -9.35 18.67 34.60
N MET J 209 -9.84 19.49 35.53
CA MET J 209 -8.97 20.32 36.35
C MET J 209 -8.60 19.65 37.67
N ILE J 210 -9.44 18.76 38.20
CA ILE J 210 -9.20 18.15 39.49
C ILE J 210 -8.13 17.07 39.34
N ASP J 211 -7.18 17.06 40.27
CA ASP J 211 -6.19 15.99 40.37
C ASP J 211 -6.34 15.32 41.73
N GLU J 212 -6.70 14.03 41.71
CA GLU J 212 -6.93 13.27 42.94
C GLU J 212 -5.66 12.59 43.42
N SER J 213 -4.54 13.32 43.43
CA SER J 213 -3.26 12.71 43.77
C SER J 213 -3.27 12.16 45.18
N GLN J 214 -3.70 12.96 46.15
CA GLN J 214 -3.73 12.58 47.55
C GLN J 214 -5.12 12.18 48.03
N SER J 215 -6.04 11.91 47.11
CA SER J 215 -7.43 11.61 47.46
C SER J 215 -7.92 10.40 46.67
N LEU J 216 -7.03 9.42 46.45
CA LEU J 216 -7.40 8.25 45.65
C LEU J 216 -8.32 7.30 46.40
N SER J 217 -8.09 7.13 47.71
CA SER J 217 -8.70 6.04 48.47
C SER J 217 -9.99 6.41 49.19
N LEU J 218 -10.51 7.62 48.98
CA LEU J 218 -11.73 8.00 49.68
C LEU J 218 -12.91 7.16 49.22
N CYS J 219 -13.75 6.77 50.17
CA CYS J 219 -14.88 5.89 49.88
C CYS J 219 -16.06 6.67 49.31
N GLY J 220 -16.90 5.96 48.55
CA GLY J 220 -18.16 6.49 48.08
C GLY J 220 -18.08 7.79 47.28
N MET J 221 -17.06 7.91 46.43
CA MET J 221 -16.89 9.08 45.58
C MET J 221 -16.95 8.65 44.13
N VAL J 222 -17.82 9.30 43.36
CA VAL J 222 -18.17 8.87 42.01
C VAL J 222 -17.84 9.97 41.02
N TRP J 223 -17.35 9.58 39.84
CA TRP J 223 -17.21 10.48 38.71
C TRP J 223 -18.43 10.35 37.81
N GLU J 224 -19.16 11.45 37.65
CA GLU J 224 -20.42 11.45 36.91
C GLU J 224 -20.31 12.06 35.52
N HIS J 225 -19.09 12.20 35.00
CA HIS J 225 -18.93 12.83 33.70
C HIS J 225 -19.52 11.94 32.60
N ARG J 226 -19.98 12.58 31.53
CA ARG J 226 -20.78 11.90 30.52
C ARG J 226 -20.01 10.78 29.85
N LYS J 227 -18.71 11.00 29.61
CA LYS J 227 -17.89 9.96 28.99
C LYS J 227 -17.66 8.76 29.90
N GLY J 228 -17.86 8.91 31.20
CA GLY J 228 -17.59 7.82 32.12
C GLY J 228 -18.42 6.59 31.80
N THR J 229 -17.85 5.43 32.12
CA THR J 229 -18.50 4.16 31.88
C THR J 229 -19.28 3.75 33.14
N ASP J 230 -19.68 2.48 33.20
CA ASP J 230 -20.46 2.02 34.35
C ASP J 230 -19.65 2.12 35.64
N TYR J 231 -18.35 1.81 35.56
CA TYR J 231 -17.51 1.75 36.75
C TYR J 231 -16.99 3.12 37.17
N HIS J 232 -17.01 4.10 36.25
CA HIS J 232 -16.88 5.49 36.68
C HIS J 232 -18.08 5.91 37.52
N LYS J 233 -19.26 5.37 37.21
CA LYS J 233 -20.47 5.70 37.96
C LYS J 233 -20.61 4.85 39.20
N GLN J 234 -20.03 3.66 39.22
CA GLN J 234 -20.04 2.78 40.39
C GLN J 234 -18.63 2.23 40.59
N PRO J 235 -17.77 2.96 41.30
CA PRO J 235 -16.40 2.45 41.51
C PRO J 235 -16.36 1.24 42.42
N TRP J 236 -17.28 1.12 43.37
CA TRP J 236 -17.30 -0.01 44.28
C TRP J 236 -17.97 -1.24 43.67
N GLN J 237 -18.67 -1.08 42.56
CA GLN J 237 -19.45 -2.18 42.01
C GLN J 237 -18.55 -3.32 41.59
N ALA J 238 -18.85 -4.51 42.09
CA ALA J 238 -18.11 -5.72 41.76
C ALA J 238 -19.08 -6.76 41.24
N LYS J 239 -18.67 -7.44 40.18
CA LYS J 239 -19.48 -8.48 39.56
C LYS J 239 -18.86 -9.82 39.94
N ILE J 240 -19.65 -10.69 40.57
CA ILE J 240 -19.17 -11.95 41.10
C ILE J 240 -19.88 -13.07 40.36
N SER J 241 -19.09 -13.96 39.76
CA SER J 241 -19.61 -15.09 39.01
C SER J 241 -19.12 -16.38 39.65
N VAL J 242 -20.04 -17.33 39.81
CA VAL J 242 -19.72 -18.65 40.33
C VAL J 242 -20.10 -19.67 39.26
N ILE J 243 -19.10 -20.36 38.72
CA ILE J 243 -19.31 -21.42 37.74
C ILE J 243 -18.66 -22.68 38.31
N ARG J 244 -19.48 -23.71 38.49
CA ARG J 244 -19.01 -24.95 39.09
C ARG J 244 -19.79 -26.07 38.44
N PRO J 245 -19.15 -27.22 38.17
CA PRO J 245 -19.88 -28.35 37.57
C PRO J 245 -21.13 -28.70 38.36
N SER J 246 -22.12 -29.25 37.64
CA SER J 246 -23.44 -29.56 38.18
C SER J 246 -24.20 -28.29 38.54
N LYS J 247 -23.58 -27.43 39.37
CA LYS J 247 -24.22 -26.18 39.73
C LYS J 247 -24.34 -25.24 38.53
N GLY J 248 -23.33 -25.23 37.67
CA GLY J 248 -23.35 -24.37 36.50
C GLY J 248 -22.97 -22.94 36.82
N HIS J 249 -23.18 -22.08 35.83
CA HIS J 249 -22.84 -20.67 35.96
C HIS J 249 -23.91 -19.92 36.76
N GLU J 250 -23.45 -19.01 37.60
CA GLU J 250 -24.31 -18.15 38.39
C GLU J 250 -23.56 -16.85 38.68
N SER J 251 -24.31 -15.74 38.72
CA SER J 251 -23.71 -14.43 38.89
C SER J 251 -24.42 -13.64 39.98
N CYS J 252 -23.63 -12.98 40.82
CA CYS J 252 -24.14 -12.08 41.84
C CYS J 252 -23.29 -10.81 41.83
N MET J 253 -23.70 -9.83 42.64
CA MET J 253 -23.01 -8.57 42.73
C MET J 253 -22.25 -8.47 44.05
N GLY J 254 -21.26 -7.58 44.07
CA GLY J 254 -20.50 -7.33 45.27
C GLY J 254 -20.09 -5.86 45.31
N ALA J 255 -19.63 -5.43 46.48
CA ALA J 255 -19.24 -4.04 46.70
C ALA J 255 -17.87 -4.01 47.34
N VAL J 256 -16.98 -3.21 46.76
CA VAL J 256 -15.63 -3.06 47.30
C VAL J 256 -15.72 -2.34 48.64
N VAL J 257 -15.05 -2.89 49.65
CA VAL J 257 -15.02 -2.27 50.97
C VAL J 257 -13.61 -1.98 51.45
N SER J 258 -12.59 -2.64 50.91
CA SER J 258 -11.21 -2.40 51.28
C SER J 258 -10.32 -2.92 50.15
N GLU J 259 -9.00 -2.90 50.36
CA GLU J 259 -8.08 -3.33 49.33
C GLU J 259 -8.21 -4.82 49.04
N TYR J 260 -8.45 -5.63 50.06
CA TYR J 260 -8.56 -7.08 49.88
C TYR J 260 -9.99 -7.60 49.94
N PHE J 261 -10.95 -6.79 50.38
CA PHE J 261 -12.27 -7.30 50.71
C PHE J 261 -13.35 -6.69 49.82
N VAL J 262 -14.29 -7.55 49.43
CA VAL J 262 -15.51 -7.15 48.72
C VAL J 262 -16.69 -7.71 49.50
N LEU J 263 -17.71 -6.89 49.73
CA LEU J 263 -18.88 -7.30 50.51
C LEU J 263 -19.99 -7.74 49.57
N THR J 264 -20.60 -8.87 49.88
CA THR J 264 -21.69 -9.41 49.08
C THR J 264 -22.50 -10.36 49.95
N ALA J 265 -23.57 -10.91 49.36
CA ALA J 265 -24.45 -11.81 50.10
C ALA J 265 -23.79 -13.17 50.30
N ALA J 266 -24.33 -13.93 51.24
CA ALA J 266 -23.83 -15.25 51.56
C ALA J 266 -24.55 -16.35 50.79
N HIS J 267 -25.86 -16.19 50.54
CA HIS J 267 -26.63 -17.23 49.88
C HIS J 267 -26.24 -17.41 48.41
N CYS J 268 -25.47 -16.48 47.84
CA CYS J 268 -24.95 -16.70 46.49
C CYS J 268 -23.95 -17.85 46.48
N PHE J 269 -23.18 -17.99 47.55
CA PHE J 269 -22.18 -19.04 47.68
C PHE J 269 -22.67 -20.08 48.69
N THR J 270 -21.83 -21.09 48.90
CA THR J 270 -22.06 -22.08 49.94
C THR J 270 -20.70 -22.59 50.39
N VAL J 271 -20.71 -23.38 51.48
CA VAL J 271 -19.46 -23.97 51.95
C VAL J 271 -18.90 -24.92 50.90
N ASP J 272 -19.76 -25.54 50.11
CA ASP J 272 -19.30 -26.46 49.07
C ASP J 272 -18.63 -25.73 47.92
N ASP J 273 -18.98 -24.46 47.69
CA ASP J 273 -18.37 -23.69 46.62
C ASP J 273 -16.88 -23.45 46.90
N LYS J 274 -16.03 -23.86 45.97
CA LYS J 274 -14.59 -23.72 46.10
C LYS J 274 -14.14 -22.33 45.65
N GLU J 275 -13.03 -21.87 46.23
CA GLU J 275 -12.55 -20.52 45.94
C GLU J 275 -12.17 -20.35 44.48
N HIS J 276 -11.71 -21.42 43.82
CA HIS J 276 -11.32 -21.31 42.42
C HIS J 276 -12.51 -21.16 41.48
N SER J 277 -13.71 -21.55 41.93
CA SER J 277 -14.91 -21.44 41.10
C SER J 277 -15.62 -20.10 41.25
N ILE J 278 -15.04 -19.15 41.98
CA ILE J 278 -15.62 -17.84 42.19
C ILE J 278 -14.74 -16.81 41.50
N LYS J 279 -15.34 -16.04 40.59
CA LYS J 279 -14.63 -14.99 39.85
C LYS J 279 -15.27 -13.64 40.15
N VAL J 280 -14.42 -12.63 40.37
CA VAL J 280 -14.87 -11.28 40.68
C VAL J 280 -14.16 -10.31 39.73
N SER J 281 -14.94 -9.42 39.13
CA SER J 281 -14.41 -8.38 38.25
C SER J 281 -14.94 -7.03 38.70
N VAL J 282 -14.03 -6.15 39.11
CA VAL J 282 -14.39 -4.84 39.63
C VAL J 282 -14.48 -3.81 38.52
N GLY J 283 -13.32 -3.28 38.11
CA GLY J 283 -13.25 -2.22 37.13
C GLY J 283 -13.82 -2.53 35.75
N GLY J 284 -14.27 -3.77 35.55
CA GLY J 284 -14.78 -4.20 34.26
C GLY J 284 -13.78 -4.91 33.38
N GLU J 285 -12.53 -5.03 33.83
CA GLU J 285 -11.54 -5.81 33.10
C GLU J 285 -12.04 -7.24 32.90
N LYS J 286 -11.65 -7.84 31.77
CA LYS J 286 -12.02 -9.22 31.56
C LYS J 286 -11.10 -10.18 32.30
N ARG J 287 -10.03 -9.66 32.90
CA ARG J 287 -9.15 -10.47 33.73
C ARG J 287 -9.82 -10.63 35.10
N ASP J 288 -10.21 -11.86 35.42
CA ASP J 288 -10.88 -12.15 36.68
C ASP J 288 -9.87 -12.21 37.83
N LEU J 289 -10.25 -11.64 38.97
CA LEU J 289 -9.36 -11.57 40.11
C LEU J 289 -9.48 -12.84 40.92
N GLU J 290 -8.35 -13.31 41.43
CA GLU J 290 -8.31 -14.51 42.25
C GLU J 290 -8.61 -14.19 43.71
N ILE J 291 -9.29 -15.10 44.39
CA ILE J 291 -9.71 -14.91 45.76
C ILE J 291 -8.91 -15.87 46.65
N GLU J 292 -8.88 -15.55 47.94
CA GLU J 292 -8.16 -16.34 48.93
C GLU J 292 -9.09 -17.18 49.79
N VAL J 293 -10.11 -16.57 50.38
CA VAL J 293 -11.04 -17.26 51.27
C VAL J 293 -12.31 -16.45 51.33
N VAL J 294 -13.42 -17.12 51.65
CA VAL J 294 -14.72 -16.48 51.79
C VAL J 294 -15.13 -16.60 53.25
N LEU J 295 -15.41 -15.47 53.88
CA LEU J 295 -15.72 -15.41 55.31
C LEU J 295 -17.23 -15.34 55.45
N PHE J 296 -17.85 -16.51 55.63
CA PHE J 296 -19.28 -16.55 55.91
C PHE J 296 -19.55 -16.08 57.34
N HIS J 297 -20.69 -15.43 57.53
CA HIS J 297 -21.05 -14.97 58.84
C HIS J 297 -21.26 -16.17 59.77
N PRO J 298 -20.77 -16.10 61.01
CA PRO J 298 -20.88 -17.29 61.89
C PRO J 298 -22.32 -17.70 62.16
N ASN J 299 -23.23 -16.74 62.26
CA ASN J 299 -24.63 -17.02 62.56
C ASN J 299 -25.45 -17.27 61.31
N TYR J 300 -24.83 -17.37 60.14
CA TYR J 300 -25.54 -17.68 58.92
C TYR J 300 -25.93 -19.15 58.88
N ASN J 301 -27.17 -19.41 58.48
CA ASN J 301 -27.64 -20.79 58.35
C ASN J 301 -28.84 -20.79 57.42
N ILE J 302 -28.69 -21.37 56.23
CA ILE J 302 -29.80 -21.44 55.29
C ILE J 302 -30.80 -22.50 55.71
N ASN J 303 -30.35 -23.55 56.39
CA ASN J 303 -31.20 -24.64 56.85
C ASN J 303 -31.40 -24.62 58.36
N GLY J 304 -31.50 -23.41 58.94
CA GLY J 304 -31.69 -23.31 60.38
C GLY J 304 -33.00 -23.89 60.84
N LYS J 305 -34.09 -23.58 60.13
CA LYS J 305 -35.42 -24.08 60.44
C LYS J 305 -35.96 -24.99 59.34
N LYS J 306 -35.06 -25.72 58.68
CA LYS J 306 -35.46 -26.65 57.63
C LYS J 306 -36.26 -27.81 58.21
N GLU J 307 -35.84 -28.33 59.37
CA GLU J 307 -36.60 -29.42 59.99
C GLU J 307 -37.94 -28.94 60.52
N ALA J 308 -38.05 -27.66 60.87
CA ALA J 308 -39.33 -27.13 61.32
C ALA J 308 -40.33 -27.02 60.17
N GLY J 309 -39.85 -26.80 58.95
CA GLY J 309 -40.74 -26.74 57.81
C GLY J 309 -40.51 -25.55 56.90
N ILE J 310 -39.39 -24.86 57.07
CA ILE J 310 -39.08 -23.66 56.28
C ILE J 310 -38.02 -24.04 55.25
N PRO J 311 -38.25 -23.81 53.95
CA PRO J 311 -37.30 -24.26 52.93
C PRO J 311 -35.96 -23.56 53.01
N GLU J 312 -35.98 -22.23 53.05
CA GLU J 312 -34.77 -21.43 53.01
C GLU J 312 -34.87 -20.32 54.05
N PHE J 313 -33.76 -20.08 54.74
CA PHE J 313 -33.71 -19.10 55.83
C PHE J 313 -32.55 -18.16 55.55
N TYR J 314 -32.86 -16.88 55.33
CA TYR J 314 -31.90 -15.91 54.83
C TYR J 314 -31.36 -14.98 55.91
N ASP J 315 -31.41 -15.40 57.17
CA ASP J 315 -30.92 -14.53 58.24
C ASP J 315 -29.41 -14.41 58.17
N TYR J 316 -28.91 -13.18 58.28
CA TYR J 316 -27.47 -12.87 58.23
C TYR J 316 -26.88 -13.36 56.90
N ASP J 317 -27.41 -12.81 55.81
CA ASP J 317 -27.01 -13.20 54.46
C ASP J 317 -25.92 -12.26 53.95
N VAL J 318 -24.76 -12.32 54.61
CA VAL J 318 -23.62 -11.48 54.28
C VAL J 318 -22.36 -12.33 54.28
N ALA J 319 -21.36 -11.89 53.50
CA ALA J 319 -20.09 -12.59 53.42
C ALA J 319 -19.01 -11.63 52.95
N LEU J 320 -17.79 -11.85 53.44
CA LEU J 320 -16.63 -11.06 53.07
C LEU J 320 -15.66 -11.94 52.28
N ILE J 321 -15.28 -11.48 51.09
CA ILE J 321 -14.34 -12.18 50.23
C ILE J 321 -12.99 -11.48 50.29
N LYS J 322 -11.95 -12.24 50.62
CA LYS J 322 -10.59 -11.71 50.65
C LYS J 322 -9.91 -12.06 49.33
N LEU J 323 -9.45 -11.04 48.61
CA LEU J 323 -8.76 -11.24 47.34
C LEU J 323 -7.36 -11.80 47.58
N LYS J 324 -6.86 -12.51 46.57
CA LYS J 324 -5.50 -13.01 46.63
C LYS J 324 -4.48 -11.87 46.63
N ASN J 325 -4.75 -10.83 45.84
CA ASN J 325 -3.90 -9.66 45.75
C ASN J 325 -4.72 -8.41 46.06
N LYS J 326 -4.05 -7.39 46.59
CA LYS J 326 -4.74 -6.17 46.99
C LYS J 326 -5.00 -5.29 45.78
N LEU J 327 -6.14 -4.60 45.80
CA LEU J 327 -6.50 -3.69 44.73
C LEU J 327 -5.77 -2.36 44.87
N LYS J 328 -5.55 -1.72 43.73
CA LYS J 328 -4.97 -0.38 43.67
C LYS J 328 -6.10 0.56 43.24
N TYR J 329 -6.47 1.47 44.13
CA TYR J 329 -7.62 2.32 43.87
C TYR J 329 -7.35 3.26 42.71
N GLY J 330 -8.41 3.65 42.04
CA GLY J 330 -8.31 4.55 40.91
C GLY J 330 -9.62 5.25 40.65
N GLN J 331 -9.78 5.74 39.41
CA GLN J 331 -10.99 6.43 39.04
C GLN J 331 -12.17 5.49 38.88
N THR J 332 -11.93 4.20 38.60
CA THR J 332 -12.98 3.21 38.47
C THR J 332 -12.95 2.17 39.59
N ILE J 333 -12.07 2.34 40.57
CA ILE J 333 -11.93 1.38 41.67
C ILE J 333 -11.80 2.14 42.99
N ARG J 334 -12.89 2.18 43.75
CA ARG J 334 -12.92 2.85 45.04
C ARG J 334 -13.96 2.17 45.93
N PRO J 335 -13.71 2.08 47.22
CA PRO J 335 -14.68 1.44 48.12
C PRO J 335 -15.90 2.31 48.35
N ILE J 336 -16.96 1.68 48.86
CA ILE J 336 -18.17 2.38 49.29
C ILE J 336 -18.13 2.49 50.81
N CYS J 337 -18.59 3.62 51.34
CA CYS J 337 -18.44 3.90 52.75
C CYS J 337 -19.33 2.98 53.59
N LEU J 338 -18.86 2.70 54.81
CA LEU J 338 -19.56 1.84 55.76
C LEU J 338 -20.00 2.64 56.98
N PRO J 339 -21.17 2.32 57.55
CA PRO J 339 -21.69 3.12 58.67
C PRO J 339 -20.78 3.07 59.90
N CYS J 340 -20.85 4.14 60.70
CA CYS J 340 -20.12 4.25 61.96
C CYS J 340 -18.62 4.09 61.76
N THR J 341 -18.07 4.86 60.83
CA THR J 341 -16.65 4.96 60.60
C THR J 341 -16.24 6.43 60.55
N GLU J 342 -14.95 6.68 60.81
CA GLU J 342 -14.45 8.05 60.68
C GLU J 342 -14.54 8.54 59.25
N GLY J 343 -14.41 7.64 58.28
CA GLY J 343 -14.62 8.03 56.89
C GLY J 343 -16.04 8.46 56.62
N THR J 344 -17.02 7.71 57.16
CA THR J 344 -18.41 8.12 57.04
C THR J 344 -18.67 9.43 57.79
N THR J 345 -17.99 9.63 58.92
CA THR J 345 -18.08 10.89 59.64
C THR J 345 -17.61 12.04 58.77
N ARG J 346 -16.46 11.88 58.10
CA ARG J 346 -15.98 12.90 57.21
C ARG J 346 -16.82 12.97 55.94
N ALA J 347 -17.39 11.85 55.51
CA ALA J 347 -18.29 11.88 54.35
C ALA J 347 -19.55 12.66 54.65
N LEU J 348 -20.10 12.47 55.85
CA LEU J 348 -21.27 13.24 56.29
C LEU J 348 -20.91 14.61 56.84
N ARG J 349 -19.63 14.97 56.82
CA ARG J 349 -19.17 16.30 57.25
C ARG J 349 -19.52 16.56 58.71
N LEU J 350 -19.41 15.53 59.55
CA LEU J 350 -19.68 15.54 60.97
C LEU J 350 -18.41 15.80 61.77
N PRO J 351 -18.53 16.39 62.96
CA PRO J 351 -17.36 16.56 63.82
C PRO J 351 -16.80 15.21 64.25
N PRO J 352 -15.51 15.14 64.59
CA PRO J 352 -14.91 13.83 64.93
C PRO J 352 -15.47 13.21 66.20
N THR J 353 -16.19 13.96 67.02
CA THR J 353 -16.81 13.45 68.23
C THR J 353 -18.20 12.89 67.99
N THR J 354 -18.64 12.78 66.74
CA THR J 354 -19.95 12.22 66.46
C THR J 354 -19.99 10.72 66.76
N THR J 355 -21.06 10.29 67.39
CA THR J 355 -21.20 8.91 67.84
C THR J 355 -21.82 8.03 66.75
N CYS J 356 -21.68 6.72 66.95
CA CYS J 356 -22.28 5.77 66.02
C CYS J 356 -23.81 5.88 66.02
N GLN J 357 -24.40 6.17 67.18
CA GLN J 357 -25.85 6.33 67.24
C GLN J 357 -26.30 7.58 66.48
N GLN J 358 -25.57 8.68 66.62
CA GLN J 358 -25.92 9.89 65.89
C GLN J 358 -25.87 9.66 64.39
N GLN J 359 -24.89 8.87 63.92
CA GLN J 359 -24.83 8.53 62.50
C GLN J 359 -25.95 7.59 62.12
N LYS J 360 -26.37 6.71 63.04
CA LYS J 360 -27.51 5.83 62.78
C LYS J 360 -28.80 6.63 62.62
N GLU J 361 -28.97 7.69 63.43
CA GLU J 361 -30.18 8.50 63.35
C GLU J 361 -30.30 9.20 61.99
N GLU J 362 -29.18 9.71 61.48
CA GLU J 362 -29.22 10.44 60.20
C GLU J 362 -29.49 9.50 59.03
N LEU J 363 -28.89 8.32 59.03
CA LEU J 363 -29.02 7.42 57.88
C LEU J 363 -30.40 6.78 57.79
N LEU J 364 -30.97 6.39 58.94
CA LEU J 364 -32.21 5.60 58.97
C LEU J 364 -33.25 6.28 59.85
N PRO J 365 -33.91 7.32 59.36
CA PRO J 365 -35.07 7.86 60.07
C PRO J 365 -36.32 7.03 59.82
N ALA J 366 -37.28 7.19 60.73
CA ALA J 366 -38.53 6.42 60.68
C ALA J 366 -39.45 7.01 59.60
N GLN J 367 -39.02 6.82 58.35
CA GLN J 367 -39.75 7.33 57.20
C GLN J 367 -39.32 6.55 55.96
N ASP J 368 -39.90 6.92 54.82
CA ASP J 368 -39.48 6.37 53.55
C ASP J 368 -38.15 7.00 53.15
N ILE J 369 -37.13 6.17 52.92
CA ILE J 369 -35.77 6.62 52.68
C ILE J 369 -35.44 6.40 51.21
N LYS J 370 -34.98 7.45 50.54
CA LYS J 370 -34.54 7.32 49.16
C LYS J 370 -33.26 6.49 49.10
N ALA J 371 -33.22 5.55 48.15
CA ALA J 371 -32.08 4.66 48.02
C ALA J 371 -32.03 4.14 46.58
N LEU J 372 -31.04 3.29 46.31
CA LEU J 372 -30.88 2.73 44.97
C LEU J 372 -30.04 1.45 45.06
N PHE J 373 -30.22 0.59 44.06
CA PHE J 373 -29.42 -0.60 43.89
C PHE J 373 -29.02 -0.70 42.43
N VAL J 374 -28.10 -1.63 42.14
CA VAL J 374 -27.53 -1.78 40.80
C VAL J 374 -28.16 -2.99 40.12
N SER J 375 -28.44 -2.86 38.82
CA SER J 375 -29.03 -3.93 38.02
C SER J 375 -28.38 -3.95 36.65
N GLU J 376 -28.49 -5.11 35.98
CA GLU J 376 -27.93 -5.32 34.65
C GLU J 376 -29.02 -5.29 33.59
N GLU J 377 -28.75 -4.60 32.49
CA GLU J 377 -29.62 -4.61 31.30
C GLU J 377 -28.75 -4.74 30.06
N GLU J 378 -28.81 -5.90 29.41
CA GLU J 378 -28.01 -6.20 28.22
C GLU J 378 -26.52 -5.99 28.49
N LYS J 379 -26.02 -6.64 29.54
CA LYS J 379 -24.61 -6.61 29.93
C LYS J 379 -24.13 -5.21 30.28
N LYS J 380 -25.04 -4.30 30.59
CA LYS J 380 -24.71 -2.93 30.95
C LYS J 380 -25.30 -2.63 32.32
N LEU J 381 -24.49 -2.03 33.20
CA LEU J 381 -24.94 -1.70 34.54
C LEU J 381 -25.80 -0.44 34.49
N THR J 382 -26.93 -0.48 35.20
CA THR J 382 -27.85 0.65 35.28
C THR J 382 -28.37 0.77 36.70
N ARG J 383 -28.82 1.98 37.04
CA ARG J 383 -29.26 2.29 38.40
C ARG J 383 -30.77 2.18 38.51
N LYS J 384 -31.23 1.64 39.65
CA LYS J 384 -32.64 1.51 39.97
C LYS J 384 -32.89 2.21 41.29
N GLU J 385 -33.72 3.26 41.27
CA GLU J 385 -34.03 4.03 42.47
C GLU J 385 -35.20 3.40 43.21
N VAL J 386 -35.08 3.24 44.52
CA VAL J 386 -36.10 2.63 45.35
C VAL J 386 -36.24 3.41 46.66
N TYR J 387 -37.26 3.04 47.43
CA TYR J 387 -37.53 3.64 48.73
C TYR J 387 -37.46 2.57 49.82
N ILE J 388 -36.73 2.86 50.88
CA ILE J 388 -36.70 1.99 52.06
C ILE J 388 -37.93 2.29 52.91
N LYS J 389 -38.79 1.28 53.08
CA LYS J 389 -40.04 1.45 53.81
C LYS J 389 -39.77 1.28 55.29
N ASN J 390 -39.31 2.37 55.92
CA ASN J 390 -39.00 2.39 57.33
C ASN J 390 -40.00 3.17 58.17
N GLY J 391 -41.00 3.80 57.55
CA GLY J 391 -41.96 4.59 58.31
C GLY J 391 -43.12 3.77 58.84
N ASP J 392 -44.33 4.33 58.75
CA ASP J 392 -45.51 3.61 59.25
C ASP J 392 -45.87 2.44 58.35
N LYS J 393 -45.51 2.51 57.07
CA LYS J 393 -45.77 1.43 56.13
C LYS J 393 -44.73 0.32 56.21
N LYS J 394 -43.86 0.35 57.22
CA LYS J 394 -42.88 -0.72 57.39
C LYS J 394 -43.57 -2.04 57.72
N GLY J 395 -44.65 -1.98 58.51
CA GLY J 395 -45.40 -3.19 58.80
C GLY J 395 -46.13 -3.73 57.57
N SER J 396 -46.68 -2.83 56.75
CA SER J 396 -47.32 -3.27 55.51
C SER J 396 -46.32 -3.84 54.52
N CYS J 397 -45.08 -3.33 54.55
CA CYS J 397 -44.03 -3.88 53.68
C CYS J 397 -43.66 -5.28 54.11
N GLU J 398 -43.60 -5.54 55.42
CA GLU J 398 -43.31 -6.88 55.92
C GLU J 398 -44.49 -7.82 55.70
N ARG J 399 -45.72 -7.31 55.79
CA ARG J 399 -46.90 -8.15 55.63
C ARG J 399 -47.01 -8.72 54.22
N ASP J 400 -46.54 -7.98 53.21
CA ASP J 400 -46.60 -8.47 51.84
C ASP J 400 -45.71 -9.69 51.62
N ALA J 401 -44.89 -10.06 52.60
CA ALA J 401 -44.05 -11.25 52.49
C ALA J 401 -44.88 -12.52 52.47
N GLN J 402 -46.15 -12.45 52.87
CA GLN J 402 -46.99 -13.65 52.91
C GLN J 402 -47.21 -14.22 51.53
N TYR J 403 -47.17 -13.38 50.49
CA TYR J 403 -47.39 -13.79 49.11
C TYR J 403 -46.16 -14.43 48.47
N ALA J 404 -45.06 -14.55 49.19
CA ALA J 404 -43.87 -15.17 48.62
C ALA J 404 -44.09 -16.67 48.44
N PRO J 405 -43.76 -17.23 47.28
CA PRO J 405 -43.97 -18.67 47.06
C PRO J 405 -43.11 -19.50 48.01
N GLY J 406 -43.75 -20.49 48.63
CA GLY J 406 -43.09 -21.38 49.56
C GLY J 406 -43.31 -21.06 51.02
N TYR J 407 -43.90 -19.89 51.32
CA TYR J 407 -44.11 -19.44 52.70
C TYR J 407 -45.54 -18.93 52.89
N ASP J 408 -46.49 -19.43 52.10
CA ASP J 408 -47.83 -18.87 52.14
C ASP J 408 -48.56 -19.24 53.44
N LYS J 409 -48.35 -20.44 53.94
CA LYS J 409 -49.07 -20.93 55.11
C LYS J 409 -48.26 -20.86 56.39
N VAL J 410 -47.11 -20.17 56.38
CA VAL J 410 -46.32 -20.01 57.60
C VAL J 410 -47.04 -19.04 58.52
N LYS J 411 -47.23 -19.46 59.78
CA LYS J 411 -48.08 -18.72 60.71
C LYS J 411 -47.41 -17.46 61.23
N ASP J 412 -46.14 -17.54 61.65
CA ASP J 412 -45.50 -16.44 62.35
C ASP J 412 -44.68 -15.61 61.36
N ILE J 413 -45.01 -14.31 61.27
CA ILE J 413 -44.33 -13.41 60.35
C ILE J 413 -42.99 -12.95 60.92
N SER J 414 -42.93 -12.74 62.24
CA SER J 414 -41.69 -12.28 62.86
C SER J 414 -40.59 -13.34 62.82
N GLU J 415 -40.95 -14.60 62.61
CA GLU J 415 -39.95 -15.66 62.56
C GLU J 415 -39.14 -15.57 61.27
N VAL J 416 -39.81 -15.43 60.13
CA VAL J 416 -39.11 -15.46 58.85
C VAL J 416 -38.50 -14.09 58.54
N VAL J 417 -39.22 -13.01 58.84
CA VAL J 417 -38.74 -11.66 58.58
C VAL J 417 -38.03 -11.17 59.83
N THR J 418 -36.70 -11.24 59.84
CA THR J 418 -35.91 -10.84 60.98
C THR J 418 -35.68 -9.34 60.97
N PRO J 419 -35.34 -8.75 62.13
CA PRO J 419 -35.03 -7.31 62.15
C PRO J 419 -33.81 -6.94 61.31
N ARG J 420 -33.06 -7.91 60.80
CA ARG J 420 -31.96 -7.60 59.90
C ARG J 420 -32.45 -7.09 58.55
N PHE J 421 -33.65 -7.48 58.15
CA PHE J 421 -34.16 -7.15 56.83
C PHE J 421 -34.62 -5.70 56.76
N LEU J 422 -34.17 -4.99 55.73
CA LEU J 422 -34.75 -3.72 55.32
C LEU J 422 -35.65 -3.96 54.13
N CYS J 423 -36.81 -3.31 54.13
CA CYS J 423 -37.88 -3.63 53.19
C CYS J 423 -38.04 -2.51 52.18
N THR J 424 -37.95 -2.86 50.90
CA THR J 424 -38.19 -1.93 49.80
C THR J 424 -39.22 -2.52 48.84
N GLY J 425 -39.42 -1.86 47.70
CA GLY J 425 -40.38 -2.32 46.73
C GLY J 425 -41.77 -1.75 46.96
N GLY J 426 -42.66 -2.07 46.03
CA GLY J 426 -44.03 -1.59 46.10
C GLY J 426 -44.26 -0.39 45.19
N VAL J 427 -45.45 0.19 45.33
CA VAL J 427 -45.86 1.33 44.53
C VAL J 427 -46.10 2.58 45.36
N SER J 428 -45.96 2.49 46.69
CA SER J 428 -46.13 3.63 47.57
C SER J 428 -44.84 3.89 48.32
N PRO J 429 -44.34 5.14 48.34
CA PRO J 429 -44.94 6.32 47.73
C PRO J 429 -44.81 6.36 46.20
N TYR J 430 -43.79 5.68 45.68
CA TYR J 430 -43.56 5.61 44.24
C TYR J 430 -43.16 4.20 43.86
N ALA J 431 -43.26 3.90 42.56
CA ALA J 431 -42.98 2.57 42.07
C ALA J 431 -41.51 2.24 42.23
N ASP J 432 -41.21 1.17 42.98
CA ASP J 432 -39.85 0.72 43.18
C ASP J 432 -39.61 -0.54 42.35
N PRO J 433 -38.62 -0.57 41.47
CA PRO J 433 -38.36 -1.79 40.71
C PRO J 433 -37.92 -2.94 41.61
N ASN J 434 -38.14 -4.15 41.12
CA ASN J 434 -37.81 -5.36 41.86
C ASN J 434 -36.62 -6.04 41.20
N THR J 435 -35.79 -6.68 42.03
CA THR J 435 -34.51 -7.19 41.59
C THR J 435 -34.65 -8.47 40.79
N CYS J 436 -33.73 -8.68 39.85
CA CYS J 436 -33.50 -9.99 39.29
C CYS J 436 -32.69 -10.82 40.27
N ARG J 437 -32.67 -12.13 40.06
CA ARG J 437 -31.87 -12.98 40.94
C ARG J 437 -30.38 -12.77 40.73
N GLY J 438 -29.98 -12.29 39.55
CA GLY J 438 -28.58 -11.89 39.35
C GLY J 438 -28.21 -10.61 40.07
N ASP J 439 -29.18 -9.75 40.36
CA ASP J 439 -28.92 -8.51 41.08
C ASP J 439 -28.66 -8.74 42.56
N ALA J 440 -28.86 -9.95 43.07
CA ALA J 440 -28.64 -10.23 44.47
C ALA J 440 -27.18 -10.07 44.85
N GLY J 441 -26.94 -9.78 46.12
CA GLY J 441 -25.60 -9.55 46.64
C GLY J 441 -25.10 -8.13 46.53
N GLY J 442 -25.75 -7.28 45.75
CA GLY J 442 -25.34 -5.90 45.60
C GLY J 442 -25.56 -5.09 46.85
N PRO J 443 -24.99 -3.89 46.88
CA PRO J 443 -25.16 -3.01 48.03
C PRO J 443 -26.44 -2.19 47.93
N LEU J 444 -26.92 -1.76 49.09
CA LEU J 444 -28.04 -0.82 49.17
C LEU J 444 -27.47 0.56 49.44
N ILE J 445 -27.68 1.48 48.51
CA ILE J 445 -26.93 2.73 48.42
C ILE J 445 -27.82 3.89 48.78
N VAL J 446 -27.32 4.79 49.62
CA VAL J 446 -28.00 6.03 50.00
C VAL J 446 -27.08 7.20 49.70
N HIS J 447 -27.64 8.28 49.18
CA HIS J 447 -26.88 9.46 48.78
C HIS J 447 -27.10 10.59 49.78
N LYS J 448 -25.99 11.11 50.33
CA LYS J 448 -26.03 12.21 51.27
C LYS J 448 -24.76 13.05 51.11
N ARG J 449 -24.94 14.36 50.95
CA ARG J 449 -23.82 15.31 50.88
C ARG J 449 -22.83 14.96 49.77
N SER J 450 -23.36 14.75 48.57
CA SER J 450 -22.57 14.49 47.37
C SER J 450 -21.69 13.25 47.49
N ARG J 451 -22.01 12.36 48.43
CA ARG J 451 -21.28 11.10 48.59
C ARG J 451 -22.29 9.96 48.67
N PHE J 452 -21.78 8.74 48.68
CA PHE J 452 -22.63 7.55 48.66
C PHE J 452 -22.21 6.62 49.79
N ILE J 453 -23.17 6.25 50.64
CA ILE J 453 -22.95 5.36 51.77
C ILE J 453 -23.75 4.09 51.54
N GLN J 454 -23.17 2.95 51.88
CA GLN J 454 -23.88 1.68 51.85
C GLN J 454 -24.59 1.48 53.18
N VAL J 455 -25.86 1.10 53.12
CA VAL J 455 -26.65 0.84 54.32
C VAL J 455 -27.18 -0.58 54.36
N GLY J 456 -27.11 -1.33 53.26
CA GLY J 456 -27.62 -2.68 53.25
C GLY J 456 -27.03 -3.47 52.10
N VAL J 457 -27.40 -4.75 52.06
CA VAL J 457 -26.98 -5.68 51.02
C VAL J 457 -28.21 -6.37 50.47
N ILE J 458 -28.33 -6.43 49.15
CA ILE J 458 -29.51 -7.02 48.52
C ILE J 458 -29.62 -8.48 48.94
N SER J 459 -30.77 -8.83 49.50
CA SER J 459 -30.99 -10.19 49.99
C SER J 459 -31.91 -10.98 49.06
N TRP J 460 -33.22 -10.78 49.19
CA TRP J 460 -34.18 -11.55 48.43
C TRP J 460 -35.44 -10.72 48.19
N GLY J 461 -36.23 -11.16 47.22
CA GLY J 461 -37.47 -10.49 46.87
C GLY J 461 -38.65 -11.44 46.98
N VAL J 462 -39.82 -10.87 47.26
CA VAL J 462 -41.02 -11.69 47.44
C VAL J 462 -41.41 -12.35 46.13
N VAL J 463 -41.65 -11.57 45.10
CA VAL J 463 -42.05 -12.05 43.78
C VAL J 463 -40.88 -11.88 42.82
N ASP J 464 -40.55 -12.93 42.08
CA ASP J 464 -39.47 -12.89 41.09
C ASP J 464 -40.06 -12.41 39.78
N VAL J 465 -40.24 -11.10 39.69
CA VAL J 465 -40.75 -10.47 38.47
C VAL J 465 -39.80 -10.68 37.31
N CYS J 466 -38.55 -11.02 37.59
CA CYS J 466 -37.54 -11.29 36.58
C CYS J 466 -37.28 -12.79 36.47
N LYS J 467 -38.37 -13.54 36.31
CA LYS J 467 -38.31 -15.00 36.26
C LYS J 467 -37.77 -15.50 34.93
N ASN J 468 -38.33 -14.99 33.83
CA ASN J 468 -37.91 -15.37 32.48
C ASN J 468 -36.64 -14.66 32.08
N GLN J 469 -35.74 -14.43 33.05
CA GLN J 469 -34.44 -13.80 32.86
C GLN J 469 -34.59 -12.35 32.38
N LYS J 470 -35.82 -11.95 32.08
CA LYS J 470 -36.17 -10.61 31.64
C LYS J 470 -37.16 -10.01 32.63
N ARG J 471 -36.99 -8.73 32.94
CA ARG J 471 -37.93 -8.03 33.81
C ARG J 471 -38.96 -7.26 32.99
N GLN J 472 -39.41 -7.88 31.91
CA GLN J 472 -40.32 -7.25 30.97
C GLN J 472 -41.76 -7.29 31.50
N LYS J 473 -42.55 -6.30 31.07
CA LYS J 473 -43.99 -6.27 31.29
C LYS J 473 -44.36 -6.05 32.75
N GLN J 474 -45.57 -5.54 32.99
CA GLN J 474 -45.97 -5.17 34.34
C GLN J 474 -46.23 -6.40 35.22
N VAL J 475 -46.23 -6.14 36.53
CA VAL J 475 -46.26 -7.16 37.57
C VAL J 475 -47.17 -6.68 38.70
N PRO J 476 -47.65 -7.59 39.54
CA PRO J 476 -48.44 -7.15 40.69
C PRO J 476 -47.67 -6.17 41.58
N ALA J 477 -48.43 -5.33 42.27
CA ALA J 477 -47.89 -4.20 43.03
C ALA J 477 -47.28 -4.58 44.38
N HIS J 478 -47.59 -5.77 44.92
CA HIS J 478 -47.14 -6.13 46.26
C HIS J 478 -45.82 -6.89 46.25
N ALA J 479 -45.06 -6.83 45.17
CA ALA J 479 -43.75 -7.48 45.11
C ALA J 479 -42.74 -6.63 45.86
N ARG J 480 -42.30 -7.11 47.02
CA ARG J 480 -41.34 -6.41 47.86
C ARG J 480 -39.99 -7.09 47.83
N ASP J 481 -38.94 -6.31 48.07
CA ASP J 481 -37.58 -6.81 48.17
C ASP J 481 -37.02 -6.52 49.57
N PHE J 482 -36.19 -7.43 50.05
CA PHE J 482 -35.61 -7.34 51.39
C PHE J 482 -34.10 -7.25 51.31
N HIS J 483 -33.51 -6.52 52.25
CA HIS J 483 -32.08 -6.26 52.27
C HIS J 483 -31.57 -6.35 53.70
N ILE J 484 -30.32 -6.79 53.84
CA ILE J 484 -29.73 -7.01 55.15
C ILE J 484 -29.18 -5.68 55.69
N ASN J 485 -29.66 -5.29 56.86
CA ASN J 485 -29.19 -4.05 57.49
C ASN J 485 -27.74 -4.19 57.93
N LEU J 486 -26.96 -3.14 57.72
CA LEU J 486 -25.55 -3.16 58.12
C LEU J 486 -25.36 -2.92 59.61
N PHE J 487 -26.27 -2.19 60.25
CA PHE J 487 -26.12 -1.89 61.67
C PHE J 487 -26.27 -3.14 62.52
N GLN J 488 -27.03 -4.13 62.05
CA GLN J 488 -27.23 -5.35 62.82
C GLN J 488 -25.96 -6.20 62.85
N VAL J 489 -25.23 -6.25 61.72
CA VAL J 489 -24.01 -7.04 61.60
C VAL J 489 -22.77 -6.18 61.80
N LEU J 490 -22.94 -4.95 62.30
CA LEU J 490 -21.79 -4.06 62.48
C LEU J 490 -20.69 -4.63 63.37
N PRO J 491 -20.98 -5.31 64.49
CA PRO J 491 -19.86 -5.88 65.27
C PRO J 491 -19.02 -6.89 64.50
N TRP J 492 -19.65 -7.72 63.66
CA TRP J 492 -18.87 -8.71 62.91
C TRP J 492 -17.97 -8.05 61.88
N LEU J 493 -18.47 -7.02 61.18
CA LEU J 493 -17.64 -6.33 60.21
C LEU J 493 -16.52 -5.54 60.90
N LYS J 494 -16.83 -4.88 62.01
CA LYS J 494 -15.81 -4.17 62.77
C LYS J 494 -14.75 -5.12 63.30
N GLU J 495 -15.15 -6.33 63.68
CA GLU J 495 -14.18 -7.31 64.17
C GLU J 495 -13.30 -7.82 63.03
N LYS J 496 -13.90 -8.16 61.89
CA LYS J 496 -13.13 -8.71 60.79
C LYS J 496 -12.31 -7.65 60.06
N LEU J 497 -12.86 -6.46 59.86
CA LEU J 497 -12.20 -5.44 59.06
C LEU J 497 -11.47 -4.40 59.90
N GLN J 498 -11.21 -4.70 61.18
CA GLN J 498 -10.40 -3.78 61.99
C GLN J 498 -8.94 -3.84 61.58
N ASP J 499 -8.52 -4.89 60.90
CA ASP J 499 -7.14 -5.03 60.45
C ASP J 499 -6.92 -4.37 59.09
N GLU J 500 -7.98 -3.91 58.44
CA GLU J 500 -7.88 -3.16 57.20
C GLU J 500 -7.71 -1.67 57.43
N ASP J 501 -7.85 -1.22 58.68
CA ASP J 501 -7.66 0.17 59.08
C ASP J 501 -8.63 1.09 58.33
N LEU J 502 -9.91 0.93 58.67
CA LEU J 502 -10.98 1.76 58.13
C LEU J 502 -11.47 2.82 59.12
N GLY J 503 -10.91 2.86 60.33
CA GLY J 503 -11.26 3.88 61.29
C GLY J 503 -12.63 3.75 61.91
N PHE J 504 -12.95 2.58 62.46
CA PHE J 504 -14.20 2.39 63.16
C PHE J 504 -14.24 3.25 64.43
N LEU J 505 -15.42 3.79 64.72
CA LEU J 505 -15.60 4.67 65.87
C LEU J 505 -15.60 3.86 67.18
N THR K 2 -50.79 8.47 6.52
CA THR K 2 -49.99 9.15 5.49
C THR K 2 -49.10 8.17 4.74
N SER K 3 -48.51 8.64 3.64
CA SER K 3 -47.55 7.83 2.92
C SER K 3 -46.25 7.75 3.70
N LEU K 4 -45.59 6.59 3.60
CA LEU K 4 -44.31 6.41 4.26
C LEU K 4 -43.22 7.16 3.51
N PRO K 5 -42.12 7.50 4.19
CA PRO K 5 -41.04 8.23 3.51
C PRO K 5 -40.46 7.44 2.35
N THR K 6 -39.86 8.18 1.42
CA THR K 6 -39.33 7.62 0.19
C THR K 6 -37.93 7.06 0.41
N SER K 7 -37.38 6.46 -0.65
CA SER K 7 -36.11 5.77 -0.69
C SER K 7 -35.01 6.40 0.16
N ASN K 8 -34.52 7.58 -0.24
CA ASN K 8 -33.30 8.13 0.32
C ASN K 8 -33.54 9.09 1.49
N GLU K 9 -34.75 9.65 1.63
CA GLU K 9 -35.00 10.59 2.71
C GLU K 9 -34.76 9.94 4.07
N TYR K 10 -35.28 8.72 4.26
CA TYR K 10 -35.10 8.02 5.52
C TYR K 10 -33.63 7.68 5.76
N GLN K 11 -32.91 7.30 4.69
CA GLN K 11 -31.51 6.93 4.84
C GLN K 11 -30.66 8.14 5.21
N ASN K 12 -30.90 9.28 4.57
CA ASN K 12 -30.15 10.49 4.89
C ASN K 12 -30.43 10.95 6.32
N GLU K 13 -31.65 10.73 6.82
CA GLU K 13 -31.97 11.11 8.19
C GLU K 13 -31.24 10.22 9.18
N LYS K 14 -31.14 8.92 8.90
CA LYS K 14 -30.42 8.03 9.80
C LYS K 14 -28.97 8.44 9.96
N LEU K 15 -28.32 8.79 8.84
CA LEU K 15 -26.94 9.25 8.91
C LEU K 15 -26.81 10.53 9.72
N ALA K 16 -27.73 11.48 9.51
CA ALA K 16 -27.68 12.74 10.26
C ALA K 16 -27.87 12.52 11.75
N ASN K 17 -28.83 11.67 12.13
CA ASN K 17 -29.02 11.35 13.54
C ASN K 17 -27.74 10.79 14.17
N GLU K 18 -27.02 9.95 13.42
CA GLU K 18 -25.75 9.42 13.90
C GLU K 18 -24.75 10.54 14.12
N LEU K 19 -24.66 11.49 13.19
CA LEU K 19 -23.71 12.59 13.33
C LEU K 19 -24.12 13.52 14.47
N LYS K 20 -25.43 13.80 14.60
CA LYS K 20 -25.90 14.64 15.69
C LYS K 20 -25.54 14.06 17.05
N SER K 21 -25.59 12.73 17.17
CA SER K 21 -25.26 12.09 18.45
C SER K 21 -23.83 12.35 18.86
N LEU K 22 -22.88 12.15 17.93
CA LEU K 22 -21.48 12.40 18.25
C LEU K 22 -21.22 13.89 18.50
N LEU K 23 -21.96 14.76 17.82
CA LEU K 23 -21.77 16.20 18.01
C LEU K 23 -22.23 16.64 19.39
N ASP K 24 -23.22 15.95 19.97
CA ASP K 24 -23.71 16.31 21.29
C ASP K 24 -22.63 16.14 22.35
N GLU K 25 -21.80 15.11 22.21
CA GLU K 25 -20.70 14.88 23.12
C GLU K 25 -19.39 15.45 22.60
N LEU K 26 -19.42 16.23 21.52
CA LEU K 26 -18.19 16.79 20.97
C LEU K 26 -17.55 17.76 21.95
N ASN K 27 -18.35 18.69 22.49
CA ASN K 27 -17.83 19.65 23.46
C ASN K 27 -17.25 18.94 24.67
N VAL K 28 -17.81 17.78 25.03
CA VAL K 28 -17.27 17.02 26.16
C VAL K 28 -15.93 16.41 25.79
N ASN K 29 -15.84 15.82 24.60
CA ASN K 29 -14.60 15.16 24.17
C ASN K 29 -13.48 16.19 23.96
N GLU K 30 -13.79 17.31 23.31
CA GLU K 30 -12.81 18.38 23.17
C GLU K 30 -12.32 18.84 24.55
N LEU K 31 -13.22 18.92 25.51
CA LEU K 31 -12.84 19.22 26.89
C LEU K 31 -12.01 18.10 27.50
N ALA K 32 -12.39 16.85 27.24
CA ALA K 32 -11.68 15.71 27.83
C ALA K 32 -10.21 15.68 27.41
N THR K 33 -9.91 16.10 26.19
CA THR K 33 -8.52 16.16 25.74
C THR K 33 -7.71 17.24 26.45
N GLY K 34 -8.36 18.12 27.21
CA GLY K 34 -7.64 19.20 27.87
C GLY K 34 -6.54 18.70 28.80
N SER K 35 -6.80 17.58 29.48
CA SER K 35 -5.79 16.95 30.33
C SER K 35 -4.99 15.87 29.61
N LEU K 36 -5.24 15.66 28.33
CA LEU K 36 -4.52 14.67 27.53
C LEU K 36 -3.42 15.34 26.72
N ASN K 37 -2.66 14.52 26.00
CA ASN K 37 -1.53 15.02 25.23
C ASN K 37 -2.00 15.91 24.09
N THR K 38 -1.07 16.73 23.60
CA THR K 38 -1.37 17.68 22.53
C THR K 38 -1.77 16.99 21.22
N TYR K 39 -1.43 15.71 21.05
CA TYR K 39 -1.85 14.99 19.86
C TYR K 39 -3.37 14.92 19.76
N TYR K 40 -4.02 14.59 20.88
CA TYR K 40 -5.48 14.50 20.88
C TYR K 40 -6.11 15.87 20.66
N LYS K 41 -5.64 16.87 21.41
CA LYS K 41 -6.17 18.22 21.26
C LYS K 41 -6.05 18.71 19.83
N ARG K 42 -4.95 18.38 19.16
CA ARG K 42 -4.81 18.74 17.74
C ARG K 42 -5.75 17.91 16.88
N THR K 43 -5.89 16.61 17.17
CA THR K 43 -6.64 15.72 16.31
C THR K 43 -8.14 15.99 16.37
N ILE K 44 -8.67 16.24 17.56
CA ILE K 44 -10.13 16.30 17.70
C ILE K 44 -10.67 17.61 17.15
N LYS K 45 -9.99 18.74 17.41
CA LYS K 45 -10.47 20.01 16.88
C LYS K 45 -10.43 20.02 15.36
N ILE K 46 -9.49 19.28 14.76
CA ILE K 46 -9.49 19.14 13.31
C ILE K 46 -10.65 18.26 12.87
N SER K 47 -10.87 17.14 13.55
CA SER K 47 -11.99 16.26 13.23
C SER K 47 -13.33 16.86 13.62
N GLY K 48 -13.35 17.83 14.53
CA GLY K 48 -14.61 18.39 14.98
C GLY K 48 -15.30 19.24 13.91
N GLN K 49 -14.56 20.16 13.31
CA GLN K 49 -15.13 21.03 12.28
C GLN K 49 -15.66 20.22 11.10
N LYS K 50 -14.95 19.17 10.72
CA LYS K 50 -15.38 18.35 9.60
C LYS K 50 -16.80 17.85 9.79
N ALA K 51 -17.11 17.38 11.01
CA ALA K 51 -18.47 16.95 11.29
C ALA K 51 -19.44 18.14 11.35
N MET K 52 -18.99 19.25 11.93
CA MET K 52 -19.85 20.43 12.04
C MET K 52 -20.23 20.97 10.66
N TYR K 53 -19.26 21.08 9.76
CA TYR K 53 -19.56 21.51 8.40
C TYR K 53 -20.41 20.48 7.67
N ALA K 54 -20.14 19.19 7.90
CA ALA K 54 -20.87 18.13 7.20
C ALA K 54 -22.36 18.16 7.54
N LEU K 55 -22.69 18.44 8.80
CA LEU K 55 -24.10 18.42 9.21
C LEU K 55 -24.88 19.54 8.52
N LYS K 56 -24.37 20.78 8.59
CA LYS K 56 -25.10 21.90 8.01
C LYS K 56 -25.07 21.89 6.49
N SER K 57 -24.13 21.16 5.87
CA SER K 57 -24.08 21.06 4.42
C SER K 57 -24.88 19.90 3.87
N LYS K 58 -25.14 18.86 4.69
CA LYS K 58 -25.89 17.69 4.28
C LYS K 58 -25.25 16.97 3.10
N ASP K 59 -23.92 17.04 3.00
CA ASP K 59 -23.19 16.33 1.96
C ASP K 59 -22.94 14.89 2.40
N PHE K 60 -23.49 13.93 1.68
CA PHE K 60 -23.37 12.52 2.06
C PHE K 60 -21.91 12.10 2.16
N LYS K 61 -21.08 12.56 1.22
CA LYS K 61 -19.68 12.16 1.22
C LYS K 61 -18.98 12.64 2.48
N LYS K 62 -19.16 13.91 2.84
CA LYS K 62 -18.49 14.46 4.01
C LYS K 62 -19.12 13.96 5.30
N MET K 63 -20.44 13.72 5.30
CA MET K 63 -21.08 13.24 6.52
C MET K 63 -20.66 11.81 6.85
N SER K 64 -20.47 10.98 5.83
CA SER K 64 -20.04 9.61 6.07
C SER K 64 -18.61 9.58 6.63
N GLU K 65 -17.69 10.28 5.97
CA GLU K 65 -16.29 10.27 6.42
C GLU K 65 -16.16 10.90 7.81
N ALA K 66 -16.80 12.05 8.03
CA ALA K 66 -16.69 12.71 9.32
C ALA K 66 -17.22 11.84 10.44
N LYS K 67 -18.25 11.04 10.16
CA LYS K 67 -18.78 10.13 11.17
C LYS K 67 -17.70 9.16 11.63
N TYR K 68 -17.10 8.44 10.68
CA TYR K 68 -16.07 7.47 11.03
C TYR K 68 -14.78 8.15 11.47
N GLN K 69 -14.50 9.36 10.97
CA GLN K 69 -13.36 10.11 11.46
C GLN K 69 -13.56 10.56 12.90
N LEU K 70 -14.75 11.06 13.23
CA LEU K 70 -15.03 11.45 14.60
C LEU K 70 -15.17 10.24 15.51
N GLN K 71 -15.62 9.11 14.97
CA GLN K 71 -15.73 7.89 15.79
C GLN K 71 -14.35 7.36 16.16
N LYS K 72 -13.38 7.46 15.25
CA LYS K 72 -12.04 6.93 15.53
C LYS K 72 -11.35 7.73 16.63
N ILE K 73 -11.40 9.06 16.55
CA ILE K 73 -10.75 9.89 17.57
C ILE K 73 -11.47 9.73 18.91
N TYR K 74 -12.78 9.49 18.90
CA TYR K 74 -13.49 9.19 20.13
C TYR K 74 -12.96 7.92 20.78
N ASN K 75 -12.73 6.88 19.97
CA ASN K 75 -12.19 5.63 20.51
C ASN K 75 -10.77 5.82 21.03
N GLU K 76 -9.99 6.67 20.35
CA GLU K 76 -8.64 6.96 20.83
C GLU K 76 -8.67 7.66 22.18
N ILE K 77 -9.64 8.56 22.38
CA ILE K 77 -9.79 9.22 23.68
C ILE K 77 -10.23 8.22 24.74
N ASP K 78 -11.13 7.31 24.39
CA ASP K 78 -11.60 6.31 25.35
C ASP K 78 -10.46 5.43 25.85
N GLU K 79 -9.63 4.94 24.93
CA GLU K 79 -8.46 4.16 25.34
C GLU K 79 -7.46 5.01 26.12
N ALA K 80 -7.32 6.28 25.75
CA ALA K 80 -6.36 7.15 26.43
C ALA K 80 -6.77 7.38 27.88
N LEU K 81 -8.06 7.58 28.13
CA LEU K 81 -8.53 7.82 29.50
C LEU K 81 -8.42 6.58 30.36
N LYS K 82 -8.67 5.39 29.78
CA LYS K 82 -8.56 4.16 30.56
C LYS K 82 -7.12 3.84 30.89
N SER K 83 -6.19 4.06 29.96
CA SER K 83 -4.78 3.78 30.24
C SER K 83 -4.13 4.87 31.10
N LYS K 84 -4.70 6.09 31.11
CA LYS K 84 -4.21 7.14 31.99
C LYS K 84 -4.66 6.94 33.43
N TYR K 85 -5.80 6.28 33.63
CA TYR K 85 -6.39 6.08 34.96
C TYR K 85 -6.66 7.42 35.63
N THR L 2 -13.06 45.39 -12.17
CA THR L 2 -11.80 45.62 -11.49
C THR L 2 -10.66 45.78 -12.50
N SER L 3 -9.50 46.22 -12.02
CA SER L 3 -8.31 46.28 -12.86
C SER L 3 -7.78 44.88 -13.12
N LEU L 4 -6.91 44.41 -12.23
CA LEU L 4 -6.36 43.07 -12.34
C LEU L 4 -7.35 42.00 -11.88
N PRO L 5 -7.20 40.77 -12.35
CA PRO L 5 -8.09 39.69 -11.91
C PRO L 5 -7.97 39.43 -10.42
N THR L 6 -9.00 38.80 -9.86
CA THR L 6 -9.05 38.60 -8.42
C THR L 6 -8.24 37.37 -8.00
N SER L 7 -8.04 37.25 -6.68
CA SER L 7 -7.25 36.21 -6.04
C SER L 7 -7.46 34.79 -6.59
N ASN L 8 -8.62 34.20 -6.27
CA ASN L 8 -8.87 32.79 -6.51
C ASN L 8 -9.61 32.51 -7.81
N GLU L 9 -10.29 33.52 -8.36
CA GLU L 9 -11.03 33.33 -9.61
C GLU L 9 -10.11 32.88 -10.74
N TYR L 10 -8.89 33.44 -10.80
CA TYR L 10 -7.97 33.13 -11.87
C TYR L 10 -7.62 31.65 -11.92
N GLN L 11 -7.42 31.03 -10.76
CA GLN L 11 -7.14 29.60 -10.73
C GLN L 11 -8.36 28.79 -11.15
N ASN L 12 -9.54 29.17 -10.66
CA ASN L 12 -10.76 28.48 -11.05
C ASN L 12 -11.04 28.60 -12.53
N GLU L 13 -10.72 29.75 -13.12
CA GLU L 13 -10.91 29.92 -14.56
C GLU L 13 -9.88 29.11 -15.36
N LYS L 14 -8.62 29.12 -14.91
CA LYS L 14 -7.59 28.37 -15.62
C LYS L 14 -7.88 26.87 -15.59
N LEU L 15 -8.30 26.35 -14.43
CA LEU L 15 -8.60 24.91 -14.35
C LEU L 15 -9.72 24.53 -15.29
N ALA L 16 -10.77 25.35 -15.37
CA ALA L 16 -11.86 25.07 -16.30
C ALA L 16 -11.37 25.06 -17.73
N ASN L 17 -10.53 26.04 -18.09
CA ASN L 17 -9.94 26.07 -19.42
C ASN L 17 -9.16 24.79 -19.72
N GLU L 18 -8.44 24.28 -18.72
CA GLU L 18 -7.71 23.03 -18.90
C GLU L 18 -8.68 21.88 -19.16
N LEU L 19 -9.74 21.79 -18.37
CA LEU L 19 -10.70 20.70 -18.53
C LEU L 19 -11.50 20.85 -19.82
N LYS L 20 -11.90 22.08 -20.16
CA LYS L 20 -12.64 22.33 -21.39
C LYS L 20 -11.84 21.88 -22.61
N SER L 21 -10.52 22.06 -22.59
CA SER L 21 -9.69 21.69 -23.73
C SER L 21 -9.77 20.19 -23.99
N LEU L 22 -9.63 19.38 -22.95
CA LEU L 22 -9.73 17.93 -23.12
C LEU L 22 -11.13 17.50 -23.53
N LEU L 23 -12.15 18.22 -23.08
CA LEU L 23 -13.53 17.84 -23.41
C LEU L 23 -13.84 18.00 -24.89
N ASP L 24 -13.19 18.96 -25.57
CA ASP L 24 -13.46 19.17 -26.99
C ASP L 24 -13.07 17.95 -27.82
N GLU L 25 -12.02 17.24 -27.43
CA GLU L 25 -11.57 16.04 -28.13
C GLU L 25 -12.14 14.76 -27.54
N LEU L 26 -13.13 14.87 -26.64
CA LEU L 26 -13.69 13.68 -26.01
C LEU L 26 -14.34 12.75 -27.03
N ASN L 27 -15.20 13.30 -27.89
CA ASN L 27 -15.87 12.49 -28.91
C ASN L 27 -14.86 11.83 -29.85
N VAL L 28 -13.72 12.48 -30.09
CA VAL L 28 -12.70 11.90 -30.97
C VAL L 28 -12.05 10.69 -30.32
N ASN L 29 -11.69 10.81 -29.03
CA ASN L 29 -11.03 9.70 -28.35
C ASN L 29 -11.97 8.51 -28.16
N GLU L 30 -13.22 8.78 -27.77
CA GLU L 30 -14.22 7.71 -27.70
C GLU L 30 -14.36 7.01 -29.04
N LEU L 31 -14.31 7.77 -30.13
CA LEU L 31 -14.31 7.17 -31.46
C LEU L 31 -13.06 6.34 -31.69
N ALA L 32 -11.90 6.84 -31.25
CA ALA L 32 -10.66 6.10 -31.42
C ALA L 32 -10.68 4.77 -30.70
N THR L 33 -11.40 4.69 -29.57
CA THR L 33 -11.53 3.43 -28.84
C THR L 33 -12.37 2.40 -29.58
N GLY L 34 -13.05 2.78 -30.66
CA GLY L 34 -13.89 1.83 -31.37
C GLY L 34 -13.13 0.63 -31.89
N SER L 35 -11.90 0.84 -32.34
CA SER L 35 -11.03 -0.24 -32.79
C SER L 35 -10.11 -0.75 -31.67
N LEU L 36 -10.26 -0.22 -30.46
CA LEU L 36 -9.47 -0.64 -29.31
C LEU L 36 -10.27 -1.64 -28.48
N ASN L 37 -9.64 -2.16 -27.43
CA ASN L 37 -10.30 -3.13 -26.57
C ASN L 37 -11.45 -2.47 -25.81
N THR L 38 -12.38 -3.31 -25.36
CA THR L 38 -13.55 -2.82 -24.63
C THR L 38 -13.18 -2.18 -23.30
N TYR L 39 -11.98 -2.44 -22.78
CA TYR L 39 -11.54 -1.81 -21.55
C TYR L 39 -11.46 -0.30 -21.69
N TYR L 40 -10.87 0.17 -22.79
CA TYR L 40 -10.72 1.61 -23.00
C TYR L 40 -12.07 2.28 -23.19
N LYS L 41 -12.90 1.73 -24.08
CA LYS L 41 -14.22 2.29 -24.32
C LYS L 41 -15.04 2.36 -23.04
N ARG L 42 -14.87 1.38 -22.15
CA ARG L 42 -15.54 1.41 -20.86
C ARG L 42 -15.02 2.54 -19.97
N THR L 43 -13.71 2.75 -19.96
CA THR L 43 -13.12 3.73 -19.06
C THR L 43 -13.46 5.16 -19.47
N ILE L 44 -13.43 5.44 -20.78
CA ILE L 44 -13.55 6.83 -21.25
C ILE L 44 -14.99 7.32 -21.13
N LYS L 45 -15.96 6.47 -21.45
CA LYS L 45 -17.35 6.87 -21.34
C LYS L 45 -17.75 7.15 -19.91
N ILE L 46 -17.12 6.47 -18.95
CA ILE L 46 -17.34 6.76 -17.53
C ILE L 46 -16.69 8.09 -17.16
N SER L 47 -15.44 8.29 -17.58
CA SER L 47 -14.75 9.53 -17.27
C SER L 47 -15.31 10.73 -18.02
N GLY L 48 -16.04 10.50 -19.11
CA GLY L 48 -16.58 11.62 -19.87
C GLY L 48 -17.65 12.37 -19.11
N GLN L 49 -18.62 11.64 -18.56
CA GLN L 49 -19.68 12.27 -17.76
C GLN L 49 -19.09 12.97 -16.54
N LYS L 50 -18.06 12.38 -15.94
CA LYS L 50 -17.43 12.97 -14.76
C LYS L 50 -16.95 14.39 -15.04
N ALA L 51 -16.30 14.59 -16.20
CA ALA L 51 -15.83 15.93 -16.55
C ALA L 51 -16.99 16.85 -16.92
N MET L 52 -18.00 16.31 -17.63
CA MET L 52 -19.13 17.15 -18.03
C MET L 52 -19.88 17.70 -16.82
N TYR L 53 -20.13 16.85 -15.82
CA TYR L 53 -20.75 17.34 -14.60
C TYR L 53 -19.82 18.30 -13.86
N ALA L 54 -18.52 18.01 -13.85
CA ALA L 54 -17.57 18.87 -13.17
C ALA L 54 -17.47 20.24 -13.84
N LEU L 55 -17.51 20.27 -15.17
CA LEU L 55 -17.36 21.54 -15.88
C LEU L 55 -18.55 22.46 -15.64
N LYS L 56 -19.77 21.94 -15.83
CA LYS L 56 -20.95 22.78 -15.66
C LYS L 56 -21.20 23.15 -14.20
N SER L 57 -20.60 22.42 -13.26
CA SER L 57 -20.70 22.76 -11.85
C SER L 57 -19.60 23.69 -11.38
N LYS L 58 -18.47 23.72 -12.09
CA LYS L 58 -17.32 24.56 -11.74
C LYS L 58 -16.79 24.24 -10.34
N ASP L 59 -16.92 22.99 -9.92
CA ASP L 59 -16.41 22.56 -8.63
C ASP L 59 -14.93 22.22 -8.76
N PHE L 60 -14.09 22.96 -8.02
CA PHE L 60 -12.66 22.75 -8.11
C PHE L 60 -12.27 21.32 -7.77
N LYS L 61 -12.94 20.72 -6.79
CA LYS L 61 -12.62 19.36 -6.37
C LYS L 61 -12.88 18.36 -7.49
N LYS L 62 -14.06 18.42 -8.11
CA LYS L 62 -14.42 17.46 -9.13
C LYS L 62 -13.71 17.73 -10.46
N MET L 63 -13.42 19.00 -10.78
CA MET L 63 -12.71 19.29 -12.02
C MET L 63 -11.27 18.80 -11.96
N SER L 64 -10.64 18.90 -10.79
CA SER L 64 -9.27 18.41 -10.65
C SER L 64 -9.20 16.89 -10.83
N GLU L 65 -10.09 16.16 -10.15
CA GLU L 65 -10.10 14.71 -10.24
C GLU L 65 -10.40 14.25 -11.66
N ALA L 66 -11.42 14.82 -12.29
CA ALA L 66 -11.79 14.41 -13.64
C ALA L 66 -10.69 14.70 -14.64
N LYS L 67 -9.94 15.79 -14.44
CA LYS L 67 -8.88 16.16 -15.38
C LYS L 67 -7.83 15.07 -15.49
N TYR L 68 -7.23 14.69 -14.37
CA TYR L 68 -6.16 13.70 -14.42
C TYR L 68 -6.69 12.30 -14.75
N GLN L 69 -7.94 12.01 -14.37
CA GLN L 69 -8.56 10.76 -14.82
C GLN L 69 -8.79 10.78 -16.32
N LEU L 70 -9.28 11.91 -16.85
CA LEU L 70 -9.44 12.03 -18.30
C LEU L 70 -8.10 12.14 -19.00
N GLN L 71 -7.10 12.73 -18.35
CA GLN L 71 -5.77 12.80 -18.95
C GLN L 71 -5.10 11.43 -18.97
N LYS L 72 -5.33 10.62 -17.92
CA LYS L 72 -4.71 9.31 -17.86
C LYS L 72 -5.27 8.38 -18.93
N ILE L 73 -6.60 8.38 -19.09
CA ILE L 73 -7.20 7.52 -20.10
C ILE L 73 -6.80 7.98 -21.49
N TYR L 74 -6.58 9.28 -21.69
CA TYR L 74 -6.02 9.75 -22.95
C TYR L 74 -4.63 9.16 -23.18
N ASN L 75 -3.79 9.16 -22.15
CA ASN L 75 -2.45 8.61 -22.29
C ASN L 75 -2.48 7.11 -22.53
N GLU L 76 -3.39 6.39 -21.87
CA GLU L 76 -3.53 4.96 -22.12
C GLU L 76 -4.03 4.71 -23.54
N ILE L 77 -4.94 5.56 -24.02
CA ILE L 77 -5.39 5.45 -25.41
C ILE L 77 -4.24 5.79 -26.36
N ASP L 78 -3.45 6.80 -26.01
CA ASP L 78 -2.28 7.14 -26.82
C ASP L 78 -1.31 5.97 -26.88
N GLU L 79 -1.08 5.30 -25.75
CA GLU L 79 -0.23 4.13 -25.73
C GLU L 79 -0.85 3.00 -26.55
N ALA L 80 -2.18 2.88 -26.53
CA ALA L 80 -2.84 1.82 -27.29
C ALA L 80 -2.65 2.03 -28.79
N LEU L 81 -2.78 3.27 -29.26
CA LEU L 81 -2.58 3.54 -30.68
C LEU L 81 -1.11 3.39 -31.07
N LYS L 82 -0.20 3.78 -30.17
CA LYS L 82 1.22 3.61 -30.44
C LYS L 82 1.62 2.14 -30.40
N SER L 83 1.06 1.38 -29.46
CA SER L 83 1.33 -0.05 -29.36
C SER L 83 0.59 -0.86 -30.41
N LYS L 84 -0.44 -0.30 -31.04
CA LYS L 84 -1.12 -0.99 -32.12
C LYS L 84 -0.26 -1.04 -33.38
N TYR L 85 0.64 -0.07 -33.54
CA TYR L 85 1.52 0.02 -34.70
C TYR L 85 0.74 0.09 -36.00
#